data_5URQ
#
_entry.id   5URQ
#
_cell.length_a   98.487
_cell.length_b   141.793
_cell.length_c   121.640
_cell.angle_alpha   90.00
_cell.angle_beta   94.47
_cell.angle_gamma   90.00
#
_symmetry.space_group_name_H-M   'P 1 21 1'
#
loop_
_entity.id
_entity.type
_entity.pdbx_description
1 polymer "Inosine-5'-monophosphate dehydrogenase"
2 non-polymer 'INOSINIC ACID'
3 non-polymer N-{2-chloro-5-[({2-[3-(prop-1-en-2-yl)phenyl]propan-2-yl}carbamoyl)amino]phenyl}-alpha-D-ribofuranosylamine
4 non-polymer 'POTASSIUM ION'
5 water water
#
_entity_poly.entity_id   1
_entity_poly.type   'polypeptide(L)'
_entity_poly.pdbx_seq_one_letter_code
;MHHHHHHSSGVDLGTENLYFQSNAMKIVKRALTFEDVLLRPGYSEVLPKEVKIHTKLTKNITLNMPLISAAMDTVTEHRA
AIMMARLGGLGVIHKNMDIASQVREVKRVKKSESGGIKDLKKRKEYPDANKDNFGRLRVGAAIGVGQMDRVDALVEAGVD
VVVLDSAHGHSKGIIDTVKAIKAKYPNLDLIAGNIATAAAAKALCEAGVDAVKVGIGPGSICTTRIVSGVGVPQISAIDE
CVEEANKFGVPVIADGGIKYSGDIAKALAVGASSVMIGSLLAGTDESPGELFTYQGRQYKSYRGMGSLGAMQKGSSDRYF
QQGTAQDKLVPEGIEGRVPYVGSIRSVVHQLLGGLRSSMGYVGAKDIEDFQKRAEFVEITTAGLKESHVHDVTITHEAPN
YKVNHQ
;
_entity_poly.pdbx_strand_id   A,B,C,D,E,F,H,G
#
# COMPACT_ATOMS: atom_id res chain seq x y z
N ALA A 24 4.09 -13.29 -50.19
CA ALA A 24 4.51 -13.18 -48.80
C ALA A 24 4.35 -11.74 -48.30
N MET A 25 4.18 -11.58 -46.98
CA MET A 25 3.88 -10.28 -46.42
C MET A 25 5.08 -9.35 -46.57
N LYS A 26 4.81 -8.06 -46.43
CA LYS A 26 5.82 -7.03 -46.66
C LYS A 26 6.28 -6.48 -45.31
N ILE A 27 7.43 -6.95 -44.81
CA ILE A 27 8.08 -6.33 -43.66
C ILE A 27 9.14 -5.38 -44.19
N VAL A 28 9.01 -4.10 -43.85
CA VAL A 28 9.85 -3.04 -44.40
C VAL A 28 11.16 -2.89 -43.63
N LYS A 29 11.09 -2.88 -42.29
CA LYS A 29 12.29 -2.73 -41.48
C LYS A 29 12.02 -3.35 -40.11
N ARG A 30 13.06 -3.41 -39.29
CA ARG A 30 12.95 -3.76 -37.88
C ARG A 30 13.11 -2.45 -37.11
N ALA A 31 12.06 -2.04 -36.41
CA ALA A 31 11.94 -0.67 -35.95
C ALA A 31 12.23 -0.59 -34.45
N LEU A 32 13.05 0.38 -34.06
CA LEU A 32 13.54 0.52 -32.70
C LEU A 32 12.85 1.65 -31.96
N THR A 33 12.62 1.44 -30.66
CA THR A 33 12.18 2.52 -29.79
C THR A 33 13.32 2.94 -28.85
N PHE A 34 13.00 3.87 -27.93
CA PHE A 34 14.03 4.48 -27.08
C PHE A 34 14.86 3.43 -26.34
N GLU A 35 14.22 2.36 -25.85
CA GLU A 35 14.91 1.41 -24.99
C GLU A 35 15.69 0.37 -25.74
N ASP A 36 15.79 0.50 -27.05
CA ASP A 36 16.63 -0.41 -27.80
C ASP A 36 18.03 0.12 -28.00
N VAL A 37 18.27 1.39 -27.64
CA VAL A 37 19.51 2.07 -28.01
C VAL A 37 20.03 2.88 -26.83
N LEU A 38 21.36 3.04 -26.78
CA LEU A 38 22.04 4.02 -25.91
C LEU A 38 23.04 4.81 -26.73
N LEU A 39 23.35 6.01 -26.25
CA LEU A 39 24.41 6.83 -26.85
C LEU A 39 25.79 6.44 -26.32
N ARG A 40 26.76 6.33 -27.24
CA ARG A 40 28.15 6.03 -26.85
C ARG A 40 28.84 7.31 -26.39
N PRO A 41 29.68 7.25 -25.35
CA PRO A 41 30.44 8.44 -24.96
C PRO A 41 31.50 8.76 -25.99
N GLY A 42 31.78 10.06 -26.18
CA GLY A 42 32.86 10.52 -27.02
C GLY A 42 33.77 11.48 -26.27
N TYR A 43 34.86 11.86 -26.96
CA TYR A 43 35.83 12.78 -26.35
C TYR A 43 35.22 14.15 -26.21
N SER A 44 35.37 14.75 -25.03
CA SER A 44 34.63 15.92 -24.64
C SER A 44 35.59 16.94 -24.06
N GLU A 45 35.46 18.18 -24.54
CA GLU A 45 36.17 19.35 -24.01
C GLU A 45 35.20 20.38 -23.45
N VAL A 46 33.96 19.99 -23.17
CA VAL A 46 32.91 20.92 -22.78
C VAL A 46 32.28 20.45 -21.47
N LEU A 47 31.73 21.43 -20.69
CA LEU A 47 31.02 20.99 -19.50
C LEU A 47 29.51 21.08 -19.70
N PRO A 48 28.74 20.24 -18.99
CA PRO A 48 27.27 20.29 -19.10
C PRO A 48 26.68 21.68 -19.00
N LYS A 49 27.20 22.51 -18.10
CA LYS A 49 26.63 23.84 -17.94
C LYS A 49 26.98 24.74 -19.11
N GLU A 50 27.98 24.39 -19.89
CA GLU A 50 28.40 25.26 -20.97
C GLU A 50 27.66 24.99 -22.27
N VAL A 51 26.98 23.87 -22.39
CA VAL A 51 26.41 23.54 -23.68
C VAL A 51 25.16 24.36 -23.89
N LYS A 52 24.92 24.70 -25.16
CA LYS A 52 23.74 25.45 -25.59
C LYS A 52 22.64 24.49 -26.02
N ILE A 53 21.42 24.74 -25.56
CA ILE A 53 20.27 23.94 -25.96
C ILE A 53 19.27 24.76 -26.75
N HIS A 54 19.69 25.91 -27.29
CA HIS A 54 18.94 26.60 -28.33
C HIS A 54 18.54 25.63 -29.45
N THR A 55 17.34 25.81 -30.00
CA THR A 55 16.88 24.92 -31.05
C THR A 55 15.78 25.59 -31.85
N LYS A 56 15.47 25.02 -33.01
CA LYS A 56 14.40 25.51 -33.86
C LYS A 56 13.12 24.75 -33.54
N LEU A 57 12.02 25.48 -33.38
CA LEU A 57 10.73 24.83 -33.26
C LEU A 57 10.09 24.64 -34.63
N THR A 58 10.06 25.68 -35.45
CA THR A 58 9.64 25.59 -36.85
C THR A 58 10.71 26.25 -37.71
N LYS A 59 10.45 26.28 -39.03
CA LYS A 59 11.38 26.94 -39.94
C LYS A 59 11.71 28.36 -39.49
N ASN A 60 10.76 29.04 -38.82
CA ASN A 60 10.89 30.46 -38.54
C ASN A 60 10.88 30.82 -37.05
N ILE A 61 10.58 29.89 -36.16
CA ILE A 61 10.52 30.17 -34.72
C ILE A 61 11.55 29.29 -34.04
N THR A 62 12.37 29.89 -33.17
CA THR A 62 13.31 29.12 -32.36
C THR A 62 12.78 28.97 -30.93
N LEU A 63 13.47 28.14 -30.16
CA LEU A 63 13.21 27.97 -28.75
C LEU A 63 14.52 28.08 -27.97
N ASN A 64 14.41 28.55 -26.73
CA ASN A 64 15.56 28.60 -25.85
C ASN A 64 15.79 27.27 -25.14
N MET A 65 14.77 26.43 -25.04
CA MET A 65 14.95 25.06 -24.62
C MET A 65 14.05 24.15 -25.45
N PRO A 66 14.48 22.91 -25.73
CA PRO A 66 13.79 22.08 -26.73
C PRO A 66 12.54 21.30 -26.29
N LEU A 67 11.77 21.79 -25.31
CA LEU A 67 10.62 21.05 -24.82
C LEU A 67 9.33 21.82 -25.07
N ILE A 68 8.27 21.09 -25.43
CA ILE A 68 6.94 21.63 -25.63
C ILE A 68 5.98 20.84 -24.76
N SER A 69 5.13 21.53 -24.01
CA SER A 69 4.09 20.81 -23.28
C SER A 69 2.94 20.44 -24.22
N ALA A 70 2.39 19.25 -24.02
CA ALA A 70 1.48 18.63 -24.99
C ALA A 70 0.11 19.32 -25.04
N ALA A 71 -0.56 19.20 -26.18
CA ALA A 71 -1.85 19.84 -26.45
C ALA A 71 -2.98 18.94 -25.96
N MET A 72 -2.99 18.71 -24.65
CA MET A 72 -3.98 17.85 -24.00
C MET A 72 -4.67 18.59 -22.86
N ASP A 73 -5.96 18.32 -22.68
CA ASP A 73 -6.76 18.98 -21.66
C ASP A 73 -6.29 18.70 -20.25
N THR A 74 -5.51 17.65 -20.06
CA THR A 74 -4.96 17.34 -18.76
C THR A 74 -3.54 17.87 -18.62
N VAL A 75 -3.02 18.53 -19.65
CA VAL A 75 -1.66 19.04 -19.57
C VAL A 75 -1.47 20.54 -19.78
N THR A 76 -1.91 21.05 -20.91
CA THR A 76 -1.71 22.47 -21.21
C THR A 76 -2.93 23.33 -21.35
N GLU A 77 -2.88 24.45 -20.64
CA GLU A 77 -3.92 25.45 -20.61
C GLU A 77 -3.10 26.70 -20.38
N HIS A 78 -3.73 27.83 -20.13
CA HIS A 78 -2.97 29.07 -20.01
C HIS A 78 -1.87 29.11 -18.96
N ARG A 79 -2.07 28.48 -17.81
CA ARG A 79 -1.05 28.53 -16.77
C ARG A 79 0.21 27.80 -17.20
N ALA A 80 0.09 26.53 -17.60
CA ALA A 80 1.27 25.76 -18.02
C ALA A 80 1.93 26.33 -19.27
N ALA A 81 1.15 26.87 -20.21
CA ALA A 81 1.79 27.49 -21.37
C ALA A 81 2.63 28.71 -20.99
N ILE A 82 2.34 29.32 -19.83
CA ILE A 82 3.13 30.48 -19.40
C ILE A 82 4.47 30.03 -18.85
N MET A 83 4.47 29.04 -17.96
CA MET A 83 5.75 28.55 -17.41
C MET A 83 6.66 28.06 -18.51
N MET A 84 6.11 27.33 -19.48
CA MET A 84 6.92 26.75 -20.56
C MET A 84 7.66 27.83 -21.32
N ALA A 85 6.96 28.93 -21.67
CA ALA A 85 7.59 30.01 -22.38
C ALA A 85 8.60 30.72 -21.50
N ARG A 86 8.27 30.89 -20.22
CA ARG A 86 9.17 31.57 -19.30
C ARG A 86 10.48 30.81 -19.14
N LEU A 87 10.41 29.48 -19.19
CA LEU A 87 11.61 28.67 -19.12
C LEU A 87 12.25 28.49 -20.48
N GLY A 88 11.62 28.96 -21.54
CA GLY A 88 12.25 29.06 -22.84
C GLY A 88 11.75 28.10 -23.90
N GLY A 89 10.71 27.31 -23.61
CA GLY A 89 10.07 26.44 -24.57
C GLY A 89 8.69 26.97 -24.92
N LEU A 90 7.69 26.09 -24.92
CA LEU A 90 6.39 26.44 -25.44
C LEU A 90 5.35 25.51 -24.86
N GLY A 91 4.12 25.97 -24.83
CA GLY A 91 2.99 25.12 -24.57
C GLY A 91 1.99 25.32 -25.69
N VAL A 92 1.16 24.31 -25.92
CA VAL A 92 0.20 24.31 -27.01
C VAL A 92 -1.16 24.14 -26.36
N ILE A 93 -1.97 25.20 -26.39
CA ILE A 93 -3.31 25.10 -25.82
C ILE A 93 -4.12 24.06 -26.58
N HIS A 94 -4.78 23.19 -25.83
CA HIS A 94 -5.55 22.14 -26.45
C HIS A 94 -6.82 22.70 -27.06
N LYS A 95 -7.47 21.87 -27.88
CA LYS A 95 -8.61 22.29 -28.69
C LYS A 95 -9.92 21.69 -28.21
N ASN A 96 -9.90 20.94 -27.11
CA ASN A 96 -11.10 20.36 -26.53
C ASN A 96 -11.86 21.41 -25.73
N MET A 97 -12.19 22.49 -26.42
CA MET A 97 -12.88 23.63 -25.85
C MET A 97 -13.39 24.45 -27.02
N ASP A 98 -14.35 25.36 -26.74
CA ASP A 98 -14.89 26.12 -27.85
C ASP A 98 -13.95 27.26 -28.23
N ILE A 99 -14.19 27.81 -29.43
CA ILE A 99 -13.32 28.86 -29.99
C ILE A 99 -13.10 29.99 -28.99
N ALA A 100 -14.20 30.48 -28.38
CA ALA A 100 -14.08 31.55 -27.39
C ALA A 100 -13.03 31.22 -26.32
N SER A 101 -13.05 29.98 -25.82
CA SER A 101 -12.22 29.63 -24.67
C SER A 101 -10.75 29.56 -25.06
N GLN A 102 -10.45 28.95 -26.20
CA GLN A 102 -9.07 28.89 -26.66
C GLN A 102 -8.53 30.28 -26.90
N VAL A 103 -9.35 31.19 -27.41
CA VAL A 103 -8.93 32.58 -27.53
C VAL A 103 -8.66 33.17 -26.15
N ARG A 104 -9.51 32.87 -25.17
CA ARG A 104 -9.32 33.43 -23.84
C ARG A 104 -8.08 32.85 -23.15
N GLU A 105 -7.76 31.57 -23.40
CA GLU A 105 -6.52 31.00 -22.86
C GLU A 105 -5.31 31.64 -23.52
N VAL A 106 -5.33 31.78 -24.86
CA VAL A 106 -4.19 32.36 -25.59
C VAL A 106 -3.94 33.79 -25.13
N LYS A 107 -5.01 34.57 -25.01
CA LYS A 107 -4.85 35.95 -24.57
C LYS A 107 -4.26 36.00 -23.17
N ARG A 108 -4.52 34.99 -22.33
CA ARG A 108 -3.95 34.99 -20.98
C ARG A 108 -2.46 34.72 -21.02
N VAL A 109 -1.98 34.01 -22.04
CA VAL A 109 -0.54 33.86 -22.14
C VAL A 109 0.08 35.13 -22.71
N LYS A 110 -0.58 35.79 -23.66
CA LYS A 110 -0.01 37.00 -24.24
C LYS A 110 -0.02 38.21 -23.30
N LYS A 111 -0.75 38.16 -22.19
CA LYS A 111 -0.92 39.27 -21.27
C LYS A 111 -0.03 39.19 -20.02
N SER A 112 0.91 38.24 -19.95
CA SER A 112 1.52 37.85 -18.68
C SER A 112 2.84 38.55 -18.35
N GLU A 113 3.85 38.24 -19.16
CA GLU A 113 5.18 38.80 -19.04
C GLU A 113 6.03 37.89 -18.15
N SER A 114 7.34 38.06 -18.22
CA SER A 114 8.24 37.25 -17.42
C SER A 114 8.44 37.85 -16.02
N LYS A 124 13.46 39.30 -13.76
CA LYS A 124 14.74 38.68 -14.07
C LYS A 124 14.76 37.24 -13.60
N GLU A 125 13.68 36.83 -12.94
CA GLU A 125 13.54 35.46 -12.47
C GLU A 125 13.52 34.46 -13.63
N TYR A 126 13.29 34.95 -14.86
CA TYR A 126 13.11 34.12 -16.05
C TYR A 126 14.01 34.65 -17.17
N PRO A 127 15.33 34.41 -17.09
CA PRO A 127 16.24 34.96 -18.11
C PRO A 127 16.03 34.39 -19.52
N ASP A 128 15.57 33.16 -19.66
CA ASP A 128 15.54 32.51 -20.96
C ASP A 128 14.15 32.50 -21.58
N ALA A 129 13.24 33.33 -21.08
CA ALA A 129 11.86 33.31 -21.55
C ALA A 129 11.79 33.43 -23.06
N ASN A 130 10.77 32.81 -23.65
CA ASN A 130 10.62 32.72 -25.11
C ASN A 130 9.54 33.69 -25.57
N LYS A 131 9.96 34.90 -25.95
CA LYS A 131 9.06 36.01 -26.23
C LYS A 131 9.03 36.36 -27.72
N ASP A 132 8.11 37.28 -28.05
CA ASP A 132 7.86 37.68 -29.43
C ASP A 132 8.33 39.10 -29.62
N ASN A 133 8.12 39.62 -30.84
CA ASN A 133 8.59 40.95 -31.20
C ASN A 133 8.14 42.04 -30.24
N PHE A 134 7.01 41.85 -29.54
CA PHE A 134 6.52 42.83 -28.58
C PHE A 134 6.98 42.52 -27.15
N GLY A 135 7.78 41.47 -26.95
CA GLY A 135 8.16 41.08 -25.61
C GLY A 135 7.06 40.38 -24.84
N ARG A 136 6.19 39.64 -25.53
CA ARG A 136 5.16 38.82 -24.93
C ARG A 136 5.55 37.35 -25.06
N LEU A 137 5.15 36.56 -24.08
CA LEU A 137 5.43 35.13 -24.10
C LEU A 137 4.78 34.46 -25.31
N ARG A 138 5.54 33.59 -25.96
CA ARG A 138 5.03 32.84 -27.09
C ARG A 138 4.11 31.73 -26.61
N VAL A 139 3.10 31.43 -27.44
CA VAL A 139 2.18 30.34 -27.13
C VAL A 139 1.72 29.73 -28.45
N GLY A 140 1.44 28.43 -28.40
CA GLY A 140 0.87 27.72 -29.53
C GLY A 140 -0.56 27.34 -29.25
N ALA A 141 -1.33 26.99 -30.29
CA ALA A 141 -2.71 26.56 -30.09
C ALA A 141 -3.04 25.48 -31.10
N ALA A 142 -3.73 24.43 -30.63
CA ALA A 142 -4.09 23.30 -31.48
C ALA A 142 -5.40 23.56 -32.23
N ILE A 143 -5.46 23.03 -33.45
CA ILE A 143 -6.67 23.04 -34.27
C ILE A 143 -6.86 21.66 -34.90
N GLY A 144 -8.10 21.38 -35.32
CA GLY A 144 -8.43 20.21 -36.10
C GLY A 144 -8.61 20.54 -37.59
N VAL A 145 -8.78 19.48 -38.39
CA VAL A 145 -8.99 19.66 -39.82
C VAL A 145 -10.21 20.50 -40.07
N GLY A 146 -10.13 21.34 -41.10
CA GLY A 146 -11.29 22.10 -41.56
C GLY A 146 -11.89 23.02 -40.52
N GLN A 147 -11.10 23.49 -39.56
CA GLN A 147 -11.53 24.45 -38.56
C GLN A 147 -10.99 25.84 -38.85
N MET A 148 -11.41 26.45 -39.97
CA MET A 148 -10.83 27.74 -40.32
C MET A 148 -11.24 28.82 -39.33
N ASP A 149 -12.53 28.85 -38.95
CA ASP A 149 -13.03 29.83 -37.99
C ASP A 149 -12.16 29.87 -36.73
N ARG A 150 -11.65 28.72 -36.31
CA ARG A 150 -10.82 28.68 -35.11
C ARG A 150 -9.45 29.30 -35.39
N VAL A 151 -8.88 29.03 -36.57
CA VAL A 151 -7.60 29.65 -36.93
C VAL A 151 -7.77 31.17 -37.05
N ASP A 152 -8.84 31.61 -37.71
CA ASP A 152 -9.19 33.02 -37.75
C ASP A 152 -9.13 33.66 -36.36
N ALA A 153 -9.80 33.03 -35.39
CA ALA A 153 -9.82 33.52 -34.01
C ALA A 153 -8.42 33.55 -33.39
N LEU A 154 -7.72 32.42 -33.46
CA LEU A 154 -6.42 32.32 -32.81
C LEU A 154 -5.42 33.30 -33.42
N VAL A 155 -5.49 33.49 -34.74
CA VAL A 155 -4.57 34.42 -35.40
C VAL A 155 -4.77 35.83 -34.87
N GLU A 156 -6.01 36.29 -34.77
CA GLU A 156 -6.22 37.65 -34.29
C GLU A 156 -5.99 37.80 -32.79
N ALA A 157 -6.07 36.71 -32.03
CA ALA A 157 -5.68 36.80 -30.63
C ALA A 157 -4.18 36.87 -30.45
N GLY A 158 -3.41 36.70 -31.52
CA GLY A 158 -1.97 36.79 -31.43
C GLY A 158 -1.25 35.47 -31.24
N VAL A 159 -1.85 34.34 -31.63
CA VAL A 159 -1.16 33.07 -31.50
C VAL A 159 0.10 33.09 -32.36
N ASP A 160 1.19 32.54 -31.80
CA ASP A 160 2.47 32.49 -32.51
C ASP A 160 2.60 31.27 -33.42
N VAL A 161 1.99 30.15 -33.07
CA VAL A 161 2.02 28.98 -33.93
C VAL A 161 0.72 28.20 -33.76
N VAL A 162 0.22 27.64 -34.85
CA VAL A 162 -0.97 26.80 -34.85
C VAL A 162 -0.52 25.36 -35.05
N VAL A 163 -0.94 24.46 -34.15
CA VAL A 163 -0.56 23.06 -34.23
C VAL A 163 -1.78 22.26 -34.69
N LEU A 164 -1.81 21.92 -35.97
CA LEU A 164 -2.86 21.12 -36.59
C LEU A 164 -2.62 19.64 -36.27
N ASP A 165 -3.26 19.12 -35.24
CA ASP A 165 -2.96 17.76 -34.77
C ASP A 165 -4.14 16.82 -35.06
N SER A 166 -3.82 15.66 -35.62
CA SER A 166 -4.78 14.64 -36.00
C SER A 166 -4.27 13.31 -35.48
N ALA A 167 -5.14 12.28 -35.53
CA ALA A 167 -4.67 10.94 -35.24
C ALA A 167 -3.87 10.39 -36.41
N HIS A 168 -4.07 10.94 -37.60
CA HIS A 168 -3.40 10.47 -38.82
C HIS A 168 -3.17 11.68 -39.72
N GLY A 169 -1.97 12.26 -39.59
CA GLY A 169 -1.61 13.43 -40.35
C GLY A 169 -1.34 13.19 -41.81
N HIS A 170 -1.07 11.95 -42.21
CA HIS A 170 -0.79 11.65 -43.63
C HIS A 170 -2.11 11.35 -44.35
N SER A 171 -2.97 12.38 -44.43
CA SER A 171 -4.33 12.23 -44.93
C SER A 171 -4.73 13.43 -45.77
N LYS A 172 -5.71 13.19 -46.67
CA LYS A 172 -6.15 14.23 -47.60
C LYS A 172 -6.74 15.44 -46.87
N GLY A 173 -7.47 15.21 -45.78
CA GLY A 173 -8.04 16.33 -45.05
C GLY A 173 -6.99 17.23 -44.44
N ILE A 174 -5.92 16.62 -43.92
CA ILE A 174 -4.89 17.40 -43.25
C ILE A 174 -4.08 18.19 -44.28
N ILE A 175 -3.68 17.55 -45.37
CA ILE A 175 -2.97 18.27 -46.43
C ILE A 175 -3.82 19.43 -46.95
N ASP A 176 -5.08 19.15 -47.31
CA ASP A 176 -5.99 20.21 -47.76
C ASP A 176 -6.00 21.36 -46.77
N THR A 177 -6.19 21.07 -45.47
CA THR A 177 -6.24 22.11 -44.46
C THR A 177 -4.92 22.88 -44.37
N VAL A 178 -3.79 22.18 -44.51
CA VAL A 178 -2.48 22.82 -44.49
C VAL A 178 -2.38 23.85 -45.61
N LYS A 179 -2.66 23.42 -46.85
CA LYS A 179 -2.57 24.35 -47.98
C LYS A 179 -3.54 25.52 -47.81
N ALA A 180 -4.73 25.27 -47.23
CA ALA A 180 -5.73 26.32 -47.10
C ALA A 180 -5.32 27.35 -46.07
N ILE A 181 -4.60 26.93 -45.03
CA ILE A 181 -4.15 27.87 -44.01
C ILE A 181 -2.95 28.66 -44.52
N LYS A 182 -2.02 27.99 -45.24
CA LYS A 182 -0.88 28.68 -45.81
C LYS A 182 -1.28 29.60 -46.96
N ALA A 183 -2.46 29.40 -47.53
CA ALA A 183 -3.00 30.37 -48.47
C ALA A 183 -3.47 31.62 -47.73
N LYS A 184 -4.32 31.45 -46.74
CA LYS A 184 -4.90 32.60 -46.06
C LYS A 184 -3.83 33.35 -45.24
N TYR A 185 -3.03 32.62 -44.45
CA TYR A 185 -2.05 33.20 -43.54
C TYR A 185 -0.64 32.72 -43.87
N PRO A 186 -0.02 33.28 -44.92
CA PRO A 186 1.33 32.82 -45.32
C PRO A 186 2.41 33.06 -44.28
N ASN A 187 2.24 34.07 -43.44
CA ASN A 187 3.23 34.38 -42.42
C ASN A 187 2.98 33.66 -41.11
N LEU A 188 1.94 32.85 -41.03
CA LEU A 188 1.62 32.10 -39.81
C LEU A 188 2.35 30.76 -39.83
N ASP A 189 3.13 30.50 -38.80
CA ASP A 189 3.82 29.21 -38.71
C ASP A 189 2.82 28.11 -38.40
N LEU A 190 2.93 26.99 -39.10
CA LEU A 190 2.00 25.90 -38.94
C LEU A 190 2.76 24.59 -38.69
N ILE A 191 2.38 23.88 -37.64
CA ILE A 191 2.85 22.54 -37.31
C ILE A 191 1.73 21.55 -37.61
N ALA A 192 2.06 20.44 -38.28
CA ALA A 192 1.07 19.43 -38.64
C ALA A 192 1.56 18.04 -38.27
N GLY A 193 0.64 17.20 -37.79
CA GLY A 193 0.95 15.84 -37.41
C GLY A 193 -0.33 15.10 -37.14
N ASN A 194 -0.18 13.88 -36.61
CA ASN A 194 1.11 13.26 -36.37
C ASN A 194 1.40 12.28 -37.47
N ILE A 195 2.66 12.12 -37.81
CA ILE A 195 3.09 11.23 -38.88
C ILE A 195 4.14 10.28 -38.34
N ALA A 196 4.48 9.27 -39.15
CA ALA A 196 5.51 8.33 -38.73
C ALA A 196 6.33 7.75 -39.87
N THR A 197 6.33 8.34 -41.07
CA THR A 197 7.03 7.77 -42.23
C THR A 197 7.66 8.87 -43.05
N ALA A 198 8.69 8.49 -43.80
CA ALA A 198 9.27 9.39 -44.79
C ALA A 198 8.22 9.87 -45.79
N ALA A 199 7.33 8.98 -46.22
CA ALA A 199 6.29 9.40 -47.16
C ALA A 199 5.45 10.52 -46.56
N ALA A 200 4.98 10.33 -45.33
CA ALA A 200 4.17 11.36 -44.70
C ALA A 200 4.92 12.68 -44.57
N ALA A 201 6.23 12.63 -44.30
CA ALA A 201 6.99 13.87 -44.14
C ALA A 201 7.08 14.61 -45.47
N LYS A 202 7.50 13.92 -46.53
CA LYS A 202 7.53 14.51 -47.87
C LYS A 202 6.20 15.17 -48.24
N ALA A 203 5.08 14.54 -47.92
CA ALA A 203 3.80 15.07 -48.37
C ALA A 203 3.46 16.37 -47.65
N LEU A 204 3.68 16.41 -46.33
CA LEU A 204 3.39 17.60 -45.55
C LEU A 204 4.33 18.75 -45.89
N CYS A 205 5.65 18.49 -45.92
CA CYS A 205 6.59 19.55 -46.28
C CYS A 205 6.25 20.12 -47.66
N GLU A 206 5.82 19.26 -48.59
CA GLU A 206 5.41 19.75 -49.90
C GLU A 206 4.12 20.57 -49.83
N ALA A 207 3.22 20.27 -48.89
CA ALA A 207 2.03 21.10 -48.69
C ALA A 207 2.32 22.40 -47.96
N GLY A 208 3.55 22.56 -47.47
CA GLY A 208 4.02 23.81 -46.93
C GLY A 208 4.04 23.96 -45.44
N VAL A 209 4.10 22.87 -44.67
CA VAL A 209 4.18 23.00 -43.20
C VAL A 209 5.54 23.59 -42.80
N ASP A 210 5.61 24.08 -41.56
CA ASP A 210 6.85 24.63 -41.03
C ASP A 210 7.54 23.69 -40.03
N ALA A 211 6.84 22.63 -39.59
CA ALA A 211 7.41 21.55 -38.81
C ALA A 211 6.46 20.37 -38.86
N VAL A 212 6.99 19.16 -38.69
CA VAL A 212 6.18 17.95 -38.61
C VAL A 212 6.33 17.34 -37.22
N LYS A 213 5.21 16.96 -36.62
CA LYS A 213 5.18 16.21 -35.37
C LYS A 213 5.15 14.70 -35.67
N VAL A 214 6.00 13.95 -35.00
CA VAL A 214 6.16 12.52 -35.27
C VAL A 214 5.73 11.71 -34.06
N GLY A 215 4.85 10.75 -34.28
CA GLY A 215 4.40 9.88 -33.22
C GLY A 215 3.02 9.26 -33.45
N ILE A 216 2.99 7.97 -33.78
CA ILE A 216 1.78 7.17 -33.89
C ILE A 216 1.97 6.02 -32.91
N GLY A 217 1.39 6.11 -31.73
CA GLY A 217 1.51 5.04 -30.76
C GLY A 217 2.38 5.24 -29.51
N PRO A 218 3.40 6.12 -29.51
CA PRO A 218 4.34 6.11 -28.37
C PRO A 218 3.73 6.56 -27.05
N GLY A 219 2.66 7.34 -27.07
CA GLY A 219 2.26 8.05 -25.88
C GLY A 219 1.81 7.13 -24.77
N SER A 220 2.10 7.55 -23.53
CA SER A 220 1.82 6.70 -22.38
C SER A 220 0.34 6.33 -22.30
N ILE A 221 -0.56 7.22 -22.72
CA ILE A 221 -2.01 7.03 -22.60
C ILE A 221 -2.64 6.54 -23.90
N CYS A 222 -1.83 6.18 -24.91
CA CYS A 222 -2.32 5.87 -26.25
C CYS A 222 -2.55 4.38 -26.42
N THR A 223 -3.70 4.01 -26.99
CA THR A 223 -3.95 2.59 -27.27
C THR A 223 -4.04 2.28 -28.76
N THR A 224 -3.68 3.23 -29.62
CA THR A 224 -3.79 3.07 -31.08
C THR A 224 -3.19 1.75 -31.57
N ARG A 225 -1.92 1.48 -31.26
CA ARG A 225 -1.34 0.25 -31.76
C ARG A 225 -2.08 -0.97 -31.24
N ILE A 226 -2.74 -0.87 -30.10
CA ILE A 226 -3.46 -2.04 -29.63
C ILE A 226 -4.86 -2.11 -30.25
N VAL A 227 -5.56 -1.01 -30.44
CA VAL A 227 -6.92 -1.12 -30.98
C VAL A 227 -6.94 -1.17 -32.51
N SER A 228 -5.91 -0.64 -33.18
CA SER A 228 -5.90 -0.60 -34.63
C SER A 228 -4.74 -1.34 -35.27
N GLY A 229 -3.73 -1.74 -34.50
CA GLY A 229 -2.56 -2.41 -35.02
C GLY A 229 -1.57 -1.52 -35.75
N VAL A 230 -1.65 -0.20 -35.60
CA VAL A 230 -0.86 0.72 -36.42
C VAL A 230 0.10 1.48 -35.51
N GLY A 231 1.30 1.73 -36.00
CA GLY A 231 2.27 2.46 -35.20
C GLY A 231 3.68 2.12 -35.63
N VAL A 232 4.59 3.05 -35.36
CA VAL A 232 6.00 2.82 -35.67
C VAL A 232 6.80 3.23 -34.44
N PRO A 233 7.62 2.32 -33.89
CA PRO A 233 8.46 2.68 -32.73
C PRO A 233 9.18 4.01 -32.94
N GLN A 234 9.26 4.80 -31.86
CA GLN A 234 9.52 6.23 -32.00
C GLN A 234 10.94 6.54 -32.48
N ILE A 235 11.95 5.78 -32.05
CA ILE A 235 13.31 6.06 -32.50
C ILE A 235 13.42 5.86 -34.01
N SER A 236 12.87 4.74 -34.52
CA SER A 236 12.89 4.53 -35.96
C SER A 236 11.98 5.54 -36.67
N ALA A 237 10.85 5.90 -36.05
CA ALA A 237 9.99 6.93 -36.60
C ALA A 237 10.76 8.23 -36.83
N ILE A 238 11.31 8.82 -35.74
CA ILE A 238 12.05 10.09 -35.83
C ILE A 238 13.13 9.99 -36.89
N ASP A 239 13.83 8.86 -36.95
CA ASP A 239 14.96 8.73 -37.86
C ASP A 239 14.50 8.79 -39.30
N GLU A 240 13.39 8.13 -39.60
CA GLU A 240 12.82 8.11 -40.94
C GLU A 240 12.39 9.51 -41.38
N CYS A 241 11.78 10.27 -40.47
CA CYS A 241 11.21 11.57 -40.83
C CYS A 241 12.28 12.65 -40.93
N VAL A 242 13.23 12.70 -39.99
CA VAL A 242 14.26 13.72 -40.06
C VAL A 242 15.02 13.61 -41.38
N GLU A 243 15.28 12.37 -41.83
CA GLU A 243 15.99 12.22 -43.11
C GLU A 243 15.19 12.85 -44.25
N GLU A 244 13.86 12.71 -44.24
CA GLU A 244 13.09 13.31 -45.32
C GLU A 244 12.84 14.79 -45.07
N ALA A 245 12.46 15.13 -43.85
CA ALA A 245 12.19 16.52 -43.52
C ALA A 245 13.38 17.43 -43.76
N ASN A 246 14.61 16.96 -43.46
CA ASN A 246 15.78 17.79 -43.66
C ASN A 246 15.93 18.24 -45.11
N LYS A 247 15.53 17.39 -46.07
CA LYS A 247 15.60 17.79 -47.49
C LYS A 247 14.81 19.05 -47.76
N PHE A 248 13.90 19.43 -46.87
CA PHE A 248 13.07 20.63 -47.00
C PHE A 248 13.39 21.68 -45.95
N GLY A 249 14.47 21.52 -45.19
CA GLY A 249 14.72 22.42 -44.07
C GLY A 249 13.59 22.51 -43.06
N VAL A 250 12.94 21.40 -42.75
CA VAL A 250 11.74 21.43 -41.94
C VAL A 250 12.01 20.68 -40.63
N PRO A 251 11.91 21.34 -39.47
CA PRO A 251 12.22 20.69 -38.19
C PRO A 251 11.22 19.58 -37.85
N VAL A 252 11.68 18.61 -37.08
CA VAL A 252 10.87 17.48 -36.66
C VAL A 252 10.65 17.56 -35.16
N ILE A 253 9.38 17.57 -34.74
CA ILE A 253 9.00 17.48 -33.33
C ILE A 253 8.74 16.01 -32.99
N ALA A 254 9.47 15.48 -32.00
CA ALA A 254 9.28 14.13 -31.48
C ALA A 254 8.22 14.14 -30.40
N ASP A 255 7.08 13.50 -30.68
CA ASP A 255 5.88 13.62 -29.86
C ASP A 255 5.53 12.27 -29.24
N GLY A 256 5.68 12.16 -27.93
CA GLY A 256 5.15 11.06 -27.14
C GLY A 256 6.16 9.98 -26.84
N GLY A 257 5.94 9.27 -25.72
CA GLY A 257 6.78 8.17 -25.30
C GLY A 257 8.03 8.53 -24.55
N ILE A 258 8.22 9.81 -24.20
CA ILE A 258 9.31 10.22 -23.32
C ILE A 258 8.97 9.80 -21.90
N LYS A 259 9.80 8.96 -21.30
CA LYS A 259 9.60 8.59 -19.90
C LYS A 259 10.67 9.16 -18.97
N TYR A 260 11.83 9.48 -19.51
CA TYR A 260 12.96 9.95 -18.72
C TYR A 260 13.72 10.98 -19.55
N SER A 261 14.44 11.87 -18.86
CA SER A 261 15.29 12.81 -19.58
C SER A 261 16.16 12.13 -20.64
N GLY A 262 16.63 10.91 -20.38
CA GLY A 262 17.47 10.23 -21.36
C GLY A 262 16.77 10.05 -22.69
N ASP A 263 15.46 9.78 -22.67
CA ASP A 263 14.70 9.61 -23.90
C ASP A 263 14.65 10.91 -24.69
N ILE A 264 14.58 12.07 -24.01
CA ILE A 264 14.78 13.35 -24.71
C ILE A 264 16.10 13.34 -25.47
N ALA A 265 17.20 13.12 -24.75
CA ALA A 265 18.52 13.15 -25.38
C ALA A 265 18.63 12.21 -26.59
N LYS A 266 18.05 11.01 -26.50
CA LYS A 266 18.05 10.13 -27.65
C LYS A 266 17.25 10.73 -28.81
N ALA A 267 16.09 11.33 -28.51
CA ALA A 267 15.26 11.94 -29.54
C ALA A 267 16.00 13.06 -30.27
N LEU A 268 16.64 13.97 -29.51
CA LEU A 268 17.39 15.06 -30.12
C LEU A 268 18.59 14.56 -30.93
N ALA A 269 19.28 13.53 -30.43
CA ALA A 269 20.49 13.01 -31.08
C ALA A 269 20.18 12.32 -32.40
N VAL A 270 18.99 11.71 -32.51
CA VAL A 270 18.62 11.10 -33.77
C VAL A 270 18.32 12.17 -34.80
N GLY A 271 17.94 13.37 -34.35
CA GLY A 271 17.90 14.50 -35.26
C GLY A 271 16.67 15.36 -35.14
N ALA A 272 15.77 15.00 -34.23
CA ALA A 272 14.62 15.85 -33.94
C ALA A 272 15.09 17.18 -33.38
N SER A 273 14.30 18.22 -33.61
CA SER A 273 14.71 19.53 -33.15
C SER A 273 14.05 19.93 -31.85
N SER A 274 12.91 19.33 -31.51
CA SER A 274 12.26 19.58 -30.22
C SER A 274 11.45 18.34 -29.84
N VAL A 275 11.11 18.24 -28.56
CA VAL A 275 10.36 17.10 -28.03
C VAL A 275 9.06 17.60 -27.41
N MET A 276 7.95 16.94 -27.73
CA MET A 276 6.65 17.23 -27.13
C MET A 276 6.34 16.20 -26.05
N ILE A 277 5.97 16.67 -24.86
CA ILE A 277 5.88 15.85 -23.66
C ILE A 277 4.53 16.06 -23.00
N GLY A 278 3.88 14.97 -22.59
CA GLY A 278 2.65 15.08 -21.86
C GLY A 278 2.67 14.47 -20.47
N SER A 279 2.89 13.16 -20.37
CA SER A 279 2.69 12.48 -19.09
C SER A 279 3.56 13.08 -17.97
N LEU A 280 4.80 13.50 -18.27
CA LEU A 280 5.70 13.99 -17.23
C LEU A 280 5.32 15.36 -16.70
N LEU A 281 4.46 16.09 -17.43
CA LEU A 281 4.05 17.42 -16.99
C LEU A 281 2.67 17.45 -16.37
N ALA A 282 1.90 16.38 -16.50
CA ALA A 282 0.51 16.47 -16.07
C ALA A 282 0.36 16.43 -14.55
N GLY A 283 1.38 15.97 -13.82
CA GLY A 283 1.25 15.89 -12.38
C GLY A 283 1.79 17.10 -11.65
N THR A 284 1.76 18.27 -12.31
CA THR A 284 2.37 19.49 -11.81
C THR A 284 1.33 20.49 -11.34
N ASP A 285 1.77 21.42 -10.49
CA ASP A 285 0.91 22.51 -10.05
C ASP A 285 0.19 23.15 -11.23
N GLU A 286 0.89 23.31 -12.34
CA GLU A 286 0.53 24.19 -13.44
C GLU A 286 -0.41 23.54 -14.45
N SER A 287 -0.67 22.28 -14.34
CA SER A 287 -1.55 21.69 -15.34
C SER A 287 -2.99 21.88 -14.91
N PRO A 288 -3.90 21.97 -15.86
CA PRO A 288 -5.29 22.31 -15.56
C PRO A 288 -6.03 21.42 -14.60
N GLY A 289 -5.77 20.14 -14.61
CA GLY A 289 -6.51 19.24 -13.77
C GLY A 289 -6.44 19.64 -12.30
N GLU A 290 -7.48 19.29 -11.56
CA GLU A 290 -7.43 19.51 -10.12
C GLU A 290 -6.67 18.37 -9.44
N LEU A 291 -6.07 18.68 -8.29
CA LEU A 291 -5.45 17.71 -7.39
C LEU A 291 -6.49 16.94 -6.58
N PHE A 292 -6.20 15.67 -6.30
CA PHE A 292 -7.03 14.87 -5.41
C PHE A 292 -6.16 13.84 -4.71
N THR A 293 -6.72 13.23 -3.66
CA THR A 293 -5.99 12.28 -2.84
C THR A 293 -6.66 10.91 -2.90
N TYR A 294 -5.88 9.90 -3.29
CA TYR A 294 -6.33 8.52 -3.35
C TYR A 294 -5.36 7.68 -2.52
N GLN A 295 -5.88 7.05 -1.47
CA GLN A 295 -5.14 6.11 -0.62
C GLN A 295 -3.80 6.70 -0.18
N GLY A 296 -3.86 7.92 0.37
CA GLY A 296 -2.68 8.49 1.00
C GLY A 296 -1.90 9.50 0.18
N ARG A 297 -1.81 9.28 -1.13
CA ARG A 297 -0.98 10.05 -2.04
C ARG A 297 -1.84 11.05 -2.81
N GLN A 298 -1.19 12.07 -3.38
CA GLN A 298 -1.87 13.04 -4.24
C GLN A 298 -1.62 12.71 -5.70
N TYR A 299 -2.68 12.78 -6.52
CA TYR A 299 -2.59 12.52 -7.94
C TYR A 299 -3.20 13.68 -8.73
N LYS A 300 -2.86 13.76 -10.01
CA LYS A 300 -3.69 14.45 -10.98
C LYS A 300 -4.14 13.45 -12.03
N SER A 301 -5.34 13.66 -12.57
CA SER A 301 -5.82 12.80 -13.63
C SER A 301 -5.12 13.16 -14.95
N TYR A 302 -4.74 12.13 -15.71
CA TYR A 302 -4.12 12.30 -17.02
C TYR A 302 -4.87 11.38 -17.98
N ARG A 303 -5.31 11.91 -19.12
CA ARG A 303 -6.12 11.10 -20.04
C ARG A 303 -5.78 11.44 -21.49
N GLY A 304 -5.93 10.45 -22.36
CA GLY A 304 -5.72 10.67 -23.78
C GLY A 304 -6.84 11.51 -24.37
N MET A 305 -6.49 12.21 -25.44
CA MET A 305 -7.45 13.01 -26.15
C MET A 305 -8.48 12.14 -26.87
N GLY A 306 -8.07 10.92 -27.23
CA GLY A 306 -8.93 10.02 -27.95
C GLY A 306 -9.62 9.03 -27.02
N SER A 307 -9.62 9.32 -25.72
CA SER A 307 -10.32 8.48 -24.76
C SER A 307 -11.78 8.92 -24.63
N LEU A 308 -12.58 8.04 -24.02
CA LEU A 308 -14.01 8.33 -23.83
C LEU A 308 -14.22 9.65 -23.09
N GLY A 309 -13.54 9.84 -21.95
CA GLY A 309 -13.74 11.04 -21.16
C GLY A 309 -13.52 12.30 -21.95
N ALA A 310 -12.41 12.36 -22.70
CA ALA A 310 -12.11 13.55 -23.49
C ALA A 310 -13.05 13.77 -24.69
N MET A 311 -13.76 12.74 -25.16
CA MET A 311 -14.66 12.90 -26.30
C MET A 311 -16.10 13.19 -25.88
N GLN A 312 -16.31 13.68 -24.67
CA GLN A 312 -17.65 13.91 -24.14
C GLN A 312 -17.87 15.30 -23.54
N LEU A 329 -17.01 7.09 -29.81
CA LEU A 329 -17.50 5.70 -29.76
C LEU A 329 -16.33 4.72 -29.62
N VAL A 330 -15.36 4.72 -30.55
CA VAL A 330 -14.25 3.75 -30.53
C VAL A 330 -12.95 4.44 -30.13
N PRO A 331 -12.61 4.45 -28.85
CA PRO A 331 -11.49 5.26 -28.39
C PRO A 331 -10.14 4.64 -28.73
N GLU A 332 -9.12 5.49 -28.66
CA GLU A 332 -7.73 5.11 -28.88
C GLU A 332 -6.85 5.59 -27.73
N GLY A 333 -7.44 6.00 -26.62
CA GLY A 333 -6.66 6.37 -25.45
C GLY A 333 -7.37 5.92 -24.20
N ILE A 334 -6.65 5.97 -23.07
CA ILE A 334 -7.21 5.62 -21.78
C ILE A 334 -7.25 6.86 -20.89
N GLU A 335 -8.05 6.77 -19.82
CA GLU A 335 -8.09 7.77 -18.76
C GLU A 335 -7.33 7.24 -17.56
N GLY A 336 -6.37 8.03 -17.07
CA GLY A 336 -5.65 7.59 -15.89
C GLY A 336 -5.29 8.68 -14.92
N ARG A 337 -4.36 8.36 -14.02
CA ARG A 337 -3.84 9.32 -13.09
C ARG A 337 -2.33 9.12 -13.01
N VAL A 338 -1.66 10.20 -12.62
CA VAL A 338 -0.20 10.22 -12.41
C VAL A 338 0.05 10.85 -11.06
N PRO A 339 1.16 10.51 -10.42
CA PRO A 339 1.49 11.16 -9.14
C PRO A 339 1.78 12.64 -9.31
N TYR A 340 1.34 13.42 -8.33
CA TYR A 340 1.72 14.80 -8.19
C TYR A 340 3.22 14.93 -7.97
N VAL A 341 3.87 15.81 -8.76
CA VAL A 341 5.32 15.94 -8.72
C VAL A 341 5.81 17.34 -8.35
N GLY A 342 4.91 18.30 -8.12
CA GLY A 342 5.36 19.64 -7.75
C GLY A 342 5.34 20.64 -8.90
N SER A 343 6.25 21.60 -8.91
CA SER A 343 6.20 22.59 -9.97
C SER A 343 6.73 22.02 -11.29
N ILE A 344 6.14 22.51 -12.38
CA ILE A 344 6.70 22.34 -13.72
C ILE A 344 8.17 22.74 -13.73
N ARG A 345 8.49 23.87 -13.10
CA ARG A 345 9.86 24.39 -13.19
C ARG A 345 10.88 23.37 -12.71
N SER A 346 10.58 22.63 -11.63
CA SER A 346 11.54 21.65 -11.13
C SER A 346 11.55 20.38 -11.99
N VAL A 347 10.43 19.99 -12.54
CA VAL A 347 10.41 18.83 -13.41
C VAL A 347 11.26 19.15 -14.63
N VAL A 348 11.07 20.35 -15.17
CA VAL A 348 11.78 20.83 -16.34
C VAL A 348 13.28 20.96 -16.08
N HIS A 349 13.64 21.38 -14.88
CA HIS A 349 15.03 21.54 -14.54
C HIS A 349 15.78 20.23 -14.62
N GLN A 350 15.14 19.15 -14.21
CA GLN A 350 15.83 17.86 -14.24
C GLN A 350 15.93 17.36 -15.67
N LEU A 351 14.87 17.49 -16.46
CA LEU A 351 14.90 17.01 -17.85
C LEU A 351 16.00 17.70 -18.63
N LEU A 352 16.05 19.03 -18.61
CA LEU A 352 17.16 19.75 -19.22
C LEU A 352 18.50 19.38 -18.60
N GLY A 353 18.52 19.11 -17.30
CA GLY A 353 19.75 18.70 -16.67
C GLY A 353 20.30 17.41 -17.25
N GLY A 354 19.41 16.47 -17.58
CA GLY A 354 19.86 15.22 -18.16
C GLY A 354 20.28 15.41 -19.60
N LEU A 355 19.58 16.27 -20.32
CA LEU A 355 20.01 16.59 -21.68
C LEU A 355 21.41 17.18 -21.67
N ARG A 356 21.71 18.01 -20.67
CA ARG A 356 23.03 18.64 -20.61
C ARG A 356 24.10 17.64 -20.27
N SER A 357 23.83 16.73 -19.33
CA SER A 357 24.82 15.70 -19.04
C SER A 357 25.07 14.82 -20.26
N SER A 358 24.01 14.53 -21.03
CA SER A 358 24.16 13.70 -22.23
C SER A 358 25.07 14.37 -23.26
N MET A 359 24.86 15.68 -23.51
CA MET A 359 25.69 16.39 -24.47
C MET A 359 27.14 16.47 -24.01
N GLY A 360 27.39 16.53 -22.69
CA GLY A 360 28.76 16.49 -22.20
C GLY A 360 29.42 15.14 -22.43
N TYR A 361 28.71 14.05 -22.17
CA TYR A 361 29.19 12.71 -22.49
C TYR A 361 29.51 12.58 -23.98
N VAL A 362 28.65 13.08 -24.84
CA VAL A 362 28.89 12.94 -26.28
C VAL A 362 29.98 13.92 -26.73
N GLY A 363 30.12 15.05 -26.05
CA GLY A 363 31.14 16.02 -26.37
C GLY A 363 30.69 17.16 -27.27
N ALA A 364 29.43 17.56 -27.19
CA ALA A 364 28.83 18.46 -28.14
C ALA A 364 28.71 19.84 -27.52
N LYS A 365 29.01 20.88 -28.29
CA LYS A 365 28.85 22.22 -27.75
C LYS A 365 27.41 22.74 -27.90
N ASP A 366 26.63 22.25 -28.88
CA ASP A 366 25.25 22.66 -29.11
C ASP A 366 24.45 21.49 -29.68
N ILE A 367 23.16 21.71 -29.95
CA ILE A 367 22.29 20.62 -30.42
C ILE A 367 22.73 20.14 -31.79
N GLU A 368 23.02 21.07 -32.71
CA GLU A 368 23.41 20.61 -34.05
C GLU A 368 24.68 19.76 -33.99
N ASP A 369 25.64 20.14 -33.13
CA ASP A 369 26.86 19.36 -32.90
C ASP A 369 26.55 17.98 -32.31
N PHE A 370 25.71 17.95 -31.27
CA PHE A 370 25.15 16.70 -30.76
C PHE A 370 24.78 15.76 -31.89
N GLN A 371 24.01 16.26 -32.86
CA GLN A 371 23.49 15.42 -33.93
C GLN A 371 24.58 14.95 -34.90
N LYS A 372 25.64 15.73 -35.09
CA LYS A 372 26.75 15.25 -35.91
C LYS A 372 27.56 14.17 -35.19
N ARG A 373 27.74 14.31 -33.88
CA ARG A 373 28.63 13.45 -33.11
C ARG A 373 27.98 12.15 -32.69
N ALA A 374 26.65 12.10 -32.64
CA ALA A 374 25.94 11.01 -31.98
C ALA A 374 26.21 9.66 -32.65
N GLU A 375 26.58 8.70 -31.84
CA GLU A 375 26.69 7.30 -32.25
C GLU A 375 25.95 6.46 -31.23
N PHE A 376 25.38 5.36 -31.70
CA PHE A 376 24.47 4.56 -30.90
C PHE A 376 24.93 3.11 -30.85
N VAL A 377 24.45 2.43 -29.83
CA VAL A 377 24.50 0.97 -29.83
C VAL A 377 23.08 0.48 -29.59
N GLU A 378 22.78 -0.69 -30.15
CA GLU A 378 21.57 -1.39 -29.85
C GLU A 378 21.82 -2.35 -28.69
N ILE A 379 20.95 -2.35 -27.69
CA ILE A 379 21.12 -3.21 -26.54
C ILE A 379 20.04 -4.28 -26.57
N THR A 380 20.25 -5.31 -25.78
CA THR A 380 19.25 -6.34 -25.55
C THR A 380 18.49 -6.03 -24.26
N THR A 381 17.42 -6.80 -24.04
CA THR A 381 16.60 -6.64 -22.84
C THR A 381 17.46 -6.68 -21.59
N ALA A 382 18.33 -7.69 -21.48
CA ALA A 382 19.25 -7.75 -20.35
C ALA A 382 20.11 -6.50 -20.24
N GLY A 383 20.41 -5.85 -21.37
CA GLY A 383 21.13 -4.59 -21.30
C GLY A 383 20.28 -3.46 -20.75
N LEU A 384 19.00 -3.45 -21.10
CA LEU A 384 18.08 -2.52 -20.48
C LEU A 384 18.01 -2.76 -18.98
N LYS A 385 17.93 -4.03 -18.58
CA LYS A 385 17.83 -4.36 -17.16
C LYS A 385 19.02 -3.79 -16.38
N GLU A 386 20.23 -3.87 -16.96
CA GLU A 386 21.44 -3.33 -16.34
C GLU A 386 21.52 -1.81 -16.46
N SER A 387 20.90 -1.21 -17.48
CA SER A 387 20.89 0.25 -17.56
C SER A 387 20.07 0.84 -16.41
N HIS A 388 18.97 0.20 -16.06
CA HIS A 388 18.18 0.68 -14.93
C HIS A 388 18.89 0.35 -13.63
N VAL A 389 18.27 0.76 -12.54
CA VAL A 389 18.70 0.34 -11.20
C VAL A 389 18.32 -1.13 -11.02
N HIS A 390 19.27 -1.92 -10.51
CA HIS A 390 19.06 -3.35 -10.32
C HIS A 390 19.68 -3.80 -9.00
N ASP A 391 19.04 -4.77 -8.35
CA ASP A 391 19.56 -5.48 -7.19
C ASP A 391 19.69 -4.60 -5.94
N VAL A 392 19.09 -3.42 -5.93
CA VAL A 392 19.08 -2.55 -4.75
C VAL A 392 17.69 -1.96 -4.60
N THR A 393 17.13 -2.03 -3.38
CA THR A 393 15.87 -1.35 -3.06
C THR A 393 16.13 0.16 -2.92
N ILE A 394 15.51 0.95 -3.81
CA ILE A 394 15.55 2.40 -3.66
C ILE A 394 14.75 2.81 -2.41
N THR A 395 15.33 3.69 -1.58
CA THR A 395 14.72 4.10 -0.32
C THR A 395 14.47 5.59 -0.17
N HIS A 396 15.11 6.42 -0.99
CA HIS A 396 14.84 7.85 -1.01
C HIS A 396 14.40 8.22 -2.43
N GLU A 397 13.61 9.28 -2.54
CA GLU A 397 13.17 9.77 -3.83
C GLU A 397 14.35 10.37 -4.60
N ALA A 398 14.56 9.89 -5.84
CA ALA A 398 15.52 10.49 -6.76
C ALA A 398 14.80 11.44 -7.68
N PRO A 399 15.27 12.68 -7.86
CA PRO A 399 14.43 13.69 -8.54
C PRO A 399 14.23 13.41 -10.03
N ASN A 400 15.12 12.68 -10.68
CA ASN A 400 15.01 12.39 -12.10
C ASN A 400 14.89 10.91 -12.40
N TYR A 401 14.67 10.05 -11.39
CA TYR A 401 14.54 8.61 -11.61
C TYR A 401 13.48 8.04 -10.69
N LYS A 402 12.36 7.58 -11.26
CA LYS A 402 11.39 6.74 -10.58
C LYS A 402 11.13 5.49 -11.45
N VAL A 403 10.37 4.53 -10.89
CA VAL A 403 10.02 3.34 -11.66
C VAL A 403 8.51 3.16 -11.77
N ASN B 23 18.28 3.10 -42.20
CA ASN B 23 18.54 3.98 -41.05
C ASN B 23 19.62 5.05 -41.34
N ALA B 24 19.29 6.33 -41.10
CA ALA B 24 20.22 7.46 -41.23
C ALA B 24 20.80 7.90 -39.89
N MET B 25 20.57 7.14 -38.82
CA MET B 25 21.26 7.30 -37.55
C MET B 25 22.37 6.24 -37.45
N LYS B 26 23.47 6.62 -36.79
CA LYS B 26 24.69 5.82 -36.85
C LYS B 26 24.63 4.79 -35.71
N ILE B 27 24.29 3.55 -36.05
CA ILE B 27 24.21 2.46 -35.08
C ILE B 27 25.45 1.60 -35.27
N VAL B 28 26.36 1.68 -34.30
CA VAL B 28 27.72 1.17 -34.46
C VAL B 28 27.76 -0.35 -34.32
N LYS B 29 26.99 -0.91 -33.39
CA LYS B 29 27.03 -2.35 -33.12
C LYS B 29 25.85 -2.73 -32.24
N ARG B 30 25.71 -4.01 -31.99
CA ARG B 30 24.72 -4.52 -31.04
C ARG B 30 25.48 -4.98 -29.82
N ALA B 31 25.27 -4.34 -28.66
CA ALA B 31 26.14 -4.57 -27.51
C ALA B 31 25.53 -5.55 -26.50
N LEU B 32 26.36 -6.43 -25.97
CA LEU B 32 25.93 -7.48 -25.06
C LEU B 32 26.36 -7.20 -23.63
N THR B 33 25.58 -7.65 -22.67
CA THR B 33 26.01 -7.56 -21.28
C THR B 33 26.08 -8.95 -20.66
N PHE B 34 26.46 -9.00 -19.36
CA PHE B 34 26.75 -10.25 -18.69
C PHE B 34 25.68 -11.32 -18.89
N GLU B 35 24.41 -10.93 -19.03
CA GLU B 35 23.35 -11.94 -19.11
C GLU B 35 23.09 -12.43 -20.52
N ASP B 36 23.73 -11.84 -21.52
CA ASP B 36 23.54 -12.29 -22.88
C ASP B 36 24.50 -13.39 -23.30
N VAL B 37 25.45 -13.73 -22.44
CA VAL B 37 26.43 -14.76 -22.80
C VAL B 37 26.79 -15.74 -21.70
N LEU B 38 27.28 -16.89 -22.11
CA LEU B 38 27.72 -17.93 -21.19
C LEU B 38 29.03 -18.53 -21.67
N LEU B 39 29.85 -18.98 -20.75
CA LEU B 39 31.12 -19.61 -21.08
C LEU B 39 30.91 -21.07 -21.46
N ARG B 40 31.46 -21.46 -22.61
CA ARG B 40 31.44 -22.88 -23.02
C ARG B 40 32.43 -23.67 -22.18
N PRO B 41 32.02 -24.80 -21.60
CA PRO B 41 33.00 -25.66 -20.93
C PRO B 41 34.01 -26.19 -21.92
N GLY B 42 35.22 -26.49 -21.41
CA GLY B 42 36.28 -27.03 -22.24
C GLY B 42 36.90 -28.26 -21.59
N TYR B 43 37.80 -28.93 -22.34
CA TYR B 43 38.56 -30.02 -21.74
C TYR B 43 39.41 -29.48 -20.58
N SER B 44 39.45 -30.22 -19.48
CA SER B 44 40.01 -29.74 -18.23
C SER B 44 40.91 -30.81 -17.62
N GLU B 45 42.11 -30.38 -17.20
CA GLU B 45 43.10 -31.22 -16.54
C GLU B 45 43.47 -30.69 -15.18
N VAL B 46 42.71 -29.72 -14.66
CA VAL B 46 43.07 -28.91 -13.51
C VAL B 46 41.89 -28.88 -12.55
N LEU B 47 42.16 -28.90 -11.26
CA LEU B 47 41.03 -28.79 -10.34
C LEU B 47 40.88 -27.37 -9.84
N PRO B 48 39.64 -26.93 -9.62
CA PRO B 48 39.40 -25.56 -9.11
C PRO B 48 40.28 -25.16 -7.93
N LYS B 49 40.58 -26.08 -7.01
CA LYS B 49 41.48 -25.72 -5.91
C LYS B 49 42.91 -25.48 -6.38
N GLU B 50 43.30 -25.99 -7.54
CA GLU B 50 44.67 -25.85 -7.99
C GLU B 50 44.87 -24.77 -9.04
N VAL B 51 43.84 -24.04 -9.42
CA VAL B 51 44.03 -22.99 -10.40
C VAL B 51 44.57 -21.75 -9.70
N LYS B 52 45.35 -20.94 -10.41
CA LYS B 52 45.99 -19.77 -9.84
C LYS B 52 45.22 -18.52 -10.26
N ILE B 53 44.75 -17.77 -9.27
CA ILE B 53 43.88 -16.62 -9.53
C ILE B 53 44.61 -15.28 -9.37
N HIS B 54 45.95 -15.28 -9.32
CA HIS B 54 46.69 -14.02 -9.29
C HIS B 54 46.58 -13.29 -10.62
N THR B 55 46.72 -11.97 -10.57
CA THR B 55 46.58 -11.16 -11.78
C THR B 55 47.27 -9.81 -11.56
N LYS B 56 46.97 -8.85 -12.44
CA LYS B 56 47.59 -7.54 -12.41
C LYS B 56 46.52 -6.48 -12.16
N LEU B 57 46.76 -5.62 -11.15
CA LEU B 57 45.95 -4.43 -11.00
C LEU B 57 46.37 -3.37 -12.02
N THR B 58 47.66 -3.24 -12.23
CA THR B 58 48.24 -2.17 -13.04
C THR B 58 49.57 -2.67 -13.57
N LYS B 59 50.19 -1.90 -14.47
CA LYS B 59 51.42 -2.41 -15.10
C LYS B 59 52.49 -2.80 -14.07
N ASN B 60 52.45 -2.25 -12.86
CA ASN B 60 53.50 -2.48 -11.88
C ASN B 60 53.02 -2.92 -10.50
N ILE B 61 51.71 -3.10 -10.31
CA ILE B 61 51.16 -3.62 -9.06
C ILE B 61 50.39 -4.88 -9.40
N THR B 62 50.57 -5.92 -8.60
CA THR B 62 49.93 -7.20 -8.80
C THR B 62 49.01 -7.49 -7.62
N LEU B 63 47.93 -8.22 -7.87
CA LEU B 63 47.10 -8.74 -6.80
C LEU B 63 47.19 -10.25 -6.79
N ASN B 64 46.91 -10.82 -5.62
CA ASN B 64 46.88 -12.26 -5.47
C ASN B 64 45.55 -12.86 -5.84
N MET B 65 44.55 -12.01 -6.08
CA MET B 65 43.19 -12.37 -6.45
C MET B 65 42.56 -11.11 -7.03
N PRO B 66 41.58 -11.24 -7.92
CA PRO B 66 41.29 -10.10 -8.82
C PRO B 66 40.13 -9.19 -8.45
N LEU B 67 39.84 -8.95 -7.16
CA LEU B 67 38.70 -8.12 -6.76
C LEU B 67 39.14 -6.85 -6.06
N ILE B 68 38.47 -5.73 -6.40
CA ILE B 68 38.71 -4.41 -5.84
C ILE B 68 37.41 -3.86 -5.25
N SER B 69 37.52 -3.19 -4.11
CA SER B 69 36.38 -2.49 -3.50
C SER B 69 36.09 -1.17 -4.23
N ALA B 70 34.81 -0.91 -4.50
CA ALA B 70 34.43 0.36 -5.13
C ALA B 70 34.78 1.53 -4.21
N ALA B 71 35.15 2.65 -4.82
CA ALA B 71 35.54 3.84 -4.07
C ALA B 71 34.29 4.63 -3.76
N MET B 72 33.53 4.09 -2.81
CA MET B 72 32.19 4.56 -2.51
C MET B 72 32.04 4.71 -1.01
N ASP B 73 31.36 5.79 -0.59
CA ASP B 73 31.26 6.10 0.84
C ASP B 73 30.33 5.13 1.59
N THR B 74 29.87 4.07 0.91
CA THR B 74 29.15 3.00 1.58
C THR B 74 29.81 1.66 1.32
N VAL B 75 30.99 1.68 0.72
CA VAL B 75 31.67 0.44 0.44
C VAL B 75 33.07 0.35 1.01
N THR B 76 33.90 1.32 0.70
CA THR B 76 35.27 1.27 1.15
C THR B 76 35.83 2.40 1.98
N GLU B 77 36.43 2.00 3.09
CA GLU B 77 37.07 2.88 4.02
C GLU B 77 38.20 2.02 4.54
N HIS B 78 38.92 2.48 5.55
CA HIS B 78 40.05 1.72 6.04
C HIS B 78 39.73 0.31 6.51
N ARG B 79 38.59 0.11 7.16
CA ARG B 79 38.28 -1.22 7.67
C ARG B 79 38.08 -2.21 6.54
N ALA B 80 37.30 -1.83 5.54
CA ALA B 80 37.09 -2.68 4.37
C ALA B 80 38.37 -2.81 3.55
N ALA B 81 39.15 -1.73 3.45
CA ALA B 81 40.33 -1.76 2.59
C ALA B 81 41.37 -2.71 3.13
N ILE B 82 41.38 -2.90 4.45
CA ILE B 82 42.34 -3.79 5.07
C ILE B 82 42.04 -5.23 4.71
N MET B 83 40.79 -5.68 4.89
CA MET B 83 40.45 -7.06 4.54
C MET B 83 40.74 -7.37 3.08
N MET B 84 40.35 -6.47 2.18
CA MET B 84 40.61 -6.68 0.76
C MET B 84 42.09 -6.91 0.50
N ALA B 85 42.96 -6.11 1.10
CA ALA B 85 44.39 -6.32 0.94
C ALA B 85 44.81 -7.63 1.57
N ARG B 86 44.28 -7.92 2.77
CA ARG B 86 44.65 -9.16 3.45
C ARG B 86 44.21 -10.39 2.66
N LEU B 87 43.09 -10.31 1.94
CA LEU B 87 42.58 -11.44 1.20
C LEU B 87 43.20 -11.56 -0.19
N GLY B 88 44.06 -10.62 -0.58
CA GLY B 88 44.79 -10.68 -1.83
C GLY B 88 44.43 -9.61 -2.83
N GLY B 89 43.37 -8.84 -2.58
CA GLY B 89 42.93 -7.81 -3.49
C GLY B 89 43.32 -6.41 -3.05
N LEU B 90 42.40 -5.46 -3.16
CA LEU B 90 42.69 -4.07 -2.86
C LEU B 90 41.39 -3.28 -2.70
N GLY B 91 41.42 -2.34 -1.77
CA GLY B 91 40.32 -1.41 -1.57
C GLY B 91 40.75 -0.05 -2.06
N VAL B 92 39.79 0.73 -2.56
CA VAL B 92 40.02 2.13 -2.93
C VAL B 92 39.22 2.98 -1.97
N ILE B 93 39.92 3.74 -1.11
CA ILE B 93 39.27 4.70 -0.22
C ILE B 93 38.65 5.80 -1.05
N HIS B 94 37.36 6.08 -0.84
CA HIS B 94 36.59 7.08 -1.58
C HIS B 94 37.01 8.52 -1.26
N LYS B 95 36.57 9.45 -2.12
CA LYS B 95 37.00 10.84 -2.05
C LYS B 95 35.95 11.77 -1.43
N ASN B 96 34.87 11.21 -0.90
CA ASN B 96 33.84 12.05 -0.30
C ASN B 96 34.19 12.46 1.14
N MET B 97 35.39 13.01 1.33
CA MET B 97 35.88 13.44 2.63
C MET B 97 37.02 14.42 2.39
N ASP B 98 37.42 15.15 3.44
CA ASP B 98 38.52 16.09 3.29
C ASP B 98 39.85 15.35 3.13
N ILE B 99 40.86 16.08 2.63
CA ILE B 99 42.20 15.53 2.44
C ILE B 99 42.73 14.94 3.74
N ALA B 100 42.62 15.69 4.84
CA ALA B 100 43.08 15.23 6.15
C ALA B 100 42.50 13.86 6.52
N SER B 101 41.19 13.67 6.31
CA SER B 101 40.58 12.40 6.65
C SER B 101 41.06 11.29 5.73
N GLN B 102 41.12 11.55 4.42
CA GLN B 102 41.50 10.49 3.51
C GLN B 102 42.92 10.05 3.76
N VAL B 103 43.81 10.99 4.08
CA VAL B 103 45.18 10.63 4.45
C VAL B 103 45.15 9.72 5.68
N ARG B 104 44.30 10.05 6.66
CA ARG B 104 44.20 9.23 7.87
C ARG B 104 43.71 7.84 7.55
N GLU B 105 42.73 7.72 6.65
CA GLU B 105 42.24 6.42 6.24
C GLU B 105 43.34 5.61 5.57
N VAL B 106 44.09 6.23 4.67
CA VAL B 106 45.19 5.53 4.00
C VAL B 106 46.20 5.00 5.01
N LYS B 107 46.53 5.78 6.02
CA LYS B 107 47.58 5.34 6.94
C LYS B 107 47.12 4.17 7.81
N ARG B 108 45.85 4.14 8.21
CA ARG B 108 45.38 3.04 9.04
C ARG B 108 45.59 1.70 8.35
N VAL B 109 45.47 1.67 7.02
CA VAL B 109 45.69 0.45 6.27
C VAL B 109 47.18 0.10 6.23
N LYS B 110 48.03 1.08 5.90
CA LYS B 110 49.47 0.82 5.84
C LYS B 110 50.02 0.37 7.19
N LYS B 111 49.60 1.03 8.29
CA LYS B 111 50.06 0.66 9.63
C LYS B 111 49.35 -0.58 10.18
N SER B 112 48.43 -1.18 9.44
CA SER B 112 47.82 -2.43 9.90
C SER B 112 48.88 -3.53 9.99
N GLU B 113 49.50 -3.87 8.86
CA GLU B 113 50.54 -4.91 8.77
C GLU B 113 50.07 -6.27 9.35
N LYS B 124 50.12 -16.38 9.07
CA LYS B 124 49.59 -17.61 8.50
C LYS B 124 48.08 -17.57 8.40
N GLU B 125 47.46 -16.59 9.08
CA GLU B 125 46.00 -16.43 9.02
C GLU B 125 45.56 -15.71 7.76
N TYR B 126 46.39 -14.80 7.24
CA TYR B 126 46.19 -14.16 5.94
C TYR B 126 47.44 -14.40 5.11
N PRO B 127 47.57 -15.58 4.47
CA PRO B 127 48.80 -15.89 3.74
C PRO B 127 48.83 -15.31 2.33
N ASP B 128 47.71 -14.88 1.78
CA ASP B 128 47.71 -14.30 0.45
C ASP B 128 47.67 -12.78 0.49
N ALA B 129 47.94 -12.20 1.65
CA ALA B 129 47.92 -10.75 1.81
C ALA B 129 48.75 -10.07 0.74
N ASN B 130 48.18 -9.03 0.15
CA ASN B 130 48.81 -8.27 -0.91
C ASN B 130 49.56 -7.10 -0.28
N LYS B 131 50.89 -7.12 -0.37
CA LYS B 131 51.77 -6.21 0.37
C LYS B 131 52.67 -5.42 -0.59
N ASP B 132 53.33 -4.41 -0.04
CA ASP B 132 54.29 -3.61 -0.79
C ASP B 132 55.73 -4.03 -0.43
N ASN B 133 56.71 -3.35 -1.05
CA ASN B 133 58.10 -3.76 -0.86
C ASN B 133 58.50 -3.78 0.61
N PHE B 134 57.88 -2.94 1.43
CA PHE B 134 58.14 -2.92 2.87
C PHE B 134 57.28 -3.92 3.66
N GLY B 135 56.31 -4.56 3.01
CA GLY B 135 55.42 -5.48 3.71
C GLY B 135 54.21 -4.85 4.38
N ARG B 136 53.85 -3.61 4.01
CA ARG B 136 52.59 -3.03 4.42
C ARG B 136 51.50 -3.42 3.40
N LEU B 137 50.24 -3.44 3.87
CA LEU B 137 49.12 -3.69 2.96
C LEU B 137 49.10 -2.66 1.83
N ARG B 138 48.79 -3.11 0.61
CA ARG B 138 48.56 -2.12 -0.44
C ARG B 138 47.18 -1.48 -0.26
N VAL B 139 47.03 -0.25 -0.77
CA VAL B 139 45.78 0.49 -0.65
C VAL B 139 45.67 1.46 -1.81
N GLY B 140 44.44 1.70 -2.26
CA GLY B 140 44.17 2.71 -3.25
C GLY B 140 43.38 3.85 -2.66
N ALA B 141 43.32 4.95 -3.42
CA ALA B 141 42.57 6.13 -3.01
C ALA B 141 42.10 6.87 -4.25
N ALA B 142 40.81 7.25 -4.25
CA ALA B 142 40.18 7.97 -5.35
C ALA B 142 40.51 9.45 -5.33
N ILE B 143 40.54 10.06 -6.53
CA ILE B 143 40.73 11.50 -6.71
C ILE B 143 39.87 11.97 -7.86
N GLY B 144 39.71 13.29 -7.95
CA GLY B 144 38.97 13.92 -9.02
C GLY B 144 39.81 14.89 -9.81
N VAL B 145 39.18 15.50 -10.82
CA VAL B 145 39.89 16.37 -11.73
C VAL B 145 40.56 17.52 -10.98
N GLY B 146 41.85 17.73 -11.28
CA GLY B 146 42.55 18.90 -10.79
C GLY B 146 42.68 18.98 -9.29
N GLN B 147 42.58 17.87 -8.60
CA GLN B 147 42.82 17.83 -7.15
C GLN B 147 44.29 17.51 -6.88
N MET B 148 45.17 18.37 -7.38
CA MET B 148 46.61 18.12 -7.25
C MET B 148 47.05 18.16 -5.79
N ASP B 149 46.41 18.99 -4.96
CA ASP B 149 46.78 19.01 -3.55
C ASP B 149 46.41 17.69 -2.89
N ARG B 150 45.27 17.10 -3.27
CA ARG B 150 44.90 15.80 -2.74
C ARG B 150 45.95 14.75 -3.08
N VAL B 151 46.50 14.79 -4.30
CA VAL B 151 47.51 13.81 -4.72
C VAL B 151 48.82 14.01 -3.94
N ASP B 152 49.24 15.27 -3.76
CA ASP B 152 50.45 15.54 -3.00
C ASP B 152 50.41 14.84 -1.66
N ALA B 153 49.30 14.99 -0.93
CA ALA B 153 49.18 14.39 0.39
C ALA B 153 49.13 12.87 0.32
N LEU B 154 48.31 12.31 -0.56
CA LEU B 154 48.18 10.86 -0.62
C LEU B 154 49.50 10.18 -1.00
N VAL B 155 50.34 10.82 -1.80
CA VAL B 155 51.64 10.23 -2.09
C VAL B 155 52.48 10.22 -0.82
N GLU B 156 52.49 11.36 -0.10
CA GLU B 156 53.27 11.47 1.13
C GLU B 156 52.76 10.54 2.21
N ALA B 157 51.47 10.19 2.16
CA ALA B 157 50.95 9.17 3.07
C ALA B 157 51.28 7.75 2.63
N GLY B 158 51.87 7.60 1.45
CA GLY B 158 52.35 6.31 1.00
C GLY B 158 51.33 5.47 0.28
N VAL B 159 50.30 6.08 -0.30
CA VAL B 159 49.32 5.33 -1.07
C VAL B 159 50.03 4.59 -2.21
N ASP B 160 49.56 3.39 -2.52
CA ASP B 160 50.23 2.65 -3.58
C ASP B 160 49.71 2.99 -4.97
N VAL B 161 48.44 3.37 -5.08
CA VAL B 161 47.78 3.65 -6.35
C VAL B 161 46.73 4.73 -6.13
N VAL B 162 46.69 5.72 -7.02
CA VAL B 162 45.69 6.76 -6.94
C VAL B 162 44.72 6.55 -8.10
N VAL B 163 43.43 6.46 -7.77
CA VAL B 163 42.39 6.16 -8.75
C VAL B 163 41.74 7.49 -9.12
N LEU B 164 41.94 7.91 -10.38
CA LEU B 164 41.38 9.15 -10.90
C LEU B 164 40.04 8.80 -11.50
N ASP B 165 38.99 8.83 -10.67
CA ASP B 165 37.68 8.37 -11.10
C ASP B 165 36.79 9.57 -11.46
N SER B 166 36.00 9.40 -12.51
CA SER B 166 35.12 10.44 -13.01
C SER B 166 34.06 9.81 -13.87
N ALA B 167 32.90 10.46 -13.89
CA ALA B 167 31.79 9.96 -14.69
C ALA B 167 32.17 9.82 -16.16
N HIS B 168 33.11 10.62 -16.63
CA HIS B 168 33.45 10.64 -18.03
C HIS B 168 34.98 10.77 -18.19
N GLY B 169 35.67 9.63 -18.12
CA GLY B 169 37.12 9.63 -18.23
C GLY B 169 37.65 10.18 -19.53
N HIS B 170 36.87 10.13 -20.61
CA HIS B 170 37.34 10.50 -21.94
C HIS B 170 37.13 12.00 -22.19
N SER B 171 37.80 12.81 -21.37
CA SER B 171 37.60 14.26 -21.45
C SER B 171 38.91 15.00 -21.18
N LYS B 172 38.99 16.23 -21.70
CA LYS B 172 40.17 17.06 -21.52
C LYS B 172 40.53 17.15 -20.03
N GLY B 173 39.53 17.40 -19.17
CA GLY B 173 39.79 17.49 -17.74
C GLY B 173 40.58 16.31 -17.19
N ILE B 174 40.21 15.09 -17.60
CA ILE B 174 40.84 13.89 -17.05
C ILE B 174 42.19 13.62 -17.72
N ILE B 175 42.26 13.77 -19.06
CA ILE B 175 43.54 13.65 -19.77
C ILE B 175 44.58 14.61 -19.18
N ASP B 176 44.19 15.87 -18.98
CA ASP B 176 45.14 16.84 -18.47
C ASP B 176 45.56 16.50 -17.04
N THR B 177 44.62 16.00 -16.23
CA THR B 177 44.98 15.57 -14.88
C THR B 177 45.92 14.36 -14.92
N VAL B 178 45.74 13.46 -15.90
CA VAL B 178 46.64 12.32 -16.02
C VAL B 178 48.06 12.80 -16.31
N LYS B 179 48.22 13.60 -17.36
CA LYS B 179 49.55 14.01 -17.78
C LYS B 179 50.22 14.85 -16.71
N ALA B 180 49.45 15.65 -15.98
CA ALA B 180 50.02 16.44 -14.90
C ALA B 180 50.54 15.54 -13.79
N ILE B 181 49.76 14.55 -13.36
CA ILE B 181 50.20 13.72 -12.23
C ILE B 181 51.37 12.84 -12.63
N LYS B 182 51.34 12.31 -13.86
CA LYS B 182 52.45 11.47 -14.31
C LYS B 182 53.71 12.27 -14.54
N ALA B 183 53.59 13.59 -14.71
CA ALA B 183 54.78 14.43 -14.76
C ALA B 183 55.35 14.67 -13.37
N LYS B 184 54.48 14.83 -12.37
CA LYS B 184 54.98 15.13 -11.03
C LYS B 184 55.45 13.88 -10.32
N TYR B 185 54.71 12.77 -10.43
CA TYR B 185 55.08 11.51 -9.78
C TYR B 185 55.19 10.43 -10.85
N PRO B 186 56.34 10.30 -11.50
CA PRO B 186 56.47 9.36 -12.63
C PRO B 186 56.48 7.90 -12.21
N ASN B 187 56.62 7.61 -10.92
CA ASN B 187 56.61 6.25 -10.42
C ASN B 187 55.35 5.93 -9.62
N LEU B 188 54.40 6.86 -9.52
CA LEU B 188 53.12 6.59 -8.87
C LEU B 188 52.16 5.97 -9.87
N ASP B 189 51.62 4.81 -9.54
CA ASP B 189 50.70 4.12 -10.43
C ASP B 189 49.34 4.80 -10.44
N LEU B 190 48.86 5.12 -11.64
CA LEU B 190 47.63 5.86 -11.83
C LEU B 190 46.60 4.99 -12.53
N ILE B 191 45.38 5.02 -12.02
CA ILE B 191 44.22 4.40 -12.67
C ILE B 191 43.29 5.52 -13.07
N ALA B 192 42.67 5.42 -14.23
CA ALA B 192 41.75 6.46 -14.66
C ALA B 192 40.51 5.84 -15.31
N GLY B 193 39.37 6.47 -15.09
CA GLY B 193 38.11 6.03 -15.66
C GLY B 193 37.00 7.00 -15.26
N ASN B 194 35.77 6.66 -15.65
CA ASN B 194 35.45 5.42 -16.35
C ASN B 194 35.25 5.66 -17.84
N ILE B 195 35.59 4.66 -18.64
CA ILE B 195 35.49 4.78 -20.09
C ILE B 195 34.53 3.68 -20.58
N ALA B 196 34.21 3.71 -21.88
CA ALA B 196 33.55 2.52 -22.43
C ALA B 196 33.78 2.32 -23.92
N THR B 197 34.81 2.92 -24.53
CA THR B 197 35.08 2.73 -25.95
C THR B 197 36.57 2.52 -26.17
N ALA B 198 36.91 2.03 -27.36
CA ALA B 198 38.32 1.89 -27.73
C ALA B 198 38.99 3.26 -27.82
N ALA B 199 38.32 4.24 -28.46
CA ALA B 199 38.89 5.58 -28.58
C ALA B 199 39.30 6.11 -27.21
N ALA B 200 38.44 5.87 -26.21
CA ALA B 200 38.73 6.36 -24.87
C ALA B 200 39.92 5.63 -24.27
N ALA B 201 39.91 4.29 -24.36
CA ALA B 201 41.05 3.51 -23.87
C ALA B 201 42.34 4.01 -24.48
N LYS B 202 42.32 4.31 -25.79
CA LYS B 202 43.48 4.82 -26.48
C LYS B 202 43.92 6.17 -25.92
N ALA B 203 42.98 7.07 -25.66
CA ALA B 203 43.35 8.39 -25.17
C ALA B 203 44.05 8.30 -23.83
N LEU B 204 43.46 7.58 -22.88
CA LEU B 204 44.03 7.54 -21.54
C LEU B 204 45.40 6.88 -21.53
N CYS B 205 45.55 5.79 -22.31
CA CYS B 205 46.83 5.10 -22.42
C CYS B 205 47.92 6.04 -22.90
N GLU B 206 47.68 6.73 -24.04
CA GLU B 206 48.70 7.66 -24.54
C GLU B 206 48.92 8.82 -23.59
N ALA B 207 47.95 9.15 -22.75
CA ALA B 207 48.22 10.15 -21.74
C ALA B 207 49.04 9.56 -20.60
N GLY B 208 49.13 8.23 -20.54
CA GLY B 208 50.08 7.55 -19.68
C GLY B 208 49.53 6.87 -18.45
N VAL B 209 48.20 6.68 -18.36
CA VAL B 209 47.66 5.87 -17.27
C VAL B 209 48.36 4.51 -17.23
N ASP B 210 48.38 3.91 -16.04
CA ASP B 210 48.86 2.55 -15.84
C ASP B 210 47.73 1.51 -15.80
N ALA B 211 46.47 1.94 -15.87
CA ALA B 211 45.33 1.03 -15.92
C ALA B 211 44.08 1.86 -16.14
N VAL B 212 43.11 1.29 -16.86
CA VAL B 212 41.84 1.97 -17.15
C VAL B 212 40.70 1.26 -16.43
N LYS B 213 39.74 2.04 -15.93
CA LYS B 213 38.48 1.51 -15.40
C LYS B 213 37.43 1.65 -16.50
N VAL B 214 36.81 0.53 -16.87
CA VAL B 214 35.76 0.49 -17.88
C VAL B 214 34.43 0.36 -17.18
N GLY B 215 33.45 1.14 -17.63
CA GLY B 215 32.12 1.07 -17.06
C GLY B 215 31.39 2.41 -17.02
N ILE B 216 30.51 2.63 -17.98
CA ILE B 216 29.63 3.79 -18.02
C ILE B 216 28.22 3.26 -17.82
N GLY B 217 27.75 3.28 -16.58
CA GLY B 217 26.38 2.92 -16.32
C GLY B 217 26.00 1.50 -15.90
N PRO B 218 26.91 0.53 -15.83
CA PRO B 218 26.47 -0.80 -15.39
C PRO B 218 26.13 -0.88 -13.91
N GLY B 219 26.54 0.12 -13.12
CA GLY B 219 26.41 0.00 -11.68
C GLY B 219 24.98 -0.23 -11.25
N SER B 220 24.81 -1.09 -10.24
CA SER B 220 23.49 -1.39 -9.71
C SER B 220 22.73 -0.13 -9.31
N ILE B 221 23.41 0.83 -8.69
CA ILE B 221 22.80 2.08 -8.24
C ILE B 221 22.97 3.19 -9.27
N CYS B 222 23.38 2.87 -10.50
CA CYS B 222 23.63 3.89 -11.52
C CYS B 222 22.36 4.21 -12.30
N THR B 223 22.13 5.48 -12.57
CA THR B 223 21.03 5.86 -13.46
C THR B 223 21.53 6.63 -14.69
N THR B 224 22.85 6.70 -14.89
CA THR B 224 23.43 7.38 -16.05
C THR B 224 22.72 7.00 -17.34
N ARG B 225 22.62 5.70 -17.64
CA ARG B 225 22.04 5.30 -18.92
C ARG B 225 20.60 5.78 -19.07
N ILE B 226 19.88 5.95 -17.98
CA ILE B 226 18.48 6.35 -18.01
C ILE B 226 18.33 7.85 -18.02
N VAL B 227 19.11 8.54 -17.19
CA VAL B 227 18.98 9.98 -16.99
C VAL B 227 19.59 10.78 -18.14
N SER B 228 20.51 10.18 -18.89
CA SER B 228 21.24 10.86 -19.95
C SER B 228 21.24 10.12 -21.28
N GLY B 229 20.83 8.86 -21.32
CA GLY B 229 20.84 8.10 -22.55
C GLY B 229 22.19 7.59 -23.00
N VAL B 230 23.23 7.71 -22.17
CA VAL B 230 24.58 7.32 -22.55
C VAL B 230 24.97 6.03 -21.82
N GLY B 231 25.62 5.13 -22.54
CA GLY B 231 26.05 3.89 -21.92
C GLY B 231 26.52 2.87 -22.93
N VAL B 232 27.23 1.85 -22.47
CA VAL B 232 27.59 0.72 -23.31
C VAL B 232 27.49 -0.53 -22.45
N PRO B 233 26.61 -1.48 -22.77
CA PRO B 233 26.55 -2.73 -22.00
C PRO B 233 27.95 -3.28 -21.75
N GLN B 234 28.13 -3.84 -20.55
CA GLN B 234 29.45 -3.94 -19.95
C GLN B 234 30.35 -4.94 -20.69
N ILE B 235 29.80 -6.06 -21.16
CA ILE B 235 30.62 -7.06 -21.83
C ILE B 235 31.18 -6.51 -23.15
N SER B 236 30.34 -5.86 -23.94
CA SER B 236 30.86 -5.27 -25.17
C SER B 236 31.85 -4.16 -24.85
N ALA B 237 31.62 -3.45 -23.73
CA ALA B 237 32.51 -2.40 -23.28
C ALA B 237 33.89 -2.95 -22.96
N ILE B 238 33.94 -3.90 -22.01
CA ILE B 238 35.19 -4.55 -21.64
C ILE B 238 35.93 -5.03 -22.87
N ASP B 239 35.27 -5.89 -23.64
CA ASP B 239 35.89 -6.48 -24.82
C ASP B 239 36.49 -5.41 -25.73
N GLU B 240 35.73 -4.37 -25.99
CA GLU B 240 36.19 -3.32 -26.89
C GLU B 240 37.42 -2.62 -26.33
N CYS B 241 37.42 -2.32 -25.03
CA CYS B 241 38.50 -1.57 -24.41
C CYS B 241 39.74 -2.43 -24.17
N VAL B 242 39.56 -3.70 -23.79
CA VAL B 242 40.69 -4.60 -23.59
C VAL B 242 41.50 -4.73 -24.87
N GLU B 243 40.80 -4.91 -26.00
CA GLU B 243 41.51 -4.98 -27.27
C GLU B 243 42.38 -3.75 -27.50
N GLU B 244 41.89 -2.57 -27.14
CA GLU B 244 42.70 -1.38 -27.37
C GLU B 244 43.80 -1.24 -26.33
N ALA B 245 43.45 -1.45 -25.06
CA ALA B 245 44.42 -1.28 -23.98
C ALA B 245 45.57 -2.28 -24.07
N ASN B 246 45.29 -3.50 -24.54
CA ASN B 246 46.32 -4.51 -24.72
C ASN B 246 47.43 -4.01 -25.64
N LYS B 247 47.08 -3.24 -26.67
CA LYS B 247 48.12 -2.70 -27.55
C LYS B 247 49.13 -1.88 -26.78
N PHE B 248 48.71 -1.25 -25.69
CA PHE B 248 49.60 -0.46 -24.85
C PHE B 248 50.14 -1.25 -23.67
N GLY B 249 49.79 -2.52 -23.55
CA GLY B 249 50.19 -3.29 -22.39
C GLY B 249 49.53 -2.85 -21.09
N VAL B 250 48.31 -2.36 -21.14
CA VAL B 250 47.68 -1.70 -20.00
C VAL B 250 46.51 -2.54 -19.52
N PRO B 251 46.51 -2.98 -18.26
CA PRO B 251 45.37 -3.75 -17.73
C PRO B 251 44.08 -2.96 -17.75
N VAL B 252 42.96 -3.69 -17.70
CA VAL B 252 41.63 -3.11 -17.68
C VAL B 252 40.90 -3.61 -16.45
N ILE B 253 40.35 -2.67 -15.68
CA ILE B 253 39.53 -2.95 -14.52
C ILE B 253 38.06 -2.89 -14.93
N ALA B 254 37.33 -3.98 -14.72
CA ALA B 254 35.91 -4.05 -15.03
C ALA B 254 35.12 -3.56 -13.82
N ASP B 255 34.37 -2.46 -13.98
CA ASP B 255 33.79 -1.75 -12.84
C ASP B 255 32.26 -1.76 -12.88
N GLY B 256 31.64 -2.43 -11.92
CA GLY B 256 30.21 -2.35 -11.73
C GLY B 256 29.43 -3.35 -12.57
N GLY B 257 28.15 -3.49 -12.22
CA GLY B 257 27.30 -4.42 -12.94
C GLY B 257 27.49 -5.89 -12.61
N ILE B 258 28.37 -6.23 -11.67
CA ILE B 258 28.59 -7.62 -11.33
C ILE B 258 27.56 -8.04 -10.29
N LYS B 259 26.73 -9.02 -10.62
CA LYS B 259 25.69 -9.44 -9.70
C LYS B 259 26.01 -10.76 -8.99
N TYR B 260 26.71 -11.68 -9.64
CA TYR B 260 27.02 -13.00 -9.11
C TYR B 260 28.48 -13.33 -9.36
N SER B 261 28.98 -14.37 -8.70
CA SER B 261 30.34 -14.81 -9.00
C SER B 261 30.53 -15.10 -10.49
N GLY B 262 29.47 -15.50 -11.19
CA GLY B 262 29.63 -15.84 -12.59
C GLY B 262 30.01 -14.65 -13.45
N ASP B 263 29.56 -13.47 -13.08
CA ASP B 263 29.91 -12.30 -13.85
C ASP B 263 31.38 -11.97 -13.71
N ILE B 264 31.91 -12.10 -12.48
CA ILE B 264 33.35 -11.96 -12.28
C ILE B 264 34.11 -12.87 -13.25
N ALA B 265 33.61 -14.09 -13.44
CA ALA B 265 34.28 -15.03 -14.35
C ALA B 265 34.14 -14.61 -15.80
N LYS B 266 32.91 -14.30 -16.24
CA LYS B 266 32.74 -13.76 -17.59
C LYS B 266 33.65 -12.55 -17.82
N ALA B 267 33.63 -11.59 -16.88
CA ALA B 267 34.36 -10.35 -17.09
C ALA B 267 35.85 -10.61 -17.25
N LEU B 268 36.43 -11.46 -16.40
CA LEU B 268 37.84 -11.81 -16.56
C LEU B 268 38.08 -12.61 -17.84
N ALA B 269 37.11 -13.44 -18.24
CA ALA B 269 37.30 -14.27 -19.42
C ALA B 269 37.41 -13.44 -20.68
N VAL B 270 36.79 -12.26 -20.68
CA VAL B 270 36.81 -11.39 -21.83
C VAL B 270 38.13 -10.64 -21.97
N GLY B 271 38.88 -10.48 -20.86
CA GLY B 271 40.12 -9.73 -20.93
C GLY B 271 40.39 -8.79 -19.76
N ALA B 272 39.37 -8.48 -18.96
CA ALA B 272 39.59 -7.66 -17.78
C ALA B 272 40.60 -8.34 -16.85
N SER B 273 41.49 -7.53 -16.29
CA SER B 273 42.51 -8.07 -15.40
C SER B 273 42.06 -8.12 -13.95
N SER B 274 40.99 -7.42 -13.62
CA SER B 274 40.45 -7.42 -12.27
C SER B 274 39.08 -6.77 -12.37
N VAL B 275 38.29 -6.98 -11.32
CA VAL B 275 36.92 -6.53 -11.30
C VAL B 275 36.72 -5.74 -10.03
N MET B 276 36.00 -4.62 -10.14
CA MET B 276 35.66 -3.76 -9.02
C MET B 276 34.18 -3.91 -8.72
N ILE B 277 33.86 -4.05 -7.44
CA ILE B 277 32.57 -4.53 -6.97
C ILE B 277 32.06 -3.58 -5.90
N GLY B 278 30.78 -3.22 -5.98
CA GLY B 278 30.14 -2.35 -5.01
C GLY B 278 29.06 -3.02 -4.19
N SER B 279 27.91 -3.30 -4.81
CA SER B 279 26.74 -3.74 -4.04
C SER B 279 26.95 -5.10 -3.38
N LEU B 280 27.81 -5.97 -3.92
CA LEU B 280 28.05 -7.23 -3.24
C LEU B 280 28.90 -7.09 -1.99
N LEU B 281 29.53 -5.94 -1.76
CA LEU B 281 30.36 -5.73 -0.59
C LEU B 281 29.77 -4.73 0.39
N ALA B 282 28.65 -4.08 0.05
CA ALA B 282 28.14 -3.01 0.90
C ALA B 282 27.39 -3.51 2.12
N GLY B 283 26.98 -4.78 2.12
CA GLY B 283 26.17 -5.27 3.21
C GLY B 283 26.99 -5.98 4.27
N THR B 284 28.31 -5.75 4.25
CA THR B 284 29.22 -6.51 5.10
C THR B 284 29.56 -5.75 6.38
N ASP B 285 30.11 -6.51 7.34
CA ASP B 285 30.66 -5.94 8.57
C ASP B 285 31.60 -4.79 8.30
N GLU B 286 32.46 -4.91 7.30
CA GLU B 286 33.61 -4.04 7.19
C GLU B 286 33.34 -2.76 6.38
N SER B 287 32.19 -2.66 5.72
CA SER B 287 31.84 -1.43 5.03
C SER B 287 31.48 -0.35 6.04
N PRO B 288 31.62 0.93 5.67
CA PRO B 288 31.18 2.00 6.58
C PRO B 288 29.67 2.06 6.63
N GLY B 289 29.17 2.65 7.70
CA GLY B 289 27.76 2.76 7.95
C GLY B 289 27.41 1.78 9.04
N GLU B 290 26.16 1.78 9.46
CA GLU B 290 25.74 0.87 10.51
C GLU B 290 24.55 0.07 10.06
N LEU B 291 24.38 -1.09 10.66
CA LEU B 291 23.27 -1.96 10.32
C LEU B 291 21.98 -1.36 10.80
N PHE B 292 20.90 -1.65 10.08
CA PHE B 292 19.58 -1.19 10.48
C PHE B 292 18.56 -2.24 10.16
N THR B 293 17.43 -2.19 10.85
CA THR B 293 16.38 -3.19 10.70
C THR B 293 15.21 -2.62 9.90
N TYR B 294 14.61 -3.48 9.08
CA TYR B 294 13.40 -3.15 8.32
C TYR B 294 12.61 -4.43 8.16
N GLN B 295 11.46 -4.51 8.81
CA GLN B 295 10.57 -5.66 8.69
C GLN B 295 11.31 -6.98 8.94
N GLY B 296 11.93 -7.08 10.12
CA GLY B 296 12.51 -8.30 10.62
C GLY B 296 13.97 -8.58 10.25
N ARG B 297 14.44 -8.08 9.11
CA ARG B 297 15.78 -8.34 8.61
C ARG B 297 16.65 -7.10 8.73
N GLN B 298 17.97 -7.30 8.72
CA GLN B 298 18.96 -6.25 8.82
C GLN B 298 19.52 -5.82 7.47
N TYR B 299 19.82 -4.52 7.33
CA TYR B 299 20.26 -3.94 6.07
C TYR B 299 21.40 -2.95 6.33
N LYS B 300 21.94 -2.42 5.24
CA LYS B 300 22.95 -1.40 5.31
C LYS B 300 22.66 -0.43 4.18
N SER B 301 22.88 0.85 4.39
CA SER B 301 22.68 1.82 3.33
C SER B 301 23.64 1.51 2.18
N TYR B 302 23.21 1.84 0.96
CA TYR B 302 24.10 1.72 -0.19
C TYR B 302 23.64 2.72 -1.23
N ARG B 303 24.54 3.55 -1.73
CA ARG B 303 24.10 4.68 -2.53
C ARG B 303 25.13 5.03 -3.59
N GLY B 304 24.66 5.60 -4.69
CA GLY B 304 25.56 6.11 -5.69
C GLY B 304 26.33 7.31 -5.19
N MET B 305 27.58 7.43 -5.64
CA MET B 305 28.31 8.67 -5.40
C MET B 305 27.74 9.82 -6.21
N GLY B 306 26.89 9.53 -7.20
CA GLY B 306 26.16 10.49 -7.97
C GLY B 306 24.77 10.75 -7.43
N SER B 307 24.45 10.24 -6.25
CA SER B 307 23.14 10.43 -5.68
C SER B 307 23.07 11.74 -4.90
N LEU B 308 21.85 12.23 -4.72
CA LEU B 308 21.62 13.46 -3.98
C LEU B 308 22.30 13.41 -2.62
N GLY B 309 22.01 12.37 -1.84
CA GLY B 309 22.53 12.32 -0.49
C GLY B 309 24.03 12.27 -0.43
N ALA B 310 24.65 11.51 -1.36
CA ALA B 310 26.11 11.45 -1.38
C ALA B 310 26.70 12.79 -1.77
N MET B 311 26.11 13.46 -2.77
CA MET B 311 26.64 14.73 -3.24
C MET B 311 26.42 15.85 -2.23
N GLN B 312 25.48 15.71 -1.33
CA GLN B 312 25.20 16.77 -0.36
C GLN B 312 26.10 16.56 0.85
N LYS B 313 27.22 17.28 0.86
CA LYS B 313 28.20 17.21 1.96
C LYS B 313 28.90 18.55 2.14
N LYS B 328 20.92 23.84 -9.09
CA LYS B 328 20.51 22.67 -8.31
C LYS B 328 20.91 21.36 -9.02
N LEU B 329 21.15 20.32 -8.21
CA LEU B 329 21.84 19.11 -8.66
C LEU B 329 20.94 18.25 -9.56
N VAL B 330 21.58 17.57 -10.52
CA VAL B 330 20.93 16.58 -11.38
C VAL B 330 21.64 15.24 -11.17
N PRO B 331 21.11 14.38 -10.31
CA PRO B 331 21.83 13.16 -9.91
C PRO B 331 21.92 12.17 -11.05
N GLU B 332 22.78 11.16 -10.82
CA GLU B 332 22.89 9.99 -11.69
C GLU B 332 23.00 8.73 -10.85
N GLY B 333 22.50 8.76 -9.61
CA GLY B 333 22.56 7.61 -8.73
C GLY B 333 21.35 7.62 -7.83
N ILE B 334 21.20 6.55 -7.05
CA ILE B 334 20.07 6.49 -6.16
C ILE B 334 20.56 6.11 -4.78
N GLU B 335 19.69 6.30 -3.80
CA GLU B 335 19.97 5.92 -2.43
C GLU B 335 19.12 4.70 -2.11
N GLY B 336 19.78 3.61 -1.74
CA GLY B 336 19.10 2.36 -1.51
C GLY B 336 19.63 1.65 -0.30
N ARG B 337 19.16 0.43 -0.06
CA ARG B 337 19.69 -0.45 0.98
C ARG B 337 19.98 -1.82 0.36
N VAL B 338 20.89 -2.56 0.98
CA VAL B 338 21.12 -3.96 0.60
C VAL B 338 21.10 -4.82 1.85
N PRO B 339 20.94 -6.14 1.69
CA PRO B 339 20.83 -6.99 2.88
C PRO B 339 22.17 -7.14 3.57
N TYR B 340 22.11 -7.22 4.89
CA TYR B 340 23.27 -7.55 5.70
C TYR B 340 23.73 -8.95 5.36
N VAL B 341 24.97 -9.11 4.88
CA VAL B 341 25.42 -10.42 4.45
C VAL B 341 26.63 -10.92 5.26
N GLY B 342 26.85 -10.39 6.46
CA GLY B 342 27.95 -10.89 7.28
C GLY B 342 29.29 -10.29 6.91
N SER B 343 30.34 -11.09 7.08
CA SER B 343 31.69 -10.61 6.89
C SER B 343 32.08 -10.62 5.41
N ILE B 344 32.93 -9.66 5.04
CA ILE B 344 33.54 -9.59 3.72
C ILE B 344 34.23 -10.91 3.40
N ARG B 345 34.86 -11.52 4.40
CA ARG B 345 35.61 -12.74 4.18
C ARG B 345 34.70 -13.82 3.60
N SER B 346 33.53 -14.01 4.20
CA SER B 346 32.54 -14.94 3.67
C SER B 346 32.16 -14.61 2.23
N VAL B 347 32.01 -13.32 1.92
CA VAL B 347 31.56 -12.93 0.59
C VAL B 347 32.67 -13.14 -0.44
N VAL B 348 33.91 -12.82 -0.07
CA VAL B 348 35.04 -12.99 -0.97
C VAL B 348 35.32 -14.47 -1.20
N HIS B 349 35.16 -15.29 -0.15
CA HIS B 349 35.32 -16.72 -0.30
C HIS B 349 34.41 -17.27 -1.41
N GLN B 350 33.10 -16.97 -1.33
CA GLN B 350 32.16 -17.53 -2.29
C GLN B 350 32.42 -17.00 -3.69
N LEU B 351 32.71 -15.70 -3.80
CA LEU B 351 32.95 -15.10 -5.12
C LEU B 351 34.12 -15.79 -5.81
N LEU B 352 35.29 -15.79 -5.16
CA LEU B 352 36.45 -16.48 -5.70
C LEU B 352 36.18 -17.97 -5.88
N GLY B 353 35.38 -18.57 -4.98
CA GLY B 353 35.01 -19.97 -5.15
C GLY B 353 34.39 -20.25 -6.51
N GLY B 354 33.42 -19.43 -6.91
CA GLY B 354 32.79 -19.63 -8.22
C GLY B 354 33.72 -19.29 -9.37
N LEU B 355 34.60 -18.30 -9.18
CA LEU B 355 35.67 -18.08 -10.17
C LEU B 355 36.52 -19.34 -10.34
N ARG B 356 36.91 -19.97 -9.23
CA ARG B 356 37.72 -21.19 -9.35
C ARG B 356 36.93 -22.30 -10.02
N SER B 357 35.63 -22.34 -9.73
CA SER B 357 34.74 -23.27 -10.40
C SER B 357 34.73 -23.03 -11.90
N SER B 358 34.48 -21.77 -12.31
CA SER B 358 34.47 -21.42 -13.73
C SER B 358 35.75 -21.89 -14.45
N MET B 359 36.90 -21.52 -13.89
CA MET B 359 38.17 -21.85 -14.51
C MET B 359 38.30 -23.35 -14.67
N GLY B 360 37.87 -24.09 -13.67
CA GLY B 360 37.86 -25.54 -13.83
C GLY B 360 37.04 -26.02 -15.01
N TYR B 361 35.85 -25.44 -15.21
CA TYR B 361 35.01 -25.78 -16.37
C TYR B 361 35.73 -25.45 -17.68
N VAL B 362 36.39 -24.29 -17.73
CA VAL B 362 37.09 -23.90 -18.95
C VAL B 362 38.38 -24.70 -19.12
N GLY B 363 38.95 -25.22 -18.03
CA GLY B 363 40.19 -25.97 -18.13
C GLY B 363 41.44 -25.11 -18.22
N ALA B 364 41.61 -24.20 -17.28
CA ALA B 364 42.65 -23.19 -17.33
C ALA B 364 43.41 -23.14 -16.01
N LYS B 365 44.74 -23.13 -16.10
CA LYS B 365 45.55 -23.21 -14.88
C LYS B 365 45.65 -21.86 -14.17
N ASP B 366 45.59 -20.78 -14.94
CA ASP B 366 45.73 -19.40 -14.45
C ASP B 366 44.85 -18.42 -15.23
N ILE B 367 44.76 -17.18 -14.77
CA ILE B 367 43.88 -16.23 -15.43
C ILE B 367 44.27 -16.07 -16.89
N GLU B 368 45.53 -15.85 -17.19
CA GLU B 368 45.88 -15.51 -18.57
C GLU B 368 45.60 -16.66 -19.52
N ASP B 369 45.56 -17.90 -19.02
CA ASP B 369 45.12 -19.04 -19.81
C ASP B 369 43.60 -19.09 -19.94
N PHE B 370 42.89 -18.71 -18.86
CA PHE B 370 41.44 -18.55 -18.89
C PHE B 370 40.99 -17.65 -20.05
N GLN B 371 41.74 -16.59 -20.33
CA GLN B 371 41.35 -15.71 -21.43
C GLN B 371 41.64 -16.31 -22.81
N LYS B 372 42.73 -17.10 -22.97
CA LYS B 372 43.02 -17.72 -24.27
C LYS B 372 42.07 -18.87 -24.58
N ARG B 373 41.72 -19.68 -23.58
CA ARG B 373 40.83 -20.81 -23.81
C ARG B 373 39.34 -20.41 -23.91
N ALA B 374 38.92 -19.29 -23.32
CA ALA B 374 37.50 -18.99 -23.14
C ALA B 374 36.76 -18.77 -24.46
N GLU B 375 35.63 -19.44 -24.60
CA GLU B 375 34.76 -19.26 -25.75
C GLU B 375 33.35 -19.07 -25.23
N PHE B 376 32.60 -18.16 -25.85
CA PHE B 376 31.30 -17.79 -25.35
C PHE B 376 30.16 -18.28 -26.22
N VAL B 377 29.03 -18.49 -25.58
CA VAL B 377 27.76 -18.70 -26.26
C VAL B 377 26.88 -17.50 -25.94
N GLU B 378 26.28 -16.91 -26.98
CA GLU B 378 25.25 -15.91 -26.78
C GLU B 378 23.91 -16.62 -26.60
N ILE B 379 23.11 -16.12 -25.66
CA ILE B 379 21.87 -16.80 -25.31
C ILE B 379 20.69 -15.87 -25.53
N THR B 380 19.50 -16.45 -25.58
CA THR B 380 18.29 -15.65 -25.63
C THR B 380 17.79 -15.47 -24.20
N THR B 381 16.80 -14.58 -24.06
CA THR B 381 16.22 -14.22 -22.77
C THR B 381 15.65 -15.43 -22.11
N ALA B 382 14.97 -16.25 -22.89
CA ALA B 382 14.38 -17.48 -22.36
C ALA B 382 15.45 -18.47 -21.94
N GLY B 383 16.63 -18.41 -22.57
CA GLY B 383 17.74 -19.27 -22.19
C GLY B 383 18.37 -18.89 -20.87
N LEU B 384 18.11 -17.67 -20.39
CA LEU B 384 18.50 -17.24 -19.05
C LEU B 384 17.46 -17.58 -17.99
N LYS B 385 16.19 -17.69 -18.39
CA LYS B 385 15.19 -18.09 -17.44
C LYS B 385 15.59 -19.49 -16.99
N GLU B 386 16.05 -20.31 -17.94
CA GLU B 386 16.48 -21.68 -17.67
C GLU B 386 17.79 -21.73 -16.88
N SER B 387 18.65 -20.71 -17.02
CA SER B 387 19.97 -20.71 -16.39
C SER B 387 19.90 -20.40 -14.89
N HIS B 388 19.06 -19.45 -14.48
CA HIS B 388 18.75 -19.30 -13.06
C HIS B 388 18.00 -20.52 -12.53
N VAL B 389 17.62 -20.51 -11.26
CA VAL B 389 16.70 -21.53 -10.75
C VAL B 389 15.29 -21.24 -11.29
N HIS B 390 14.52 -22.29 -11.57
CA HIS B 390 13.21 -22.14 -12.20
C HIS B 390 12.27 -23.26 -11.76
N ASP B 391 10.99 -22.92 -11.62
CA ASP B 391 9.88 -23.84 -11.36
C ASP B 391 9.91 -24.47 -9.96
N VAL B 392 10.86 -24.10 -9.10
CA VAL B 392 11.03 -24.67 -7.77
C VAL B 392 11.15 -23.53 -6.77
N THR B 393 10.43 -23.62 -5.65
CA THR B 393 10.52 -22.62 -4.58
C THR B 393 11.74 -22.93 -3.71
N ILE B 394 12.63 -21.95 -3.52
CA ILE B 394 13.81 -22.14 -2.67
C ILE B 394 13.39 -22.11 -1.20
N THR B 395 13.82 -23.13 -0.45
CA THR B 395 13.59 -23.26 0.99
C THR B 395 14.67 -22.54 1.81
N HIS B 396 15.92 -23.02 1.73
CA HIS B 396 17.06 -22.47 2.47
C HIS B 396 17.88 -21.57 1.56
N GLU B 397 18.45 -20.53 2.15
CA GLU B 397 19.27 -19.58 1.39
C GLU B 397 20.61 -20.17 1.01
N ALA B 398 21.17 -19.69 -0.09
CA ALA B 398 22.45 -20.15 -0.57
C ALA B 398 23.44 -19.02 -0.39
N PRO B 399 24.69 -19.39 0.09
CA PRO B 399 25.61 -18.28 0.27
C PRO B 399 25.90 -17.54 -1.03
N ASN B 400 26.01 -18.28 -2.12
CA ASN B 400 26.31 -17.68 -3.42
C ASN B 400 25.12 -17.28 -4.27
N TYR B 401 23.91 -17.55 -3.85
CA TYR B 401 22.76 -17.19 -4.67
C TYR B 401 21.48 -16.66 -4.00
N LYS B 402 21.08 -15.42 -4.28
CA LYS B 402 19.78 -14.91 -3.76
C LYS B 402 18.73 -14.49 -4.80
N ALA C 24 36.43 -8.86 -30.43
CA ALA C 24 37.67 -9.65 -30.43
C ALA C 24 37.66 -10.74 -29.36
N MET C 25 36.51 -10.95 -28.71
CA MET C 25 36.24 -12.14 -27.92
C MET C 25 35.62 -13.20 -28.81
N LYS C 26 35.52 -14.42 -28.31
CA LYS C 26 35.18 -15.57 -29.14
C LYS C 26 33.76 -16.02 -28.81
N ILE C 27 32.80 -15.57 -29.62
CA ILE C 27 31.39 -15.95 -29.44
C ILE C 27 31.07 -16.99 -30.52
N VAL C 28 30.95 -18.24 -30.09
CA VAL C 28 30.96 -19.37 -31.02
C VAL C 28 29.67 -19.43 -31.83
N LYS C 29 28.51 -19.34 -31.16
CA LYS C 29 27.22 -19.39 -31.83
C LYS C 29 26.19 -18.70 -30.95
N ARG C 30 24.94 -18.70 -31.39
CA ARG C 30 23.81 -18.24 -30.59
C ARG C 30 22.98 -19.47 -30.22
N ALA C 31 22.88 -19.76 -28.92
CA ALA C 31 22.39 -21.05 -28.45
C ALA C 31 20.93 -20.97 -27.99
N LEU C 32 20.11 -21.91 -28.45
CA LEU C 32 18.69 -21.95 -28.15
C LEU C 32 18.39 -22.94 -27.03
N THR C 33 17.35 -22.65 -26.26
CA THR C 33 16.84 -23.64 -25.35
C THR C 33 15.40 -23.99 -25.76
N PHE C 34 14.74 -24.80 -24.93
CA PHE C 34 13.45 -25.36 -25.31
C PHE C 34 12.47 -24.27 -25.72
N GLU C 35 12.43 -23.19 -24.96
CA GLU C 35 11.44 -22.14 -25.15
C GLU C 35 11.67 -21.33 -26.41
N ASP C 36 12.72 -21.58 -27.18
CA ASP C 36 13.01 -20.80 -28.36
C ASP C 36 12.52 -21.45 -29.65
N VAL C 37 12.07 -22.71 -29.57
CA VAL C 37 11.72 -23.51 -30.74
C VAL C 37 10.33 -24.09 -30.59
N LEU C 38 9.71 -24.40 -31.73
CA LEU C 38 8.53 -25.25 -31.75
C LEU C 38 8.63 -26.21 -32.93
N LEU C 39 8.05 -27.38 -32.76
CA LEU C 39 7.95 -28.34 -33.85
C LEU C 39 6.89 -27.90 -34.85
N ARG C 40 7.18 -28.11 -36.16
CA ARG C 40 6.20 -27.85 -37.19
C ARG C 40 5.32 -29.08 -37.42
N PRO C 41 4.01 -28.91 -37.62
CA PRO C 41 3.19 -30.06 -37.99
C PRO C 41 3.58 -30.58 -39.36
N GLY C 42 3.35 -31.87 -39.58
CA GLY C 42 3.57 -32.47 -40.87
C GLY C 42 2.37 -33.33 -41.24
N TYR C 43 2.40 -33.83 -42.48
CA TYR C 43 1.39 -34.80 -42.90
C TYR C 43 1.47 -36.05 -42.03
N SER C 44 0.32 -36.49 -41.50
CA SER C 44 0.30 -37.62 -40.59
C SER C 44 -0.67 -38.67 -41.13
N GLU C 45 -0.17 -39.89 -41.28
CA GLU C 45 -0.99 -41.07 -41.52
C GLU C 45 -1.07 -41.96 -40.29
N VAL C 46 -0.77 -41.42 -39.11
CA VAL C 46 -0.63 -42.22 -37.92
C VAL C 46 -1.41 -41.57 -36.80
N LEU C 47 -1.88 -42.39 -35.91
CA LEU C 47 -2.60 -41.83 -34.79
C LEU C 47 -1.77 -41.97 -33.53
N PRO C 48 -1.93 -41.06 -32.58
CA PRO C 48 -1.05 -41.08 -31.39
C PRO C 48 -1.12 -42.36 -30.58
N LYS C 49 -2.26 -43.06 -30.58
CA LYS C 49 -2.34 -44.32 -29.84
C LYS C 49 -1.40 -45.37 -30.42
N GLU C 50 -1.05 -45.25 -31.70
CA GLU C 50 -0.40 -46.32 -32.46
C GLU C 50 1.04 -46.02 -32.85
N VAL C 51 1.70 -45.06 -32.22
CA VAL C 51 3.10 -44.79 -32.51
C VAL C 51 3.96 -45.48 -31.45
N LYS C 52 5.19 -45.82 -31.84
CA LYS C 52 6.08 -46.64 -31.03
C LYS C 52 7.08 -45.75 -30.31
N ILE C 53 7.24 -45.94 -29.01
CA ILE C 53 8.09 -45.06 -28.24
C ILE C 53 9.24 -45.79 -27.57
N HIS C 54 9.59 -46.95 -28.08
CA HIS C 54 10.82 -47.62 -27.68
C HIS C 54 12.03 -46.87 -28.20
N THR C 55 13.16 -47.06 -27.55
CA THR C 55 14.38 -46.35 -27.90
C THR C 55 15.59 -47.07 -27.31
N LYS C 56 16.76 -46.48 -27.48
CA LYS C 56 17.99 -47.04 -26.95
C LYS C 56 18.54 -46.15 -25.83
N LEU C 57 18.81 -46.78 -24.68
CA LEU C 57 19.51 -46.12 -23.59
C LEU C 57 21.01 -46.06 -23.87
N THR C 58 21.61 -47.21 -24.13
CA THR C 58 23.00 -47.36 -24.46
C THR C 58 23.14 -48.09 -25.80
N LYS C 59 24.38 -48.40 -26.18
CA LYS C 59 24.60 -49.18 -27.38
C LYS C 59 23.94 -50.55 -27.30
N ASN C 60 23.76 -51.08 -26.08
CA ASN C 60 23.28 -52.44 -25.90
C ASN C 60 22.06 -52.58 -24.99
N ILE C 61 21.53 -51.50 -24.43
CA ILE C 61 20.32 -51.57 -23.60
C ILE C 61 19.25 -50.69 -24.24
N THR C 62 18.10 -51.29 -24.53
CA THR C 62 16.96 -50.55 -25.07
C THR C 62 15.95 -50.25 -23.96
N LEU C 63 15.14 -49.22 -24.20
CA LEU C 63 14.01 -48.85 -23.36
C LEU C 63 12.72 -49.00 -24.16
N ASN C 64 11.60 -49.26 -23.46
CA ASN C 64 10.29 -49.26 -24.10
C ASN C 64 9.60 -47.90 -24.01
N MET C 65 10.21 -46.95 -23.30
CA MET C 65 9.78 -45.57 -23.33
C MET C 65 10.93 -44.70 -22.90
N PRO C 66 11.02 -43.48 -23.40
CA PRO C 66 12.32 -42.78 -23.40
C PRO C 66 12.66 -41.97 -22.14
N LEU C 67 12.11 -42.33 -20.99
CA LEU C 67 12.21 -41.52 -19.78
C LEU C 67 13.06 -42.18 -18.71
N ILE C 68 14.04 -41.44 -18.19
CA ILE C 68 14.93 -41.89 -17.12
C ILE C 68 14.74 -40.98 -15.93
N SER C 69 14.48 -41.54 -14.76
CA SER C 69 14.36 -40.72 -13.56
C SER C 69 15.74 -40.37 -13.01
N ALA C 70 15.91 -39.10 -12.64
CA ALA C 70 17.22 -38.52 -12.33
C ALA C 70 17.90 -39.14 -11.11
N ALA C 71 19.23 -39.09 -11.10
CA ALA C 71 20.05 -39.76 -10.09
C ALA C 71 20.31 -38.86 -8.88
N MET C 72 19.23 -38.42 -8.24
CA MET C 72 19.28 -37.45 -7.16
C MET C 72 18.67 -38.04 -5.88
N ASP C 73 19.11 -37.54 -4.72
CA ASP C 73 18.66 -38.12 -3.46
C ASP C 73 17.24 -37.64 -3.08
N THR C 74 16.59 -36.86 -3.92
CA THR C 74 15.20 -36.50 -3.72
C THR C 74 14.30 -37.00 -4.87
N VAL C 75 14.84 -37.85 -5.72
CA VAL C 75 14.07 -38.35 -6.84
C VAL C 75 14.07 -39.86 -6.98
N THR C 76 15.25 -40.44 -7.12
CA THR C 76 15.34 -41.87 -7.34
C THR C 76 16.05 -42.70 -6.30
N GLU C 77 15.33 -43.73 -5.89
CA GLU C 77 15.79 -44.72 -4.94
C GLU C 77 15.06 -45.95 -5.42
N HIS C 78 15.15 -47.07 -4.72
CA HIS C 78 14.53 -48.28 -5.22
C HIS C 78 13.02 -48.17 -5.47
N ARG C 79 12.28 -47.51 -4.60
CA ARG C 79 10.84 -47.42 -4.85
C ARG C 79 10.54 -46.78 -6.20
N ALA C 80 11.24 -45.69 -6.53
CA ALA C 80 10.98 -45.06 -7.82
C ALA C 80 11.61 -45.82 -8.99
N ALA C 81 12.80 -46.41 -8.79
CA ALA C 81 13.43 -47.14 -9.89
C ALA C 81 12.59 -48.33 -10.31
N ILE C 82 11.94 -49.00 -9.36
CA ILE C 82 11.06 -50.11 -9.70
C ILE C 82 9.92 -49.63 -10.59
N MET C 83 9.31 -48.49 -10.24
CA MET C 83 8.20 -47.97 -11.05
C MET C 83 8.66 -47.57 -12.44
N MET C 84 9.78 -46.83 -12.53
CA MET C 84 10.28 -46.41 -13.84
C MET C 84 10.50 -47.61 -14.76
N ALA C 85 11.07 -48.70 -14.22
CA ALA C 85 11.32 -49.87 -15.06
C ALA C 85 10.02 -50.59 -15.41
N ARG C 86 9.05 -50.59 -14.48
CA ARG C 86 7.77 -51.26 -14.76
C ARG C 86 7.00 -50.58 -15.88
N LEU C 87 7.17 -49.27 -16.02
CA LEU C 87 6.54 -48.53 -17.12
C LEU C 87 7.42 -48.46 -18.36
N GLY C 88 8.59 -49.09 -18.33
CA GLY C 88 9.40 -49.23 -19.53
C GLY C 88 10.59 -48.32 -19.62
N GLY C 89 10.81 -47.48 -18.61
CA GLY C 89 11.97 -46.61 -18.53
C GLY C 89 13.04 -47.18 -17.63
N LEU C 90 13.60 -46.32 -16.78
CA LEU C 90 14.71 -46.71 -15.92
C LEU C 90 14.96 -45.63 -14.88
N GLY C 91 15.23 -46.05 -13.65
CA GLY C 91 15.78 -45.18 -12.63
C GLY C 91 17.28 -45.38 -12.46
N VAL C 92 17.96 -44.34 -11.99
CA VAL C 92 19.36 -44.41 -11.61
C VAL C 92 19.44 -44.14 -10.11
N ILE C 93 20.05 -45.05 -9.36
CA ILE C 93 20.20 -44.87 -7.92
C ILE C 93 21.33 -43.88 -7.63
N HIS C 94 21.02 -42.84 -6.86
CA HIS C 94 21.97 -41.77 -6.58
C HIS C 94 23.12 -42.25 -5.72
N LYS C 95 24.27 -41.56 -5.84
CA LYS C 95 25.52 -41.96 -5.22
C LYS C 95 25.73 -41.33 -3.84
N ASN C 96 24.70 -40.73 -3.26
CA ASN C 96 24.84 -40.04 -1.98
C ASN C 96 24.43 -40.98 -0.85
N MET C 97 25.25 -42.02 -0.69
CA MET C 97 25.07 -43.10 0.27
C MET C 97 26.28 -44.01 0.15
N ASP C 98 26.55 -44.77 1.21
CA ASP C 98 27.69 -45.68 1.17
C ASP C 98 27.42 -46.79 0.15
N ILE C 99 28.49 -47.52 -0.17
CA ILE C 99 28.43 -48.53 -1.23
C ILE C 99 27.41 -49.61 -0.91
N ALA C 100 27.47 -50.16 0.31
CA ALA C 100 26.55 -51.24 0.67
C ALA C 100 25.10 -50.79 0.58
N SER C 101 24.80 -49.57 1.02
CA SER C 101 23.44 -49.06 0.94
C SER C 101 22.99 -48.91 -0.51
N GLN C 102 23.90 -48.52 -1.41
CA GLN C 102 23.57 -48.50 -2.83
C GLN C 102 23.39 -49.91 -3.37
N VAL C 103 24.27 -50.83 -2.96
CA VAL C 103 24.09 -52.24 -3.30
C VAL C 103 22.73 -52.73 -2.82
N ARG C 104 22.34 -52.33 -1.61
CA ARG C 104 21.03 -52.73 -1.09
C ARG C 104 19.90 -52.20 -1.98
N GLU C 105 20.01 -50.98 -2.49
CA GLU C 105 18.91 -50.44 -3.27
C GLU C 105 18.80 -51.17 -4.61
N VAL C 106 19.93 -51.32 -5.31
CA VAL C 106 19.91 -51.99 -6.61
C VAL C 106 19.40 -53.43 -6.47
N LYS C 107 19.83 -54.15 -5.43
CA LYS C 107 19.36 -55.52 -5.24
C LYS C 107 17.84 -55.56 -5.06
N ARG C 108 17.25 -54.57 -4.36
CA ARG C 108 15.80 -54.56 -4.22
C ARG C 108 15.10 -54.33 -5.55
N VAL C 109 15.67 -53.48 -6.40
CA VAL C 109 15.09 -53.27 -7.73
C VAL C 109 15.17 -54.56 -8.55
N LYS C 110 16.32 -55.20 -8.51
CA LYS C 110 16.54 -56.43 -9.27
C LYS C 110 15.64 -57.60 -8.84
N LYS C 111 15.40 -57.72 -7.55
CA LYS C 111 14.61 -58.86 -7.07
C LYS C 111 13.12 -58.54 -6.95
N SER C 112 12.66 -57.48 -7.61
CA SER C 112 11.26 -57.10 -7.49
C SER C 112 10.36 -57.89 -8.44
N GLU C 113 10.85 -58.17 -9.65
CA GLU C 113 10.11 -58.93 -10.68
C GLU C 113 8.63 -58.57 -10.77
N ARG C 123 2.34 -59.33 -15.04
CA ARG C 123 2.57 -59.29 -16.48
C ARG C 123 1.44 -58.55 -17.21
N LYS C 124 0.20 -58.70 -16.71
CA LYS C 124 -0.90 -57.93 -17.28
C LYS C 124 -0.88 -56.49 -16.78
N GLU C 125 -0.50 -56.27 -15.52
CA GLU C 125 -0.48 -54.93 -14.92
C GLU C 125 0.58 -54.05 -15.56
N TYR C 126 1.77 -54.60 -15.80
CA TYR C 126 2.92 -53.85 -16.31
C TYR C 126 3.44 -54.59 -17.54
N PRO C 127 2.74 -54.47 -18.66
CA PRO C 127 3.16 -55.21 -19.86
C PRO C 127 4.38 -54.62 -20.54
N ASP C 128 4.70 -53.35 -20.27
CA ASP C 128 5.79 -52.67 -20.96
C ASP C 128 7.06 -52.61 -20.12
N ALA C 129 7.16 -53.47 -19.10
CA ALA C 129 8.30 -53.47 -18.19
C ALA C 129 9.62 -53.71 -18.92
N ASN C 130 10.66 -53.00 -18.48
CA ASN C 130 12.00 -53.04 -19.06
C ASN C 130 12.82 -54.04 -18.27
N LYS C 131 12.97 -55.25 -18.81
CA LYS C 131 13.62 -56.35 -18.10
C LYS C 131 14.93 -56.74 -18.78
N ASP C 132 15.77 -57.45 -18.04
CA ASP C 132 17.02 -58.00 -18.55
C ASP C 132 16.77 -59.41 -19.11
N ASN C 133 17.85 -60.09 -19.50
CA ASN C 133 17.70 -61.44 -20.06
C ASN C 133 17.17 -62.42 -19.04
N PHE C 134 17.26 -62.10 -17.75
CA PHE C 134 16.82 -63.00 -16.69
C PHE C 134 15.44 -62.63 -16.15
N GLY C 135 14.68 -61.82 -16.89
CA GLY C 135 13.35 -61.41 -16.47
C GLY C 135 13.28 -60.44 -15.30
N ARG C 136 14.41 -59.93 -14.83
CA ARG C 136 14.45 -58.98 -13.72
C ARG C 136 14.39 -57.54 -14.24
N LEU C 137 13.78 -56.67 -13.47
CA LEU C 137 13.70 -55.27 -13.87
C LEU C 137 15.09 -54.65 -13.98
N ARG C 138 15.23 -53.72 -14.91
CA ARG C 138 16.50 -53.09 -15.20
C ARG C 138 16.69 -51.88 -14.31
N VAL C 139 17.94 -51.63 -13.92
CA VAL C 139 18.24 -50.54 -13.01
C VAL C 139 19.62 -50.00 -13.35
N GLY C 140 19.79 -48.70 -13.14
CA GLY C 140 21.08 -48.05 -13.22
C GLY C 140 21.54 -47.59 -11.84
N ALA C 141 22.81 -47.20 -11.78
CA ALA C 141 23.41 -46.73 -10.53
C ALA C 141 24.43 -45.66 -10.85
N ALA C 142 24.42 -44.60 -10.05
CA ALA C 142 25.36 -43.50 -10.28
C ALA C 142 26.63 -43.73 -9.47
N ILE C 143 27.77 -43.35 -10.07
CA ILE C 143 29.05 -43.39 -9.38
C ILE C 143 29.82 -42.11 -9.69
N GLY C 144 30.81 -41.82 -8.84
CA GLY C 144 31.67 -40.68 -9.01
C GLY C 144 33.02 -41.03 -9.62
N VAL C 145 33.77 -39.97 -9.91
CA VAL C 145 35.11 -40.15 -10.46
C VAL C 145 35.96 -40.95 -9.49
N GLY C 146 36.76 -41.85 -10.03
CA GLY C 146 37.70 -42.64 -9.23
C GLY C 146 37.09 -43.61 -8.25
N GLN C 147 35.83 -43.99 -8.43
CA GLN C 147 35.14 -44.84 -7.45
C GLN C 147 35.02 -46.29 -7.95
N MET C 148 36.19 -46.91 -8.16
CA MET C 148 36.21 -48.24 -8.76
C MET C 148 35.68 -49.30 -7.80
N ASP C 149 35.92 -49.14 -6.50
CA ASP C 149 35.47 -50.16 -5.56
C ASP C 149 33.95 -50.20 -5.50
N ARG C 150 33.29 -49.06 -5.68
CA ARG C 150 31.84 -49.01 -5.77
C ARG C 150 31.33 -49.72 -7.02
N VAL C 151 32.01 -49.54 -8.16
CA VAL C 151 31.61 -50.20 -9.40
C VAL C 151 31.61 -51.71 -9.22
N ASP C 152 32.72 -52.26 -8.71
CA ASP C 152 32.83 -53.70 -8.46
C ASP C 152 31.63 -54.21 -7.67
N ALA C 153 31.34 -53.54 -6.54
CA ALA C 153 30.22 -53.96 -5.71
C ALA C 153 28.91 -53.90 -6.48
N LEU C 154 28.75 -52.94 -7.39
CA LEU C 154 27.51 -52.82 -8.17
C LEU C 154 27.43 -53.88 -9.26
N VAL C 155 28.51 -54.08 -10.03
CA VAL C 155 28.56 -55.19 -10.97
C VAL C 155 28.16 -56.49 -10.28
N GLU C 156 28.70 -56.73 -9.08
CA GLU C 156 28.39 -57.92 -8.31
C GLU C 156 26.89 -58.01 -8.03
N ALA C 157 26.26 -56.87 -7.76
CA ALA C 157 24.87 -56.80 -7.34
C ALA C 157 23.87 -56.92 -8.48
N GLY C 158 24.35 -56.91 -9.72
CA GLY C 158 23.48 -57.08 -10.87
C GLY C 158 23.05 -55.82 -11.55
N VAL C 159 23.72 -54.70 -11.33
CA VAL C 159 23.35 -53.46 -11.99
C VAL C 159 23.50 -53.61 -13.50
N ASP C 160 22.48 -53.17 -14.24
CA ASP C 160 22.56 -53.24 -15.69
C ASP C 160 23.46 -52.16 -16.28
N VAL C 161 23.52 -51.00 -15.64
CA VAL C 161 24.21 -49.85 -16.22
C VAL C 161 24.73 -48.97 -15.10
N VAL C 162 25.95 -48.48 -15.28
CA VAL C 162 26.61 -47.61 -14.33
C VAL C 162 26.69 -46.22 -14.95
N VAL C 163 26.26 -45.21 -14.19
CA VAL C 163 26.16 -43.82 -14.65
C VAL C 163 27.22 -43.02 -13.92
N LEU C 164 28.28 -42.67 -14.61
CA LEU C 164 29.40 -41.97 -13.99
C LEU C 164 29.19 -40.49 -14.28
N ASP C 165 28.75 -39.75 -13.26
CA ASP C 165 28.38 -38.35 -13.44
C ASP C 165 29.38 -37.43 -12.75
N SER C 166 29.39 -36.19 -13.23
CA SER C 166 30.28 -35.15 -12.73
C SER C 166 29.68 -33.84 -13.16
N ALA C 167 30.04 -32.76 -12.46
CA ALA C 167 29.70 -31.45 -12.96
C ALA C 167 30.34 -31.20 -14.32
N HIS C 168 31.43 -31.90 -14.62
CA HIS C 168 32.21 -31.63 -15.81
C HIS C 168 32.74 -32.95 -16.37
N GLY C 169 31.93 -33.61 -17.18
CA GLY C 169 32.37 -34.88 -17.75
C GLY C 169 33.56 -34.77 -18.70
N HIS C 170 33.79 -33.59 -19.26
CA HIS C 170 34.87 -33.40 -20.23
C HIS C 170 36.18 -33.01 -19.52
N SER C 171 36.65 -33.92 -18.66
CA SER C 171 37.90 -33.71 -17.93
C SER C 171 38.68 -35.02 -17.88
N LYS C 172 39.99 -34.89 -17.59
CA LYS C 172 40.85 -36.06 -17.50
C LYS C 172 40.37 -37.02 -16.41
N GLY C 173 39.85 -36.50 -15.30
CA GLY C 173 39.40 -37.40 -14.25
C GLY C 173 38.32 -38.36 -14.72
N ILE C 174 37.39 -37.87 -15.54
CA ILE C 174 36.26 -38.69 -15.96
C ILE C 174 36.67 -39.62 -17.11
N ILE C 175 37.46 -39.12 -18.07
CA ILE C 175 37.93 -39.94 -19.18
C ILE C 175 38.74 -41.14 -18.66
N ASP C 176 39.68 -40.89 -17.74
CA ASP C 176 40.46 -41.98 -17.16
C ASP C 176 39.56 -42.98 -16.44
N THR C 177 38.52 -42.50 -15.76
CA THR C 177 37.60 -43.41 -15.10
C THR C 177 36.82 -44.24 -16.11
N VAL C 178 36.43 -43.63 -17.22
CA VAL C 178 35.81 -44.40 -18.30
C VAL C 178 36.76 -45.49 -18.77
N LYS C 179 38.02 -45.11 -19.06
CA LYS C 179 38.95 -46.07 -19.63
C LYS C 179 39.19 -47.24 -18.68
N ALA C 180 39.29 -46.94 -17.39
CA ALA C 180 39.54 -47.98 -16.39
C ALA C 180 38.38 -48.96 -16.31
N ILE C 181 37.16 -48.43 -16.19
CA ILE C 181 35.97 -49.26 -16.05
C ILE C 181 35.78 -50.13 -17.28
N LYS C 182 35.83 -49.52 -18.47
CA LYS C 182 35.66 -50.28 -19.71
C LYS C 182 36.74 -51.34 -19.89
N ALA C 183 37.93 -51.11 -19.35
CA ALA C 183 38.98 -52.12 -19.40
C ALA C 183 38.64 -53.30 -18.51
N LYS C 184 38.24 -53.03 -17.26
CA LYS C 184 37.93 -54.10 -16.31
C LYS C 184 36.61 -54.79 -16.62
N TYR C 185 35.63 -54.07 -17.15
CA TYR C 185 34.30 -54.63 -17.39
C TYR C 185 33.84 -54.32 -18.80
N PRO C 186 34.40 -55.00 -19.81
CA PRO C 186 34.06 -54.65 -21.20
C PRO C 186 32.59 -54.76 -21.53
N ASN C 187 31.93 -55.81 -21.07
CA ASN C 187 30.52 -55.99 -21.41
C ASN C 187 29.58 -55.23 -20.50
N LEU C 188 30.10 -54.38 -19.61
CA LEU C 188 29.27 -53.54 -18.76
C LEU C 188 29.03 -52.20 -19.42
N ASP C 189 27.76 -51.84 -19.58
CA ASP C 189 27.41 -50.59 -20.26
C ASP C 189 27.61 -49.40 -19.33
N LEU C 190 28.20 -48.34 -19.88
CA LEU C 190 28.64 -47.21 -19.08
C LEU C 190 28.10 -45.93 -19.70
N ILE C 191 27.62 -45.03 -18.85
CA ILE C 191 27.10 -43.71 -19.23
C ILE C 191 27.96 -42.65 -18.56
N ALA C 192 28.27 -41.57 -19.28
CA ALA C 192 29.15 -40.56 -18.70
C ALA C 192 28.65 -39.17 -19.05
N GLY C 193 28.75 -38.27 -18.07
CA GLY C 193 28.41 -36.88 -18.28
C GLY C 193 28.74 -36.09 -17.03
N ASN C 194 28.21 -34.87 -16.96
CA ASN C 194 27.46 -34.29 -18.07
C ASN C 194 28.38 -33.47 -18.94
N ILE C 195 27.98 -33.24 -20.19
CA ILE C 195 28.79 -32.56 -21.19
C ILE C 195 27.88 -31.62 -21.96
N ALA C 196 28.47 -30.77 -22.80
CA ALA C 196 27.65 -29.85 -23.58
C ALA C 196 28.28 -29.44 -24.90
N THR C 197 29.33 -30.11 -25.37
CA THR C 197 29.97 -29.75 -26.62
C THR C 197 30.28 -31.00 -27.45
N ALA C 198 30.33 -30.80 -28.77
CA ALA C 198 30.83 -31.79 -29.69
C ALA C 198 32.17 -32.38 -29.23
N ALA C 199 33.16 -31.51 -28.96
CA ALA C 199 34.48 -32.01 -28.57
C ALA C 199 34.40 -32.94 -27.37
N ALA C 200 33.61 -32.55 -26.36
CA ALA C 200 33.39 -33.43 -25.22
C ALA C 200 32.74 -34.73 -25.65
N ALA C 201 31.71 -34.64 -26.51
CA ALA C 201 31.04 -35.83 -27.01
C ALA C 201 32.03 -36.77 -27.70
N LYS C 202 32.94 -36.23 -28.51
CA LYS C 202 33.96 -37.05 -29.15
C LYS C 202 34.85 -37.74 -28.12
N ALA C 203 35.28 -37.01 -27.11
CA ALA C 203 36.23 -37.55 -26.12
C ALA C 203 35.62 -38.74 -25.36
N LEU C 204 34.37 -38.62 -24.92
CA LEU C 204 33.72 -39.72 -24.23
C LEU C 204 33.52 -40.92 -25.16
N CYS C 205 33.18 -40.66 -26.42
CA CYS C 205 32.94 -41.77 -27.35
C CYS C 205 34.23 -42.50 -27.67
N GLU C 206 35.34 -41.76 -27.79
CA GLU C 206 36.65 -42.38 -27.99
C GLU C 206 37.11 -43.13 -26.74
N ALA C 207 36.76 -42.66 -25.56
CA ALA C 207 37.11 -43.43 -24.39
C ALA C 207 36.25 -44.67 -24.21
N GLY C 208 35.26 -44.88 -25.07
CA GLY C 208 34.49 -46.10 -25.03
C GLY C 208 33.19 -46.06 -24.24
N VAL C 209 32.60 -44.88 -24.00
CA VAL C 209 31.30 -44.85 -23.34
C VAL C 209 30.27 -45.51 -24.25
N ASP C 210 29.18 -45.94 -23.64
CA ASP C 210 28.05 -46.48 -24.39
C ASP C 210 26.88 -45.50 -24.42
N ALA C 211 27.06 -44.30 -23.84
CA ALA C 211 26.12 -43.19 -23.93
C ALA C 211 26.78 -41.95 -23.31
N VAL C 212 26.24 -40.77 -23.65
CA VAL C 212 26.67 -39.51 -23.03
C VAL C 212 25.45 -38.78 -22.49
N LYS C 213 25.62 -38.08 -21.37
CA LYS C 213 24.56 -37.26 -20.79
C LYS C 213 24.84 -35.78 -21.07
N VAL C 214 23.97 -35.14 -21.83
CA VAL C 214 24.12 -33.73 -22.14
C VAL C 214 23.28 -32.92 -21.15
N GLY C 215 23.88 -31.82 -20.65
CA GLY C 215 23.27 -30.94 -19.68
C GLY C 215 24.27 -30.26 -18.75
N ILE C 216 24.75 -29.06 -19.09
CA ILE C 216 25.52 -28.23 -18.17
C ILE C 216 24.66 -27.00 -17.89
N GLY C 217 24.00 -26.99 -16.75
CA GLY C 217 23.27 -25.83 -16.32
C GLY C 217 21.80 -25.68 -16.69
N PRO C 218 21.13 -26.66 -17.31
CA PRO C 218 19.70 -26.49 -17.54
C PRO C 218 18.80 -26.92 -16.40
N GLY C 219 19.36 -27.46 -15.31
CA GLY C 219 18.54 -28.10 -14.29
C GLY C 219 17.72 -27.10 -13.51
N SER C 220 16.53 -27.53 -13.09
CA SER C 220 15.63 -26.62 -12.38
C SER C 220 16.26 -26.12 -11.08
N ILE C 221 17.14 -26.90 -10.48
CA ILE C 221 17.73 -26.57 -9.18
C ILE C 221 19.20 -26.19 -9.31
N CYS C 222 19.68 -25.95 -10.53
CA CYS C 222 21.10 -25.77 -10.82
C CYS C 222 21.44 -24.28 -10.89
N THR C 223 22.52 -23.88 -10.21
CA THR C 223 22.98 -22.51 -10.22
C THR C 223 24.34 -22.37 -10.89
N THR C 224 24.75 -23.40 -11.65
CA THR C 224 26.07 -23.38 -12.28
C THR C 224 26.25 -22.15 -13.16
N ARG C 225 25.23 -21.81 -13.97
CA ARG C 225 25.41 -20.68 -14.88
C ARG C 225 25.50 -19.37 -14.14
N ILE C 226 24.98 -19.30 -12.92
CA ILE C 226 25.08 -18.09 -12.12
C ILE C 226 26.34 -18.04 -11.27
N VAL C 227 26.80 -19.19 -10.79
CA VAL C 227 27.97 -19.27 -9.91
C VAL C 227 29.28 -19.27 -10.71
N SER C 228 29.31 -19.98 -11.83
CA SER C 228 30.52 -20.10 -12.61
C SER C 228 30.43 -19.43 -13.97
N GLY C 229 29.24 -18.97 -14.37
CA GLY C 229 29.10 -18.40 -15.69
C GLY C 229 29.18 -19.39 -16.82
N VAL C 230 29.04 -20.70 -16.54
CA VAL C 230 29.32 -21.74 -17.53
C VAL C 230 28.01 -22.44 -17.91
N GLY C 231 27.79 -22.61 -19.21
CA GLY C 231 26.61 -23.33 -19.67
C GLY C 231 26.46 -23.34 -21.17
N VAL C 232 25.49 -24.14 -21.63
CA VAL C 232 25.05 -24.16 -23.03
C VAL C 232 23.56 -24.46 -23.02
N PRO C 233 22.71 -23.57 -23.51
CA PRO C 233 21.26 -23.87 -23.54
C PRO C 233 20.97 -25.22 -24.21
N GLN C 234 20.02 -25.94 -23.63
CA GLN C 234 19.93 -27.38 -23.78
C GLN C 234 19.68 -27.81 -25.24
N ILE C 235 18.76 -27.15 -25.95
CA ILE C 235 18.44 -27.56 -27.31
C ILE C 235 19.66 -27.42 -28.22
N SER C 236 20.40 -26.34 -28.07
CA SER C 236 21.62 -26.23 -28.87
C SER C 236 22.67 -27.25 -28.42
N ALA C 237 22.75 -27.54 -27.12
CA ALA C 237 23.73 -28.51 -26.63
C ALA C 237 23.39 -29.93 -27.06
N ILE C 238 22.10 -30.30 -27.09
CA ILE C 238 21.74 -31.61 -27.61
C ILE C 238 22.12 -31.69 -29.08
N ASP C 239 21.73 -30.69 -29.85
CA ASP C 239 22.05 -30.64 -31.27
C ASP C 239 23.54 -30.86 -31.50
N GLU C 240 24.37 -30.14 -30.76
CA GLU C 240 25.81 -30.19 -31.01
C GLU C 240 26.37 -31.56 -30.67
N CYS C 241 25.92 -32.16 -29.57
CA CYS C 241 26.44 -33.45 -29.17
C CYS C 241 25.87 -34.59 -30.01
N VAL C 242 24.56 -34.57 -30.28
CA VAL C 242 23.95 -35.66 -31.03
C VAL C 242 24.69 -35.89 -32.33
N GLU C 243 24.97 -34.80 -33.07
CA GLU C 243 25.65 -34.91 -34.35
C GLU C 243 26.96 -35.67 -34.21
N GLU C 244 27.71 -35.34 -33.15
CA GLU C 244 29.02 -35.90 -32.91
C GLU C 244 28.92 -37.38 -32.50
N ALA C 245 28.04 -37.70 -31.55
CA ALA C 245 27.93 -39.05 -31.03
C ALA C 245 27.26 -40.01 -32.01
N ASN C 246 26.53 -39.51 -33.01
CA ASN C 246 26.04 -40.43 -34.03
C ASN C 246 27.19 -41.02 -34.84
N LYS C 247 28.30 -40.29 -34.99
CA LYS C 247 29.42 -40.82 -35.75
C LYS C 247 29.92 -42.13 -35.15
N PHE C 248 29.76 -42.29 -33.84
CA PHE C 248 30.15 -43.49 -33.11
C PHE C 248 28.98 -44.41 -32.83
N GLY C 249 27.75 -44.00 -33.16
CA GLY C 249 26.61 -44.79 -32.78
C GLY C 249 26.38 -44.78 -31.29
N VAL C 250 26.47 -43.62 -30.66
CA VAL C 250 26.31 -43.51 -29.22
C VAL C 250 25.04 -42.72 -28.93
N PRO C 251 24.08 -43.28 -28.21
CA PRO C 251 22.88 -42.54 -27.83
C PRO C 251 23.23 -41.35 -26.94
N VAL C 252 22.45 -40.26 -27.09
CA VAL C 252 22.59 -39.07 -26.26
C VAL C 252 21.42 -39.01 -25.30
N ILE C 253 21.69 -38.91 -24.01
CA ILE C 253 20.66 -38.68 -23.01
C ILE C 253 20.56 -37.19 -22.74
N ALA C 254 19.35 -36.64 -22.87
CA ALA C 254 19.12 -35.22 -22.63
C ALA C 254 18.76 -35.04 -21.16
N ASP C 255 19.61 -34.34 -20.41
CA ASP C 255 19.48 -34.30 -18.96
C ASP C 255 19.16 -32.89 -18.47
N GLY C 256 18.02 -32.74 -17.83
CA GLY C 256 17.69 -31.53 -17.10
C GLY C 256 17.02 -30.49 -17.97
N GLY C 257 16.26 -29.63 -17.30
CA GLY C 257 15.55 -28.54 -17.94
C GLY C 257 14.25 -28.92 -18.59
N ILE C 258 13.74 -30.13 -18.36
CA ILE C 258 12.43 -30.50 -18.86
C ILE C 258 11.39 -29.93 -17.92
N LYS C 259 10.56 -29.02 -18.43
CA LYS C 259 9.50 -28.41 -17.65
C LYS C 259 8.14 -29.03 -17.94
N TYR C 260 7.83 -29.22 -19.22
CA TYR C 260 6.57 -29.80 -19.66
C TYR C 260 6.87 -30.95 -20.62
N SER C 261 5.78 -31.66 -20.98
CA SER C 261 5.91 -32.79 -21.88
C SER C 261 6.42 -32.37 -23.25
N GLY C 262 6.05 -31.17 -23.70
CA GLY C 262 6.48 -30.73 -25.01
C GLY C 262 7.99 -30.61 -25.11
N ASP C 263 8.66 -30.42 -23.97
CA ASP C 263 10.12 -30.41 -24.01
C ASP C 263 10.68 -31.82 -24.15
N ILE C 264 10.00 -32.84 -23.58
CA ILE C 264 10.35 -34.22 -23.89
C ILE C 264 10.42 -34.41 -25.41
N ALA C 265 9.40 -33.90 -26.10
CA ALA C 265 9.31 -34.14 -27.53
C ALA C 265 10.33 -33.32 -28.29
N LYS C 266 10.55 -32.09 -27.87
CA LYS C 266 11.58 -31.30 -28.53
C LYS C 266 12.95 -31.93 -28.31
N ALA C 267 13.18 -32.50 -27.13
CA ALA C 267 14.48 -33.10 -26.83
C ALA C 267 14.77 -34.25 -27.76
N LEU C 268 13.77 -35.11 -28.01
CA LEU C 268 13.98 -36.29 -28.83
C LEU C 268 13.95 -35.95 -30.31
N ALA C 269 13.07 -35.05 -30.72
CA ALA C 269 13.03 -34.64 -32.13
C ALA C 269 14.38 -34.12 -32.60
N VAL C 270 15.15 -33.50 -31.70
CA VAL C 270 16.43 -32.94 -32.09
C VAL C 270 17.50 -34.01 -32.22
N GLY C 271 17.37 -35.12 -31.49
CA GLY C 271 18.34 -36.20 -31.62
C GLY C 271 18.50 -37.08 -30.40
N ALA C 272 18.00 -36.67 -29.24
CA ALA C 272 18.26 -37.40 -28.01
C ALA C 272 17.58 -38.75 -28.05
N SER C 273 18.29 -39.79 -27.64
CA SER C 273 17.63 -41.08 -27.60
C SER C 273 16.76 -41.24 -26.36
N SER C 274 17.07 -40.53 -25.28
CA SER C 274 16.18 -40.52 -24.13
C SER C 274 16.35 -39.19 -23.41
N VAL C 275 15.54 -38.98 -22.37
CA VAL C 275 15.65 -37.79 -21.52
C VAL C 275 15.57 -38.21 -20.06
N MET C 276 16.35 -37.51 -19.23
CA MET C 276 16.37 -37.68 -17.79
C MET C 276 15.60 -36.54 -17.12
N ILE C 277 14.84 -36.87 -16.07
CA ILE C 277 13.96 -35.89 -15.47
C ILE C 277 14.10 -35.90 -13.95
N GLY C 278 14.20 -34.72 -13.34
CA GLY C 278 14.25 -34.56 -11.90
C GLY C 278 13.02 -33.94 -11.26
N SER C 279 12.74 -32.66 -11.52
CA SER C 279 11.69 -31.95 -10.80
C SER C 279 10.31 -32.56 -11.03
N LEU C 280 10.00 -32.99 -12.26
CA LEU C 280 8.65 -33.47 -12.52
C LEU C 280 8.35 -34.78 -11.80
N LEU C 281 9.35 -35.44 -11.21
CA LEU C 281 9.12 -36.67 -10.48
C LEU C 281 9.41 -36.57 -8.99
N ALA C 282 9.98 -35.47 -8.53
CA ALA C 282 10.35 -35.41 -7.12
C ALA C 282 9.12 -35.30 -6.23
N GLY C 283 7.99 -34.91 -6.79
CA GLY C 283 6.83 -34.68 -5.96
C GLY C 283 5.88 -35.86 -5.96
N THR C 284 6.41 -37.05 -6.23
CA THR C 284 5.57 -38.24 -6.28
C THR C 284 5.71 -39.07 -5.01
N ASP C 285 4.87 -40.10 -4.93
CA ASP C 285 4.87 -40.99 -3.78
C ASP C 285 6.16 -41.80 -3.70
N GLU C 286 6.68 -42.25 -4.86
CA GLU C 286 7.83 -43.14 -4.90
C GLU C 286 9.14 -42.40 -4.77
N SER C 287 9.09 -41.08 -4.91
CA SER C 287 10.28 -40.29 -4.74
C SER C 287 10.66 -40.51 -3.29
N PRO C 288 12.01 -40.69 -3.03
CA PRO C 288 12.32 -40.92 -1.61
C PRO C 288 12.00 -39.69 -0.79
N GLY C 289 11.61 -39.91 0.46
CA GLY C 289 11.28 -38.79 1.31
C GLY C 289 9.84 -38.78 1.74
N GLU C 290 9.52 -37.88 2.66
CA GLU C 290 8.17 -37.79 3.18
C GLU C 290 7.62 -36.42 2.86
N LEU C 291 6.30 -36.33 2.81
CA LEU C 291 5.64 -35.07 2.47
C LEU C 291 5.60 -34.15 3.68
N PHE C 292 5.42 -32.86 3.39
CA PHE C 292 5.20 -31.90 4.45
C PHE C 292 4.27 -30.82 3.92
N THR C 293 3.57 -30.16 4.84
CA THR C 293 2.58 -29.16 4.47
C THR C 293 3.12 -27.78 4.81
N TYR C 294 2.99 -26.85 3.86
CA TYR C 294 3.31 -25.45 4.06
C TYR C 294 2.16 -24.62 3.53
N GLN C 295 1.50 -23.89 4.42
CA GLN C 295 0.37 -23.02 4.07
C GLN C 295 -0.75 -23.83 3.40
N GLY C 296 -1.15 -24.91 4.06
CA GLY C 296 -2.29 -25.68 3.63
C GLY C 296 -2.15 -26.41 2.31
N ARG C 297 -0.92 -26.60 1.83
CA ARG C 297 -0.66 -27.39 0.64
C ARG C 297 0.49 -28.35 0.93
N GLN C 298 0.48 -29.50 0.26
CA GLN C 298 1.46 -30.54 0.50
C GLN C 298 2.61 -30.45 -0.51
N TYR C 299 3.81 -30.81 -0.06
CA TYR C 299 5.03 -30.58 -0.81
C TYR C 299 6.02 -31.69 -0.53
N LYS C 300 6.93 -31.89 -1.46
CA LYS C 300 8.08 -32.76 -1.26
C LYS C 300 9.35 -31.92 -1.35
N SER C 301 10.35 -32.29 -0.56
CA SER C 301 11.65 -31.65 -0.63
C SER C 301 12.37 -32.08 -1.91
N TYR C 302 12.99 -31.11 -2.59
CA TYR C 302 13.69 -31.37 -3.85
C TYR C 302 14.92 -30.47 -3.94
N ARG C 303 16.10 -31.06 -4.07
CA ARG C 303 17.34 -30.32 -3.92
C ARG C 303 18.38 -30.82 -4.90
N GLY C 304 19.19 -29.87 -5.38
CA GLY C 304 20.31 -30.24 -6.22
C GLY C 304 21.39 -30.96 -5.44
N MET C 305 22.10 -31.84 -6.14
CA MET C 305 23.15 -32.62 -5.49
C MET C 305 24.38 -31.78 -5.18
N GLY C 306 24.52 -30.62 -5.82
CA GLY C 306 25.56 -29.70 -5.46
C GLY C 306 25.11 -28.59 -4.52
N SER C 307 23.99 -28.78 -3.85
CA SER C 307 23.54 -27.83 -2.85
C SER C 307 24.22 -28.12 -1.52
N LEU C 308 24.17 -27.12 -0.63
CA LEU C 308 24.81 -27.26 0.68
C LEU C 308 24.26 -28.44 1.48
N GLY C 309 22.97 -28.76 1.33
CA GLY C 309 22.37 -29.82 2.14
C GLY C 309 22.64 -31.23 1.64
N ALA C 310 22.78 -31.40 0.34
CA ALA C 310 23.12 -32.70 -0.24
C ALA C 310 24.57 -33.08 0.01
N MET C 311 25.45 -32.10 0.22
CA MET C 311 26.84 -32.40 0.50
C MET C 311 27.08 -32.69 1.96
N GLN C 312 26.34 -32.05 2.86
CA GLN C 312 26.58 -32.21 4.29
C GLN C 312 25.74 -33.38 4.83
N LYS C 328 33.78 -24.76 3.96
CA LYS C 328 34.10 -23.71 3.01
C LYS C 328 33.67 -24.11 1.58
N LEU C 329 32.45 -24.65 1.46
CA LEU C 329 31.99 -25.24 0.21
C LEU C 329 31.30 -24.19 -0.66
N VAL C 330 31.43 -24.37 -1.98
CA VAL C 330 30.82 -23.45 -2.96
C VAL C 330 29.78 -24.22 -3.77
N PRO C 331 28.52 -24.17 -3.36
CA PRO C 331 27.46 -24.92 -4.05
C PRO C 331 27.21 -24.44 -5.47
N GLU C 332 26.58 -25.33 -6.25
CA GLU C 332 26.12 -25.05 -7.59
C GLU C 332 24.65 -25.45 -7.73
N GLY C 333 23.93 -25.43 -6.60
CA GLY C 333 22.51 -25.77 -6.58
C GLY C 333 21.87 -25.25 -5.31
N ILE C 334 20.55 -25.32 -5.28
CA ILE C 334 19.77 -24.79 -4.17
C ILE C 334 18.90 -25.89 -3.59
N GLU C 335 18.43 -25.64 -2.35
CA GLU C 335 17.53 -26.54 -1.65
C GLU C 335 16.12 -26.00 -1.79
N GLY C 336 15.19 -26.86 -2.17
CA GLY C 336 13.87 -26.37 -2.50
C GLY C 336 12.75 -27.36 -2.25
N ARG C 337 11.57 -27.04 -2.74
CA ARG C 337 10.41 -27.91 -2.59
C ARG C 337 9.54 -27.83 -3.84
N VAL C 338 8.96 -28.97 -4.20
CA VAL C 338 8.03 -29.07 -5.32
C VAL C 338 6.66 -29.49 -4.80
N PRO C 339 5.57 -29.11 -5.47
CA PRO C 339 4.24 -29.58 -5.07
C PRO C 339 4.14 -31.09 -5.17
N TYR C 340 3.27 -31.67 -4.33
CA TYR C 340 3.03 -33.10 -4.34
C TYR C 340 2.01 -33.45 -5.42
N VAL C 341 2.39 -34.33 -6.35
CA VAL C 341 1.57 -34.61 -7.53
C VAL C 341 1.13 -36.07 -7.60
N GLY C 342 1.18 -36.81 -6.49
CA GLY C 342 0.66 -38.17 -6.48
C GLY C 342 1.61 -39.25 -6.97
N SER C 343 1.10 -40.20 -7.75
CA SER C 343 1.92 -41.35 -8.16
C SER C 343 2.81 -41.00 -9.34
N ILE C 344 3.91 -41.74 -9.47
CA ILE C 344 4.77 -41.64 -10.64
C ILE C 344 3.99 -42.03 -11.89
N ARG C 345 3.17 -43.09 -11.79
CA ARG C 345 2.41 -43.60 -12.92
C ARG C 345 1.53 -42.53 -13.55
N SER C 346 0.88 -41.70 -12.73
CA SER C 346 0.03 -40.66 -13.32
C SER C 346 0.87 -39.61 -14.04
N VAL C 347 2.00 -39.22 -13.46
CA VAL C 347 2.86 -38.21 -14.09
C VAL C 347 3.42 -38.73 -15.41
N VAL C 348 3.95 -39.95 -15.39
CA VAL C 348 4.56 -40.53 -16.58
C VAL C 348 3.52 -40.72 -17.69
N HIS C 349 2.28 -41.07 -17.32
CA HIS C 349 1.26 -41.28 -18.34
C HIS C 349 1.02 -40.02 -19.13
N GLN C 350 0.90 -38.87 -18.44
CA GLN C 350 0.72 -37.60 -19.16
C GLN C 350 1.97 -37.26 -19.97
N LEU C 351 3.15 -37.48 -19.40
CA LEU C 351 4.37 -37.13 -20.12
C LEU C 351 4.45 -37.88 -21.45
N LEU C 352 4.42 -39.21 -21.39
CA LEU C 352 4.33 -40.03 -22.61
C LEU C 352 3.12 -39.66 -23.47
N GLY C 353 2.02 -39.21 -22.88
CA GLY C 353 0.87 -38.83 -23.68
C GLY C 353 1.09 -37.59 -24.51
N GLY C 354 2.00 -36.71 -24.07
CA GLY C 354 2.32 -35.56 -24.88
C GLY C 354 3.34 -35.90 -25.94
N LEU C 355 4.22 -36.85 -25.64
CA LEU C 355 5.17 -37.33 -26.63
C LEU C 355 4.44 -37.98 -27.79
N ARG C 356 3.48 -38.87 -27.47
CA ARG C 356 2.74 -39.56 -28.51
C ARG C 356 1.99 -38.57 -29.38
N SER C 357 1.29 -37.62 -28.75
CA SER C 357 0.54 -36.63 -29.51
C SER C 357 1.44 -35.82 -30.43
N SER C 358 2.63 -35.49 -29.95
CA SER C 358 3.58 -34.73 -30.74
C SER C 358 4.00 -35.52 -31.96
N MET C 359 4.20 -36.82 -31.78
CA MET C 359 4.59 -37.69 -32.86
C MET C 359 3.46 -37.69 -33.87
N GLY C 360 2.24 -37.63 -33.37
CA GLY C 360 1.07 -37.59 -34.22
C GLY C 360 1.06 -36.35 -35.09
N TYR C 361 1.45 -35.21 -34.54
CA TYR C 361 1.47 -33.98 -35.31
C TYR C 361 2.52 -34.03 -36.41
N VAL C 362 3.73 -34.49 -36.06
CA VAL C 362 4.82 -34.66 -37.01
C VAL C 362 4.55 -35.83 -37.95
N GLY C 363 3.85 -36.86 -37.47
CA GLY C 363 3.48 -37.98 -38.32
C GLY C 363 4.52 -39.08 -38.35
N ALA C 364 4.93 -39.54 -37.18
CA ALA C 364 6.07 -40.45 -37.05
C ALA C 364 5.65 -41.72 -36.33
N LYS C 365 6.04 -42.88 -36.91
CA LYS C 365 5.68 -44.18 -36.36
C LYS C 365 6.51 -44.53 -35.15
N ASP C 366 7.77 -44.05 -35.09
CA ASP C 366 8.71 -44.31 -34.01
C ASP C 366 9.68 -43.13 -33.87
N ILE C 367 10.46 -43.16 -32.78
CA ILE C 367 11.36 -42.06 -32.45
C ILE C 367 12.33 -41.79 -33.60
N GLU C 368 12.78 -42.86 -34.28
CA GLU C 368 13.71 -42.67 -35.38
C GLU C 368 13.09 -41.84 -36.49
N ASP C 369 11.85 -42.19 -36.88
CA ASP C 369 11.11 -41.41 -37.88
C ASP C 369 10.87 -39.99 -37.39
N PHE C 370 10.54 -39.85 -36.10
CA PHE C 370 10.34 -38.55 -35.49
C PHE C 370 11.54 -37.66 -35.74
N GLN C 371 12.74 -38.19 -35.51
CA GLN C 371 13.94 -37.38 -35.71
C GLN C 371 14.20 -37.08 -37.19
N LYS C 372 13.86 -38.00 -38.10
CA LYS C 372 14.09 -37.75 -39.51
C LYS C 372 13.13 -36.69 -40.06
N ARG C 373 11.87 -36.69 -39.60
CA ARG C 373 10.88 -35.76 -40.13
C ARG C 373 10.88 -34.40 -39.44
N ALA C 374 11.37 -34.30 -38.20
CA ALA C 374 11.18 -33.09 -37.40
C ALA C 374 11.74 -31.85 -38.09
N GLU C 375 10.91 -30.82 -38.15
CA GLU C 375 11.32 -29.49 -38.58
C GLU C 375 10.87 -28.51 -37.51
N PHE C 376 11.65 -27.46 -37.27
CA PHE C 376 11.38 -26.52 -36.21
C PHE C 376 11.12 -25.12 -36.76
N VAL C 377 10.43 -24.32 -35.96
CA VAL C 377 10.49 -22.88 -36.06
C VAL C 377 11.13 -22.34 -34.80
N GLU C 378 11.79 -21.18 -34.93
CA GLU C 378 12.26 -20.43 -33.78
C GLU C 378 11.24 -19.34 -33.48
N ILE C 379 10.96 -19.11 -32.20
CA ILE C 379 9.94 -18.14 -31.81
C ILE C 379 10.59 -17.01 -31.01
N THR C 380 9.82 -15.95 -30.80
CA THR C 380 10.21 -14.81 -29.99
C THR C 380 9.61 -14.94 -28.60
N THR C 381 10.13 -14.15 -27.67
CA THR C 381 9.56 -14.17 -26.32
C THR C 381 8.05 -13.90 -26.37
N ALA C 382 7.62 -13.03 -27.28
CA ALA C 382 6.20 -12.77 -27.49
C ALA C 382 5.48 -14.03 -27.97
N GLY C 383 6.10 -14.79 -28.89
CA GLY C 383 5.49 -16.01 -29.38
C GLY C 383 5.35 -17.09 -28.33
N LEU C 384 6.15 -16.99 -27.25
CA LEU C 384 6.08 -17.94 -26.14
C LEU C 384 4.91 -17.62 -25.21
N LYS C 385 4.61 -16.33 -25.02
CA LYS C 385 3.43 -15.92 -24.28
C LYS C 385 2.15 -16.46 -24.92
N GLU C 386 2.08 -16.42 -26.27
CA GLU C 386 0.91 -16.93 -26.99
C GLU C 386 0.82 -18.45 -26.92
N SER C 387 1.97 -19.14 -26.88
CA SER C 387 2.00 -20.61 -26.83
C SER C 387 1.61 -21.17 -25.46
N HIS C 388 1.77 -20.38 -24.39
CA HIS C 388 1.21 -20.72 -23.09
C HIS C 388 -0.24 -20.26 -23.03
N VAL C 389 -0.92 -20.57 -21.93
CA VAL C 389 -2.23 -20.00 -21.70
C VAL C 389 -2.08 -18.51 -21.39
N HIS C 390 -2.97 -17.71 -21.96
CA HIS C 390 -2.97 -16.25 -21.83
C HIS C 390 -4.40 -15.74 -21.75
N ASP C 391 -4.57 -14.60 -21.08
CA ASP C 391 -5.82 -13.83 -20.99
C ASP C 391 -6.95 -14.54 -20.28
N VAL C 392 -6.73 -15.71 -19.68
CA VAL C 392 -7.81 -16.53 -19.15
C VAL C 392 -7.37 -17.10 -17.80
N THR C 393 -8.06 -16.72 -16.73
CA THR C 393 -7.84 -17.39 -15.46
C THR C 393 -8.15 -18.87 -15.63
N ILE C 394 -7.34 -19.73 -15.01
CA ILE C 394 -7.59 -21.16 -15.13
C ILE C 394 -8.29 -21.55 -13.85
N THR C 395 -9.52 -22.04 -13.98
CA THR C 395 -10.30 -22.41 -12.80
C THR C 395 -9.92 -23.80 -12.28
N HIS C 396 -9.91 -24.79 -13.16
CA HIS C 396 -9.54 -26.17 -12.80
C HIS C 396 -8.15 -26.48 -13.34
N GLU C 397 -7.23 -26.84 -12.44
CA GLU C 397 -5.86 -27.15 -12.85
C GLU C 397 -5.81 -28.42 -13.69
N ALA C 398 -5.04 -28.38 -14.79
CA ALA C 398 -4.90 -29.51 -15.70
C ALA C 398 -3.90 -30.53 -15.16
N PRO C 399 -3.99 -31.79 -15.61
CA PRO C 399 -3.02 -32.80 -15.16
C PRO C 399 -1.65 -32.67 -15.81
N ASN C 400 -1.55 -32.12 -17.02
CA ASN C 400 -0.28 -31.93 -17.71
C ASN C 400 -0.02 -30.46 -18.01
N TYR C 401 -0.52 -29.57 -17.16
CA TYR C 401 -0.26 -28.13 -17.28
C TYR C 401 -0.26 -27.46 -15.90
N ALA D 24 22.85 -30.41 -38.13
CA ALA D 24 22.04 -29.68 -37.15
C ALA D 24 20.57 -29.95 -37.35
N MET D 25 19.81 -29.82 -36.26
CA MET D 25 18.35 -29.85 -36.32
C MET D 25 17.87 -28.90 -37.40
N LYS D 26 16.83 -29.30 -38.12
CA LYS D 26 16.34 -28.49 -39.23
C LYS D 26 15.47 -27.37 -38.66
N ILE D 27 15.96 -26.13 -38.71
CA ILE D 27 15.20 -24.94 -38.30
C ILE D 27 14.78 -24.20 -39.55
N VAL D 28 13.45 -24.11 -39.77
CA VAL D 28 12.92 -23.69 -41.06
C VAL D 28 12.88 -22.17 -41.19
N LYS D 29 12.47 -21.47 -40.13
CA LYS D 29 12.41 -20.02 -40.14
C LYS D 29 12.26 -19.54 -38.71
N ARG D 30 12.24 -18.22 -38.54
CA ARG D 30 11.89 -17.56 -37.30
C ARG D 30 10.48 -17.03 -37.48
N ALA D 31 9.59 -17.35 -36.55
CA ALA D 31 8.16 -17.17 -36.79
C ALA D 31 7.61 -16.10 -35.86
N LEU D 32 6.91 -15.13 -36.44
CA LEU D 32 6.36 -14.02 -35.70
C LEU D 32 4.89 -14.11 -35.36
N THR D 33 4.56 -13.73 -34.14
CA THR D 33 3.19 -13.69 -33.66
C THR D 33 2.68 -12.26 -33.83
N PHE D 34 1.46 -11.98 -33.40
CA PHE D 34 0.89 -10.64 -33.56
C PHE D 34 1.64 -9.48 -32.89
N GLU D 35 2.09 -9.69 -31.67
CA GLU D 35 2.77 -8.66 -30.90
C GLU D 35 4.11 -8.32 -31.50
N ASP D 36 4.51 -9.05 -32.52
CA ASP D 36 5.82 -8.89 -33.13
C ASP D 36 5.81 -7.89 -34.28
N VAL D 37 4.63 -7.44 -34.72
CA VAL D 37 4.55 -6.63 -35.92
C VAL D 37 3.60 -5.47 -35.68
N LEU D 38 3.77 -4.43 -36.49
CA LEU D 38 2.83 -3.32 -36.56
C LEU D 38 2.68 -2.90 -38.01
N LEU D 39 1.50 -2.34 -38.30
CA LEU D 39 1.21 -1.78 -39.62
C LEU D 39 1.70 -0.33 -39.70
N ARG D 40 2.36 0.00 -40.83
CA ARG D 40 2.76 1.37 -41.11
C ARG D 40 1.57 2.14 -41.67
N PRO D 41 1.27 3.32 -41.14
CA PRO D 41 0.28 4.16 -41.80
C PRO D 41 0.74 4.55 -43.20
N GLY D 42 -0.23 4.76 -44.10
CA GLY D 42 0.03 5.31 -45.41
C GLY D 42 -0.90 6.48 -45.70
N TYR D 43 -0.67 7.12 -46.85
CA TYR D 43 -1.54 8.20 -47.29
C TYR D 43 -2.98 7.71 -47.37
N SER D 44 -3.90 8.48 -46.81
CA SER D 44 -5.29 8.05 -46.65
C SER D 44 -6.22 9.11 -47.19
N GLU D 45 -7.14 8.69 -48.06
CA GLU D 45 -8.24 9.51 -48.54
C GLU D 45 -9.58 9.02 -48.03
N VAL D 46 -9.60 8.04 -47.13
CA VAL D 46 -10.82 7.42 -46.66
C VAL D 46 -11.03 7.77 -45.20
N LEU D 47 -12.26 7.75 -44.77
CA LEU D 47 -12.54 7.85 -43.37
C LEU D 47 -12.92 6.48 -42.84
N PRO D 48 -12.60 6.17 -41.59
CA PRO D 48 -12.99 4.87 -41.03
C PRO D 48 -14.46 4.50 -41.25
N LYS D 49 -15.38 5.47 -41.30
CA LYS D 49 -16.79 5.12 -41.43
C LYS D 49 -17.19 4.80 -42.86
N GLU D 50 -16.37 5.16 -43.86
CA GLU D 50 -16.67 4.93 -45.27
C GLU D 50 -16.06 3.65 -45.84
N VAL D 51 -15.06 3.06 -45.17
CA VAL D 51 -14.45 1.85 -45.71
C VAL D 51 -15.44 0.70 -45.62
N LYS D 52 -15.36 -0.21 -46.58
CA LYS D 52 -16.24 -1.36 -46.64
C LYS D 52 -15.50 -2.56 -46.10
N ILE D 53 -16.15 -3.31 -45.22
CA ILE D 53 -15.50 -4.46 -44.59
C ILE D 53 -15.99 -5.82 -45.06
N HIS D 54 -16.69 -5.87 -46.18
CA HIS D 54 -17.21 -7.15 -46.66
C HIS D 54 -16.06 -8.05 -47.09
N THR D 55 -16.27 -9.37 -47.00
CA THR D 55 -15.20 -10.33 -47.25
C THR D 55 -15.80 -11.67 -47.69
N LYS D 56 -14.95 -12.54 -48.24
CA LYS D 56 -15.39 -13.88 -48.62
C LYS D 56 -15.05 -14.83 -47.47
N LEU D 57 -15.96 -15.76 -47.19
CA LEU D 57 -15.72 -16.80 -46.20
C LEU D 57 -15.20 -18.06 -46.87
N THR D 58 -15.93 -18.59 -47.84
CA THR D 58 -15.44 -19.65 -48.72
C THR D 58 -15.43 -19.13 -50.15
N LYS D 59 -14.99 -20.00 -51.07
CA LYS D 59 -15.03 -19.65 -52.49
C LYS D 59 -16.39 -19.15 -52.93
N ASN D 60 -17.46 -19.49 -52.20
CA ASN D 60 -18.82 -19.18 -52.64
C ASN D 60 -19.70 -18.45 -51.64
N ILE D 61 -19.37 -18.44 -50.35
CA ILE D 61 -20.18 -17.77 -49.33
C ILE D 61 -19.51 -16.46 -48.93
N THR D 62 -20.30 -15.39 -48.86
CA THR D 62 -19.83 -14.05 -48.54
C THR D 62 -20.13 -13.69 -47.08
N LEU D 63 -19.37 -12.77 -46.52
CA LEU D 63 -19.73 -12.14 -45.26
C LEU D 63 -19.78 -10.63 -45.41
N ASN D 64 -20.60 -9.98 -44.59
CA ASN D 64 -20.62 -8.52 -44.58
C ASN D 64 -19.67 -7.93 -43.54
N MET D 65 -19.15 -8.74 -42.64
CA MET D 65 -18.12 -8.39 -41.68
C MET D 65 -17.23 -9.62 -41.57
N PRO D 66 -15.96 -9.48 -41.14
CA PRO D 66 -15.04 -10.62 -41.22
C PRO D 66 -14.87 -11.50 -39.97
N LEU D 67 -15.84 -11.51 -39.05
CA LEU D 67 -15.69 -12.20 -37.77
C LEU D 67 -16.58 -13.42 -37.71
N ILE D 68 -16.00 -14.56 -37.34
CA ILE D 68 -16.74 -15.78 -37.06
C ILE D 68 -16.54 -16.15 -35.60
N SER D 69 -17.62 -16.54 -34.93
CA SER D 69 -17.55 -16.97 -33.54
C SER D 69 -17.16 -18.44 -33.47
N ALA D 70 -16.36 -18.80 -32.46
CA ALA D 70 -15.66 -20.09 -32.49
C ALA D 70 -16.57 -21.26 -32.16
N ALA D 71 -16.22 -22.43 -32.71
CA ALA D 71 -17.04 -23.64 -32.59
C ALA D 71 -16.78 -24.30 -31.23
N MET D 72 -17.19 -23.61 -30.19
CA MET D 72 -16.89 -24.02 -28.84
C MET D 72 -18.15 -24.07 -27.99
N ASP D 73 -18.26 -25.13 -27.16
CA ASP D 73 -19.41 -25.34 -26.30
C ASP D 73 -19.55 -24.30 -25.19
N THR D 74 -18.71 -23.26 -25.15
CA THR D 74 -18.90 -22.10 -24.29
C THR D 74 -18.87 -20.80 -25.09
N VAL D 75 -18.94 -20.89 -26.41
CA VAL D 75 -18.93 -19.71 -27.24
C VAL D 75 -20.11 -19.61 -28.19
N THR D 76 -20.30 -20.63 -29.02
CA THR D 76 -21.36 -20.61 -30.00
C THR D 76 -22.41 -21.72 -29.95
N GLU D 77 -23.66 -21.29 -29.96
CA GLU D 77 -24.82 -22.14 -29.95
C GLU D 77 -25.83 -21.30 -30.72
N HIS D 78 -27.07 -21.73 -30.82
CA HIS D 78 -28.01 -20.98 -31.65
C HIS D 78 -28.17 -19.52 -31.25
N ARG D 79 -28.28 -19.22 -29.98
CA ARG D 79 -28.40 -17.79 -29.64
C ARG D 79 -27.21 -17.00 -30.16
N ALA D 80 -25.99 -17.49 -29.92
CA ALA D 80 -24.81 -16.76 -30.36
C ALA D 80 -24.71 -16.71 -31.88
N ALA D 81 -25.02 -17.81 -32.55
CA ALA D 81 -24.97 -17.87 -34.01
C ALA D 81 -25.90 -16.85 -34.64
N ILE D 82 -27.11 -16.69 -34.08
CA ILE D 82 -28.07 -15.75 -34.68
C ILE D 82 -27.49 -14.34 -34.67
N MET D 83 -27.01 -13.89 -33.51
CA MET D 83 -26.56 -12.50 -33.38
C MET D 83 -25.42 -12.19 -34.34
N MET D 84 -24.55 -13.17 -34.60
CA MET D 84 -23.39 -12.96 -35.48
C MET D 84 -23.80 -12.88 -36.93
N ALA D 85 -24.79 -13.69 -37.35
CA ALA D 85 -25.34 -13.54 -38.68
C ALA D 85 -26.06 -12.19 -38.83
N ARG D 86 -26.77 -11.75 -37.79
CA ARG D 86 -27.44 -10.46 -37.88
C ARG D 86 -26.46 -9.33 -38.11
N LEU D 87 -25.25 -9.43 -37.56
CA LEU D 87 -24.32 -8.32 -37.68
C LEU D 87 -23.41 -8.41 -38.90
N GLY D 88 -23.53 -9.48 -39.70
CA GLY D 88 -22.82 -9.63 -40.96
C GLY D 88 -21.86 -10.79 -40.99
N GLY D 89 -21.74 -11.51 -39.89
CA GLY D 89 -20.74 -12.55 -39.77
C GLY D 89 -21.41 -13.90 -39.77
N LEU D 90 -20.91 -14.80 -38.93
CA LEU D 90 -21.34 -16.18 -38.94
C LEU D 90 -21.00 -16.82 -37.60
N GLY D 91 -21.83 -17.76 -37.18
CA GLY D 91 -21.50 -18.57 -36.02
C GLY D 91 -21.22 -19.99 -36.48
N VAL D 92 -20.51 -20.79 -35.69
CA VAL D 92 -20.36 -22.21 -35.99
C VAL D 92 -20.76 -23.00 -34.77
N ILE D 93 -21.84 -23.77 -34.89
CA ILE D 93 -22.34 -24.56 -33.78
C ILE D 93 -21.36 -25.70 -33.51
N HIS D 94 -20.96 -25.83 -32.24
CA HIS D 94 -20.02 -26.87 -31.83
C HIS D 94 -20.59 -28.28 -32.03
N LYS D 95 -19.69 -29.26 -31.98
CA LYS D 95 -20.02 -30.66 -32.21
C LYS D 95 -20.06 -31.47 -30.91
N ASN D 96 -19.87 -30.82 -29.76
CA ASN D 96 -19.94 -31.52 -28.46
C ASN D 96 -21.40 -31.63 -28.02
N MET D 97 -22.17 -32.32 -28.85
CA MET D 97 -23.58 -32.63 -28.61
C MET D 97 -24.00 -33.67 -29.63
N ASP D 98 -25.05 -34.42 -29.31
CA ASP D 98 -25.50 -35.44 -30.24
C ASP D 98 -26.15 -34.81 -31.47
N ILE D 99 -26.24 -35.61 -32.54
CA ILE D 99 -26.64 -35.10 -33.84
C ILE D 99 -28.01 -34.41 -33.78
N ALA D 100 -28.98 -35.02 -33.11
CA ALA D 100 -30.29 -34.36 -33.00
C ALA D 100 -30.18 -33.02 -32.28
N SER D 101 -29.27 -32.91 -31.31
CA SER D 101 -29.08 -31.65 -30.60
C SER D 101 -28.53 -30.58 -31.53
N GLN D 102 -27.54 -30.94 -32.35
CA GLN D 102 -26.92 -29.99 -33.27
C GLN D 102 -27.88 -29.60 -34.38
N VAL D 103 -28.72 -30.52 -34.84
CA VAL D 103 -29.67 -30.20 -35.90
C VAL D 103 -30.73 -29.23 -35.39
N ARG D 104 -31.20 -29.43 -34.16
CA ARG D 104 -32.23 -28.55 -33.62
C ARG D 104 -31.70 -27.13 -33.40
N GLU D 105 -30.40 -27.00 -33.08
CA GLU D 105 -29.82 -25.67 -32.94
C GLU D 105 -29.52 -25.02 -34.29
N VAL D 106 -29.10 -25.81 -35.30
CA VAL D 106 -28.97 -25.26 -36.64
C VAL D 106 -30.31 -24.71 -37.12
N LYS D 107 -31.40 -25.42 -36.85
CA LYS D 107 -32.71 -25.00 -37.30
C LYS D 107 -33.16 -23.72 -36.59
N ARG D 108 -32.86 -23.57 -35.30
CA ARG D 108 -33.28 -22.36 -34.58
C ARG D 108 -32.78 -21.10 -35.28
N VAL D 109 -31.56 -21.16 -35.83
CA VAL D 109 -31.04 -20.02 -36.58
C VAL D 109 -31.81 -19.84 -37.89
N LYS D 110 -31.97 -20.92 -38.65
CA LYS D 110 -32.66 -20.82 -39.94
C LYS D 110 -34.12 -20.36 -39.79
N LYS D 111 -34.77 -20.69 -38.67
CA LYS D 111 -36.16 -20.27 -38.45
C LYS D 111 -36.24 -18.79 -38.04
N SER D 112 -35.22 -18.29 -37.34
CA SER D 112 -35.23 -16.97 -36.71
C SER D 112 -35.85 -15.89 -37.60
N GLU D 113 -35.65 -16.01 -38.91
CA GLU D 113 -36.19 -15.10 -39.90
C GLU D 113 -36.51 -15.89 -41.15
N SER D 114 -37.66 -15.62 -41.76
CA SER D 114 -38.13 -16.40 -42.89
C SER D 114 -37.94 -15.68 -44.21
N GLY D 115 -38.49 -14.48 -44.35
CA GLY D 115 -38.32 -13.71 -45.57
C GLY D 115 -39.13 -12.43 -45.63
N LYS D 121 -39.03 -5.57 -40.11
CA LYS D 121 -38.84 -5.15 -38.73
C LYS D 121 -37.38 -5.39 -38.31
N LYS D 122 -36.96 -6.64 -38.27
CA LYS D 122 -35.58 -6.98 -37.99
C LYS D 122 -34.73 -7.00 -39.25
N ARG D 123 -35.25 -6.45 -40.34
CA ARG D 123 -34.45 -6.18 -41.54
C ARG D 123 -33.99 -4.73 -41.62
N LYS D 124 -34.69 -3.81 -40.94
CA LYS D 124 -34.19 -2.46 -40.77
C LYS D 124 -33.39 -2.30 -39.49
N GLU D 125 -33.50 -3.24 -38.55
CA GLU D 125 -32.72 -3.19 -37.31
C GLU D 125 -31.34 -3.83 -37.48
N TYR D 126 -31.23 -4.88 -38.28
CA TYR D 126 -29.96 -5.51 -38.62
C TYR D 126 -29.84 -5.44 -40.14
N PRO D 127 -29.56 -4.25 -40.69
CA PRO D 127 -29.53 -4.09 -42.15
C PRO D 127 -28.38 -4.82 -42.82
N ASP D 128 -27.39 -5.30 -42.05
CA ASP D 128 -26.21 -5.94 -42.61
C ASP D 128 -26.24 -7.46 -42.41
N ALA D 129 -27.41 -8.02 -42.13
CA ALA D 129 -27.52 -9.44 -41.85
C ALA D 129 -27.01 -10.29 -43.02
N ASN D 130 -26.40 -11.41 -42.66
CA ASN D 130 -25.81 -12.34 -43.61
C ASN D 130 -26.84 -13.43 -43.89
N LYS D 131 -27.51 -13.34 -45.03
CA LYS D 131 -28.62 -14.24 -45.35
C LYS D 131 -28.30 -15.05 -46.60
N ASP D 132 -29.02 -16.16 -46.75
CA ASP D 132 -28.92 -16.98 -47.96
C ASP D 132 -29.91 -16.44 -48.99
N ASN D 133 -30.06 -17.13 -50.12
CA ASN D 133 -31.02 -16.71 -51.13
C ASN D 133 -32.46 -16.80 -50.63
N PHE D 134 -32.69 -17.53 -49.55
CA PHE D 134 -34.01 -17.64 -48.97
C PHE D 134 -34.31 -16.57 -47.93
N GLY D 135 -33.32 -15.75 -47.55
CA GLY D 135 -33.53 -14.71 -46.56
C GLY D 135 -33.31 -15.13 -45.12
N ARG D 136 -32.91 -16.36 -44.88
CA ARG D 136 -32.66 -16.83 -43.52
C ARG D 136 -31.19 -16.61 -43.16
N LEU D 137 -30.95 -16.43 -41.87
CA LEU D 137 -29.59 -16.18 -41.42
C LEU D 137 -28.69 -17.37 -41.76
N ARG D 138 -27.42 -17.10 -41.99
CA ARG D 138 -26.52 -18.17 -42.36
C ARG D 138 -25.92 -18.79 -41.11
N VAL D 139 -25.55 -20.05 -41.21
CA VAL D 139 -25.14 -20.80 -40.03
C VAL D 139 -24.10 -21.84 -40.41
N GLY D 140 -23.12 -22.01 -39.55
CA GLY D 140 -22.16 -23.07 -39.76
C GLY D 140 -22.31 -24.13 -38.68
N ALA D 141 -21.82 -25.32 -38.96
CA ALA D 141 -21.86 -26.40 -37.98
C ALA D 141 -20.55 -27.17 -38.08
N ALA D 142 -20.07 -27.63 -36.93
CA ALA D 142 -18.80 -28.34 -36.87
C ALA D 142 -19.05 -29.85 -36.88
N ILE D 143 -18.08 -30.56 -37.46
CA ILE D 143 -18.10 -32.02 -37.49
C ILE D 143 -16.69 -32.52 -37.22
N GLY D 144 -16.61 -33.72 -36.66
CA GLY D 144 -15.35 -34.42 -36.55
C GLY D 144 -15.11 -35.34 -37.74
N VAL D 145 -14.00 -36.04 -37.66
CA VAL D 145 -13.55 -36.88 -38.76
C VAL D 145 -14.43 -38.12 -38.84
N GLY D 146 -14.74 -38.54 -40.07
CA GLY D 146 -15.60 -39.69 -40.28
C GLY D 146 -16.97 -39.57 -39.64
N GLN D 147 -17.57 -38.39 -39.67
CA GLN D 147 -18.91 -38.26 -39.10
C GLN D 147 -19.91 -37.98 -40.21
N MET D 148 -19.95 -38.85 -41.23
CA MET D 148 -20.79 -38.59 -42.39
C MET D 148 -22.27 -38.58 -42.01
N ASP D 149 -22.64 -39.40 -41.03
CA ASP D 149 -24.03 -39.42 -40.58
C ASP D 149 -24.42 -38.09 -39.94
N ARG D 150 -23.49 -37.42 -39.28
CA ARG D 150 -23.74 -36.05 -38.82
C ARG D 150 -23.94 -35.11 -40.00
N VAL D 151 -23.03 -35.17 -40.99
CA VAL D 151 -23.11 -34.28 -42.16
C VAL D 151 -24.46 -34.40 -42.85
N ASP D 152 -24.93 -35.64 -43.04
CA ASP D 152 -26.22 -35.87 -43.69
C ASP D 152 -27.33 -35.10 -42.98
N ALA D 153 -27.42 -35.26 -41.66
CA ALA D 153 -28.45 -34.56 -40.88
C ALA D 153 -28.26 -33.05 -40.89
N LEU D 154 -27.03 -32.56 -41.02
CA LEU D 154 -26.84 -31.12 -41.07
C LEU D 154 -27.24 -30.54 -42.42
N VAL D 155 -26.95 -31.26 -43.51
CA VAL D 155 -27.26 -30.77 -44.85
C VAL D 155 -28.78 -30.68 -45.04
N GLU D 156 -29.53 -31.68 -44.57
CA GLU D 156 -30.98 -31.61 -44.67
C GLU D 156 -31.52 -30.43 -43.86
N ALA D 157 -30.89 -30.09 -42.75
CA ALA D 157 -31.36 -29.01 -41.87
C ALA D 157 -31.12 -27.61 -42.44
N GLY D 158 -30.44 -27.48 -43.58
CA GLY D 158 -30.27 -26.18 -44.20
C GLY D 158 -28.95 -25.48 -43.94
N VAL D 159 -27.96 -26.19 -43.36
CA VAL D 159 -26.69 -25.57 -43.04
C VAL D 159 -26.08 -24.97 -44.30
N ASP D 160 -25.37 -23.85 -44.13
CA ASP D 160 -24.76 -23.17 -45.26
C ASP D 160 -23.34 -23.65 -45.48
N VAL D 161 -22.61 -23.97 -44.41
CA VAL D 161 -21.22 -24.38 -44.48
C VAL D 161 -20.97 -25.35 -43.32
N VAL D 162 -20.27 -26.45 -43.62
CA VAL D 162 -19.82 -27.40 -42.60
C VAL D 162 -18.31 -27.24 -42.40
N VAL D 163 -17.90 -27.03 -41.14
CA VAL D 163 -16.48 -26.85 -40.87
C VAL D 163 -15.97 -28.15 -40.25
N LEU D 164 -15.03 -28.76 -40.94
CA LEU D 164 -14.41 -29.99 -40.49
C LEU D 164 -13.15 -29.62 -39.73
N ASP D 165 -13.23 -29.59 -38.41
CA ASP D 165 -12.12 -29.13 -37.59
C ASP D 165 -11.49 -30.30 -36.85
N SER D 166 -10.19 -30.17 -36.61
CA SER D 166 -9.39 -31.19 -35.98
C SER D 166 -8.22 -30.53 -35.31
N ALA D 167 -7.65 -31.21 -34.32
CA ALA D 167 -6.40 -30.73 -33.75
C ALA D 167 -5.30 -30.71 -34.81
N HIS D 168 -5.43 -31.56 -35.84
CA HIS D 168 -4.40 -31.73 -36.85
C HIS D 168 -5.12 -31.98 -38.18
N GLY D 169 -5.30 -30.92 -38.96
CA GLY D 169 -5.98 -31.04 -40.23
C GLY D 169 -5.13 -31.61 -41.33
N HIS D 170 -3.80 -31.61 -41.16
CA HIS D 170 -2.90 -32.12 -42.19
C HIS D 170 -2.67 -33.62 -41.99
N SER D 171 -3.75 -34.39 -42.16
CA SER D 171 -3.71 -35.81 -41.84
C SER D 171 -4.61 -36.58 -42.81
N LYS D 172 -4.34 -37.88 -42.92
CA LYS D 172 -5.08 -38.70 -43.87
C LYS D 172 -6.57 -38.66 -43.57
N GLY D 173 -6.92 -38.70 -42.28
CA GLY D 173 -8.33 -38.74 -41.89
C GLY D 173 -9.10 -37.52 -42.37
N ILE D 174 -8.54 -36.33 -42.16
CA ILE D 174 -9.22 -35.10 -42.58
C ILE D 174 -9.35 -35.07 -44.09
N ILE D 175 -8.30 -35.48 -44.79
CA ILE D 175 -8.28 -35.33 -46.24
C ILE D 175 -9.21 -36.34 -46.89
N ASP D 176 -9.31 -37.54 -46.31
CA ASP D 176 -10.26 -38.52 -46.86
C ASP D 176 -11.69 -38.11 -46.56
N THR D 177 -11.93 -37.55 -45.36
CA THR D 177 -13.26 -37.04 -45.04
C THR D 177 -13.64 -35.89 -45.96
N VAL D 178 -12.69 -34.99 -46.23
CA VAL D 178 -12.95 -33.94 -47.22
C VAL D 178 -13.34 -34.54 -48.55
N LYS D 179 -12.60 -35.56 -49.02
CA LYS D 179 -12.93 -36.18 -50.29
C LYS D 179 -14.35 -36.75 -50.26
N ALA D 180 -14.70 -37.43 -49.17
CA ALA D 180 -16.00 -38.10 -49.08
C ALA D 180 -17.14 -37.10 -49.05
N ILE D 181 -16.96 -35.97 -48.39
CA ILE D 181 -18.06 -35.02 -48.27
C ILE D 181 -18.27 -34.31 -49.60
N LYS D 182 -17.19 -33.82 -50.21
CA LYS D 182 -17.28 -33.18 -51.51
C LYS D 182 -17.72 -34.12 -52.62
N ALA D 183 -17.63 -35.43 -52.42
CA ALA D 183 -18.13 -36.36 -53.44
C ALA D 183 -19.62 -36.63 -53.25
N LYS D 184 -20.04 -36.83 -52.01
CA LYS D 184 -21.46 -37.04 -51.73
C LYS D 184 -22.24 -35.76 -51.94
N TYR D 185 -21.70 -34.63 -51.50
CA TYR D 185 -22.39 -33.34 -51.54
C TYR D 185 -21.53 -32.36 -52.31
N PRO D 186 -21.48 -32.47 -53.64
CA PRO D 186 -20.60 -31.61 -54.44
C PRO D 186 -20.75 -30.12 -54.18
N ASN D 187 -21.97 -29.61 -53.97
CA ASN D 187 -22.23 -28.18 -53.89
C ASN D 187 -22.32 -27.65 -52.46
N LEU D 188 -21.88 -28.43 -51.47
CA LEU D 188 -21.91 -27.99 -50.08
C LEU D 188 -20.53 -27.43 -49.73
N ASP D 189 -20.50 -26.15 -49.37
CA ASP D 189 -19.24 -25.52 -48.97
C ASP D 189 -18.69 -26.17 -47.70
N LEU D 190 -17.38 -26.44 -47.70
CA LEU D 190 -16.73 -27.09 -46.56
C LEU D 190 -15.41 -26.40 -46.19
N ILE D 191 -15.27 -26.10 -44.91
CA ILE D 191 -14.06 -25.55 -44.35
C ILE D 191 -13.37 -26.69 -43.61
N ALA D 192 -12.03 -26.67 -43.62
CA ALA D 192 -11.24 -27.73 -43.01
C ALA D 192 -10.04 -27.14 -42.27
N GLY D 193 -9.82 -27.62 -41.05
CA GLY D 193 -8.67 -27.22 -40.28
C GLY D 193 -8.40 -28.23 -39.19
N ASN D 194 -7.47 -27.91 -38.30
CA ASN D 194 -6.65 -26.73 -38.42
C ASN D 194 -5.27 -27.06 -38.99
N ILE D 195 -4.74 -26.13 -39.77
CA ILE D 195 -3.45 -26.30 -40.40
C ILE D 195 -2.58 -25.10 -40.06
N ALA D 196 -1.28 -25.21 -40.36
CA ALA D 196 -0.39 -24.08 -40.12
C ALA D 196 0.76 -23.95 -41.12
N THR D 197 0.79 -24.75 -42.21
CA THR D 197 1.92 -24.74 -43.13
C THR D 197 1.42 -24.68 -44.56
N ALA D 198 2.26 -24.18 -45.46
CA ALA D 198 1.90 -24.18 -46.88
C ALA D 198 1.61 -25.60 -47.37
N ALA D 199 2.47 -26.57 -47.00
CA ALA D 199 2.24 -27.95 -47.44
C ALA D 199 0.83 -28.41 -47.09
N ALA D 200 0.37 -28.08 -45.88
CA ALA D 200 -0.98 -28.47 -45.47
C ALA D 200 -2.02 -27.76 -46.31
N ALA D 201 -1.87 -26.45 -46.48
CA ALA D 201 -2.78 -25.69 -47.33
C ALA D 201 -2.86 -26.30 -48.73
N LYS D 202 -1.69 -26.58 -49.33
CA LYS D 202 -1.67 -27.25 -50.63
C LYS D 202 -2.47 -28.55 -50.61
N ALA D 203 -2.36 -29.33 -49.53
CA ALA D 203 -3.04 -30.62 -49.49
C ALA D 203 -4.55 -30.44 -49.40
N LEU D 204 -5.02 -29.56 -48.51
CA LEU D 204 -6.45 -29.38 -48.33
C LEU D 204 -7.11 -28.78 -49.58
N CYS D 205 -6.53 -27.72 -50.14
CA CYS D 205 -7.06 -27.15 -51.38
C CYS D 205 -7.16 -28.20 -52.48
N GLU D 206 -6.15 -29.06 -52.59
CA GLU D 206 -6.17 -30.11 -53.60
C GLU D 206 -7.24 -31.15 -53.33
N ALA D 207 -7.53 -31.43 -52.06
CA ALA D 207 -8.66 -32.28 -51.71
C ALA D 207 -10.00 -31.57 -51.93
N GLY D 208 -10.00 -30.34 -52.43
CA GLY D 208 -11.23 -29.69 -52.81
C GLY D 208 -11.99 -28.97 -51.72
N VAL D 209 -11.31 -28.43 -50.69
CA VAL D 209 -12.02 -27.64 -49.70
C VAL D 209 -12.28 -26.25 -50.27
N ASP D 210 -13.14 -25.50 -49.56
CA ASP D 210 -13.57 -24.18 -49.98
C ASP D 210 -13.04 -23.07 -49.08
N ALA D 211 -12.32 -23.42 -48.02
CA ALA D 211 -11.58 -22.50 -47.14
C ALA D 211 -10.71 -23.35 -46.21
N VAL D 212 -9.63 -22.75 -45.70
CA VAL D 212 -8.77 -23.42 -44.75
C VAL D 212 -8.72 -22.60 -43.46
N LYS D 213 -8.73 -23.29 -42.31
CA LYS D 213 -8.68 -22.64 -40.99
C LYS D 213 -7.27 -22.77 -40.44
N VAL D 214 -6.55 -21.65 -40.36
CA VAL D 214 -5.15 -21.61 -39.93
C VAL D 214 -5.09 -21.37 -38.44
N GLY D 215 -4.30 -22.19 -37.72
CA GLY D 215 -4.26 -22.11 -36.27
C GLY D 215 -3.92 -23.37 -35.50
N ILE D 216 -2.64 -23.58 -35.24
CA ILE D 216 -2.15 -24.65 -34.39
C ILE D 216 -1.42 -23.96 -33.26
N GLY D 217 -2.03 -23.93 -32.08
CA GLY D 217 -1.37 -23.35 -30.93
C GLY D 217 -1.78 -21.96 -30.44
N PRO D 218 -2.26 -21.03 -31.30
CA PRO D 218 -2.40 -19.65 -30.83
C PRO D 218 -3.57 -19.43 -29.88
N GLY D 219 -4.47 -20.38 -29.73
CA GLY D 219 -5.70 -20.12 -29.00
C GLY D 219 -5.48 -19.84 -27.52
N SER D 220 -6.23 -18.86 -27.00
CA SER D 220 -6.11 -18.46 -25.61
C SER D 220 -6.09 -19.64 -24.65
N ILE D 221 -6.98 -20.61 -24.87
CA ILE D 221 -7.12 -21.72 -23.94
C ILE D 221 -6.33 -22.96 -24.37
N CYS D 222 -5.56 -22.90 -25.46
CA CYS D 222 -4.82 -24.05 -25.96
C CYS D 222 -3.52 -24.29 -25.19
N THR D 223 -3.12 -25.55 -25.09
CA THR D 223 -1.83 -25.90 -24.50
C THR D 223 -1.00 -26.81 -25.40
N THR D 224 -1.31 -26.83 -26.69
CA THR D 224 -0.66 -27.75 -27.61
C THR D 224 0.83 -27.50 -27.74
N ARG D 225 1.24 -26.23 -27.75
CA ARG D 225 2.67 -25.94 -27.81
C ARG D 225 3.36 -26.39 -26.53
N ILE D 226 2.65 -26.38 -25.39
CA ILE D 226 3.25 -26.77 -24.12
C ILE D 226 3.26 -28.28 -23.93
N VAL D 227 2.18 -28.97 -24.29
CA VAL D 227 2.11 -30.42 -24.06
C VAL D 227 2.79 -31.22 -25.18
N SER D 228 2.77 -30.73 -26.41
CA SER D 228 3.29 -31.49 -27.54
C SER D 228 4.47 -30.84 -28.23
N GLY D 229 4.84 -29.61 -27.85
CA GLY D 229 5.97 -28.91 -28.45
C GLY D 229 5.72 -28.41 -29.85
N VAL D 230 4.47 -28.47 -30.31
CA VAL D 230 4.11 -28.27 -31.70
C VAL D 230 3.32 -26.98 -31.82
N GLY D 231 3.53 -26.27 -32.90
CA GLY D 231 2.74 -25.10 -33.20
C GLY D 231 3.56 -24.12 -34.00
N VAL D 232 2.86 -23.24 -34.72
CA VAL D 232 3.55 -22.17 -35.43
C VAL D 232 2.94 -20.84 -35.03
N PRO D 233 3.76 -19.84 -34.67
CA PRO D 233 3.21 -18.51 -34.33
C PRO D 233 2.30 -17.96 -35.42
N GLN D 234 1.26 -17.26 -34.98
CA GLN D 234 0.05 -17.17 -35.79
C GLN D 234 0.22 -16.24 -36.98
N ILE D 235 1.01 -15.18 -36.84
CA ILE D 235 1.21 -14.29 -38.00
C ILE D 235 1.95 -15.03 -39.11
N SER D 236 3.05 -15.74 -38.77
CA SER D 236 3.77 -16.49 -39.77
C SER D 236 2.91 -17.60 -40.35
N ALA D 237 2.12 -18.25 -39.51
CA ALA D 237 1.22 -19.28 -40.01
C ALA D 237 0.32 -18.70 -41.10
N ILE D 238 -0.48 -17.69 -40.76
CA ILE D 238 -1.36 -17.06 -41.73
C ILE D 238 -0.58 -16.69 -43.01
N ASP D 239 0.64 -16.18 -42.86
CA ASP D 239 1.34 -15.69 -44.04
C ASP D 239 1.74 -16.82 -44.96
N GLU D 240 2.05 -17.98 -44.38
CA GLU D 240 2.54 -19.12 -45.15
C GLU D 240 1.41 -19.83 -45.89
N CYS D 241 0.22 -19.92 -45.26
CA CYS D 241 -0.91 -20.56 -45.90
C CYS D 241 -1.57 -19.66 -46.95
N VAL D 242 -1.69 -18.36 -46.67
CA VAL D 242 -2.32 -17.44 -47.63
C VAL D 242 -1.59 -17.49 -48.97
N GLU D 243 -0.25 -17.43 -48.93
CA GLU D 243 0.52 -17.44 -50.17
C GLU D 243 0.21 -18.67 -51.01
N GLU D 244 -0.05 -19.80 -50.36
CA GLU D 244 -0.35 -21.04 -51.07
C GLU D 244 -1.84 -21.17 -51.42
N ALA D 245 -2.73 -20.97 -50.45
CA ALA D 245 -4.16 -21.18 -50.70
C ALA D 245 -4.69 -20.22 -51.75
N ASN D 246 -4.07 -19.02 -51.87
CA ASN D 246 -4.43 -18.09 -52.94
C ASN D 246 -4.21 -18.72 -54.32
N LYS D 247 -3.19 -19.54 -54.47
CA LYS D 247 -2.94 -20.20 -55.75
C LYS D 247 -4.16 -21.03 -56.17
N PHE D 248 -4.91 -21.56 -55.21
CA PHE D 248 -6.13 -22.30 -55.48
C PHE D 248 -7.39 -21.44 -55.40
N GLY D 249 -7.25 -20.14 -55.18
CA GLY D 249 -8.40 -19.27 -55.01
C GLY D 249 -9.22 -19.59 -53.76
N VAL D 250 -8.57 -20.00 -52.69
CA VAL D 250 -9.23 -20.49 -51.48
C VAL D 250 -8.93 -19.54 -50.32
N PRO D 251 -9.94 -19.07 -49.59
CA PRO D 251 -9.70 -18.15 -48.48
C PRO D 251 -9.17 -18.84 -47.22
N VAL D 252 -8.53 -18.02 -46.40
CA VAL D 252 -7.93 -18.46 -45.15
C VAL D 252 -8.70 -17.85 -43.98
N ILE D 253 -9.13 -18.68 -43.06
CA ILE D 253 -9.69 -18.22 -41.80
C ILE D 253 -8.59 -18.20 -40.75
N ALA D 254 -8.25 -17.00 -40.25
CA ALA D 254 -7.32 -16.90 -39.15
C ALA D 254 -8.05 -17.21 -37.85
N ASP D 255 -7.64 -18.27 -37.16
CA ASP D 255 -8.43 -18.84 -36.08
C ASP D 255 -7.58 -18.88 -34.81
N GLY D 256 -7.94 -18.05 -33.83
CA GLY D 256 -7.35 -18.08 -32.52
C GLY D 256 -6.20 -17.09 -32.35
N GLY D 257 -5.90 -16.78 -31.10
CA GLY D 257 -4.89 -15.81 -30.78
C GLY D 257 -5.31 -14.36 -30.77
N ILE D 258 -6.56 -14.04 -31.08
CA ILE D 258 -6.99 -12.65 -31.12
C ILE D 258 -7.27 -12.21 -29.69
N LYS D 259 -6.51 -11.23 -29.21
CA LYS D 259 -6.82 -10.66 -27.89
C LYS D 259 -7.28 -9.21 -27.97
N TYR D 260 -6.97 -8.49 -29.05
CA TYR D 260 -7.38 -7.09 -29.21
C TYR D 260 -7.84 -6.85 -30.64
N SER D 261 -8.64 -5.80 -30.82
CA SER D 261 -9.11 -5.47 -32.17
C SER D 261 -7.96 -5.34 -33.16
N GLY D 262 -6.83 -4.75 -32.74
CA GLY D 262 -5.69 -4.65 -33.64
C GLY D 262 -5.19 -5.98 -34.18
N ASP D 263 -5.44 -7.07 -33.45
CA ASP D 263 -5.06 -8.40 -33.95
C ASP D 263 -5.92 -8.78 -35.14
N ILE D 264 -7.22 -8.50 -35.08
CA ILE D 264 -8.07 -8.69 -36.24
C ILE D 264 -7.49 -7.96 -37.44
N ALA D 265 -7.10 -6.71 -37.23
CA ALA D 265 -6.59 -5.90 -38.34
C ALA D 265 -5.32 -6.50 -38.91
N LYS D 266 -4.36 -6.86 -38.05
CA LYS D 266 -3.12 -7.46 -38.54
C LYS D 266 -3.39 -8.77 -39.27
N ALA D 267 -4.16 -9.67 -38.63
CA ALA D 267 -4.51 -10.93 -39.28
C ALA D 267 -5.08 -10.70 -40.68
N LEU D 268 -5.98 -9.72 -40.83
CA LEU D 268 -6.53 -9.46 -42.16
C LEU D 268 -5.49 -8.87 -43.09
N ALA D 269 -4.68 -7.92 -42.59
CA ALA D 269 -3.70 -7.27 -43.44
C ALA D 269 -2.70 -8.26 -44.03
N VAL D 270 -2.38 -9.33 -43.29
CA VAL D 270 -1.44 -10.32 -43.79
C VAL D 270 -2.05 -11.13 -44.93
N GLY D 271 -3.36 -11.31 -44.93
CA GLY D 271 -4.03 -11.84 -46.10
C GLY D 271 -5.21 -12.73 -45.81
N ALA D 272 -5.44 -13.02 -44.53
CA ALA D 272 -6.60 -13.79 -44.14
C ALA D 272 -7.85 -13.05 -44.56
N SER D 273 -8.90 -13.82 -44.87
CA SER D 273 -10.16 -13.25 -45.36
C SER D 273 -11.21 -13.13 -44.28
N SER D 274 -11.02 -13.80 -43.14
CA SER D 274 -11.95 -13.73 -42.02
C SER D 274 -11.21 -14.25 -40.80
N VAL D 275 -11.74 -13.91 -39.63
CA VAL D 275 -11.08 -14.21 -38.37
C VAL D 275 -12.06 -14.96 -37.47
N MET D 276 -11.60 -16.00 -36.80
CA MET D 276 -12.42 -16.72 -35.84
C MET D 276 -11.94 -16.41 -34.43
N ILE D 277 -12.88 -16.15 -33.53
CA ILE D 277 -12.62 -15.61 -32.20
C ILE D 277 -13.40 -16.43 -31.17
N GLY D 278 -12.73 -16.82 -30.09
CA GLY D 278 -13.42 -17.50 -29.02
C GLY D 278 -13.46 -16.70 -27.73
N SER D 279 -12.26 -16.43 -27.18
CA SER D 279 -12.11 -15.81 -25.87
C SER D 279 -12.89 -14.50 -25.74
N LEU D 280 -12.84 -13.64 -26.76
CA LEU D 280 -13.46 -12.33 -26.68
C LEU D 280 -14.98 -12.39 -26.74
N LEU D 281 -15.57 -13.52 -27.16
CA LEU D 281 -17.02 -13.65 -27.25
C LEU D 281 -17.62 -14.59 -26.20
N ALA D 282 -16.82 -15.22 -25.36
CA ALA D 282 -17.38 -16.22 -24.46
C ALA D 282 -18.07 -15.61 -23.25
N GLY D 283 -17.72 -14.39 -22.88
CA GLY D 283 -18.31 -13.79 -21.70
C GLY D 283 -19.50 -12.90 -22.00
N THR D 284 -20.31 -13.30 -22.97
CA THR D 284 -21.41 -12.47 -23.42
C THR D 284 -22.76 -13.08 -23.06
N ASP D 285 -23.80 -12.25 -23.17
CA ASP D 285 -25.16 -12.71 -22.93
C ASP D 285 -25.49 -13.91 -23.79
N GLU D 286 -25.16 -13.81 -25.07
CA GLU D 286 -25.45 -14.82 -26.08
C GLU D 286 -24.71 -16.12 -25.90
N SER D 287 -23.58 -16.06 -25.23
CA SER D 287 -22.76 -17.23 -25.02
C SER D 287 -23.53 -18.28 -24.25
N PRO D 288 -23.21 -19.59 -24.59
CA PRO D 288 -23.96 -20.61 -23.85
C PRO D 288 -23.51 -20.63 -22.41
N GLY D 289 -24.27 -21.30 -21.56
CA GLY D 289 -23.91 -21.38 -20.16
C GLY D 289 -24.52 -20.27 -19.36
N GLU D 290 -24.21 -20.23 -18.08
CA GLU D 290 -24.77 -19.23 -17.20
C GLU D 290 -23.72 -18.46 -16.44
N LEU D 291 -24.12 -17.28 -16.01
CA LEU D 291 -23.30 -16.36 -15.25
C LEU D 291 -23.11 -16.91 -13.84
N PHE D 292 -21.99 -16.54 -13.23
CA PHE D 292 -21.74 -16.86 -11.83
C PHE D 292 -20.80 -15.82 -11.26
N THR D 293 -20.84 -15.66 -9.94
CA THR D 293 -20.07 -14.65 -9.24
C THR D 293 -18.95 -15.30 -8.42
N TYR D 294 -17.77 -14.69 -8.49
CA TYR D 294 -16.57 -15.21 -7.81
C TYR D 294 -15.80 -14.00 -7.30
N GLN D 295 -15.86 -13.78 -5.99
CA GLN D 295 -15.26 -12.60 -5.35
C GLN D 295 -15.89 -11.32 -5.89
N GLY D 296 -17.21 -11.30 -5.92
CA GLY D 296 -17.94 -10.08 -6.26
C GLY D 296 -17.67 -9.58 -7.67
N ARG D 297 -17.53 -10.50 -8.62
CA ARG D 297 -17.37 -10.16 -10.03
C ARG D 297 -18.00 -11.30 -10.83
N GLN D 298 -18.52 -10.99 -12.01
CA GLN D 298 -19.29 -11.94 -12.79
C GLN D 298 -18.50 -12.47 -13.99
N TYR D 299 -18.49 -13.80 -14.15
CA TYR D 299 -17.76 -14.48 -15.20
C TYR D 299 -18.63 -15.54 -15.86
N LYS D 300 -18.17 -16.02 -17.02
CA LYS D 300 -18.69 -17.20 -17.71
C LYS D 300 -17.59 -18.23 -17.85
N SER D 301 -17.96 -19.51 -17.85
CA SER D 301 -17.00 -20.54 -18.19
C SER D 301 -16.53 -20.34 -19.62
N TYR D 302 -15.25 -20.62 -19.85
CA TYR D 302 -14.69 -20.65 -21.21
C TYR D 302 -13.55 -21.65 -21.21
N ARG D 303 -13.74 -22.77 -21.93
CA ARG D 303 -12.81 -23.89 -21.87
C ARG D 303 -12.49 -24.37 -23.27
N GLY D 304 -11.27 -24.87 -23.43
CA GLY D 304 -10.87 -25.47 -24.69
C GLY D 304 -11.55 -26.81 -24.90
N MET D 305 -11.87 -27.10 -26.18
CA MET D 305 -12.61 -28.32 -26.47
C MET D 305 -11.79 -29.55 -26.13
N GLY D 306 -10.47 -29.42 -26.19
CA GLY D 306 -9.59 -30.48 -25.75
C GLY D 306 -9.30 -30.50 -24.26
N SER D 307 -10.12 -29.84 -23.43
CA SER D 307 -9.92 -29.89 -22.00
C SER D 307 -10.63 -31.10 -21.39
N LEU D 308 -10.29 -31.39 -20.14
CA LEU D 308 -10.87 -32.55 -19.48
C LEU D 308 -12.38 -32.46 -19.39
N GLY D 309 -12.90 -31.29 -19.01
CA GLY D 309 -14.34 -31.14 -18.89
C GLY D 309 -15.06 -31.21 -20.22
N ALA D 310 -14.37 -30.84 -21.30
CA ALA D 310 -14.96 -30.77 -22.63
C ALA D 310 -14.95 -32.10 -23.37
N MET D 311 -14.44 -33.17 -22.75
CA MET D 311 -14.27 -34.41 -23.48
C MET D 311 -15.21 -35.49 -22.99
N GLN D 312 -16.48 -35.12 -22.78
CA GLN D 312 -17.55 -36.08 -22.44
C GLN D 312 -18.84 -35.75 -23.20
N LEU D 329 -6.15 -40.13 -20.63
CA LEU D 329 -6.72 -38.92 -21.24
C LEU D 329 -5.72 -37.77 -21.13
N VAL D 330 -5.28 -37.24 -22.25
CA VAL D 330 -4.21 -36.25 -22.30
C VAL D 330 -4.73 -34.98 -22.96
N PRO D 331 -5.17 -34.00 -22.17
CA PRO D 331 -5.79 -32.79 -22.75
C PRO D 331 -4.80 -31.93 -23.49
N GLU D 332 -5.35 -31.01 -24.28
CA GLU D 332 -4.57 -29.97 -24.97
C GLU D 332 -5.25 -28.62 -24.80
N GLY D 333 -5.80 -28.39 -23.61
CA GLY D 333 -6.51 -27.17 -23.32
C GLY D 333 -6.97 -27.19 -21.89
N ILE D 334 -7.31 -26.02 -21.38
CA ILE D 334 -7.63 -25.85 -19.96
C ILE D 334 -9.03 -25.27 -19.81
N GLU D 335 -9.55 -25.30 -18.57
CA GLU D 335 -10.92 -24.87 -18.26
C GLU D 335 -10.85 -23.56 -17.50
N GLY D 336 -11.40 -22.49 -18.06
CA GLY D 336 -11.22 -21.16 -17.51
C GLY D 336 -12.52 -20.38 -17.38
N ARG D 337 -12.38 -19.13 -16.95
CA ARG D 337 -13.45 -18.16 -16.88
C ARG D 337 -13.03 -16.87 -17.55
N VAL D 338 -14.01 -16.10 -18.00
CA VAL D 338 -13.78 -14.86 -18.75
C VAL D 338 -14.64 -13.79 -18.10
N PRO D 339 -14.19 -12.53 -18.00
CA PRO D 339 -15.08 -11.50 -17.47
C PRO D 339 -16.32 -11.35 -18.32
N TYR D 340 -17.46 -11.19 -17.66
CA TYR D 340 -18.72 -10.87 -18.34
C TYR D 340 -18.61 -9.51 -19.00
N VAL D 341 -18.94 -9.43 -20.29
CA VAL D 341 -18.72 -8.22 -21.07
C VAL D 341 -20.01 -7.73 -21.74
N GLY D 342 -21.17 -8.17 -21.27
CA GLY D 342 -22.43 -7.72 -21.82
C GLY D 342 -22.79 -8.35 -23.15
N SER D 343 -23.44 -7.60 -24.04
CA SER D 343 -23.97 -8.16 -25.27
C SER D 343 -22.88 -8.41 -26.30
N ILE D 344 -23.12 -9.40 -27.17
CA ILE D 344 -22.24 -9.61 -28.31
C ILE D 344 -22.25 -8.40 -29.24
N ARG D 345 -23.36 -7.67 -29.30
CA ARG D 345 -23.45 -6.57 -30.26
C ARG D 345 -22.45 -5.46 -29.91
N SER D 346 -22.29 -5.16 -28.61
CA SER D 346 -21.36 -4.09 -28.24
C SER D 346 -19.92 -4.54 -28.43
N VAL D 347 -19.61 -5.80 -28.10
CA VAL D 347 -18.27 -6.35 -28.32
C VAL D 347 -17.89 -6.26 -29.80
N VAL D 348 -18.74 -6.83 -30.67
CA VAL D 348 -18.48 -6.79 -32.11
C VAL D 348 -18.28 -5.37 -32.57
N HIS D 349 -19.07 -4.43 -32.03
CA HIS D 349 -19.02 -3.05 -32.48
C HIS D 349 -17.64 -2.42 -32.26
N GLN D 350 -17.07 -2.61 -31.07
CA GLN D 350 -15.72 -2.11 -30.82
C GLN D 350 -14.69 -2.81 -31.69
N LEU D 351 -14.78 -4.15 -31.81
CA LEU D 351 -13.80 -4.89 -32.62
C LEU D 351 -13.79 -4.39 -34.06
N LEU D 352 -14.97 -4.33 -34.71
CA LEU D 352 -15.04 -3.79 -36.06
C LEU D 352 -14.63 -2.32 -36.09
N GLY D 353 -14.92 -1.55 -35.04
CA GLY D 353 -14.51 -0.16 -35.03
C GLY D 353 -13.01 -0.01 -35.09
N GLY D 354 -12.29 -0.85 -34.35
CA GLY D 354 -10.85 -0.82 -34.38
C GLY D 354 -10.32 -1.15 -35.75
N LEU D 355 -10.93 -2.12 -36.42
CA LEU D 355 -10.50 -2.51 -37.75
C LEU D 355 -10.69 -1.39 -38.76
N ARG D 356 -11.80 -0.69 -38.65
CA ARG D 356 -12.11 0.40 -39.56
C ARG D 356 -11.07 1.48 -39.38
N SER D 357 -10.70 1.72 -38.14
CA SER D 357 -9.71 2.72 -37.85
C SER D 357 -8.38 2.33 -38.47
N SER D 358 -8.05 1.04 -38.39
CA SER D 358 -6.82 0.55 -38.97
C SER D 358 -6.84 0.75 -40.46
N MET D 359 -7.98 0.51 -41.07
CA MET D 359 -8.12 0.70 -42.50
C MET D 359 -7.94 2.16 -42.87
N GLY D 360 -8.50 3.05 -42.05
CA GLY D 360 -8.33 4.46 -42.31
C GLY D 360 -6.89 4.88 -42.20
N TYR D 361 -6.15 4.27 -41.29
CA TYR D 361 -4.73 4.57 -41.12
C TYR D 361 -3.94 4.18 -42.35
N VAL D 362 -4.32 3.05 -42.99
CA VAL D 362 -3.60 2.54 -44.15
C VAL D 362 -4.10 3.20 -45.44
N GLY D 363 -5.28 3.77 -45.42
CA GLY D 363 -5.82 4.44 -46.58
C GLY D 363 -6.65 3.56 -47.48
N ALA D 364 -7.04 2.37 -47.03
CA ALA D 364 -7.66 1.35 -47.86
C ALA D 364 -9.18 1.51 -47.91
N LYS D 365 -9.75 1.36 -49.10
CA LYS D 365 -11.20 1.54 -49.24
C LYS D 365 -11.98 0.26 -48.95
N ASP D 366 -11.34 -0.91 -49.13
CA ASP D 366 -11.93 -2.22 -48.85
C ASP D 366 -10.83 -3.18 -48.46
N ILE D 367 -11.24 -4.34 -47.94
CA ILE D 367 -10.29 -5.32 -47.40
C ILE D 367 -9.28 -5.78 -48.46
N GLU D 368 -9.69 -5.84 -49.73
CA GLU D 368 -8.72 -6.19 -50.77
C GLU D 368 -7.65 -5.12 -50.90
N ASP D 369 -8.06 -3.85 -50.84
CA ASP D 369 -7.10 -2.73 -50.87
C ASP D 369 -6.21 -2.72 -49.63
N PHE D 370 -6.79 -3.02 -48.47
CA PHE D 370 -6.02 -3.18 -47.24
C PHE D 370 -4.83 -4.11 -47.45
N GLN D 371 -5.05 -5.25 -48.11
CA GLN D 371 -4.00 -6.26 -48.25
C GLN D 371 -2.97 -5.84 -49.27
N LYS D 372 -3.37 -5.17 -50.36
CA LYS D 372 -2.43 -4.75 -51.38
C LYS D 372 -1.58 -3.56 -50.93
N ARG D 373 -2.09 -2.75 -49.99
CA ARG D 373 -1.39 -1.58 -49.47
C ARG D 373 -0.54 -1.84 -48.22
N ALA D 374 -0.94 -2.80 -47.38
CA ALA D 374 -0.32 -2.99 -46.07
C ALA D 374 1.19 -3.21 -46.13
N GLU D 375 1.90 -2.58 -45.20
CA GLU D 375 3.33 -2.76 -44.97
C GLU D 375 3.57 -2.81 -43.48
N PHE D 376 4.51 -3.63 -43.06
CA PHE D 376 4.69 -3.88 -41.64
C PHE D 376 6.06 -3.42 -41.17
N VAL D 377 6.18 -3.30 -39.86
CA VAL D 377 7.48 -3.26 -39.21
C VAL D 377 7.50 -4.38 -38.19
N GLU D 378 8.69 -4.93 -37.96
CA GLU D 378 8.93 -5.80 -36.83
C GLU D 378 9.39 -4.95 -35.66
N ILE D 379 8.94 -5.30 -34.45
CA ILE D 379 9.24 -4.53 -33.26
C ILE D 379 9.87 -5.44 -32.22
N THR D 380 10.51 -4.82 -31.24
CA THR D 380 11.15 -5.54 -30.16
C THR D 380 10.22 -5.62 -28.94
N THR D 381 10.67 -6.32 -27.90
CA THR D 381 9.91 -6.37 -26.65
C THR D 381 9.64 -4.97 -26.08
N ALA D 382 10.68 -4.11 -26.07
CA ALA D 382 10.49 -2.75 -25.57
C ALA D 382 9.54 -1.95 -26.44
N GLY D 383 9.44 -2.30 -27.74
CA GLY D 383 8.48 -1.64 -28.60
C GLY D 383 7.05 -2.03 -28.30
N LEU D 384 6.84 -3.29 -27.89
CA LEU D 384 5.51 -3.73 -27.50
C LEU D 384 5.09 -3.12 -26.17
N LYS D 385 6.03 -3.01 -25.22
CA LYS D 385 5.77 -2.32 -23.96
C LYS D 385 5.47 -0.84 -24.19
N GLU D 386 6.12 -0.23 -25.20
CA GLU D 386 5.80 1.14 -25.60
C GLU D 386 4.42 1.24 -26.23
N SER D 387 4.03 0.21 -26.99
CA SER D 387 2.77 0.22 -27.75
C SER D 387 1.56 0.14 -26.85
N HIS D 388 1.71 -0.46 -25.67
CA HIS D 388 0.61 -0.59 -24.72
C HIS D 388 0.45 0.71 -23.94
N VAL D 389 -0.32 0.66 -22.88
CA VAL D 389 -0.35 1.74 -21.91
C VAL D 389 0.85 1.56 -20.97
N HIS D 390 1.49 2.66 -20.58
CA HIS D 390 2.68 2.56 -19.75
C HIS D 390 2.79 3.78 -18.85
N ASP D 391 3.24 3.57 -17.63
CA ASP D 391 3.54 4.64 -16.67
C ASP D 391 2.36 5.39 -16.11
N VAL D 392 1.16 5.03 -16.52
CA VAL D 392 0.00 5.71 -16.02
C VAL D 392 -0.95 4.66 -15.53
N THR D 393 -1.51 4.88 -14.36
CA THR D 393 -2.41 3.92 -13.81
C THR D 393 -3.75 4.13 -14.47
N ILE D 394 -4.21 3.11 -15.18
CA ILE D 394 -5.52 3.18 -15.83
C ILE D 394 -6.60 3.21 -14.75
N THR D 395 -7.27 4.36 -14.60
CA THR D 395 -8.34 4.52 -13.61
C THR D 395 -9.71 4.14 -14.16
N HIS D 396 -10.01 4.57 -15.39
CA HIS D 396 -11.25 4.22 -16.06
C HIS D 396 -10.98 3.15 -17.11
N GLU D 397 -11.84 2.13 -17.15
CA GLU D 397 -11.63 0.96 -17.99
C GLU D 397 -12.29 1.17 -19.35
N ALA D 398 -11.46 1.18 -20.43
CA ALA D 398 -11.87 1.48 -21.80
C ALA D 398 -12.61 0.30 -22.42
N PRO D 399 -13.66 0.55 -23.23
CA PRO D 399 -14.44 -0.56 -23.79
C PRO D 399 -13.69 -1.39 -24.83
N ASN D 400 -12.38 -1.11 -25.04
CA ASN D 400 -11.57 -1.88 -25.97
C ASN D 400 -10.12 -1.98 -25.51
N TYR D 401 -9.91 -2.03 -24.19
CA TYR D 401 -8.57 -2.20 -23.61
C TYR D 401 -8.76 -2.63 -22.17
N LYS D 402 -8.31 -3.85 -21.82
CA LYS D 402 -8.58 -4.43 -20.51
C LYS D 402 -7.36 -4.67 -19.62
N VAL D 403 -6.16 -4.84 -20.19
CA VAL D 403 -4.93 -4.94 -19.37
C VAL D 403 -4.48 -3.56 -18.93
N ALA E 24 -3.03 -0.39 48.09
CA ALA E 24 -3.30 -0.04 46.71
C ALA E 24 -2.16 0.79 46.16
N MET E 25 -2.36 1.37 44.97
CA MET E 25 -1.33 2.17 44.32
C MET E 25 -1.52 3.64 44.63
N LYS E 26 -0.45 4.40 44.40
CA LYS E 26 -0.40 5.82 44.74
C LYS E 26 -0.57 6.65 43.48
N ILE E 27 -1.72 7.30 43.33
CA ILE E 27 -1.98 8.22 42.24
C ILE E 27 -1.98 9.64 42.79
N VAL E 28 -1.01 10.45 42.36
CA VAL E 28 -0.76 11.73 43.01
C VAL E 28 -1.77 12.78 42.56
N LYS E 29 -2.00 12.91 41.26
CA LYS E 29 -2.90 13.93 40.73
C LYS E 29 -3.38 13.51 39.37
N ARG E 30 -4.30 14.30 38.81
CA ARG E 30 -4.79 14.16 37.44
C ARG E 30 -4.14 15.27 36.65
N ALA E 31 -3.19 14.91 35.80
CA ALA E 31 -2.32 15.87 35.13
C ALA E 31 -2.88 16.22 33.76
N LEU E 32 -2.86 17.51 33.44
CA LEU E 32 -3.44 18.02 32.21
C LEU E 32 -2.35 18.54 31.28
N THR E 33 -2.61 18.48 29.99
CA THR E 33 -1.69 19.03 29.00
C THR E 33 -2.37 20.16 28.24
N PHE E 34 -1.67 20.67 27.22
CA PHE E 34 -2.14 21.83 26.47
C PHE E 34 -3.58 21.67 25.96
N GLU E 35 -3.85 20.59 25.22
CA GLU E 35 -5.18 20.46 24.59
C GLU E 35 -6.29 20.22 25.60
N ASP E 36 -6.04 20.31 26.91
CA ASP E 36 -7.05 20.14 27.93
C ASP E 36 -7.55 21.47 28.51
N VAL E 37 -6.93 22.59 28.17
CA VAL E 37 -7.30 23.86 28.77
C VAL E 37 -7.37 24.94 27.71
N LEU E 38 -8.08 26.01 28.04
CA LEU E 38 -8.08 27.22 27.25
C LEU E 38 -8.08 28.42 28.19
N LEU E 39 -7.41 29.49 27.77
CA LEU E 39 -7.53 30.75 28.48
C LEU E 39 -8.89 31.39 28.24
N ARG E 40 -9.45 31.98 29.31
CA ARG E 40 -10.65 32.81 29.31
C ARG E 40 -10.30 34.22 28.88
N PRO E 41 -11.15 34.86 28.06
CA PRO E 41 -10.94 36.28 27.75
C PRO E 41 -11.18 37.13 28.99
N GLY E 42 -10.61 38.34 28.97
CA GLY E 42 -10.80 39.29 30.05
C GLY E 42 -10.98 40.69 29.51
N TYR E 43 -11.31 41.63 30.41
CA TYR E 43 -11.45 43.02 30.00
C TYR E 43 -10.08 43.55 29.54
N SER E 44 -10.08 44.26 28.42
CA SER E 44 -8.83 44.55 27.71
C SER E 44 -8.82 45.99 27.24
N GLU E 45 -7.84 46.76 27.72
CA GLU E 45 -7.55 48.10 27.23
C GLU E 45 -6.36 48.11 26.28
N VAL E 46 -5.68 46.99 26.14
CA VAL E 46 -4.45 46.88 25.38
C VAL E 46 -4.74 46.37 23.97
N LEU E 47 -3.84 46.64 23.07
CA LEU E 47 -3.87 46.09 21.73
C LEU E 47 -2.73 45.10 21.56
N PRO E 48 -2.93 44.05 20.76
CA PRO E 48 -1.84 43.06 20.57
C PRO E 48 -0.53 43.68 20.10
N LYS E 49 -0.58 44.70 19.22
CA LYS E 49 0.66 45.26 18.72
C LYS E 49 1.42 46.06 19.77
N GLU E 50 0.78 46.42 20.89
CA GLU E 50 1.43 47.22 21.93
C GLU E 50 2.02 46.41 23.07
N VAL E 51 1.56 45.17 23.30
CA VAL E 51 1.95 44.43 24.49
C VAL E 51 3.46 44.17 24.50
N LYS E 52 4.02 44.04 25.70
CA LYS E 52 5.44 43.85 25.88
C LYS E 52 5.74 42.37 26.06
N ILE E 53 6.58 41.80 25.21
CA ILE E 53 6.85 40.37 25.26
C ILE E 53 8.31 40.07 25.62
N HIS E 54 8.98 40.94 26.36
CA HIS E 54 10.30 40.60 26.85
C HIS E 54 10.17 39.67 28.05
N THR E 55 11.16 38.83 28.26
CA THR E 55 11.06 37.87 29.34
C THR E 55 12.46 37.60 29.89
N LYS E 56 12.52 36.76 30.92
CA LYS E 56 13.75 36.26 31.50
C LYS E 56 14.08 34.91 30.92
N LEU E 57 15.34 34.68 30.55
CA LEU E 57 15.77 33.31 30.25
C LEU E 57 16.36 32.65 31.50
N THR E 58 17.33 33.29 32.15
CA THR E 58 17.93 32.84 33.41
C THR E 58 17.80 33.95 34.45
N LYS E 59 18.39 33.73 35.64
CA LYS E 59 18.30 34.76 36.66
C LYS E 59 18.93 36.07 36.21
N ASN E 60 19.89 36.03 35.28
CA ASN E 60 20.60 37.23 34.88
C ASN E 60 20.68 37.44 33.36
N ILE E 61 19.95 36.68 32.55
CA ILE E 61 19.92 36.91 31.11
C ILE E 61 18.50 37.21 30.67
N THR E 62 18.36 38.19 29.77
CA THR E 62 17.09 38.73 29.32
C THR E 62 16.84 38.35 27.87
N LEU E 63 15.59 38.02 27.55
CA LEU E 63 15.15 37.79 26.18
C LEU E 63 14.17 38.89 25.77
N ASN E 64 14.13 39.18 24.47
CA ASN E 64 13.20 40.19 23.97
C ASN E 64 11.90 39.61 23.47
N MET E 65 11.92 38.35 23.06
CA MET E 65 10.72 37.54 22.86
C MET E 65 11.02 36.16 23.43
N PRO E 66 10.02 35.39 23.75
CA PRO E 66 10.26 34.25 24.64
C PRO E 66 10.53 32.89 23.99
N LEU E 67 11.08 32.81 22.78
CA LEU E 67 11.32 31.52 22.12
C LEU E 67 12.78 31.08 22.17
N ILE E 68 13.00 29.76 22.33
CA ILE E 68 14.33 29.16 22.30
C ILE E 68 14.30 27.95 21.39
N SER E 69 15.16 27.93 20.37
CA SER E 69 15.22 26.78 19.47
C SER E 69 15.91 25.58 20.13
N ALA E 70 15.39 24.38 19.87
CA ALA E 70 15.79 23.18 20.61
C ALA E 70 17.24 22.76 20.32
N ALA E 71 17.85 22.07 21.29
CA ALA E 71 19.26 21.69 21.20
C ALA E 71 19.33 20.36 20.47
N MET E 72 19.17 20.43 19.16
CA MET E 72 19.00 19.23 18.34
C MET E 72 19.76 19.38 17.03
N ASP E 73 20.32 18.27 16.56
CA ASP E 73 21.12 18.32 15.35
C ASP E 73 20.29 18.57 14.10
N THR E 74 18.97 18.39 14.18
CA THR E 74 18.10 18.74 13.06
C THR E 74 17.40 20.09 13.27
N VAL E 75 17.76 20.80 14.32
CA VAL E 75 17.12 22.08 14.61
C VAL E 75 18.03 23.28 14.75
N THR E 76 18.91 23.25 15.74
CA THR E 76 19.78 24.38 16.00
C THR E 76 21.29 24.21 15.84
N GLU E 77 21.85 25.14 15.08
CA GLU E 77 23.27 25.21 14.80
C GLU E 77 23.52 26.70 14.66
N HIS E 78 24.68 27.10 14.18
CA HIS E 78 24.99 28.51 14.07
C HIS E 78 24.04 29.35 13.20
N ARG E 79 23.56 28.82 12.09
CA ARG E 79 22.69 29.62 11.23
C ARG E 79 21.34 29.86 11.89
N ALA E 80 20.76 28.83 12.51
CA ALA E 80 19.50 28.99 13.25
C ALA E 80 19.70 29.83 14.50
N ALA E 81 20.79 29.60 15.23
CA ALA E 81 21.01 30.34 16.47
C ALA E 81 21.22 31.81 16.20
N ILE E 82 21.78 32.16 15.04
CA ILE E 82 21.96 33.57 14.70
C ILE E 82 20.60 34.25 14.58
N MET E 83 19.66 33.59 13.92
CA MET E 83 18.36 34.19 13.64
C MET E 83 17.52 34.33 14.90
N MET E 84 17.51 33.30 15.75
CA MET E 84 16.78 33.39 17.01
C MET E 84 17.30 34.54 17.85
N ALA E 85 18.62 34.73 17.87
CA ALA E 85 19.16 35.88 18.57
C ALA E 85 18.74 37.17 17.88
N ARG E 86 18.91 37.25 16.56
CA ARG E 86 18.58 38.46 15.82
C ARG E 86 17.13 38.88 16.01
N LEU E 87 16.24 37.93 16.33
CA LEU E 87 14.82 38.22 16.54
C LEU E 87 14.45 38.25 18.02
N GLY E 88 15.44 38.33 18.92
CA GLY E 88 15.18 38.59 20.33
C GLY E 88 15.20 37.38 21.24
N GLY E 89 15.23 36.17 20.70
CA GLY E 89 15.29 34.94 21.49
C GLY E 89 16.69 34.36 21.58
N LEU E 90 16.78 33.04 21.57
CA LEU E 90 18.05 32.36 21.75
C LEU E 90 18.04 31.00 21.07
N GLY E 91 19.19 30.63 20.50
CA GLY E 91 19.41 29.27 20.00
C GLY E 91 20.41 28.58 20.90
N VAL E 92 20.31 27.25 20.98
CA VAL E 92 21.21 26.42 21.77
C VAL E 92 21.88 25.43 20.81
N ILE E 93 23.20 25.53 20.67
CA ILE E 93 23.91 24.61 19.80
C ILE E 93 23.89 23.22 20.42
N HIS E 94 23.50 22.22 19.63
CA HIS E 94 23.40 20.87 20.13
C HIS E 94 24.78 20.32 20.48
N LYS E 95 24.81 19.24 21.27
CA LYS E 95 26.05 18.65 21.78
C LYS E 95 26.51 17.43 20.98
N ASN E 96 25.82 17.10 19.89
CA ASN E 96 26.12 15.93 19.07
C ASN E 96 27.24 16.24 18.07
N MET E 97 28.40 16.60 18.62
CA MET E 97 29.59 16.97 17.86
C MET E 97 30.74 17.10 18.84
N ASP E 98 31.97 17.01 18.33
CA ASP E 98 33.09 17.09 19.25
C ASP E 98 33.18 18.51 19.83
N ILE E 99 34.10 18.68 20.80
CA ILE E 99 34.24 19.92 21.54
C ILE E 99 34.68 21.06 20.63
N ALA E 100 35.63 20.79 19.72
CA ALA E 100 36.12 21.80 18.80
C ALA E 100 35.01 22.31 17.88
N SER E 101 34.12 21.42 17.44
CA SER E 101 33.11 21.83 16.46
C SER E 101 32.01 22.67 17.10
N GLN E 102 31.61 22.32 18.32
CA GLN E 102 30.67 23.14 19.06
C GLN E 102 31.25 24.51 19.37
N VAL E 103 32.53 24.57 19.73
CA VAL E 103 33.20 25.85 19.93
C VAL E 103 33.10 26.69 18.67
N ARG E 104 33.40 26.08 17.51
CA ARG E 104 33.41 26.82 16.25
C ARG E 104 32.02 27.36 15.92
N GLU E 105 30.96 26.60 16.22
CA GLU E 105 29.63 27.11 15.95
C GLU E 105 29.28 28.26 16.90
N VAL E 106 29.67 28.17 18.17
CA VAL E 106 29.43 29.27 19.10
C VAL E 106 30.11 30.54 18.60
N LYS E 107 31.37 30.43 18.21
CA LYS E 107 32.09 31.63 17.78
C LYS E 107 31.54 32.17 16.48
N ARG E 108 30.94 31.32 15.63
CA ARG E 108 30.37 31.81 14.38
C ARG E 108 29.22 32.76 14.66
N VAL E 109 28.51 32.53 15.77
CA VAL E 109 27.39 33.38 16.12
C VAL E 109 27.86 34.61 16.86
N LYS E 110 28.80 34.45 17.80
CA LYS E 110 29.38 35.62 18.47
C LYS E 110 29.97 36.57 17.46
N LYS E 111 30.56 36.04 16.37
CA LYS E 111 31.21 36.88 15.37
C LYS E 111 30.22 37.64 14.50
N SER E 112 28.97 37.21 14.45
CA SER E 112 27.96 37.83 13.58
C SER E 112 27.53 39.20 14.10
N GLU E 125 17.91 46.52 11.02
CA GLU E 125 17.02 45.53 10.40
C GLU E 125 16.49 44.54 11.43
N TYR E 126 17.23 44.36 12.53
CA TYR E 126 16.84 43.46 13.62
C TYR E 126 16.79 44.29 14.90
N PRO E 127 15.72 45.06 15.10
CA PRO E 127 15.73 46.06 16.19
C PRO E 127 15.65 45.47 17.57
N ASP E 128 15.34 44.18 17.71
CA ASP E 128 15.20 43.54 19.02
C ASP E 128 16.25 42.46 19.25
N ALA E 129 17.31 42.43 18.44
CA ALA E 129 18.36 41.43 18.59
C ALA E 129 18.83 41.33 20.04
N ASN E 130 19.07 40.08 20.48
CA ASN E 130 19.45 39.77 21.86
C ASN E 130 20.97 39.79 22.00
N LYS E 131 21.49 40.68 22.84
CA LYS E 131 22.92 40.95 22.85
C LYS E 131 23.47 40.92 24.27
N ASP E 132 24.79 40.75 24.34
CA ASP E 132 25.53 40.86 25.60
C ASP E 132 26.09 42.27 25.72
N ASN E 133 26.94 42.49 26.73
CA ASN E 133 27.50 43.82 26.96
C ASN E 133 28.27 44.34 25.75
N PHE E 134 28.86 43.44 24.95
CA PHE E 134 29.77 43.81 23.88
C PHE E 134 29.08 43.93 22.52
N GLY E 135 27.75 43.86 22.49
CA GLY E 135 27.04 43.92 21.23
C GLY E 135 27.18 42.69 20.36
N ARG E 136 27.59 41.55 20.92
CA ARG E 136 27.62 40.29 20.20
C ARG E 136 26.33 39.53 20.49
N LEU E 137 25.81 38.83 19.47
CA LEU E 137 24.57 38.08 19.63
C LEU E 137 24.74 37.00 20.70
N ARG E 138 23.70 36.78 21.49
CA ARG E 138 23.75 35.78 22.55
C ARG E 138 23.53 34.37 22.00
N VAL E 139 24.22 33.39 22.61
CA VAL E 139 24.08 31.99 22.22
C VAL E 139 24.21 31.11 23.45
N GLY E 140 23.51 29.97 23.42
CA GLY E 140 23.75 28.88 24.35
C GLY E 140 24.32 27.64 23.68
N ALA E 141 24.78 26.72 24.52
CA ALA E 141 25.35 25.47 24.06
C ALA E 141 24.98 24.37 25.05
N ALA E 142 24.68 23.19 24.52
CA ALA E 142 24.28 22.07 25.37
C ALA E 142 25.51 21.28 25.81
N ILE E 143 25.46 20.78 27.04
CA ILE E 143 26.48 19.90 27.59
C ILE E 143 25.79 18.72 28.28
N GLY E 144 26.55 17.65 28.48
CA GLY E 144 26.06 16.44 29.13
C GLY E 144 26.57 16.31 30.56
N VAL E 145 26.24 15.17 31.17
CA VAL E 145 26.69 14.92 32.53
C VAL E 145 28.20 14.75 32.52
N GLY E 146 28.88 15.47 33.42
CA GLY E 146 30.30 15.32 33.67
C GLY E 146 31.20 15.96 32.64
N GLN E 147 30.63 16.62 31.63
CA GLN E 147 31.40 17.10 30.49
C GLN E 147 32.10 18.42 30.82
N MET E 148 33.02 18.35 31.79
CA MET E 148 33.66 19.56 32.28
C MET E 148 34.57 20.16 31.23
N ASP E 149 35.23 19.31 30.45
CA ASP E 149 36.15 19.82 29.44
C ASP E 149 35.40 20.61 28.39
N ARG E 150 34.23 20.12 27.98
CA ARG E 150 33.36 20.86 27.06
C ARG E 150 32.99 22.24 27.64
N VAL E 151 32.58 22.28 28.91
CA VAL E 151 32.27 23.57 29.54
C VAL E 151 33.49 24.48 29.53
N ASP E 152 34.69 23.91 29.76
CA ASP E 152 35.90 24.74 29.77
C ASP E 152 36.13 25.41 28.42
N ALA E 153 35.82 24.72 27.33
CA ALA E 153 36.04 25.30 26.02
C ALA E 153 34.95 26.31 25.66
N LEU E 154 33.70 26.01 26.01
CA LEU E 154 32.61 26.92 25.67
C LEU E 154 32.77 28.27 26.36
N VAL E 155 33.16 28.26 27.63
CA VAL E 155 33.30 29.50 28.38
C VAL E 155 34.28 30.44 27.69
N GLU E 156 35.47 29.95 27.33
CA GLU E 156 36.42 30.84 26.65
C GLU E 156 35.98 31.18 25.23
N ALA E 157 35.15 30.34 24.63
CA ALA E 157 34.59 30.66 23.33
C ALA E 157 33.62 31.83 23.39
N GLY E 158 33.18 32.23 24.56
CA GLY E 158 32.25 33.33 24.71
C GLY E 158 30.81 32.92 24.86
N VAL E 159 30.54 31.65 25.17
CA VAL E 159 29.16 31.20 25.32
C VAL E 159 28.47 32.00 26.42
N ASP E 160 27.19 32.33 26.19
CA ASP E 160 26.43 33.14 27.14
C ASP E 160 25.65 32.30 28.16
N VAL E 161 25.38 31.04 27.86
CA VAL E 161 24.63 30.20 28.78
C VAL E 161 24.95 28.75 28.45
N VAL E 162 25.23 27.98 29.48
CA VAL E 162 25.41 26.53 29.34
C VAL E 162 24.11 25.85 29.72
N VAL E 163 23.69 24.87 28.93
CA VAL E 163 22.46 24.14 29.18
C VAL E 163 22.85 22.68 29.41
N LEU E 164 22.63 22.19 30.62
CA LEU E 164 22.96 20.82 31.01
C LEU E 164 21.67 20.00 30.90
N ASP E 165 21.46 19.38 29.74
CA ASP E 165 20.26 18.60 29.52
C ASP E 165 20.55 17.10 29.58
N SER E 166 19.46 16.35 29.76
CA SER E 166 19.50 14.95 30.11
C SER E 166 18.06 14.47 30.14
N ALA E 167 17.91 13.18 29.93
CA ALA E 167 16.59 12.58 30.10
C ALA E 167 16.08 12.77 31.53
N HIS E 168 16.95 12.79 32.51
CA HIS E 168 16.49 12.78 33.89
C HIS E 168 17.36 13.78 34.68
N GLY E 169 16.97 15.04 34.65
CA GLY E 169 17.71 16.05 35.38
C GLY E 169 17.70 15.83 36.88
N HIS E 170 16.66 15.17 37.40
CA HIS E 170 16.54 14.94 38.84
C HIS E 170 17.35 13.71 39.26
N SER E 171 18.64 13.75 38.95
CA SER E 171 19.53 12.64 39.24
C SER E 171 20.80 13.17 39.86
N LYS E 172 21.57 12.26 40.46
CA LYS E 172 22.76 12.66 41.19
C LYS E 172 23.86 13.13 40.24
N GLY E 173 23.94 12.55 39.04
CA GLY E 173 24.94 13.01 38.09
C GLY E 173 24.69 14.43 37.64
N ILE E 174 23.43 14.78 37.35
CA ILE E 174 23.09 16.15 37.02
C ILE E 174 23.41 17.08 38.18
N ILE E 175 22.92 16.74 39.38
CA ILE E 175 23.04 17.66 40.51
C ILE E 175 24.50 17.90 40.84
N ASP E 176 25.33 16.86 40.77
CA ASP E 176 26.74 17.03 41.05
C ASP E 176 27.42 17.86 39.97
N THR E 177 27.02 17.68 38.71
CA THR E 177 27.59 18.52 37.65
C THR E 177 27.21 19.98 37.85
N VAL E 178 25.96 20.23 38.29
CA VAL E 178 25.59 21.60 38.59
C VAL E 178 26.53 22.19 39.62
N LYS E 179 26.69 21.52 40.77
CA LYS E 179 27.58 22.02 41.81
C LYS E 179 28.99 22.27 41.27
N ALA E 180 29.53 21.31 40.51
CA ALA E 180 30.88 21.44 40.01
C ALA E 180 31.03 22.62 39.07
N ILE E 181 30.05 22.82 38.18
CA ILE E 181 30.12 23.94 37.26
C ILE E 181 29.97 25.26 38.02
N LYS E 182 28.98 25.31 38.92
CA LYS E 182 28.67 26.57 39.62
C LYS E 182 29.81 27.01 40.53
N ALA E 183 30.59 26.06 41.04
CA ALA E 183 31.75 26.44 41.85
C ALA E 183 32.89 26.93 40.96
N LYS E 184 33.12 26.26 39.83
CA LYS E 184 34.26 26.60 38.97
C LYS E 184 34.02 27.88 38.18
N TYR E 185 32.78 28.19 37.87
CA TYR E 185 32.45 29.34 37.05
C TYR E 185 31.23 30.00 37.68
N PRO E 186 31.44 30.79 38.74
CA PRO E 186 30.29 31.41 39.41
C PRO E 186 29.52 32.40 38.55
N ASN E 187 30.15 33.01 37.55
CA ASN E 187 29.56 34.07 36.75
C ASN E 187 28.89 33.56 35.48
N LEU E 188 28.85 32.26 35.29
CA LEU E 188 28.26 31.69 34.08
C LEU E 188 26.87 31.15 34.38
N ASP E 189 25.91 31.48 33.51
CA ASP E 189 24.54 31.09 33.76
C ASP E 189 24.29 29.67 33.26
N LEU E 190 23.72 28.83 34.13
CA LEU E 190 23.57 27.41 33.86
C LEU E 190 22.11 27.00 33.95
N ILE E 191 21.61 26.36 32.87
CA ILE E 191 20.27 25.77 32.78
C ILE E 191 20.41 24.26 32.90
N ALA E 192 19.56 23.64 33.71
CA ALA E 192 19.56 22.19 33.85
C ALA E 192 18.17 21.63 33.58
N GLY E 193 18.14 20.50 32.87
CA GLY E 193 16.92 19.75 32.70
C GLY E 193 17.24 18.33 32.26
N ASN E 194 16.18 17.59 31.93
CA ASN E 194 14.81 18.05 32.16
C ASN E 194 14.18 17.39 33.37
N ILE E 195 13.11 18.02 33.85
CA ILE E 195 12.45 17.65 35.08
C ILE E 195 10.95 17.78 34.86
N ALA E 196 10.18 17.29 35.81
CA ALA E 196 8.74 17.48 35.70
C ALA E 196 8.05 17.44 37.04
N THR E 197 8.76 17.59 38.15
CA THR E 197 8.15 17.55 39.47
C THR E 197 8.64 18.72 40.30
N ALA E 198 7.90 19.01 41.36
CA ALA E 198 8.31 20.04 42.30
C ALA E 198 9.62 19.66 42.99
N ALA E 199 9.74 18.41 43.44
CA ALA E 199 10.95 17.97 44.15
C ALA E 199 12.19 18.13 43.27
N ALA E 200 12.07 17.80 41.98
CA ALA E 200 13.14 18.06 41.03
C ALA E 200 13.45 19.55 40.96
N ALA E 201 12.43 20.39 40.73
CA ALA E 201 12.64 21.83 40.68
C ALA E 201 13.42 22.31 41.90
N LYS E 202 13.11 21.75 43.07
CA LYS E 202 13.77 22.16 44.30
C LYS E 202 15.21 21.66 44.38
N ALA E 203 15.46 20.41 43.97
CA ALA E 203 16.81 19.90 44.09
C ALA E 203 17.76 20.69 43.20
N LEU E 204 17.32 21.03 42.00
CA LEU E 204 18.18 21.77 41.08
C LEU E 204 18.39 23.22 41.53
N CYS E 205 17.35 23.89 42.03
CA CYS E 205 17.49 25.28 42.48
C CYS E 205 18.50 25.42 43.61
N GLU E 206 18.41 24.54 44.63
CA GLU E 206 19.38 24.54 45.71
C GLU E 206 20.78 24.25 45.19
N ALA E 207 20.90 23.37 44.20
CA ALA E 207 22.19 23.17 43.54
C ALA E 207 22.74 24.47 42.95
N GLY E 208 21.89 25.46 42.71
CA GLY E 208 22.32 26.73 42.18
C GLY E 208 22.16 26.91 40.68
N VAL E 209 21.25 26.17 40.05
CA VAL E 209 20.94 26.42 38.64
C VAL E 209 20.40 27.83 38.50
N ASP E 210 20.43 28.34 37.27
CA ASP E 210 19.85 29.64 37.01
C ASP E 210 18.54 29.58 36.21
N ALA E 211 18.12 28.39 35.78
CA ALA E 211 16.82 28.10 35.20
C ALA E 211 16.71 26.59 35.06
N VAL E 212 15.49 26.07 35.24
CA VAL E 212 15.21 24.65 35.08
C VAL E 212 14.42 24.45 33.80
N LYS E 213 14.64 23.32 33.12
CA LYS E 213 13.91 22.99 31.91
C LYS E 213 12.92 21.88 32.23
N VAL E 214 11.64 22.14 31.98
CA VAL E 214 10.56 21.22 32.30
C VAL E 214 10.06 20.56 31.02
N GLY E 215 9.92 19.24 31.07
CA GLY E 215 9.57 18.43 29.93
C GLY E 215 10.12 17.01 30.00
N ILE E 216 9.39 16.08 30.60
CA ILE E 216 9.65 14.65 30.47
C ILE E 216 8.55 14.05 29.60
N GLY E 217 8.82 13.90 28.31
CA GLY E 217 7.92 13.22 27.41
C GLY E 217 6.99 14.04 26.51
N PRO E 218 6.95 15.37 26.62
CA PRO E 218 5.95 16.09 25.82
C PRO E 218 6.33 16.24 24.36
N GLY E 219 7.59 16.00 23.99
CA GLY E 219 8.07 16.37 22.68
C GLY E 219 7.52 15.49 21.56
N SER E 220 7.49 16.07 20.35
CA SER E 220 6.84 15.45 19.21
C SER E 220 7.54 14.16 18.75
N ILE E 221 8.84 14.06 18.97
CA ILE E 221 9.64 12.93 18.51
C ILE E 221 10.02 12.00 19.66
N CYS E 222 9.38 12.13 20.82
CA CYS E 222 9.83 11.49 22.04
C CYS E 222 8.98 10.28 22.37
N THR E 223 9.61 9.16 22.68
CA THR E 223 8.87 7.95 23.01
C THR E 223 9.05 7.54 24.47
N THR E 224 9.58 8.43 25.30
CA THR E 224 9.97 8.08 26.66
C THR E 224 8.79 7.53 27.45
N ARG E 225 7.66 8.24 27.41
CA ARG E 225 6.47 7.81 28.13
C ARG E 225 5.95 6.47 27.64
N ILE E 226 6.34 6.04 26.45
CA ILE E 226 5.83 4.79 25.93
C ILE E 226 6.82 3.67 26.13
N VAL E 227 8.12 3.98 26.11
CA VAL E 227 9.09 2.91 26.30
C VAL E 227 9.47 2.73 27.78
N SER E 228 9.34 3.78 28.59
CA SER E 228 9.56 3.66 30.02
C SER E 228 8.29 3.77 30.83
N GLY E 229 7.25 4.39 30.29
CA GLY E 229 6.05 4.65 31.05
C GLY E 229 6.19 5.79 32.03
N VAL E 230 7.16 6.66 31.83
CA VAL E 230 7.47 7.74 32.75
C VAL E 230 7.14 9.05 32.06
N GLY E 231 6.55 9.97 32.81
CA GLY E 231 6.38 11.33 32.35
C GLY E 231 5.22 11.98 33.05
N VAL E 232 5.16 13.31 32.95
CA VAL E 232 4.03 14.10 33.43
C VAL E 232 3.57 15.03 32.33
N PRO E 233 2.26 15.03 32.00
CA PRO E 233 1.72 15.96 31.00
C PRO E 233 2.14 17.40 31.23
N GLN E 234 2.42 18.09 30.12
CA GLN E 234 3.31 19.25 30.18
C GLN E 234 2.72 20.44 30.93
N ILE E 235 1.42 20.73 30.77
CA ILE E 235 0.83 21.88 31.45
C ILE E 235 0.96 21.72 32.96
N SER E 236 0.58 20.53 33.47
CA SER E 236 0.69 20.28 34.91
C SER E 236 2.13 20.28 35.37
N ALA E 237 3.03 19.74 34.54
CA ALA E 237 4.45 19.75 34.88
C ALA E 237 4.97 21.17 35.05
N ILE E 238 4.67 22.05 34.09
CA ILE E 238 5.05 23.45 34.19
C ILE E 238 4.51 24.05 35.48
N ASP E 239 3.21 23.86 35.72
CA ASP E 239 2.56 24.50 36.85
C ASP E 239 3.16 24.06 38.17
N GLU E 240 3.39 22.76 38.31
CA GLU E 240 4.02 22.21 39.52
C GLU E 240 5.45 22.73 39.68
N CYS E 241 6.19 22.83 38.58
CA CYS E 241 7.56 23.31 38.65
C CYS E 241 7.63 24.82 38.84
N VAL E 242 6.70 25.59 38.26
CA VAL E 242 6.76 27.04 38.39
C VAL E 242 6.47 27.46 39.83
N GLU E 243 5.61 26.72 40.53
CA GLU E 243 5.28 27.05 41.91
C GLU E 243 6.45 26.78 42.86
N GLU E 244 7.30 25.80 42.55
CA GLU E 244 8.46 25.49 43.39
C GLU E 244 9.69 26.29 43.01
N ALA E 245 9.90 26.52 41.71
CA ALA E 245 11.05 27.30 41.28
C ALA E 245 10.89 28.78 41.59
N ASN E 246 9.65 29.29 41.58
CA ASN E 246 9.41 30.68 41.94
C ASN E 246 9.90 30.99 43.35
N LYS E 247 9.71 30.06 44.29
CA LYS E 247 10.20 30.26 45.66
C LYS E 247 11.68 30.63 45.69
N PHE E 248 12.44 30.28 44.65
CA PHE E 248 13.85 30.58 44.54
C PHE E 248 14.15 31.70 43.55
N GLY E 249 13.13 32.24 42.89
CA GLY E 249 13.35 33.30 41.93
C GLY E 249 14.04 32.88 40.65
N VAL E 250 13.84 31.65 40.22
CA VAL E 250 14.55 31.08 39.07
C VAL E 250 13.53 30.76 37.98
N PRO E 251 13.74 31.24 36.74
CA PRO E 251 12.76 30.99 35.67
C PRO E 251 12.63 29.52 35.32
N VAL E 252 11.48 29.19 34.71
CA VAL E 252 11.19 27.87 34.15
C VAL E 252 11.09 28.01 32.64
N ILE E 253 11.85 27.18 31.92
CA ILE E 253 11.74 27.04 30.46
C ILE E 253 10.81 25.88 30.15
N ALA E 254 9.76 26.13 29.37
CA ALA E 254 8.84 25.08 28.92
C ALA E 254 9.39 24.47 27.64
N ASP E 255 9.78 23.21 27.70
CA ASP E 255 10.51 22.58 26.61
C ASP E 255 9.71 21.40 26.13
N GLY E 256 9.20 21.49 24.91
CA GLY E 256 8.53 20.39 24.26
C GLY E 256 7.02 20.56 24.24
N GLY E 257 6.39 19.81 23.32
CA GLY E 257 4.96 19.69 23.20
C GLY E 257 4.27 20.82 22.46
N ILE E 258 5.00 21.84 22.02
CA ILE E 258 4.40 23.01 21.39
C ILE E 258 4.05 22.67 19.95
N LYS E 259 2.76 22.71 19.63
CA LYS E 259 2.27 22.43 18.29
C LYS E 259 1.71 23.65 17.60
N TYR E 260 1.23 24.62 18.37
CA TYR E 260 0.54 25.79 17.84
C TYR E 260 0.97 27.01 18.63
N SER E 261 0.81 28.18 18.03
CA SER E 261 1.16 29.38 18.77
C SER E 261 0.31 29.54 20.01
N GLY E 262 -0.88 28.94 20.05
CA GLY E 262 -1.68 29.01 21.26
C GLY E 262 -1.07 28.26 22.43
N ASP E 263 -0.25 27.23 22.14
CA ASP E 263 0.42 26.52 23.23
C ASP E 263 1.50 27.38 23.89
N ILE E 264 2.14 28.28 23.12
CA ILE E 264 3.10 29.19 23.73
C ILE E 264 2.40 30.10 24.73
N ALA E 265 1.25 30.64 24.33
CA ALA E 265 0.45 31.48 25.22
C ALA E 265 0.10 30.72 26.50
N LYS E 266 -0.36 29.47 26.36
CA LYS E 266 -0.72 28.69 27.54
C LYS E 266 0.47 28.49 28.47
N ALA E 267 1.62 28.06 27.92
CA ALA E 267 2.79 27.78 28.77
C ALA E 267 3.26 29.02 29.52
N LEU E 268 3.26 30.18 28.86
CA LEU E 268 3.63 31.40 29.57
C LEU E 268 2.59 31.75 30.62
N ALA E 269 1.31 31.55 30.33
CA ALA E 269 0.29 31.98 31.29
C ALA E 269 0.25 31.09 32.53
N VAL E 270 0.54 29.80 32.39
CA VAL E 270 0.65 28.94 33.56
C VAL E 270 1.82 29.34 34.45
N GLY E 271 2.83 30.02 33.89
CA GLY E 271 3.91 30.60 34.67
C GLY E 271 5.31 30.45 34.10
N ALA E 272 5.45 29.76 32.98
CA ALA E 272 6.77 29.58 32.36
C ALA E 272 7.29 30.92 31.85
N SER E 273 8.63 31.03 31.78
CA SER E 273 9.24 32.30 31.39
C SER E 273 9.75 32.29 29.95
N SER E 274 9.83 31.11 29.35
CA SER E 274 10.31 30.95 27.99
C SER E 274 9.78 29.63 27.47
N VAL E 275 9.95 29.42 26.18
CA VAL E 275 9.40 28.24 25.55
C VAL E 275 10.45 27.74 24.58
N MET E 276 10.76 26.44 24.66
CA MET E 276 11.73 25.83 23.78
C MET E 276 11.01 24.94 22.80
N ILE E 277 11.38 25.03 21.52
CA ILE E 277 10.58 24.52 20.42
C ILE E 277 11.49 23.75 19.49
N GLY E 278 11.05 22.55 19.10
CA GLY E 278 11.78 21.71 18.16
C GLY E 278 11.15 21.69 16.78
N SER E 279 10.07 20.90 16.64
CA SER E 279 9.53 20.59 15.31
C SER E 279 9.04 21.83 14.57
N LEU E 280 8.53 22.85 15.27
CA LEU E 280 8.06 23.99 14.49
C LEU E 280 9.21 24.73 13.80
N LEU E 281 10.44 24.51 14.24
CA LEU E 281 11.56 25.21 13.62
C LEU E 281 12.41 24.32 12.72
N ALA E 282 12.34 23.00 12.89
CA ALA E 282 13.15 22.05 12.11
C ALA E 282 12.90 22.10 10.60
N GLY E 283 11.86 22.76 10.11
CA GLY E 283 11.58 22.67 8.69
C GLY E 283 11.93 23.95 7.96
N THR E 284 12.75 24.77 8.61
CA THR E 284 13.06 26.10 8.12
C THR E 284 14.38 26.12 7.37
N ASP E 285 14.56 27.16 6.53
CA ASP E 285 15.80 27.33 5.78
C ASP E 285 17.04 27.21 6.67
N GLU E 286 16.98 27.83 7.85
CA GLU E 286 18.13 27.99 8.73
C GLU E 286 18.49 26.72 9.49
N SER E 287 17.55 25.77 9.61
CA SER E 287 17.83 24.48 10.21
C SER E 287 18.98 23.78 9.48
N PRO E 288 19.67 22.86 10.16
CA PRO E 288 20.72 22.08 9.49
C PRO E 288 20.12 20.99 8.60
N GLY E 289 20.87 20.64 7.57
CA GLY E 289 20.44 19.60 6.67
C GLY E 289 19.60 20.15 5.55
N GLU E 290 19.69 19.46 4.42
CA GLU E 290 19.00 19.86 3.21
C GLU E 290 17.56 19.41 3.03
N LEU E 291 16.85 20.14 2.18
CA LEU E 291 15.49 19.86 1.83
C LEU E 291 15.47 18.64 0.92
N PHE E 292 14.41 17.86 1.00
CA PHE E 292 14.25 16.73 0.13
C PHE E 292 12.79 16.66 -0.30
N THR E 293 12.53 16.00 -1.41
CA THR E 293 11.19 15.90 -1.95
C THR E 293 10.64 14.51 -1.69
N TYR E 294 9.41 14.44 -1.22
CA TYR E 294 8.72 13.17 -1.10
C TYR E 294 7.32 13.41 -1.65
N GLN E 295 7.05 12.93 -2.87
CA GLN E 295 5.70 12.95 -3.41
C GLN E 295 5.21 14.39 -3.60
N GLY E 296 5.97 15.16 -4.36
CA GLY E 296 5.63 16.50 -4.76
C GLY E 296 5.97 17.59 -3.76
N ARG E 297 5.97 17.25 -2.48
CA ARG E 297 6.22 18.21 -1.40
C ARG E 297 7.64 18.17 -0.85
N GLN E 298 8.06 19.23 -0.18
CA GLN E 298 9.43 19.33 0.33
C GLN E 298 9.49 19.20 1.84
N TYR E 299 10.53 18.52 2.34
CA TYR E 299 10.64 18.27 3.77
C TYR E 299 12.10 18.34 4.24
N LYS E 300 12.25 18.26 5.55
CA LYS E 300 13.55 18.21 6.18
C LYS E 300 13.51 17.15 7.26
N SER E 301 14.61 16.44 7.47
CA SER E 301 14.70 15.47 8.56
C SER E 301 14.43 16.13 9.90
N TYR E 302 13.76 15.40 10.79
CA TYR E 302 13.65 15.85 12.17
C TYR E 302 13.65 14.63 13.08
N ARG E 303 14.60 14.58 14.02
CA ARG E 303 14.77 13.35 14.79
C ARG E 303 15.10 13.66 16.23
N GLY E 304 14.62 12.81 17.14
CA GLY E 304 14.99 12.93 18.52
C GLY E 304 16.43 12.54 18.74
N MET E 305 17.03 13.12 19.77
CA MET E 305 18.41 12.82 20.06
C MET E 305 18.57 11.55 20.86
N GLY E 306 17.46 10.91 21.21
CA GLY E 306 17.52 9.57 21.78
C GLY E 306 17.07 8.54 20.77
N SER E 307 17.08 8.90 19.50
CA SER E 307 16.73 7.95 18.44
C SER E 307 17.96 7.24 17.95
N LEU E 308 17.76 6.04 17.40
CA LEU E 308 18.86 5.28 16.83
C LEU E 308 19.73 6.15 15.93
N GLY E 309 19.10 6.95 15.06
CA GLY E 309 19.87 7.73 14.10
C GLY E 309 20.78 8.74 14.76
N ALA E 310 20.28 9.43 15.78
CA ALA E 310 21.05 10.46 16.48
C ALA E 310 22.20 9.84 17.28
N MET E 311 21.90 8.79 18.02
CA MET E 311 22.88 8.13 18.87
C MET E 311 24.00 7.40 18.14
N GLN E 312 23.74 7.04 16.89
CA GLN E 312 24.70 6.29 16.10
C GLN E 312 26.03 7.01 15.87
N LYS E 313 26.01 8.34 15.81
CA LYS E 313 27.26 9.06 15.59
C LYS E 313 28.22 8.72 16.73
N GLY E 314 27.71 8.75 17.96
CA GLY E 314 28.51 8.44 19.13
C GLY E 314 28.95 6.99 19.22
N SER E 315 28.03 6.10 18.87
CA SER E 315 28.24 4.65 18.90
C SER E 315 29.27 4.24 17.84
N SER E 316 29.25 4.87 16.67
CA SER E 316 30.19 4.56 15.59
C SER E 316 31.60 5.05 15.90
N ASP E 317 31.74 5.97 16.86
CA ASP E 317 33.04 6.54 17.19
C ASP E 317 33.93 5.57 17.97
N LYS E 328 23.58 -2.81 22.56
CA LYS E 328 22.53 -2.47 21.59
C LYS E 328 21.62 -1.36 22.11
N LEU E 329 21.46 -0.29 21.33
CA LEU E 329 20.84 0.92 21.84
C LEU E 329 19.34 0.72 22.08
N VAL E 330 18.85 1.25 23.21
CA VAL E 330 17.43 1.26 23.56
C VAL E 330 16.90 2.69 23.43
N PRO E 331 16.42 3.08 22.24
CA PRO E 331 16.11 4.50 22.02
C PRO E 331 14.89 4.94 22.80
N GLU E 332 14.74 6.27 22.87
CA GLU E 332 13.60 6.95 23.45
C GLU E 332 13.19 8.10 22.52
N GLY E 333 13.37 7.90 21.21
CA GLY E 333 13.05 8.91 20.21
C GLY E 333 13.01 8.28 18.83
N ILE E 334 12.42 8.98 17.88
CA ILE E 334 12.24 8.46 16.54
C ILE E 334 12.91 9.39 15.53
N GLU E 335 13.08 8.89 14.31
CA GLU E 335 13.58 9.69 13.20
C GLU E 335 12.43 9.95 12.23
N GLY E 336 12.35 11.17 11.74
CA GLY E 336 11.23 11.54 10.91
C GLY E 336 11.52 12.71 10.02
N ARG E 337 10.44 13.32 9.55
CA ARG E 337 10.52 14.47 8.67
C ARG E 337 9.36 15.40 9.01
N VAL E 338 9.50 16.66 8.61
CA VAL E 338 8.48 17.68 8.80
C VAL E 338 8.43 18.52 7.53
N PRO E 339 7.28 19.14 7.26
CA PRO E 339 7.16 19.96 6.04
C PRO E 339 8.13 21.13 6.03
N TYR E 340 8.56 21.48 4.82
CA TYR E 340 9.37 22.68 4.62
C TYR E 340 8.49 23.92 4.75
N VAL E 341 8.77 24.76 5.72
CA VAL E 341 7.90 25.88 6.07
C VAL E 341 8.49 27.23 5.72
N GLY E 342 9.72 27.28 5.20
CA GLY E 342 10.30 28.54 4.78
C GLY E 342 11.30 29.08 5.78
N SER E 343 11.32 30.39 6.00
CA SER E 343 12.32 30.96 6.88
C SER E 343 11.89 30.94 8.35
N ILE E 344 12.88 30.87 9.24
CA ILE E 344 12.62 30.96 10.67
C ILE E 344 11.89 32.25 10.98
N ARG E 345 12.19 33.32 10.24
CA ARG E 345 11.63 34.61 10.61
C ARG E 345 10.12 34.63 10.29
N SER E 346 9.71 33.93 9.21
CA SER E 346 8.27 33.76 8.95
C SER E 346 7.59 33.00 10.06
N VAL E 347 8.25 31.97 10.59
CA VAL E 347 7.63 31.11 11.58
C VAL E 347 7.50 31.83 12.91
N VAL E 348 8.59 32.47 13.36
CA VAL E 348 8.58 33.23 14.61
C VAL E 348 7.53 34.33 14.54
N HIS E 349 7.41 34.98 13.38
CA HIS E 349 6.40 36.03 13.23
C HIS E 349 5.02 35.50 13.57
N GLN E 350 4.60 34.39 12.93
CA GLN E 350 3.26 33.87 13.20
C GLN E 350 3.14 33.35 14.62
N LEU E 351 4.25 32.88 15.22
CA LEU E 351 4.17 32.38 16.58
C LEU E 351 4.02 33.53 17.56
N LEU E 352 4.79 34.59 17.38
CA LEU E 352 4.67 35.72 18.29
C LEU E 352 3.39 36.50 18.02
N GLY E 353 2.98 36.58 16.76
CA GLY E 353 1.72 37.23 16.43
C GLY E 353 0.54 36.58 17.13
N GLY E 354 0.61 35.27 17.35
CA GLY E 354 -0.42 34.58 18.13
C GLY E 354 -0.31 34.81 19.62
N LEU E 355 0.91 34.98 20.13
CA LEU E 355 1.08 35.33 21.54
C LEU E 355 0.56 36.74 21.81
N ARG E 356 0.91 37.71 20.94
CA ARG E 356 0.41 39.07 21.09
C ARG E 356 -1.12 39.09 21.05
N SER E 357 -1.71 38.22 20.23
CA SER E 357 -3.15 38.16 20.11
C SER E 357 -3.78 37.61 21.37
N SER E 358 -3.16 36.59 21.98
CA SER E 358 -3.70 36.02 23.20
C SER E 358 -3.68 37.03 24.34
N MET E 359 -2.59 37.80 24.44
CA MET E 359 -2.43 38.79 25.50
C MET E 359 -3.55 39.79 25.37
N GLY E 360 -3.82 40.21 24.14
CA GLY E 360 -4.95 41.10 23.89
C GLY E 360 -6.24 40.53 24.45
N TYR E 361 -6.47 39.23 24.26
CA TYR E 361 -7.70 38.63 24.78
C TYR E 361 -7.74 38.69 26.30
N VAL E 362 -6.60 38.45 26.95
CA VAL E 362 -6.56 38.49 28.40
C VAL E 362 -6.49 39.92 28.93
N GLY E 363 -6.00 40.86 28.13
CA GLY E 363 -5.93 42.24 28.51
C GLY E 363 -4.66 42.64 29.22
N ALA E 364 -3.54 41.99 28.93
CA ALA E 364 -2.32 42.06 29.72
C ALA E 364 -1.28 42.91 29.02
N LYS E 365 -0.63 43.82 29.77
CA LYS E 365 0.36 44.70 29.14
C LYS E 365 1.70 44.01 28.89
N ASP E 366 2.08 43.03 29.72
CA ASP E 366 3.35 42.32 29.56
C ASP E 366 3.18 40.90 30.08
N ILE E 367 4.23 40.08 29.93
CA ILE E 367 4.15 38.64 30.23
C ILE E 367 3.81 38.41 31.70
N GLU E 368 4.34 39.24 32.60
CA GLU E 368 4.08 39.03 34.01
C GLU E 368 2.64 39.35 34.37
N ASP E 369 2.14 40.51 33.91
CA ASP E 369 0.72 40.84 34.06
C ASP E 369 -0.15 39.75 33.46
N PHE E 370 0.31 39.17 32.35
CA PHE E 370 -0.37 38.05 31.69
C PHE E 370 -0.56 36.88 32.65
N GLN E 371 0.48 36.51 33.38
CA GLN E 371 0.33 35.39 34.30
C GLN E 371 -0.52 35.73 35.53
N LYS E 372 -0.65 37.00 35.87
CA LYS E 372 -1.56 37.34 36.97
C LYS E 372 -3.00 37.35 36.50
N ARG E 373 -3.25 37.81 35.27
CA ARG E 373 -4.60 37.83 34.72
C ARG E 373 -5.12 36.45 34.30
N ALA E 374 -4.25 35.52 33.95
CA ALA E 374 -4.67 34.30 33.28
C ALA E 374 -5.65 33.48 34.12
N GLU E 375 -6.81 33.17 33.54
CA GLU E 375 -7.73 32.17 34.07
C GLU E 375 -8.03 31.16 32.98
N PHE E 376 -8.10 29.88 33.36
CA PHE E 376 -8.31 28.78 32.43
C PHE E 376 -9.66 28.11 32.64
N VAL E 377 -10.08 27.37 31.63
CA VAL E 377 -11.10 26.35 31.84
C VAL E 377 -10.56 25.03 31.32
N GLU E 378 -11.04 23.95 31.92
CA GLU E 378 -10.75 22.62 31.42
C GLU E 378 -11.83 22.23 30.43
N ILE E 379 -11.42 21.63 29.30
CA ILE E 379 -12.34 21.27 28.26
C ILE E 379 -12.43 19.75 28.13
N THR E 380 -13.34 19.29 27.30
CA THR E 380 -13.54 17.88 27.03
C THR E 380 -12.89 17.54 25.70
N THR E 381 -12.76 16.23 25.44
CA THR E 381 -12.28 15.76 24.14
C THR E 381 -13.02 16.45 23.00
N ALA E 382 -14.36 16.47 23.08
CA ALA E 382 -15.21 17.02 22.02
C ALA E 382 -15.23 18.55 22.03
N GLY E 383 -14.83 19.17 23.14
CA GLY E 383 -14.65 20.61 23.16
C GLY E 383 -13.41 21.05 22.43
N LEU E 384 -12.39 20.18 22.37
CA LEU E 384 -11.22 20.42 21.53
C LEU E 384 -11.55 20.26 20.04
N LYS E 385 -12.46 19.34 19.69
CA LYS E 385 -12.85 19.21 18.30
C LYS E 385 -13.50 20.48 17.78
N GLU E 386 -14.33 21.13 18.62
CA GLU E 386 -14.94 22.42 18.27
C GLU E 386 -13.89 23.54 18.22
N SER E 387 -12.80 23.41 18.96
CA SER E 387 -11.82 24.49 18.98
C SER E 387 -10.97 24.50 17.72
N HIS E 388 -10.82 23.34 17.08
CA HIS E 388 -10.19 23.25 15.78
C HIS E 388 -11.20 23.57 14.68
N VAL E 389 -10.71 23.62 13.44
CA VAL E 389 -11.60 23.63 12.29
C VAL E 389 -12.37 22.31 12.26
N HIS E 390 -13.70 22.41 12.08
CA HIS E 390 -14.55 21.24 11.96
C HIS E 390 -15.55 21.46 10.85
N ASP E 391 -16.00 20.37 10.24
CA ASP E 391 -17.10 20.32 9.28
C ASP E 391 -16.84 21.14 8.02
N VAL E 392 -15.63 21.64 7.82
CA VAL E 392 -15.27 22.43 6.66
C VAL E 392 -13.95 21.89 6.12
N THR E 393 -13.88 21.64 4.82
CA THR E 393 -12.62 21.26 4.21
C THR E 393 -11.82 22.53 3.90
N ILE E 394 -10.57 22.56 4.37
CA ILE E 394 -9.68 23.70 4.12
C ILE E 394 -9.09 23.58 2.73
N THR E 395 -9.17 24.65 1.96
CA THR E 395 -8.62 24.65 0.61
C THR E 395 -7.31 25.41 0.51
N HIS E 396 -7.18 26.52 1.21
CA HIS E 396 -5.93 27.29 1.26
C HIS E 396 -5.38 27.19 2.68
N GLU E 397 -4.14 26.73 2.80
CA GLU E 397 -3.53 26.57 4.13
C GLU E 397 -3.20 27.92 4.75
N ALA E 398 -3.41 28.02 6.02
CA ALA E 398 -3.15 29.24 6.78
C ALA E 398 -1.69 29.27 7.26
N PRO E 399 -1.07 30.45 7.28
CA PRO E 399 0.35 30.53 7.72
C PRO E 399 0.59 30.03 9.15
N ASN E 400 -0.45 29.89 9.97
CA ASN E 400 -0.27 29.51 11.36
C ASN E 400 -1.25 28.41 11.79
N TYR E 401 -1.69 27.55 10.85
CA TYR E 401 -2.57 26.43 11.18
C TYR E 401 -2.33 25.27 10.21
N LYS E 402 -2.30 24.05 10.76
CA LYS E 402 -1.85 22.83 10.04
C LYS E 402 -2.63 22.51 8.76
N ALA F 24 -0.62 27.61 42.26
CA ALA F 24 -1.25 26.77 41.24
C ALA F 24 -1.98 27.65 40.22
N MET F 25 -2.06 27.18 38.98
CA MET F 25 -2.87 27.89 38.01
C MET F 25 -4.33 27.91 38.48
N LYS F 26 -5.08 28.89 37.98
CA LYS F 26 -6.48 29.07 38.34
C LYS F 26 -7.35 28.43 37.26
N ILE F 27 -8.03 27.32 37.61
CA ILE F 27 -8.93 26.64 36.69
C ILE F 27 -10.36 26.91 37.15
N VAL F 28 -11.03 27.80 36.43
CA VAL F 28 -12.32 28.33 36.87
C VAL F 28 -13.38 27.23 36.88
N LYS F 29 -13.53 26.49 35.78
CA LYS F 29 -14.58 25.49 35.67
C LYS F 29 -14.20 24.48 34.59
N ARG F 30 -14.90 23.36 34.57
CA ARG F 30 -14.85 22.42 33.46
C ARG F 30 -15.94 22.82 32.48
N ALA F 31 -15.55 23.37 31.34
CA ALA F 31 -16.50 23.93 30.39
C ALA F 31 -16.94 22.87 29.38
N LEU F 32 -18.24 22.80 29.15
CA LEU F 32 -18.84 21.82 28.24
C LEU F 32 -19.26 22.46 26.92
N THR F 33 -19.36 21.64 25.89
CA THR F 33 -19.87 22.15 24.63
C THR F 33 -21.03 21.29 24.13
N PHE F 34 -21.51 21.51 22.89
CA PHE F 34 -22.75 20.89 22.42
C PHE F 34 -22.71 19.36 22.54
N GLU F 35 -21.59 18.73 22.15
CA GLU F 35 -21.58 17.28 22.12
C GLU F 35 -21.56 16.67 23.50
N ASP F 36 -21.29 17.44 24.56
CA ASP F 36 -21.22 16.89 25.90
C ASP F 36 -22.58 16.66 26.54
N VAL F 37 -23.64 17.30 26.03
CA VAL F 37 -24.95 17.32 26.69
C VAL F 37 -26.02 16.83 25.75
N LEU F 38 -27.09 16.32 26.34
CA LEU F 38 -28.31 15.97 25.64
C LEU F 38 -29.49 16.38 26.48
N LEU F 39 -30.60 16.70 25.80
CA LEU F 39 -31.83 17.09 26.49
C LEU F 39 -32.57 15.82 26.90
N ARG F 40 -33.07 15.80 28.17
CA ARG F 40 -33.94 14.73 28.67
C ARG F 40 -35.37 14.93 28.16
N PRO F 41 -36.05 13.88 27.76
CA PRO F 41 -37.44 14.03 27.34
C PRO F 41 -38.35 14.24 28.55
N GLY F 42 -39.32 15.15 28.41
CA GLY F 42 -40.33 15.39 29.41
C GLY F 42 -41.71 14.92 28.96
N TYR F 43 -42.66 14.95 29.90
CA TYR F 43 -44.07 14.73 29.55
C TYR F 43 -44.55 15.84 28.62
N SER F 44 -45.25 15.47 27.56
CA SER F 44 -45.58 16.41 26.51
C SER F 44 -47.05 16.30 26.13
N GLU F 45 -47.69 17.47 25.94
CA GLU F 45 -49.03 17.55 25.38
C GLU F 45 -49.07 18.30 24.07
N VAL F 46 -47.97 18.90 23.64
CA VAL F 46 -47.88 19.59 22.36
C VAL F 46 -47.34 18.63 21.31
N LEU F 47 -47.89 18.73 20.08
CA LEU F 47 -47.20 18.13 18.96
C LEU F 47 -46.16 19.09 18.41
N PRO F 48 -45.11 18.59 17.77
CA PRO F 48 -44.12 19.51 17.19
C PRO F 48 -44.75 20.54 16.28
N LYS F 49 -45.86 20.19 15.63
CA LYS F 49 -46.57 21.09 14.73
C LYS F 49 -47.07 22.35 15.42
N GLU F 50 -47.42 22.28 16.71
CA GLU F 50 -48.18 23.32 17.40
C GLU F 50 -47.32 24.24 18.28
N VAL F 51 -46.02 23.97 18.36
CA VAL F 51 -45.08 24.76 19.13
C VAL F 51 -44.87 26.12 18.47
N LYS F 52 -44.66 27.16 19.28
CA LYS F 52 -44.39 28.49 18.76
C LYS F 52 -42.90 28.80 18.88
N ILE F 53 -42.30 29.26 17.78
CA ILE F 53 -40.86 29.41 17.66
C ILE F 53 -40.45 30.89 17.56
N HIS F 54 -41.36 31.82 17.89
CA HIS F 54 -41.00 33.23 17.89
C HIS F 54 -40.09 33.57 19.08
N THR F 55 -39.31 34.64 18.92
CA THR F 55 -38.34 35.00 19.96
C THR F 55 -37.96 36.48 19.82
N LYS F 56 -37.20 36.95 20.80
CA LYS F 56 -36.64 38.29 20.76
C LYS F 56 -35.22 38.24 20.17
N LEU F 57 -34.91 39.21 19.30
CA LEU F 57 -33.55 39.44 18.84
C LEU F 57 -32.83 40.43 19.78
N THR F 58 -33.42 41.59 19.99
CA THR F 58 -32.91 42.57 20.92
C THR F 58 -34.00 42.85 21.96
N LYS F 59 -33.77 43.87 22.79
CA LYS F 59 -34.84 44.32 23.68
C LYS F 59 -36.10 44.70 22.89
N ASN F 60 -35.95 45.29 21.69
CA ASN F 60 -37.07 45.85 20.95
C ASN F 60 -37.46 45.09 19.69
N ILE F 61 -36.52 44.47 18.98
CA ILE F 61 -36.83 43.78 17.74
C ILE F 61 -37.21 42.33 18.03
N THR F 62 -38.30 41.89 17.42
CA THR F 62 -38.82 40.54 17.59
C THR F 62 -38.51 39.69 16.35
N LEU F 63 -38.29 38.40 16.56
CA LEU F 63 -38.09 37.43 15.49
C LEU F 63 -39.21 36.40 15.49
N ASN F 64 -39.58 35.93 14.30
CA ASN F 64 -40.60 34.90 14.20
C ASN F 64 -40.02 33.48 14.19
N MET F 65 -38.73 33.35 13.95
CA MET F 65 -37.95 32.14 14.16
C MET F 65 -36.58 32.55 14.65
N PRO F 66 -35.87 31.66 15.33
CA PRO F 66 -34.66 32.08 16.04
C PRO F 66 -33.34 32.03 15.26
N LEU F 67 -33.36 32.02 13.93
CA LEU F 67 -32.14 31.86 13.14
C LEU F 67 -31.70 33.18 12.50
N ILE F 68 -30.46 33.58 12.78
CA ILE F 68 -29.79 34.72 12.12
C ILE F 68 -28.68 34.16 11.24
N SER F 69 -28.51 34.75 10.06
CA SER F 69 -27.41 34.32 9.21
C SER F 69 -26.18 35.21 9.42
N ALA F 70 -25.01 34.57 9.38
CA ALA F 70 -23.76 35.15 9.85
C ALA F 70 -23.31 36.36 9.02
N ALA F 71 -22.67 37.31 9.69
CA ALA F 71 -22.15 38.51 9.00
C ALA F 71 -20.77 38.21 8.40
N MET F 72 -20.79 37.43 7.32
CA MET F 72 -19.57 36.96 6.69
C MET F 72 -19.72 37.08 5.18
N ASP F 73 -18.64 37.47 4.50
CA ASP F 73 -18.66 37.77 3.08
C ASP F 73 -18.93 36.55 2.20
N THR F 74 -19.02 35.36 2.81
CA THR F 74 -19.42 34.15 2.11
C THR F 74 -20.76 33.61 2.58
N VAL F 75 -21.45 34.34 3.45
CA VAL F 75 -22.74 33.86 3.92
C VAL F 75 -23.91 34.79 3.66
N THR F 76 -23.82 36.00 4.20
CA THR F 76 -24.90 36.96 4.07
C THR F 76 -24.62 38.23 3.30
N GLU F 77 -25.36 38.42 2.23
CA GLU F 77 -25.48 39.70 1.58
C GLU F 77 -26.95 39.84 1.25
N HIS F 78 -27.32 40.83 0.46
CA HIS F 78 -28.75 41.12 0.33
C HIS F 78 -29.62 39.95 -0.08
N ARG F 79 -29.18 39.12 -1.02
CA ARG F 79 -30.03 38.01 -1.43
C ARG F 79 -30.30 37.04 -0.28
N ALA F 80 -29.32 36.79 0.57
CA ALA F 80 -29.53 35.84 1.66
C ALA F 80 -30.27 36.48 2.82
N ALA F 81 -30.03 37.78 3.07
CA ALA F 81 -30.74 38.49 4.12
C ALA F 81 -32.18 38.72 3.77
N ILE F 82 -32.48 38.70 2.46
CA ILE F 82 -33.87 38.72 2.02
C ILE F 82 -34.57 37.45 2.43
N MET F 83 -34.04 36.29 2.00
CA MET F 83 -34.67 35.02 2.35
C MET F 83 -34.80 34.87 3.86
N MET F 84 -33.73 35.15 4.59
CA MET F 84 -33.76 35.07 6.04
C MET F 84 -34.97 35.81 6.61
N ALA F 85 -35.19 37.04 6.16
CA ALA F 85 -36.32 37.81 6.67
C ALA F 85 -37.64 37.19 6.24
N ARG F 86 -37.74 36.80 4.96
CA ARG F 86 -38.98 36.20 4.46
C ARG F 86 -39.36 34.97 5.25
N LEU F 87 -38.37 34.22 5.75
CA LEU F 87 -38.65 33.00 6.49
C LEU F 87 -38.92 33.27 7.97
N GLY F 88 -38.92 34.53 8.39
CA GLY F 88 -39.19 34.89 9.75
C GLY F 88 -38.02 35.40 10.55
N GLY F 89 -36.77 35.18 10.08
CA GLY F 89 -35.59 35.54 10.85
C GLY F 89 -34.93 36.84 10.47
N LEU F 90 -33.59 36.82 10.33
CA LEU F 90 -32.81 38.02 10.07
C LEU F 90 -31.47 37.63 9.46
N GLY F 91 -30.97 38.47 8.54
CA GLY F 91 -29.60 38.36 8.07
C GLY F 91 -28.77 39.55 8.50
N VAL F 92 -27.44 39.45 8.51
CA VAL F 92 -26.60 40.58 8.89
C VAL F 92 -25.59 40.80 7.77
N ILE F 93 -25.71 41.94 7.07
CA ILE F 93 -24.80 42.26 5.99
C ILE F 93 -23.38 42.42 6.54
N HIS F 94 -22.45 41.61 6.02
CA HIS F 94 -21.07 41.67 6.48
C HIS F 94 -20.47 43.04 6.15
N LYS F 95 -19.39 43.37 6.87
CA LYS F 95 -18.77 44.69 6.80
C LYS F 95 -17.56 44.73 5.88
N ASN F 96 -17.30 43.67 5.13
CA ASN F 96 -16.13 43.59 4.25
C ASN F 96 -16.39 44.28 2.91
N MET F 97 -16.74 45.56 2.98
CA MET F 97 -17.05 46.38 1.82
C MET F 97 -17.15 47.82 2.30
N ASP F 98 -16.93 48.76 1.37
CA ASP F 98 -17.02 50.17 1.71
C ASP F 98 -18.45 50.52 2.09
N ILE F 99 -18.60 51.70 2.68
CA ILE F 99 -19.90 52.09 3.22
C ILE F 99 -20.95 52.20 2.12
N ALA F 100 -20.58 52.78 0.97
CA ALA F 100 -21.52 52.89 -0.15
C ALA F 100 -22.10 51.52 -0.52
N SER F 101 -21.24 50.52 -0.65
CA SER F 101 -21.70 49.20 -1.09
C SER F 101 -22.58 48.54 -0.04
N GLN F 102 -22.30 48.77 1.24
CA GLN F 102 -23.11 48.14 2.29
C GLN F 102 -24.45 48.83 2.43
N VAL F 103 -24.53 50.12 2.12
CA VAL F 103 -25.81 50.80 2.11
C VAL F 103 -26.69 50.24 1.01
N ARG F 104 -26.15 50.07 -0.20
CA ARG F 104 -26.93 49.47 -1.28
C ARG F 104 -27.54 48.14 -0.83
N GLU F 105 -26.72 47.24 -0.29
CA GLU F 105 -27.24 45.97 0.22
C GLU F 105 -28.41 46.17 1.17
N VAL F 106 -28.29 47.10 2.12
CA VAL F 106 -29.40 47.38 3.01
C VAL F 106 -30.61 47.83 2.20
N LYS F 107 -30.40 48.71 1.22
CA LYS F 107 -31.51 49.24 0.44
C LYS F 107 -32.18 48.15 -0.42
N ARG F 108 -31.40 47.20 -0.93
CA ARG F 108 -32.00 46.15 -1.73
C ARG F 108 -32.86 45.21 -0.90
N VAL F 109 -32.61 45.13 0.41
CA VAL F 109 -33.47 44.34 1.27
C VAL F 109 -34.73 45.13 1.62
N LYS F 110 -34.56 46.40 1.98
CA LYS F 110 -35.70 47.21 2.38
C LYS F 110 -36.72 47.33 1.25
N LYS F 111 -36.23 47.53 0.02
CA LYS F 111 -37.07 47.62 -1.18
C LYS F 111 -37.43 46.27 -1.78
N SER F 112 -37.37 45.20 -1.01
CA SER F 112 -37.68 43.88 -1.53
C SER F 112 -39.11 43.48 -1.18
N GLU F 113 -39.68 42.61 -2.00
CA GLU F 113 -41.02 42.11 -1.75
C GLU F 113 -41.05 41.18 -0.55
N SER F 114 -42.14 41.23 0.20
CA SER F 114 -42.29 40.38 1.38
C SER F 114 -42.93 39.03 1.07
N GLY F 115 -43.49 38.83 -0.11
CA GLY F 115 -44.10 37.55 -0.46
C GLY F 115 -43.42 36.83 -1.60
N LYS F 124 -48.87 35.26 1.64
CA LYS F 124 -49.40 33.92 1.40
C LYS F 124 -48.31 32.83 1.43
N GLU F 125 -47.24 32.99 0.65
CA GLU F 125 -46.17 31.99 0.59
C GLU F 125 -45.11 32.18 1.67
N TYR F 126 -44.86 33.43 2.09
CA TYR F 126 -43.99 33.74 3.22
C TYR F 126 -44.78 34.41 4.33
N PRO F 127 -45.62 33.66 5.05
CA PRO F 127 -46.56 34.28 6.01
C PRO F 127 -45.94 34.61 7.36
N ASP F 128 -44.67 34.27 7.54
CA ASP F 128 -43.95 34.51 8.79
C ASP F 128 -42.95 35.64 8.66
N ALA F 129 -43.03 36.42 7.59
CA ALA F 129 -41.97 37.34 7.24
C ALA F 129 -41.74 38.38 8.34
N ASN F 130 -40.48 38.71 8.54
CA ASN F 130 -40.05 39.58 9.62
C ASN F 130 -39.96 41.00 9.08
N LYS F 131 -40.97 41.83 9.39
CA LYS F 131 -41.09 43.16 8.83
C LYS F 131 -41.03 44.23 9.92
N ASP F 132 -40.60 45.45 9.52
CA ASP F 132 -40.68 46.65 10.34
C ASP F 132 -42.12 47.21 10.31
N ASN F 133 -42.30 48.44 10.77
CA ASN F 133 -43.64 49.01 10.83
C ASN F 133 -44.09 49.65 9.53
N PHE F 134 -43.19 49.81 8.56
CA PHE F 134 -43.54 50.23 7.21
C PHE F 134 -43.78 49.06 6.26
N GLY F 135 -43.84 47.83 6.78
CA GLY F 135 -44.01 46.65 5.96
C GLY F 135 -42.79 46.23 5.17
N ARG F 136 -41.63 46.80 5.47
CA ARG F 136 -40.38 46.46 4.79
C ARG F 136 -39.68 45.36 5.57
N LEU F 137 -38.96 44.50 4.84
CA LEU F 137 -38.20 43.43 5.48
C LEU F 137 -37.14 44.00 6.42
N ARG F 138 -36.97 43.34 7.57
CA ARG F 138 -35.97 43.76 8.52
C ARG F 138 -34.60 43.31 8.05
N VAL F 139 -33.57 44.08 8.40
CA VAL F 139 -32.22 43.81 7.93
C VAL F 139 -31.23 44.28 8.98
N GLY F 140 -30.10 43.57 9.06
CA GLY F 140 -29.04 43.92 9.97
C GLY F 140 -27.73 44.19 9.25
N ALA F 141 -26.83 44.92 9.89
CA ALA F 141 -25.58 45.23 9.24
C ALA F 141 -24.48 45.28 10.28
N ALA F 142 -23.31 44.79 9.90
CA ALA F 142 -22.16 44.69 10.78
C ALA F 142 -21.30 45.95 10.70
N ILE F 143 -20.60 46.25 11.80
CA ILE F 143 -19.70 47.40 11.90
C ILE F 143 -18.54 47.05 12.83
N GLY F 144 -17.43 47.76 12.64
CA GLY F 144 -16.29 47.68 13.54
C GLY F 144 -16.22 48.88 14.49
N VAL F 145 -15.21 48.87 15.36
CA VAL F 145 -15.04 49.96 16.31
C VAL F 145 -14.59 51.22 15.59
N GLY F 146 -15.12 52.36 16.02
CA GLY F 146 -14.75 53.65 15.43
C GLY F 146 -15.20 53.86 14.01
N GLN F 147 -16.34 53.30 13.62
CA GLN F 147 -16.83 53.44 12.25
C GLN F 147 -18.13 54.23 12.23
N MET F 148 -18.12 55.40 12.86
CA MET F 148 -19.36 56.16 13.02
C MET F 148 -19.93 56.60 11.68
N ASP F 149 -19.05 56.95 10.72
CA ASP F 149 -19.53 57.30 9.39
C ASP F 149 -20.28 56.14 8.73
N ARG F 150 -19.82 54.91 8.97
CA ARG F 150 -20.57 53.74 8.52
C ARG F 150 -21.95 53.70 9.15
N VAL F 151 -22.00 53.66 10.49
CA VAL F 151 -23.24 53.65 11.24
C VAL F 151 -24.20 54.69 10.69
N ASP F 152 -23.71 55.93 10.53
CA ASP F 152 -24.56 57.02 10.06
C ASP F 152 -25.23 56.67 8.73
N ALA F 153 -24.45 56.16 7.78
CA ALA F 153 -25.02 55.80 6.49
C ALA F 153 -26.05 54.68 6.62
N LEU F 154 -25.75 53.65 7.42
CA LEU F 154 -26.75 52.59 7.62
C LEU F 154 -27.98 53.11 8.34
N VAL F 155 -27.82 54.07 9.27
CA VAL F 155 -29.00 54.61 9.96
C VAL F 155 -29.96 55.24 8.95
N GLU F 156 -29.48 56.21 8.17
CA GLU F 156 -30.37 56.83 7.19
C GLU F 156 -30.84 55.85 6.12
N ALA F 157 -30.05 54.83 5.80
CA ALA F 157 -30.49 53.82 4.86
C ALA F 157 -31.64 52.97 5.40
N GLY F 158 -31.90 53.05 6.70
CA GLY F 158 -33.04 52.36 7.27
C GLY F 158 -32.76 51.01 7.86
N VAL F 159 -31.51 50.74 8.27
CA VAL F 159 -31.20 49.46 8.90
C VAL F 159 -32.02 49.29 10.17
N ASP F 160 -32.39 48.05 10.47
CA ASP F 160 -33.18 47.78 11.67
C ASP F 160 -32.34 47.55 12.91
N VAL F 161 -31.12 47.06 12.75
CA VAL F 161 -30.21 46.77 13.86
C VAL F 161 -28.80 46.77 13.32
N VAL F 162 -27.89 47.47 13.99
CA VAL F 162 -26.47 47.41 13.65
C VAL F 162 -25.79 46.42 14.58
N VAL F 163 -24.92 45.61 14.02
CA VAL F 163 -24.18 44.60 14.77
C VAL F 163 -22.71 45.02 14.85
N LEU F 164 -22.24 45.27 16.07
CA LEU F 164 -20.86 45.67 16.36
C LEU F 164 -20.06 44.43 16.73
N ASP F 165 -19.34 43.84 15.78
CA ASP F 165 -18.64 42.58 16.05
C ASP F 165 -17.12 42.78 15.95
N SER F 166 -16.46 42.56 17.06
CA SER F 166 -15.01 42.46 17.17
C SER F 166 -14.67 41.02 17.53
N ALA F 167 -13.39 40.68 17.39
CA ALA F 167 -12.98 39.39 17.89
C ALA F 167 -13.09 39.35 19.41
N HIS F 168 -12.97 40.52 20.02
CA HIS F 168 -13.03 40.68 21.46
C HIS F 168 -13.99 41.77 21.87
N GLY F 169 -15.26 41.44 22.09
CA GLY F 169 -16.23 42.42 22.52
C GLY F 169 -15.93 43.02 23.89
N HIS F 170 -15.31 42.24 24.78
CA HIS F 170 -14.92 42.75 26.10
C HIS F 170 -13.66 43.59 26.01
N SER F 171 -13.65 44.60 25.13
CA SER F 171 -12.50 45.48 24.96
C SER F 171 -12.95 46.91 25.22
N LYS F 172 -12.03 47.75 25.72
CA LYS F 172 -12.38 49.16 25.90
C LYS F 172 -12.82 49.81 24.60
N GLY F 173 -12.25 49.40 23.47
CA GLY F 173 -12.65 49.98 22.20
C GLY F 173 -14.08 49.64 21.83
N ILE F 174 -14.50 48.40 22.07
CA ILE F 174 -15.89 48.03 21.81
C ILE F 174 -16.83 48.79 22.75
N ILE F 175 -16.51 48.83 24.04
CA ILE F 175 -17.40 49.48 25.02
C ILE F 175 -17.57 50.95 24.67
N ASP F 176 -16.47 51.64 24.38
CA ASP F 176 -16.57 53.06 24.04
C ASP F 176 -17.34 53.28 22.75
N THR F 177 -17.34 52.30 21.84
CA THR F 177 -18.13 52.44 20.62
C THR F 177 -19.61 52.24 20.90
N VAL F 178 -19.98 51.35 21.84
CA VAL F 178 -21.40 51.21 22.10
C VAL F 178 -21.93 52.42 22.85
N LYS F 179 -21.09 53.16 23.57
CA LYS F 179 -21.56 54.33 24.28
C LYS F 179 -21.75 55.52 23.34
N ALA F 180 -20.83 55.70 22.40
CA ALA F 180 -20.96 56.79 21.42
C ALA F 180 -22.18 56.56 20.51
N ILE F 181 -22.43 55.32 20.09
CA ILE F 181 -23.56 55.03 19.21
C ILE F 181 -24.88 55.29 19.93
N LYS F 182 -25.03 54.78 21.15
CA LYS F 182 -26.28 54.95 21.89
C LYS F 182 -26.51 56.40 22.30
N ALA F 183 -25.45 57.22 22.36
CA ALA F 183 -25.64 58.65 22.57
C ALA F 183 -26.18 59.34 21.32
N LYS F 184 -25.71 58.92 20.14
CA LYS F 184 -26.15 59.55 18.89
C LYS F 184 -27.49 58.99 18.42
N TYR F 185 -27.69 57.68 18.52
CA TYR F 185 -28.94 57.04 18.07
C TYR F 185 -29.56 56.28 19.22
N PRO F 186 -30.17 56.99 20.18
CA PRO F 186 -30.76 56.31 21.34
C PRO F 186 -31.77 55.25 20.97
N ASN F 187 -32.41 55.37 19.81
CA ASN F 187 -33.49 54.46 19.40
C ASN F 187 -33.03 53.49 18.33
N LEU F 188 -31.74 53.44 18.03
CA LEU F 188 -31.20 52.45 17.12
C LEU F 188 -30.76 51.25 17.94
N ASP F 189 -31.35 50.09 17.65
CA ASP F 189 -31.02 48.87 18.38
C ASP F 189 -29.64 48.35 17.97
N LEU F 190 -28.87 47.93 18.96
CA LEU F 190 -27.45 47.62 18.77
C LEU F 190 -27.09 46.31 19.45
N ILE F 191 -26.30 45.49 18.76
CA ILE F 191 -25.79 44.22 19.25
C ILE F 191 -24.27 44.32 19.27
N ALA F 192 -23.65 43.91 20.36
CA ALA F 192 -22.19 43.91 20.46
C ALA F 192 -21.72 42.51 20.77
N GLY F 193 -20.53 42.19 20.30
CA GLY F 193 -19.89 40.93 20.59
C GLY F 193 -18.58 40.90 19.84
N ASN F 194 -17.89 39.77 19.93
CA ASN F 194 -18.41 38.59 20.63
C ASN F 194 -17.76 38.45 21.99
N ILE F 195 -18.44 37.74 22.89
CA ILE F 195 -18.02 37.63 24.27
C ILE F 195 -18.26 36.22 24.77
N ALA F 196 -17.63 35.88 25.87
CA ALA F 196 -17.74 34.51 26.37
C ALA F 196 -17.69 34.41 27.89
N THR F 197 -17.67 35.53 28.61
CA THR F 197 -17.64 35.52 30.07
C THR F 197 -18.83 36.29 30.61
N ALA F 198 -19.28 35.88 31.80
CA ALA F 198 -20.32 36.63 32.49
C ALA F 198 -19.93 38.09 32.67
N ALA F 199 -18.66 38.34 33.05
CA ALA F 199 -18.20 39.72 33.24
C ALA F 199 -18.29 40.54 31.96
N ALA F 200 -18.14 39.90 30.79
CA ALA F 200 -18.25 40.63 29.53
C ALA F 200 -19.70 40.98 29.19
N ALA F 201 -20.64 40.09 29.53
CA ALA F 201 -22.04 40.44 29.44
C ALA F 201 -22.36 41.59 30.38
N LYS F 202 -21.91 41.50 31.62
CA LYS F 202 -22.13 42.60 32.57
C LYS F 202 -21.57 43.92 32.03
N ALA F 203 -20.43 43.85 31.33
CA ALA F 203 -19.79 45.08 30.83
C ALA F 203 -20.59 45.68 29.69
N LEU F 204 -21.00 44.85 28.72
CA LEU F 204 -21.73 45.38 27.55
C LEU F 204 -23.14 45.82 27.93
N CYS F 205 -23.81 45.09 28.82
CA CYS F 205 -25.16 45.48 29.22
C CYS F 205 -25.14 46.82 29.94
N GLU F 206 -24.18 47.00 30.86
CA GLU F 206 -24.02 48.30 31.52
C GLU F 206 -23.60 49.39 30.56
N ALA F 207 -22.92 49.04 29.46
CA ALA F 207 -22.56 50.01 28.44
C ALA F 207 -23.72 50.38 27.52
N GLY F 208 -24.81 49.63 27.54
CA GLY F 208 -26.03 49.99 26.87
C GLY F 208 -26.47 49.17 25.65
N VAL F 209 -26.03 47.92 25.51
CA VAL F 209 -26.38 47.16 24.33
C VAL F 209 -27.81 46.65 24.44
N ASP F 210 -28.37 46.25 23.29
CA ASP F 210 -29.68 45.64 23.26
C ASP F 210 -29.62 44.12 23.05
N ALA F 211 -28.42 43.56 22.94
CA ALA F 211 -28.19 42.12 22.91
C ALA F 211 -26.70 41.86 22.86
N VAL F 212 -26.27 40.73 23.40
CA VAL F 212 -24.87 40.33 23.36
C VAL F 212 -24.77 39.05 22.53
N LYS F 213 -23.74 38.98 21.68
CA LYS F 213 -23.40 37.76 20.94
C LYS F 213 -22.32 37.00 21.70
N VAL F 214 -22.62 35.75 22.04
CA VAL F 214 -21.69 34.86 22.72
C VAL F 214 -21.06 33.92 21.71
N GLY F 215 -19.74 33.90 21.65
CA GLY F 215 -19.03 33.00 20.78
C GLY F 215 -17.57 33.41 20.61
N ILE F 216 -16.67 32.91 21.46
CA ILE F 216 -15.25 33.12 21.27
C ILE F 216 -14.64 31.76 20.93
N GLY F 217 -14.33 31.57 19.65
CA GLY F 217 -13.65 30.35 19.25
C GLY F 217 -14.45 29.18 18.69
N PRO F 218 -15.80 29.17 18.75
CA PRO F 218 -16.50 27.94 18.31
C PRO F 218 -16.73 27.84 16.81
N GLY F 219 -16.67 28.96 16.07
CA GLY F 219 -16.80 28.97 14.61
C GLY F 219 -16.10 27.85 13.87
N SER F 220 -16.83 27.20 12.96
CA SER F 220 -16.28 26.08 12.20
C SER F 220 -15.01 26.47 11.45
N ILE F 221 -14.93 27.71 10.98
CA ILE F 221 -13.78 28.21 10.25
C ILE F 221 -12.79 28.94 11.16
N CYS F 222 -13.03 28.91 12.47
CA CYS F 222 -12.30 29.73 13.42
C CYS F 222 -11.14 28.95 13.99
N THR F 223 -9.95 29.56 14.01
CA THR F 223 -8.78 28.95 14.61
C THR F 223 -8.29 29.71 15.83
N THR F 224 -9.17 30.50 16.46
CA THR F 224 -8.75 31.39 17.53
C THR F 224 -8.21 30.61 18.72
N ARG F 225 -8.94 29.59 19.16
CA ARG F 225 -8.45 28.80 20.27
C ARG F 225 -7.12 28.15 19.93
N ILE F 226 -6.92 27.79 18.66
CA ILE F 226 -5.65 27.19 18.27
C ILE F 226 -4.55 28.25 18.20
N VAL F 227 -4.88 29.44 17.70
CA VAL F 227 -3.86 30.43 17.41
C VAL F 227 -3.51 31.27 18.63
N SER F 228 -4.40 31.41 19.60
CA SER F 228 -4.05 32.14 20.82
C SER F 228 -4.35 31.37 22.09
N GLY F 229 -4.91 30.17 22.00
CA GLY F 229 -5.20 29.47 23.24
C GLY F 229 -6.35 30.03 24.02
N VAL F 230 -7.23 30.81 23.38
CA VAL F 230 -8.30 31.56 24.03
C VAL F 230 -9.67 31.11 23.49
N GLY F 231 -10.58 30.83 24.41
CA GLY F 231 -11.91 30.41 24.05
C GLY F 231 -12.65 29.90 25.26
N VAL F 232 -13.96 29.72 25.08
CA VAL F 232 -14.81 29.02 26.04
C VAL F 232 -15.82 28.15 25.32
N PRO F 233 -15.86 26.84 25.59
CA PRO F 233 -16.85 25.96 24.96
C PRO F 233 -18.29 26.48 25.05
N GLN F 234 -19.01 26.39 23.92
CA GLN F 234 -20.16 27.27 23.69
C GLN F 234 -21.32 27.01 24.64
N ILE F 235 -21.58 25.76 25.05
CA ILE F 235 -22.69 25.50 25.99
C ILE F 235 -22.44 26.19 27.32
N SER F 236 -21.22 26.07 27.85
CA SER F 236 -20.86 26.71 29.11
C SER F 236 -20.79 28.22 28.97
N ALA F 237 -20.41 28.72 27.78
CA ALA F 237 -20.36 30.16 27.54
C ALA F 237 -21.74 30.78 27.52
N ILE F 238 -22.66 30.21 26.73
CA ILE F 238 -24.03 30.71 26.71
C ILE F 238 -24.60 30.74 28.12
N ASP F 239 -24.49 29.62 28.83
CA ASP F 239 -24.99 29.52 30.20
C ASP F 239 -24.45 30.64 31.10
N GLU F 240 -23.14 30.89 31.01
CA GLU F 240 -22.51 31.92 31.84
C GLU F 240 -23.10 33.31 31.56
N CYS F 241 -23.32 33.62 30.28
CA CYS F 241 -23.77 34.95 29.88
C CYS F 241 -25.28 35.11 29.95
N VAL F 242 -26.05 34.03 29.76
CA VAL F 242 -27.49 34.14 29.92
C VAL F 242 -27.82 34.50 31.37
N GLU F 243 -27.20 33.80 32.33
CA GLU F 243 -27.41 34.14 33.73
C GLU F 243 -27.16 35.63 33.96
N GLU F 244 -26.09 36.16 33.37
CA GLU F 244 -25.77 37.57 33.58
C GLU F 244 -26.76 38.47 32.86
N ALA F 245 -26.95 38.25 31.56
CA ALA F 245 -27.73 39.19 30.76
C ALA F 245 -29.22 39.14 31.07
N ASN F 246 -29.71 38.08 31.72
CA ASN F 246 -31.10 38.12 32.18
C ASN F 246 -31.30 39.13 33.30
N LYS F 247 -30.23 39.46 34.05
CA LYS F 247 -30.26 40.52 35.04
C LYS F 247 -30.49 41.90 34.43
N PHE F 248 -30.25 42.08 33.13
CA PHE F 248 -30.49 43.34 32.44
C PHE F 248 -31.62 43.23 31.42
N GLY F 249 -32.30 42.09 31.36
CA GLY F 249 -33.30 41.88 30.35
C GLY F 249 -32.74 42.06 28.95
N VAL F 250 -31.60 41.44 28.68
CA VAL F 250 -30.87 41.61 27.43
C VAL F 250 -30.74 40.23 26.77
N PRO F 251 -31.31 40.02 25.59
CA PRO F 251 -31.20 38.72 24.92
C PRO F 251 -29.76 38.34 24.60
N VAL F 252 -29.51 37.04 24.50
CA VAL F 252 -28.21 36.48 24.13
C VAL F 252 -28.32 35.74 22.80
N ILE F 253 -27.53 36.17 21.82
CA ILE F 253 -27.41 35.50 20.53
C ILE F 253 -26.24 34.50 20.58
N ALA F 254 -26.53 33.21 20.58
CA ALA F 254 -25.50 32.18 20.54
C ALA F 254 -24.88 32.10 19.15
N ASP F 255 -23.59 32.39 19.05
CA ASP F 255 -22.96 32.56 17.75
C ASP F 255 -21.83 31.56 17.55
N GLY F 256 -22.02 30.61 16.66
CA GLY F 256 -20.91 29.77 16.24
C GLY F 256 -20.98 28.34 16.76
N GLY F 257 -20.61 27.40 15.87
CA GLY F 257 -20.48 26.01 16.24
C GLY F 257 -21.73 25.17 16.14
N ILE F 258 -22.81 25.69 15.58
CA ILE F 258 -23.99 24.88 15.28
C ILE F 258 -23.65 23.97 14.09
N LYS F 259 -23.67 22.66 14.33
CA LYS F 259 -23.39 21.65 13.32
C LYS F 259 -24.66 21.00 12.79
N TYR F 260 -25.65 20.78 13.65
CA TYR F 260 -26.90 20.11 13.33
C TYR F 260 -28.05 20.87 13.98
N SER F 261 -29.27 20.59 13.53
CA SER F 261 -30.42 21.26 14.11
C SER F 261 -30.50 21.06 15.62
N GLY F 262 -30.04 19.90 16.11
CA GLY F 262 -30.07 19.65 17.54
C GLY F 262 -29.23 20.63 18.34
N ASP F 263 -28.23 21.25 17.71
CA ASP F 263 -27.45 22.26 18.40
C ASP F 263 -28.27 23.52 18.61
N ILE F 264 -29.13 23.87 17.66
CA ILE F 264 -30.04 25.00 17.82
C ILE F 264 -30.93 24.77 19.04
N ALA F 265 -31.49 23.56 19.14
CA ALA F 265 -32.31 23.19 20.29
C ALA F 265 -31.52 23.26 21.58
N LYS F 266 -30.27 22.76 21.58
CA LYS F 266 -29.46 22.80 22.80
C LYS F 266 -29.15 24.25 23.22
N ALA F 267 -28.81 25.10 22.24
CA ALA F 267 -28.42 26.48 22.53
C ALA F 267 -29.58 27.30 23.08
N LEU F 268 -30.77 27.16 22.49
CA LEU F 268 -31.93 27.90 22.98
C LEU F 268 -32.40 27.37 24.32
N ALA F 269 -32.39 26.06 24.51
CA ALA F 269 -32.80 25.50 25.80
C ALA F 269 -31.95 26.06 26.93
N VAL F 270 -30.64 26.20 26.71
CA VAL F 270 -29.77 26.74 27.74
C VAL F 270 -30.08 28.20 28.00
N GLY F 271 -30.77 28.88 27.10
CA GLY F 271 -31.16 30.23 27.41
C GLY F 271 -30.83 31.25 26.35
N ALA F 272 -30.14 30.85 25.28
CA ALA F 272 -29.99 31.74 24.15
C ALA F 272 -31.37 32.14 23.60
N SER F 273 -31.48 33.41 23.19
CA SER F 273 -32.74 33.82 22.57
C SER F 273 -32.75 33.54 21.08
N SER F 274 -31.58 33.49 20.46
CA SER F 274 -31.47 33.25 19.02
C SER F 274 -30.08 32.72 18.71
N VAL F 275 -29.94 32.25 17.48
CA VAL F 275 -28.75 31.54 17.04
C VAL F 275 -28.30 32.14 15.72
N MET F 276 -27.02 32.47 15.61
CA MET F 276 -26.42 32.93 14.36
C MET F 276 -25.66 31.80 13.69
N ILE F 277 -25.89 31.62 12.39
CA ILE F 277 -25.41 30.47 11.64
C ILE F 277 -24.55 30.96 10.48
N GLY F 278 -23.39 30.32 10.30
CA GLY F 278 -22.55 30.57 9.13
C GLY F 278 -22.47 29.38 8.19
N SER F 279 -21.84 28.29 8.67
CA SER F 279 -21.49 27.17 7.79
C SER F 279 -22.71 26.50 7.17
N LEU F 280 -23.77 26.25 7.95
CA LEU F 280 -24.90 25.53 7.37
C LEU F 280 -25.66 26.35 6.32
N LEU F 281 -25.35 27.65 6.18
CA LEU F 281 -25.98 28.47 5.17
C LEU F 281 -25.05 28.84 4.02
N ALA F 282 -23.73 28.69 4.20
CA ALA F 282 -22.81 29.09 3.16
C ALA F 282 -22.99 28.28 1.88
N GLY F 283 -23.60 27.10 1.94
CA GLY F 283 -23.68 26.33 0.72
C GLY F 283 -25.02 26.44 0.02
N THR F 284 -25.66 27.60 0.07
CA THR F 284 -26.99 27.77 -0.49
C THR F 284 -26.96 28.75 -1.65
N ASP F 285 -27.98 28.63 -2.53
CA ASP F 285 -28.08 29.50 -3.69
C ASP F 285 -27.93 30.97 -3.31
N GLU F 286 -28.51 31.37 -2.18
CA GLU F 286 -28.61 32.78 -1.83
C GLU F 286 -27.32 33.36 -1.28
N SER F 287 -26.44 32.53 -0.71
CA SER F 287 -25.17 33.05 -0.22
C SER F 287 -24.34 33.52 -1.40
N PRO F 288 -23.53 34.55 -1.21
CA PRO F 288 -22.80 35.11 -2.36
C PRO F 288 -21.76 34.13 -2.86
N GLY F 289 -21.19 34.45 -4.00
CA GLY F 289 -20.21 33.58 -4.62
C GLY F 289 -20.86 32.53 -5.49
N GLU F 290 -20.02 31.86 -6.27
CA GLU F 290 -20.49 30.95 -7.29
C GLU F 290 -20.27 29.49 -6.89
N LEU F 291 -21.10 28.60 -7.45
CA LEU F 291 -20.82 27.18 -7.30
C LEU F 291 -19.56 26.80 -8.07
N PHE F 292 -18.92 25.72 -7.62
CA PHE F 292 -17.89 25.09 -8.42
C PHE F 292 -17.90 23.61 -8.11
N THR F 293 -17.31 22.83 -9.03
CA THR F 293 -17.24 21.38 -8.90
C THR F 293 -15.85 20.99 -8.42
N TYR F 294 -15.80 19.91 -7.65
CA TYR F 294 -14.52 19.30 -7.30
C TYR F 294 -14.75 17.82 -7.09
N GLN F 295 -14.10 17.02 -7.93
CA GLN F 295 -14.23 15.57 -7.92
C GLN F 295 -15.70 15.16 -7.97
N GLY F 296 -16.44 15.78 -8.87
CA GLY F 296 -17.76 15.30 -9.20
C GLY F 296 -18.86 16.04 -8.50
N ARG F 297 -18.63 16.38 -7.23
CA ARG F 297 -19.58 17.08 -6.39
C ARG F 297 -19.44 18.61 -6.52
N GLN F 298 -20.47 19.33 -6.06
CA GLN F 298 -20.52 20.78 -6.16
C GLN F 298 -20.30 21.41 -4.80
N TYR F 299 -19.70 22.61 -4.80
CA TYR F 299 -19.28 23.25 -3.56
C TYR F 299 -19.41 24.77 -3.69
N LYS F 300 -19.63 25.42 -2.56
CA LYS F 300 -19.50 26.86 -2.41
C LYS F 300 -18.31 27.14 -1.49
N SER F 301 -17.78 28.35 -1.57
CA SER F 301 -16.61 28.76 -0.79
C SER F 301 -17.02 29.35 0.55
N TYR F 302 -16.44 28.83 1.63
CA TYR F 302 -16.69 29.34 2.97
C TYR F 302 -15.36 29.71 3.62
N ARG F 303 -15.30 30.90 4.21
CA ARG F 303 -14.04 31.36 4.76
C ARG F 303 -14.31 32.25 5.95
N GLY F 304 -13.50 32.09 7.00
CA GLY F 304 -13.58 32.99 8.12
C GLY F 304 -13.29 34.42 7.70
N MET F 305 -13.88 35.37 8.44
CA MET F 305 -13.61 36.78 8.19
C MET F 305 -12.25 37.20 8.72
N GLY F 306 -11.57 36.31 9.46
CA GLY F 306 -10.22 36.49 9.91
C GLY F 306 -9.18 35.71 9.12
N SER F 307 -9.56 35.10 8.01
CA SER F 307 -8.62 34.41 7.16
C SER F 307 -7.92 35.41 6.24
N LEU F 308 -6.72 35.01 5.77
CA LEU F 308 -5.94 35.85 4.85
C LEU F 308 -6.75 36.31 3.64
N GLY F 309 -7.53 35.39 3.06
CA GLY F 309 -8.36 35.75 1.91
C GLY F 309 -9.30 36.90 2.21
N ALA F 310 -9.96 36.85 3.38
CA ALA F 310 -10.90 37.90 3.76
C ALA F 310 -10.19 39.20 4.22
N MET F 311 -9.00 39.12 4.81
CA MET F 311 -8.39 40.32 5.39
C MET F 311 -7.88 41.30 4.35
N GLN F 312 -7.84 40.93 3.07
CA GLN F 312 -7.88 41.81 1.89
C GLN F 312 -7.38 41.03 0.69
N LYS F 328 3.64 41.45 8.00
CA LYS F 328 2.78 40.34 7.62
C LYS F 328 1.61 40.23 8.61
N LEU F 329 0.58 39.48 8.23
CA LEU F 329 -0.62 39.37 9.04
C LEU F 329 -0.64 38.04 9.79
N VAL F 330 -1.44 37.99 10.86
CA VAL F 330 -1.57 36.80 11.71
C VAL F 330 -3.06 36.45 11.84
N PRO F 331 -3.54 35.47 11.09
CA PRO F 331 -4.99 35.22 11.02
C PRO F 331 -5.51 34.34 12.14
N GLU F 332 -6.83 34.42 12.32
CA GLU F 332 -7.55 33.56 13.24
C GLU F 332 -8.67 32.79 12.55
N GLY F 333 -8.63 32.72 11.20
CA GLY F 333 -9.56 31.88 10.47
C GLY F 333 -8.89 31.24 9.28
N ILE F 334 -9.59 30.28 8.66
CA ILE F 334 -9.10 29.60 7.47
C ILE F 334 -10.10 29.78 6.33
N GLU F 335 -9.65 29.40 5.14
CA GLU F 335 -10.44 29.47 3.93
C GLU F 335 -10.80 28.06 3.48
N GLY F 336 -12.07 27.83 3.18
CA GLY F 336 -12.44 26.50 2.73
C GLY F 336 -13.64 26.43 1.80
N ARG F 337 -14.21 25.22 1.70
CA ARG F 337 -15.40 24.98 0.90
C ARG F 337 -16.36 24.12 1.69
N VAL F 338 -17.64 24.39 1.49
CA VAL F 338 -18.73 23.60 2.05
C VAL F 338 -19.52 23.01 0.90
N PRO F 339 -20.15 21.86 1.05
CA PRO F 339 -21.00 21.32 -0.03
C PRO F 339 -22.15 22.26 -0.36
N TYR F 340 -22.56 22.21 -1.63
CA TYR F 340 -23.78 22.86 -2.12
C TYR F 340 -25.00 22.08 -1.63
N VAL F 341 -25.95 22.79 -1.01
CA VAL F 341 -27.05 22.15 -0.28
C VAL F 341 -28.40 22.70 -0.72
N GLY F 342 -28.44 23.37 -1.86
CA GLY F 342 -29.70 23.86 -2.38
C GLY F 342 -30.09 25.22 -1.87
N SER F 343 -31.38 25.47 -1.76
CA SER F 343 -31.84 26.80 -1.38
C SER F 343 -31.81 26.97 0.13
N ILE F 344 -31.68 28.23 0.58
CA ILE F 344 -31.76 28.52 2.01
C ILE F 344 -33.05 27.99 2.58
N ARG F 345 -34.15 28.15 1.83
CA ARG F 345 -35.47 27.69 2.27
C ARG F 345 -35.41 26.25 2.74
N SER F 346 -34.85 25.36 1.90
CA SER F 346 -34.64 23.95 2.22
C SER F 346 -33.91 23.76 3.53
N VAL F 347 -32.81 24.50 3.72
CA VAL F 347 -32.01 24.35 4.94
C VAL F 347 -32.80 24.84 6.15
N VAL F 348 -33.32 26.06 6.08
CA VAL F 348 -34.08 26.61 7.22
C VAL F 348 -35.26 25.72 7.57
N HIS F 349 -35.91 25.11 6.57
CA HIS F 349 -37.05 24.25 6.90
C HIS F 349 -36.62 23.07 7.76
N GLN F 350 -35.52 22.43 7.38
CA GLN F 350 -35.00 21.32 8.16
C GLN F 350 -34.53 21.69 9.56
N LEU F 351 -33.85 22.83 9.72
CA LEU F 351 -33.36 23.24 11.04
C LEU F 351 -34.47 23.52 12.05
N LEU F 352 -35.46 24.29 11.64
CA LEU F 352 -36.62 24.53 12.49
C LEU F 352 -37.44 23.27 12.69
N GLY F 353 -37.47 22.38 11.71
CA GLY F 353 -38.10 21.10 11.93
C GLY F 353 -37.47 20.36 13.10
N GLY F 354 -36.15 20.47 13.27
CA GLY F 354 -35.48 19.79 14.37
C GLY F 354 -35.72 20.49 15.69
N LEU F 355 -35.66 21.82 15.69
CA LEU F 355 -36.07 22.59 16.86
C LEU F 355 -37.46 22.17 17.33
N ARG F 356 -38.45 22.24 16.42
CA ARG F 356 -39.81 21.87 16.77
C ARG F 356 -39.88 20.47 17.38
N SER F 357 -39.20 19.51 16.74
CA SER F 357 -39.22 18.14 17.23
C SER F 357 -38.72 18.07 18.67
N SER F 358 -37.59 18.74 18.93
CA SER F 358 -37.02 18.83 20.27
C SER F 358 -38.02 19.37 21.27
N MET F 359 -38.66 20.49 20.95
CA MET F 359 -39.63 21.08 21.86
C MET F 359 -40.76 20.11 22.16
N GLY F 360 -41.19 19.35 21.15
CA GLY F 360 -42.13 18.26 21.40
C GLY F 360 -41.60 17.24 22.40
N TYR F 361 -40.33 16.84 22.27
CA TYR F 361 -39.75 15.90 23.24
C TYR F 361 -39.75 16.51 24.64
N VAL F 362 -39.24 17.74 24.77
CA VAL F 362 -39.29 18.44 26.05
C VAL F 362 -40.72 18.81 26.44
N GLY F 363 -41.66 18.83 25.50
CA GLY F 363 -43.03 19.16 25.84
C GLY F 363 -43.24 20.63 26.16
N ALA F 364 -42.73 21.51 25.31
CA ALA F 364 -42.78 22.95 25.50
C ALA F 364 -43.69 23.59 24.46
N LYS F 365 -44.52 24.55 24.88
CA LYS F 365 -45.41 25.23 23.94
C LYS F 365 -44.72 26.37 23.20
N ASP F 366 -43.68 26.96 23.79
CA ASP F 366 -42.91 28.03 23.17
C ASP F 366 -41.49 28.05 23.77
N ILE F 367 -40.68 28.99 23.29
CA ILE F 367 -39.25 28.99 23.60
C ILE F 367 -38.99 29.37 25.04
N GLU F 368 -39.76 30.29 25.61
CA GLU F 368 -39.63 30.59 27.03
C GLU F 368 -39.97 29.35 27.86
N ASP F 369 -41.05 28.65 27.49
CA ASP F 369 -41.40 27.39 28.15
C ASP F 369 -40.32 26.34 27.94
N PHE F 370 -39.68 26.35 26.78
CA PHE F 370 -38.57 25.46 26.52
C PHE F 370 -37.47 25.62 27.58
N GLN F 371 -37.05 26.86 27.83
CA GLN F 371 -35.95 27.13 28.75
C GLN F 371 -36.33 26.80 30.19
N LYS F 372 -37.62 26.81 30.51
CA LYS F 372 -38.05 26.51 31.87
C LYS F 372 -37.99 25.03 32.15
N ARG F 373 -38.41 24.20 31.18
CA ARG F 373 -38.52 22.75 31.40
C ARG F 373 -37.25 21.98 31.09
N ALA F 374 -36.40 22.52 30.22
CA ALA F 374 -35.19 21.82 29.78
C ALA F 374 -34.37 21.28 30.95
N GLU F 375 -34.16 19.96 30.95
CA GLU F 375 -33.21 19.28 31.80
C GLU F 375 -32.19 18.53 30.95
N PHE F 376 -30.93 18.62 31.32
CA PHE F 376 -29.83 18.06 30.54
C PHE F 376 -29.21 16.84 31.24
N VAL F 377 -28.57 16.01 30.43
CA VAL F 377 -27.64 14.98 30.91
C VAL F 377 -26.30 15.23 30.25
N GLU F 378 -25.23 14.90 30.97
CA GLU F 378 -23.89 14.93 30.42
C GLU F 378 -23.54 13.54 29.90
N ILE F 379 -22.87 13.47 28.76
CA ILE F 379 -22.55 12.18 28.16
C ILE F 379 -21.04 12.05 27.97
N THR F 380 -20.62 10.80 27.81
CA THR F 380 -19.21 10.52 27.63
C THR F 380 -18.86 10.58 26.14
N THR F 381 -17.57 10.45 25.85
CA THR F 381 -17.17 10.36 24.45
C THR F 381 -17.82 9.16 23.78
N ALA F 382 -17.97 8.04 24.50
CA ALA F 382 -18.53 6.82 23.92
C ALA F 382 -20.01 6.94 23.58
N GLY F 383 -20.73 7.85 24.24
CA GLY F 383 -22.16 8.01 24.02
C GLY F 383 -22.52 8.99 22.93
N LEU F 384 -21.54 9.79 22.47
CA LEU F 384 -21.73 10.59 21.27
C LEU F 384 -21.60 9.72 20.02
N LYS F 385 -20.85 8.62 20.11
CA LYS F 385 -20.76 7.71 19.00
C LYS F 385 -22.13 7.09 18.75
N GLU F 386 -22.81 6.75 19.85
CA GLU F 386 -24.14 6.15 19.86
C GLU F 386 -25.24 7.06 19.30
N SER F 387 -25.13 8.36 19.57
CA SER F 387 -26.09 9.34 19.07
C SER F 387 -26.11 9.38 17.58
N HIS F 388 -24.91 9.41 17.02
CA HIS F 388 -24.66 9.46 15.59
C HIS F 388 -24.96 8.09 15.02
N VAL F 389 -25.11 8.07 13.70
CA VAL F 389 -25.42 6.84 13.01
C VAL F 389 -24.22 5.98 13.21
N HIS F 390 -24.44 4.72 13.57
CA HIS F 390 -23.32 3.86 13.81
C HIS F 390 -23.50 2.44 13.33
N ASP F 391 -22.38 1.85 12.99
CA ASP F 391 -22.28 0.46 12.55
C ASP F 391 -23.12 0.13 11.35
N VAL F 392 -23.71 1.17 10.75
CA VAL F 392 -24.55 0.97 9.60
C VAL F 392 -24.14 1.97 8.55
N THR F 393 -23.93 1.51 7.34
CA THR F 393 -23.51 2.39 6.27
C THR F 393 -24.68 3.16 5.69
N ILE F 394 -24.56 4.47 5.60
CA ILE F 394 -25.62 5.26 4.99
C ILE F 394 -25.55 5.10 3.47
N THR F 395 -26.70 4.86 2.84
CA THR F 395 -26.78 4.72 1.40
C THR F 395 -27.49 5.88 0.70
N HIS F 396 -28.45 6.51 1.37
CA HIS F 396 -29.27 7.57 0.79
C HIS F 396 -28.93 8.91 1.44
N GLU F 397 -29.42 9.98 0.79
CA GLU F 397 -29.23 11.34 1.27
C GLU F 397 -30.30 11.72 2.29
N ALA F 398 -29.86 12.17 3.48
CA ALA F 398 -30.79 12.65 4.49
C ALA F 398 -30.71 14.18 4.61
N PRO F 399 -31.85 14.88 4.60
CA PRO F 399 -31.79 16.35 4.67
C PRO F 399 -31.29 16.87 6.00
N ASN F 400 -31.47 16.11 7.08
CA ASN F 400 -31.29 16.60 8.43
C ASN F 400 -30.02 16.06 9.08
N TYR F 401 -29.21 15.32 8.32
CA TYR F 401 -28.07 14.59 8.87
C TYR F 401 -27.14 14.18 7.73
N LYS F 402 -25.91 14.68 7.74
CA LYS F 402 -24.92 14.31 6.73
C LYS F 402 -23.49 14.10 7.28
N ALA G 24 -30.21 2.00 42.35
CA ALA G 24 -29.47 2.08 41.09
C ALA G 24 -28.58 0.86 40.91
N MET G 25 -28.07 0.69 39.69
CA MET G 25 -27.11 -0.36 39.43
C MET G 25 -25.86 -0.16 40.27
N LYS G 26 -25.21 -1.25 40.62
CA LYS G 26 -24.05 -1.18 41.51
C LYS G 26 -22.79 -1.02 40.67
N ILE G 27 -22.22 0.18 40.65
CA ILE G 27 -20.94 0.47 40.01
C ILE G 27 -19.91 0.73 41.12
N VAL G 28 -18.88 -0.13 41.21
CA VAL G 28 -18.03 -0.16 42.40
C VAL G 28 -16.84 0.79 42.25
N LYS G 29 -16.19 0.83 41.08
CA LYS G 29 -15.05 1.72 40.91
C LYS G 29 -14.94 2.16 39.46
N ARG G 30 -14.17 3.21 39.25
CA ARG G 30 -13.77 3.66 37.92
C ARG G 30 -12.38 3.08 37.67
N ALA G 31 -12.28 2.17 36.68
CA ALA G 31 -11.11 1.34 36.50
C ALA G 31 -10.23 1.86 35.37
N LEU G 32 -8.90 1.88 35.62
CA LEU G 32 -7.91 2.42 34.70
C LEU G 32 -7.13 1.32 34.00
N THR G 33 -6.54 1.70 32.88
CA THR G 33 -5.73 0.84 32.03
C THR G 33 -4.37 1.52 31.77
N PHE G 34 -3.39 0.78 31.26
CA PHE G 34 -2.03 1.27 31.11
C PHE G 34 -1.98 2.65 30.48
N GLU G 35 -2.83 2.89 29.51
CA GLU G 35 -2.88 4.17 28.82
C GLU G 35 -3.26 5.36 29.70
N ASP G 36 -4.09 5.12 30.70
CA ASP G 36 -4.54 6.15 31.64
C ASP G 36 -3.54 6.70 32.66
N VAL G 37 -2.46 5.96 32.92
CA VAL G 37 -1.51 6.33 33.97
C VAL G 37 -0.10 6.49 33.40
N LEU G 38 0.68 7.35 34.03
CA LEU G 38 2.12 7.42 33.82
C LEU G 38 2.84 7.40 35.18
N LEU G 39 4.07 6.90 35.17
CA LEU G 39 4.96 6.98 36.33
C LEU G 39 5.60 8.35 36.41
N ARG G 40 5.63 8.91 37.63
CA ARG G 40 6.29 10.19 37.92
C ARG G 40 7.79 9.97 38.13
N PRO G 41 8.65 10.81 37.57
CA PRO G 41 10.08 10.66 37.83
C PRO G 41 10.39 11.03 39.26
N GLY G 42 11.43 10.41 39.81
CA GLY G 42 11.92 10.74 41.13
C GLY G 42 13.43 10.79 41.15
N TYR G 43 13.97 11.37 42.23
CA TYR G 43 15.42 11.47 42.40
C TYR G 43 16.07 10.10 42.26
N SER G 44 17.14 10.05 41.48
CA SER G 44 17.77 8.79 41.13
C SER G 44 19.28 8.92 41.31
N GLU G 45 19.87 7.94 41.99
CA GLU G 45 21.31 7.73 42.03
C GLU G 45 21.73 6.51 41.23
N VAL G 46 20.78 5.73 40.69
CA VAL G 46 21.10 4.56 39.89
C VAL G 46 21.20 4.97 38.43
N LEU G 47 21.77 4.07 37.63
CA LEU G 47 21.82 4.12 36.19
C LEU G 47 21.10 2.90 35.64
N PRO G 48 20.43 3.03 34.49
CA PRO G 48 19.64 1.91 33.96
C PRO G 48 20.35 0.57 33.88
N LYS G 49 21.63 0.53 33.49
CA LYS G 49 22.32 -0.74 33.34
C LYS G 49 22.74 -1.35 34.67
N GLU G 50 22.62 -0.62 35.78
CA GLU G 50 23.03 -1.14 37.08
C GLU G 50 21.91 -1.88 37.82
N VAL G 51 20.65 -1.59 37.49
CA VAL G 51 19.55 -2.03 38.33
C VAL G 51 19.33 -3.54 38.20
N LYS G 52 18.94 -4.16 39.30
CA LYS G 52 18.63 -5.57 39.31
C LYS G 52 17.16 -5.80 38.95
N ILE G 53 16.90 -6.76 38.07
CA ILE G 53 15.53 -7.00 37.62
C ILE G 53 15.08 -8.44 37.92
N HIS G 54 15.65 -9.06 38.95
CA HIS G 54 15.17 -10.35 39.41
C HIS G 54 13.84 -10.17 40.14
N THR G 55 13.02 -11.22 40.09
CA THR G 55 11.70 -11.21 40.71
C THR G 55 11.36 -12.63 41.15
N LYS G 56 10.11 -12.83 41.54
CA LYS G 56 9.60 -14.13 41.93
C LYS G 56 8.50 -14.52 40.96
N LEU G 57 8.60 -15.71 40.37
CA LEU G 57 7.48 -16.16 39.56
C LEU G 57 6.37 -16.69 40.45
N THR G 58 6.71 -17.62 41.34
CA THR G 58 5.82 -18.10 42.40
C THR G 58 6.52 -17.90 43.75
N LYS G 59 5.93 -18.46 44.81
CA LYS G 59 6.50 -18.30 46.15
C LYS G 59 7.86 -18.95 46.30
N ASN G 60 8.23 -19.86 45.41
CA ASN G 60 9.50 -20.55 45.56
C ASN G 60 10.40 -20.46 44.36
N ILE G 61 9.85 -20.41 43.15
CA ILE G 61 10.65 -20.28 41.95
C ILE G 61 10.94 -18.81 41.69
N THR G 62 12.21 -18.51 41.51
CA THR G 62 12.69 -17.17 41.22
C THR G 62 12.85 -16.97 39.70
N LEU G 63 12.94 -15.70 39.29
CA LEU G 63 13.25 -15.33 37.92
C LEU G 63 14.39 -14.32 37.89
N ASN G 64 15.19 -14.36 36.83
CA ASN G 64 16.23 -13.38 36.61
C ASN G 64 15.75 -12.17 35.81
N MET G 65 14.58 -12.31 35.17
CA MET G 65 13.92 -11.26 34.40
C MET G 65 12.42 -11.42 34.65
N PRO G 66 11.60 -10.39 34.45
CA PRO G 66 10.15 -10.53 34.75
C PRO G 66 9.23 -10.86 33.58
N LEU G 67 9.70 -11.53 32.53
CA LEU G 67 8.90 -11.79 31.32
C LEU G 67 8.62 -13.28 31.14
N ILE G 68 7.37 -13.60 30.82
CA ILE G 68 6.96 -14.98 30.51
C ILE G 68 6.29 -15.01 29.13
N SER G 69 6.67 -15.97 28.31
CA SER G 69 6.05 -16.11 27.01
C SER G 69 4.68 -16.73 27.28
N ALA G 70 3.66 -16.26 26.60
CA ALA G 70 2.30 -16.75 26.78
C ALA G 70 2.14 -18.19 26.36
N ALA G 71 1.25 -18.90 27.06
CA ALA G 71 0.99 -20.30 26.76
C ALA G 71 -0.02 -20.40 25.64
N MET G 72 0.43 -20.09 24.43
CA MET G 72 -0.44 -20.14 23.27
C MET G 72 0.23 -20.91 22.15
N ASP G 73 -0.56 -21.57 21.31
CA ASP G 73 -0.02 -22.37 20.22
C ASP G 73 0.73 -21.58 19.16
N THR G 74 0.53 -20.27 19.11
CA THR G 74 1.25 -19.46 18.15
C THR G 74 2.40 -18.72 18.78
N VAL G 75 2.66 -18.97 20.07
CA VAL G 75 3.71 -18.29 20.83
C VAL G 75 4.81 -19.23 21.33
N THR G 76 4.41 -20.11 22.25
CA THR G 76 5.32 -20.98 22.95
C THR G 76 5.29 -22.48 22.73
N GLU G 77 6.48 -23.01 22.47
CA GLU G 77 6.74 -24.41 22.25
C GLU G 77 8.16 -24.54 22.77
N HIS G 78 8.80 -25.68 22.56
CA HIS G 78 10.14 -25.84 23.11
C HIS G 78 11.15 -24.81 22.62
N ARG G 79 11.14 -24.49 21.33
CA ARG G 79 12.10 -23.51 20.82
C ARG G 79 11.94 -22.18 21.56
N ALA G 80 10.70 -21.72 21.73
CA ALA G 80 10.47 -20.46 22.40
C ALA G 80 10.83 -20.54 23.90
N ALA G 81 10.47 -21.64 24.56
CA ALA G 81 10.63 -21.75 26.00
C ALA G 81 12.10 -21.87 26.39
N ILE G 82 12.94 -22.31 25.45
CA ILE G 82 14.38 -22.34 25.66
C ILE G 82 14.95 -20.91 25.71
N MET G 83 14.68 -20.11 24.68
CA MET G 83 15.19 -18.74 24.66
C MET G 83 14.70 -17.95 25.87
N MET G 84 13.47 -18.19 26.27
CA MET G 84 12.92 -17.47 27.41
C MET G 84 13.67 -17.77 28.68
N ALA G 85 14.04 -19.04 28.86
CA ALA G 85 14.77 -19.46 30.06
C ALA G 85 16.23 -19.02 30.00
N ARG G 86 16.88 -19.24 28.85
CA ARG G 86 18.26 -18.80 28.67
C ARG G 86 18.44 -17.32 28.96
N LEU G 87 17.39 -16.52 28.79
CA LEU G 87 17.50 -15.08 28.95
C LEU G 87 17.00 -14.59 30.31
N GLY G 88 16.74 -15.50 31.25
CA GLY G 88 16.37 -15.15 32.61
C GLY G 88 14.92 -15.39 32.95
N GLY G 89 14.06 -15.54 31.96
CA GLY G 89 12.64 -15.67 32.19
C GLY G 89 12.17 -17.11 32.12
N LEU G 90 10.98 -17.30 31.58
CA LEU G 90 10.33 -18.60 31.54
C LEU G 90 9.47 -18.66 30.30
N GLY G 91 9.27 -19.87 29.81
CA GLY G 91 8.29 -20.12 28.76
C GLY G 91 7.29 -21.15 29.24
N VAL G 92 6.02 -20.93 28.93
CA VAL G 92 4.97 -21.85 29.34
C VAL G 92 4.43 -22.52 28.08
N ILE G 93 4.68 -23.82 27.94
CA ILE G 93 4.18 -24.59 26.81
C ILE G 93 2.66 -24.70 26.89
N HIS G 94 1.99 -24.52 25.76
CA HIS G 94 0.53 -24.52 25.71
C HIS G 94 -0.04 -25.94 25.83
N LYS G 95 -1.35 -26.00 26.03
CA LYS G 95 -2.05 -27.26 26.27
C LYS G 95 -2.86 -27.71 25.06
N ASN G 96 -2.63 -27.13 23.90
CA ASN G 96 -3.37 -27.49 22.69
C ASN G 96 -2.66 -28.60 21.92
N MET G 97 -2.40 -29.70 22.63
CA MET G 97 -1.74 -30.88 22.08
C MET G 97 -1.98 -32.02 23.05
N ASP G 98 -1.76 -33.25 22.58
CA ASP G 98 -1.99 -34.41 23.43
C ASP G 98 -0.93 -34.48 24.52
N ILE G 99 -1.20 -35.32 25.52
CA ILE G 99 -0.33 -35.38 26.71
C ILE G 99 1.06 -35.88 26.33
N ALA G 100 1.16 -36.86 25.43
CA ALA G 100 2.47 -37.29 24.95
C ALA G 100 3.23 -36.12 24.33
N SER G 101 2.57 -35.34 23.47
CA SER G 101 3.25 -34.27 22.75
C SER G 101 3.67 -33.13 23.66
N GLN G 102 2.95 -32.90 24.76
CA GLN G 102 3.32 -31.85 25.69
C GLN G 102 4.45 -32.27 26.62
N VAL G 103 4.51 -33.56 26.99
CA VAL G 103 5.62 -34.08 27.76
C VAL G 103 6.90 -34.03 26.94
N ARG G 104 6.83 -34.40 25.66
CA ARG G 104 7.99 -34.31 24.78
C ARG G 104 8.52 -32.88 24.72
N GLU G 105 7.63 -31.90 24.64
CA GLU G 105 8.09 -30.51 24.55
C GLU G 105 8.83 -30.08 25.81
N VAL G 106 8.34 -30.50 26.98
CA VAL G 106 8.99 -30.13 28.24
C VAL G 106 10.38 -30.77 28.33
N LYS G 107 10.48 -32.05 27.97
CA LYS G 107 11.78 -32.72 28.03
C LYS G 107 12.78 -32.08 27.09
N ARG G 108 12.32 -31.47 26.00
CA ARG G 108 13.26 -30.84 25.07
C ARG G 108 13.88 -29.58 25.68
N VAL G 109 13.14 -28.87 26.53
CA VAL G 109 13.74 -27.76 27.26
C VAL G 109 14.66 -28.27 28.35
N LYS G 110 14.23 -29.30 29.07
CA LYS G 110 15.02 -29.78 30.20
C LYS G 110 16.30 -30.48 29.74
N LYS G 111 16.25 -31.22 28.64
CA LYS G 111 17.45 -31.88 28.10
C LYS G 111 18.25 -30.89 27.23
N SER G 112 18.50 -29.71 27.80
CA SER G 112 19.30 -28.69 27.11
C SER G 112 20.60 -28.46 27.88
N GLU G 113 21.43 -27.58 27.33
CA GLU G 113 22.73 -27.21 27.88
C GLU G 113 23.52 -28.44 28.40
N LYS G 124 28.23 -19.01 29.31
CA LYS G 124 29.15 -18.12 28.62
C LYS G 124 28.41 -16.95 28.00
N GLU G 125 27.59 -17.24 26.98
CA GLU G 125 26.83 -16.21 26.28
C GLU G 125 25.40 -16.07 26.78
N TYR G 126 24.94 -16.97 27.64
CA TYR G 126 23.62 -16.86 28.27
C TYR G 126 23.79 -16.89 29.79
N PRO G 127 24.55 -15.95 30.35
CA PRO G 127 24.93 -16.04 31.77
C PRO G 127 23.80 -15.75 32.74
N ASP G 128 22.65 -15.29 32.24
CA ASP G 128 21.49 -14.98 33.05
C ASP G 128 20.51 -16.13 33.09
N ALA G 129 20.87 -17.26 32.49
CA ALA G 129 19.90 -18.32 32.28
C ALA G 129 19.23 -18.70 33.59
N ASN G 130 17.94 -19.00 33.49
CA ASN G 130 17.12 -19.38 34.62
C ASN G 130 17.17 -20.89 34.74
N LYS G 131 18.24 -21.37 35.40
CA LYS G 131 18.43 -22.81 35.58
C LYS G 131 17.78 -23.26 36.89
N ASP G 132 17.68 -24.58 37.06
CA ASP G 132 17.15 -25.21 38.26
C ASP G 132 18.28 -25.89 39.01
N ASN G 133 17.92 -26.62 40.07
CA ASN G 133 18.91 -27.21 40.98
C ASN G 133 19.84 -28.19 40.29
N PHE G 134 19.45 -28.71 39.13
CA PHE G 134 20.27 -29.62 38.35
C PHE G 134 20.95 -28.93 37.17
N GLY G 135 20.91 -27.59 37.14
CA GLY G 135 21.48 -26.84 36.04
C GLY G 135 20.69 -26.92 34.76
N ARG G 136 19.42 -27.33 34.84
CA ARG G 136 18.54 -27.42 33.68
C ARG G 136 17.68 -26.17 33.55
N LEU G 137 17.42 -25.77 32.31
CA LEU G 137 16.52 -24.66 32.06
C LEU G 137 15.17 -24.95 32.70
N ARG G 138 14.69 -24.02 33.54
CA ARG G 138 13.34 -24.10 34.07
C ARG G 138 12.31 -23.90 32.96
N VAL G 139 11.08 -24.37 33.21
CA VAL G 139 10.03 -24.37 32.18
C VAL G 139 8.70 -24.76 32.81
N GLY G 140 7.64 -24.09 32.40
CA GLY G 140 6.31 -24.42 32.84
C GLY G 140 5.38 -24.91 31.74
N ALA G 141 4.27 -25.54 32.11
CA ALA G 141 3.33 -26.08 31.14
C ALA G 141 1.91 -25.85 31.59
N ALA G 142 1.01 -25.61 30.63
CA ALA G 142 -0.36 -25.22 30.93
C ALA G 142 -1.28 -26.44 30.87
N ILE G 143 -2.21 -26.50 31.81
CA ILE G 143 -3.16 -27.60 31.91
C ILE G 143 -4.56 -27.03 32.03
N GLY G 144 -5.55 -27.80 31.53
CA GLY G 144 -6.94 -27.46 31.72
C GLY G 144 -7.52 -28.12 32.96
N VAL G 145 -8.70 -27.64 33.37
CA VAL G 145 -9.28 -28.05 34.63
C VAL G 145 -9.50 -29.55 34.68
N GLY G 146 -9.20 -30.15 35.84
CA GLY G 146 -9.42 -31.57 36.07
C GLY G 146 -8.67 -32.49 35.14
N GLN G 147 -7.43 -32.16 34.81
CA GLN G 147 -6.64 -32.99 33.91
C GLN G 147 -5.47 -33.64 34.66
N MET G 148 -5.78 -34.48 35.64
CA MET G 148 -4.73 -35.12 36.43
C MET G 148 -3.85 -36.01 35.54
N ASP G 149 -4.47 -36.69 34.57
CA ASP G 149 -3.70 -37.46 33.58
C ASP G 149 -2.58 -36.61 33.00
N ARG G 150 -2.87 -35.33 32.70
CA ARG G 150 -1.85 -34.44 32.18
C ARG G 150 -0.84 -34.04 33.25
N VAL G 151 -1.30 -33.83 34.49
CA VAL G 151 -0.39 -33.34 35.52
C VAL G 151 0.62 -34.42 35.91
N ASP G 152 0.15 -35.65 36.15
CA ASP G 152 1.03 -36.76 36.47
C ASP G 152 2.17 -36.87 35.47
N ALA G 153 1.82 -36.84 34.18
CA ALA G 153 2.84 -37.05 33.15
C ALA G 153 3.79 -35.88 33.03
N LEU G 154 3.38 -34.68 33.44
CA LEU G 154 4.27 -33.54 33.34
C LEU G 154 5.26 -33.47 34.49
N VAL G 155 4.91 -34.01 35.67
CA VAL G 155 5.84 -33.97 36.79
C VAL G 155 6.95 -35.00 36.62
N GLU G 156 6.63 -36.21 36.14
CA GLU G 156 7.69 -37.18 35.89
C GLU G 156 8.36 -36.96 34.55
N ALA G 157 8.03 -35.85 33.88
CA ALA G 157 8.86 -35.32 32.81
C ALA G 157 9.81 -34.25 33.32
N GLY G 158 9.55 -33.70 34.52
CA GLY G 158 10.45 -32.79 35.18
C GLY G 158 10.05 -31.33 35.20
N VAL G 159 8.77 -31.00 34.92
CA VAL G 159 8.36 -29.61 34.81
C VAL G 159 8.57 -28.89 36.14
N ASP G 160 8.91 -27.59 36.06
CA ASP G 160 9.16 -26.79 37.25
C ASP G 160 7.89 -26.19 37.84
N VAL G 161 6.98 -25.73 36.99
CA VAL G 161 5.72 -25.17 37.44
C VAL G 161 4.61 -25.56 36.46
N VAL G 162 3.46 -25.92 36.98
CA VAL G 162 2.27 -26.19 36.19
C VAL G 162 1.38 -24.95 36.23
N VAL G 163 0.93 -24.50 35.07
CA VAL G 163 0.07 -23.31 34.97
C VAL G 163 -1.35 -23.77 34.65
N LEU G 164 -2.26 -23.60 35.60
CA LEU G 164 -3.66 -23.99 35.44
C LEU G 164 -4.41 -22.83 34.79
N ASP G 165 -4.57 -22.88 33.48
CA ASP G 165 -5.15 -21.79 32.71
C ASP G 165 -6.64 -22.00 32.45
N SER G 166 -7.40 -20.90 32.47
CA SER G 166 -8.84 -20.97 32.27
C SER G 166 -9.37 -19.58 31.97
N ALA G 167 -10.51 -19.52 31.29
CA ALA G 167 -11.12 -18.23 31.01
C ALA G 167 -11.57 -17.54 32.28
N HIS G 168 -11.88 -18.31 33.33
CA HIS G 168 -12.48 -17.80 34.55
C HIS G 168 -11.95 -18.61 35.73
N GLY G 169 -10.94 -18.08 36.42
CA GLY G 169 -10.31 -18.84 37.48
C GLY G 169 -11.11 -18.86 38.77
N HIS G 170 -11.95 -17.84 38.99
CA HIS G 170 -12.79 -17.77 40.19
C HIS G 170 -14.02 -18.65 40.04
N SER G 171 -13.78 -19.95 39.85
CA SER G 171 -14.81 -20.92 39.60
C SER G 171 -14.57 -22.14 40.48
N LYS G 172 -15.62 -22.93 40.70
CA LYS G 172 -15.46 -24.10 41.56
C LYS G 172 -14.52 -25.11 40.93
N GLY G 173 -14.61 -25.30 39.62
CA GLY G 173 -13.75 -26.28 38.96
C GLY G 173 -12.28 -26.03 39.23
N ILE G 174 -11.82 -24.81 38.91
CA ILE G 174 -10.41 -24.48 39.11
C ILE G 174 -10.02 -24.64 40.57
N ILE G 175 -10.82 -24.09 41.49
CA ILE G 175 -10.50 -24.15 42.91
C ILE G 175 -10.38 -25.61 43.36
N ASP G 176 -11.37 -26.43 42.98
CA ASP G 176 -11.35 -27.84 43.33
C ASP G 176 -10.08 -28.52 42.87
N THR G 177 -9.59 -28.17 41.67
CA THR G 177 -8.38 -28.84 41.17
C THR G 177 -7.10 -28.22 41.71
N VAL G 178 -7.11 -26.95 42.14
CA VAL G 178 -5.97 -26.45 42.89
C VAL G 178 -5.79 -27.25 44.17
N LYS G 179 -6.89 -27.52 44.87
CA LYS G 179 -6.83 -28.41 46.03
C LYS G 179 -6.32 -29.78 45.62
N ALA G 180 -6.91 -30.34 44.55
CA ALA G 180 -6.61 -31.71 44.14
C ALA G 180 -5.16 -31.88 43.69
N ILE G 181 -4.50 -30.82 43.27
CA ILE G 181 -3.11 -30.91 42.83
C ILE G 181 -2.15 -30.74 43.99
N LYS G 182 -2.38 -29.76 44.87
CA LYS G 182 -1.47 -29.51 45.98
C LYS G 182 -1.59 -30.54 47.09
N ALA G 183 -2.58 -31.43 47.03
CA ALA G 183 -2.64 -32.56 47.95
C ALA G 183 -1.99 -33.82 47.37
N LYS G 184 -1.87 -33.91 46.04
CA LYS G 184 -1.13 -34.99 45.40
C LYS G 184 0.31 -34.61 45.11
N TYR G 185 0.59 -33.32 44.97
CA TYR G 185 1.95 -32.82 44.72
C TYR G 185 2.19 -31.57 45.55
N PRO G 186 2.57 -31.72 46.83
CA PRO G 186 2.73 -30.54 47.70
C PRO G 186 3.91 -29.67 47.33
N ASN G 187 4.92 -30.22 46.65
CA ASN G 187 6.11 -29.48 46.29
C ASN G 187 6.11 -29.05 44.83
N LEU G 188 4.97 -29.17 44.15
CA LEU G 188 4.82 -28.68 42.79
C LEU G 188 4.22 -27.29 42.84
N ASP G 189 4.94 -26.31 42.30
CA ASP G 189 4.43 -24.96 42.33
C ASP G 189 3.31 -24.81 41.30
N LEU G 190 2.22 -24.18 41.73
CA LEU G 190 0.97 -24.11 40.97
C LEU G 190 0.65 -22.65 40.65
N ILE G 191 0.46 -22.35 39.38
CA ILE G 191 -0.07 -21.07 38.93
C ILE G 191 -1.49 -21.29 38.43
N ALA G 192 -2.44 -20.53 38.95
CA ALA G 192 -3.82 -20.60 38.49
C ALA G 192 -4.30 -19.21 38.10
N GLY G 193 -5.07 -19.16 37.02
CA GLY G 193 -5.72 -17.95 36.55
C GLY G 193 -6.82 -18.33 35.58
N ASN G 194 -7.36 -17.33 34.89
CA ASN G 194 -7.04 -15.93 35.17
C ASN G 194 -8.10 -15.35 36.06
N ILE G 195 -7.79 -14.23 36.71
CA ILE G 195 -8.69 -13.58 37.63
C ILE G 195 -8.56 -12.08 37.47
N ALA G 196 -9.51 -11.35 38.08
CA ALA G 196 -9.44 -9.90 38.05
C ALA G 196 -10.02 -9.23 39.29
N THR G 197 -10.36 -9.98 40.35
CA THR G 197 -10.92 -9.39 41.56
C THR G 197 -10.12 -9.86 42.76
N ALA G 198 -10.13 -9.04 43.82
CA ALA G 198 -9.52 -9.46 45.08
C ALA G 198 -10.26 -10.68 45.66
N ALA G 199 -11.59 -10.76 45.46
CA ALA G 199 -12.34 -11.91 45.95
C ALA G 199 -11.86 -13.22 45.33
N ALA G 200 -11.45 -13.17 44.05
CA ALA G 200 -10.83 -14.33 43.40
C ALA G 200 -9.42 -14.59 43.94
N ALA G 201 -8.66 -13.53 44.21
CA ALA G 201 -7.31 -13.73 44.73
C ALA G 201 -7.34 -14.39 46.10
N LYS G 202 -8.28 -13.98 46.96
CA LYS G 202 -8.44 -14.61 48.26
C LYS G 202 -8.78 -16.08 48.10
N ALA G 203 -9.74 -16.38 47.20
CA ALA G 203 -10.21 -17.75 47.05
C ALA G 203 -9.09 -18.67 46.56
N LEU G 204 -8.28 -18.18 45.62
CA LEU G 204 -7.22 -19.02 45.06
C LEU G 204 -6.10 -19.29 46.07
N CYS G 205 -5.60 -18.24 46.74
CA CYS G 205 -4.46 -18.45 47.64
C CYS G 205 -4.85 -19.22 48.90
N GLU G 206 -6.12 -19.22 49.26
CA GLU G 206 -6.54 -20.08 50.35
C GLU G 206 -6.63 -21.52 49.91
N ALA G 207 -6.95 -21.74 48.63
CA ALA G 207 -6.92 -23.08 48.07
C ALA G 207 -5.50 -23.59 47.87
N GLY G 208 -4.49 -22.74 48.06
CA GLY G 208 -3.11 -23.18 48.16
C GLY G 208 -2.16 -22.61 47.13
N VAL G 209 -2.67 -21.87 46.14
CA VAL G 209 -1.93 -21.40 44.97
C VAL G 209 -0.60 -20.73 45.35
N ASP G 210 0.39 -20.83 44.47
CA ASP G 210 1.68 -20.17 44.66
C ASP G 210 1.88 -18.97 43.75
N ALA G 211 1.00 -18.74 42.76
CA ALA G 211 0.96 -17.53 41.94
C ALA G 211 -0.36 -17.45 41.19
N VAL G 212 -0.97 -16.26 41.14
CA VAL G 212 -2.24 -16.02 40.44
C VAL G 212 -1.98 -15.20 39.18
N LYS G 213 -2.61 -15.59 38.09
CA LYS G 213 -2.47 -14.88 36.82
C LYS G 213 -3.64 -13.92 36.74
N VAL G 214 -3.34 -12.66 36.48
CA VAL G 214 -4.38 -11.62 36.44
C VAL G 214 -4.56 -11.14 35.02
N GLY G 215 -5.82 -11.15 34.55
CA GLY G 215 -6.14 -10.74 33.21
C GLY G 215 -7.44 -11.34 32.72
N ILE G 216 -8.47 -10.52 32.64
CA ILE G 216 -9.73 -10.94 32.09
C ILE G 216 -10.05 -9.95 30.98
N GLY G 217 -9.90 -10.40 29.74
CA GLY G 217 -10.19 -9.57 28.58
C GLY G 217 -9.22 -8.52 28.06
N PRO G 218 -7.97 -8.42 28.65
CA PRO G 218 -7.11 -7.36 28.08
C PRO G 218 -6.18 -7.78 26.95
N GLY G 219 -6.20 -9.06 26.59
CA GLY G 219 -5.34 -9.59 25.57
C GLY G 219 -5.56 -9.02 24.19
N SER G 220 -4.50 -8.96 23.39
CA SER G 220 -4.64 -8.37 22.07
C SER G 220 -5.68 -9.11 21.24
N ILE G 221 -5.65 -10.45 21.26
CA ILE G 221 -6.57 -11.24 20.46
C ILE G 221 -7.88 -11.51 21.18
N CYS G 222 -8.01 -11.10 22.43
CA CYS G 222 -9.19 -11.42 23.23
C CYS G 222 -10.41 -10.62 22.79
N THR G 223 -11.59 -11.26 22.76
CA THR G 223 -12.84 -10.55 22.52
C THR G 223 -13.81 -10.69 23.69
N THR G 224 -13.32 -11.17 24.86
CA THR G 224 -14.20 -11.52 25.98
C THR G 224 -15.05 -10.34 26.44
N ARG G 225 -14.49 -9.13 26.45
CA ARG G 225 -15.26 -7.97 26.89
C ARG G 225 -16.32 -7.61 25.86
N ILE G 226 -16.05 -7.83 24.59
CA ILE G 226 -17.00 -7.53 23.53
C ILE G 226 -18.06 -8.63 23.42
N VAL G 227 -17.67 -9.88 23.62
CA VAL G 227 -18.61 -10.98 23.44
C VAL G 227 -19.50 -11.13 24.66
N SER G 228 -18.91 -10.92 25.83
CA SER G 228 -19.56 -11.27 27.09
C SER G 228 -19.87 -10.08 27.97
N GLY G 229 -19.28 -8.92 27.71
CA GLY G 229 -19.47 -7.75 28.54
C GLY G 229 -18.72 -7.81 29.85
N VAL G 230 -17.80 -8.75 29.98
CA VAL G 230 -17.15 -9.05 31.25
C VAL G 230 -15.67 -8.73 31.13
N GLY G 231 -15.13 -8.06 32.14
CA GLY G 231 -13.71 -7.81 32.23
C GLY G 231 -13.42 -6.65 33.17
N VAL G 232 -12.16 -6.53 33.55
CA VAL G 232 -11.70 -5.39 34.34
C VAL G 232 -10.49 -4.77 33.67
N PRO G 233 -10.43 -3.45 33.48
CA PRO G 233 -9.22 -2.82 32.92
C PRO G 233 -7.97 -3.21 33.69
N GLN G 234 -6.88 -3.45 32.96
CA GLN G 234 -5.80 -4.28 33.52
C GLN G 234 -5.04 -3.60 34.65
N ILE G 235 -4.79 -2.28 34.57
CA ILE G 235 -4.04 -1.63 35.64
C ILE G 235 -4.79 -1.74 36.96
N SER G 236 -6.11 -1.51 36.93
CA SER G 236 -6.91 -1.64 38.14
C SER G 236 -7.07 -3.11 38.53
N ALA G 237 -7.02 -4.00 37.56
CA ALA G 237 -7.09 -5.42 37.86
C ALA G 237 -5.87 -5.86 38.66
N ILE G 238 -4.66 -5.47 38.21
CA ILE G 238 -3.45 -5.85 38.94
C ILE G 238 -3.44 -5.22 40.33
N ASP G 239 -3.79 -3.94 40.42
CA ASP G 239 -3.75 -3.24 41.69
C ASP G 239 -4.64 -3.92 42.72
N GLU G 240 -5.84 -4.30 42.30
CA GLU G 240 -6.83 -4.87 43.21
C GLU G 240 -6.38 -6.23 43.73
N CYS G 241 -5.72 -7.01 42.87
CA CYS G 241 -5.31 -8.37 43.21
C CYS G 241 -3.99 -8.39 43.99
N VAL G 242 -3.00 -7.59 43.59
CA VAL G 242 -1.74 -7.52 44.33
C VAL G 242 -1.98 -7.26 45.81
N GLU G 243 -2.87 -6.31 46.12
CA GLU G 243 -3.14 -5.99 47.51
C GLU G 243 -3.68 -7.20 48.27
N GLU G 244 -4.47 -8.04 47.60
CA GLU G 244 -5.04 -9.21 48.27
C GLU G 244 -4.05 -10.37 48.34
N ALA G 245 -3.32 -10.63 47.26
CA ALA G 245 -2.36 -11.73 47.25
C ALA G 245 -1.16 -11.49 48.17
N ASN G 246 -0.87 -10.22 48.51
CA ASN G 246 0.30 -9.93 49.34
C ASN G 246 0.13 -10.45 50.75
N LYS G 247 -1.08 -10.39 51.30
CA LYS G 247 -1.36 -10.94 52.62
C LYS G 247 -1.14 -12.44 52.70
N PHE G 248 -0.95 -13.11 51.57
CA PHE G 248 -0.66 -14.53 51.52
C PHE G 248 0.74 -14.81 51.00
N GLY G 249 1.51 -13.77 50.72
CA GLY G 249 2.83 -13.94 50.16
C GLY G 249 2.85 -14.55 48.77
N VAL G 250 1.83 -14.30 47.97
CA VAL G 250 1.69 -14.96 46.68
C VAL G 250 1.94 -13.94 45.58
N PRO G 251 2.93 -14.16 44.71
CA PRO G 251 3.17 -13.21 43.61
C PRO G 251 2.02 -13.28 42.62
N VAL G 252 1.79 -12.17 41.91
CA VAL G 252 0.77 -12.16 40.87
C VAL G 252 1.41 -11.80 39.53
N ILE G 253 0.84 -12.36 38.46
CA ILE G 253 1.37 -12.30 37.10
C ILE G 253 0.45 -11.44 36.23
N ALA G 254 1.01 -10.40 35.60
CA ALA G 254 0.24 -9.51 34.75
C ALA G 254 0.19 -10.10 33.34
N ASP G 255 -0.94 -10.69 32.99
CA ASP G 255 -1.06 -11.34 31.70
C ASP G 255 -1.98 -10.67 30.72
N GLY G 256 -1.41 -10.31 29.58
CA GLY G 256 -2.14 -9.71 28.48
C GLY G 256 -2.13 -8.20 28.52
N GLY G 257 -2.35 -7.61 27.34
CA GLY G 257 -2.48 -6.17 27.21
C GLY G 257 -1.19 -5.40 27.07
N ILE G 258 -0.04 -6.06 27.12
CA ILE G 258 1.25 -5.40 26.89
C ILE G 258 1.41 -5.09 25.40
N LYS G 259 1.62 -3.81 25.09
CA LYS G 259 1.92 -3.34 23.75
C LYS G 259 3.31 -2.74 23.64
N TYR G 260 3.81 -2.15 24.73
CA TYR G 260 5.09 -1.48 24.72
C TYR G 260 5.79 -1.76 26.03
N SER G 261 7.13 -1.64 26.01
CA SER G 261 7.91 -1.88 27.23
C SER G 261 7.40 -1.04 28.39
N GLY G 262 6.85 0.16 28.12
CA GLY G 262 6.42 1.00 29.22
C GLY G 262 5.30 0.36 30.04
N ASP G 263 4.44 -0.42 29.39
CA ASP G 263 3.42 -1.14 30.13
C ASP G 263 4.04 -2.16 31.10
N ILE G 264 5.11 -2.86 30.65
CA ILE G 264 5.90 -3.70 31.55
C ILE G 264 6.22 -2.93 32.81
N ALA G 265 6.82 -1.75 32.64
CA ALA G 265 7.19 -0.93 33.79
C ALA G 265 5.96 -0.56 34.61
N LYS G 266 4.83 -0.30 33.95
CA LYS G 266 3.63 0.09 34.68
C LYS G 266 3.06 -1.10 35.48
N ALA G 267 3.04 -2.30 34.89
CA ALA G 267 2.55 -3.46 35.62
C ALA G 267 3.41 -3.73 36.86
N LEU G 268 4.73 -3.78 36.68
CA LEU G 268 5.61 -4.07 37.82
C LEU G 268 5.53 -2.98 38.87
N ALA G 269 5.47 -1.71 38.44
CA ALA G 269 5.41 -0.61 39.41
C ALA G 269 4.15 -0.70 40.28
N VAL G 270 3.07 -1.26 39.75
CA VAL G 270 1.83 -1.38 40.50
C VAL G 270 1.95 -2.43 41.61
N GLY G 271 2.76 -3.47 41.40
CA GLY G 271 2.92 -4.48 42.43
C GLY G 271 2.99 -5.89 41.91
N ALA G 272 2.77 -6.07 40.60
CA ALA G 272 2.89 -7.38 39.99
C ALA G 272 4.35 -7.84 39.98
N SER G 273 4.53 -9.15 40.15
CA SER G 273 5.87 -9.73 40.19
C SER G 273 6.42 -10.03 38.80
N SER G 274 5.59 -10.10 37.78
CA SER G 274 6.07 -10.53 36.48
C SER G 274 4.99 -10.28 35.44
N VAL G 275 5.38 -10.41 34.18
CA VAL G 275 4.49 -10.15 33.06
C VAL G 275 4.57 -11.30 32.08
N MET G 276 3.40 -11.74 31.62
CA MET G 276 3.27 -12.72 30.56
C MET G 276 2.87 -12.01 29.26
N ILE G 277 3.51 -12.37 28.14
CA ILE G 277 3.37 -11.64 26.87
C ILE G 277 3.16 -12.60 25.70
N GLY G 278 2.17 -12.31 24.84
CA GLY G 278 1.94 -13.09 23.63
C GLY G 278 2.25 -12.38 22.32
N SER G 279 1.49 -11.33 22.02
CA SER G 279 1.57 -10.66 20.71
C SER G 279 2.98 -10.18 20.40
N LEU G 280 3.61 -9.44 21.32
CA LEU G 280 4.95 -8.90 21.11
C LEU G 280 6.00 -9.97 20.77
N LEU G 281 5.73 -11.23 21.14
CA LEU G 281 6.64 -12.35 20.90
C LEU G 281 6.16 -13.27 19.78
N ALA G 282 4.97 -13.05 19.24
CA ALA G 282 4.40 -14.04 18.34
C ALA G 282 5.05 -14.04 16.96
N GLY G 283 5.75 -12.98 16.60
CA GLY G 283 6.24 -12.87 15.24
C GLY G 283 7.72 -13.08 15.18
N THR G 284 8.22 -13.92 16.06
CA THR G 284 9.66 -14.13 16.16
C THR G 284 10.06 -15.42 15.45
N ASP G 285 11.38 -15.57 15.29
CA ASP G 285 11.96 -16.81 14.79
C ASP G 285 11.54 -17.99 15.64
N GLU G 286 11.67 -17.85 16.96
CA GLU G 286 11.54 -18.96 17.91
C GLU G 286 10.10 -19.26 18.24
N SER G 287 9.15 -18.63 17.58
CA SER G 287 7.80 -19.08 17.88
C SER G 287 7.36 -20.10 16.84
N PRO G 288 6.60 -21.13 17.24
CA PRO G 288 6.14 -22.10 16.25
C PRO G 288 5.24 -21.42 15.24
N GLY G 289 5.20 -21.97 14.03
CA GLY G 289 4.30 -21.34 13.05
C GLY G 289 5.10 -20.84 11.86
N GLU G 290 4.64 -21.21 10.67
CA GLU G 290 5.38 -20.88 9.47
C GLU G 290 5.45 -19.37 9.26
N LEU G 291 6.63 -18.88 8.92
CA LEU G 291 6.73 -17.57 8.31
C LEU G 291 6.02 -17.59 6.97
N PHE G 292 5.23 -16.55 6.67
CA PHE G 292 4.65 -16.49 5.34
C PHE G 292 4.68 -15.06 4.84
N THR G 293 4.77 -14.92 3.52
CA THR G 293 4.78 -13.63 2.86
C THR G 293 3.36 -13.28 2.41
N TYR G 294 3.04 -11.98 2.46
CA TYR G 294 1.71 -11.48 2.11
C TYR G 294 1.84 -10.03 1.69
N GLN G 295 1.68 -9.79 0.39
CA GLN G 295 1.89 -8.46 -0.18
C GLN G 295 3.19 -7.85 0.33
N GLY G 296 4.29 -8.59 0.14
CA GLY G 296 5.61 -8.01 0.29
C GLY G 296 6.30 -8.25 1.62
N ARG G 297 5.52 -8.20 2.70
CA ARG G 297 6.04 -8.34 4.07
C ARG G 297 5.74 -9.70 4.69
N GLN G 298 6.65 -10.17 5.52
CA GLN G 298 6.49 -11.48 6.16
C GLN G 298 5.74 -11.34 7.48
N TYR G 299 5.02 -12.41 7.84
CA TYR G 299 4.15 -12.46 9.01
C TYR G 299 4.19 -13.87 9.58
N LYS G 300 3.58 -14.00 10.75
CA LYS G 300 3.26 -15.28 11.35
C LYS G 300 1.84 -15.19 11.90
N SER G 301 1.15 -16.32 11.94
CA SER G 301 -0.17 -16.33 12.54
C SER G 301 -0.09 -16.09 14.04
N TYR G 302 -1.06 -15.34 14.56
CA TYR G 302 -1.22 -15.12 16.00
C TYR G 302 -2.71 -15.14 16.28
N ARG G 303 -3.15 -16.04 17.16
CA ARG G 303 -4.56 -16.30 17.34
C ARG G 303 -4.86 -16.58 18.80
N GLY G 304 -6.08 -16.23 19.21
CA GLY G 304 -6.53 -16.61 20.53
C GLY G 304 -6.63 -18.11 20.67
N MET G 305 -6.42 -18.58 21.90
CA MET G 305 -6.66 -19.98 22.23
C MET G 305 -8.14 -20.30 22.30
N GLY G 306 -8.98 -19.26 22.32
CA GLY G 306 -10.42 -19.39 22.31
C GLY G 306 -11.02 -18.85 21.04
N SER G 307 -10.23 -18.84 19.98
CA SER G 307 -10.72 -18.58 18.63
C SER G 307 -11.19 -19.89 17.98
N LEU G 308 -11.93 -19.75 16.87
CA LEU G 308 -12.43 -20.94 16.18
C LEU G 308 -11.28 -21.85 15.73
N GLY G 309 -10.25 -21.26 15.14
CA GLY G 309 -9.12 -22.06 14.69
C GLY G 309 -8.42 -22.82 15.81
N ALA G 310 -8.31 -22.19 16.98
CA ALA G 310 -7.70 -22.84 18.12
C ALA G 310 -8.52 -24.04 18.61
N MET G 311 -9.85 -23.89 18.68
CA MET G 311 -10.66 -24.92 19.32
C MET G 311 -11.02 -26.07 18.38
N GLN G 312 -10.99 -25.84 17.08
CA GLN G 312 -11.24 -26.91 16.12
C GLN G 312 -10.10 -27.93 16.15
N LYS G 328 -22.13 -25.22 16.35
CA LYS G 328 -21.02 -24.27 16.30
C LYS G 328 -20.55 -23.91 17.72
N LEU G 329 -19.33 -23.35 17.84
CA LEU G 329 -18.76 -22.89 19.10
C LEU G 329 -18.76 -21.36 19.14
N VAL G 330 -18.99 -20.79 20.33
CA VAL G 330 -19.02 -19.33 20.49
C VAL G 330 -17.67 -18.85 21.00
N PRO G 331 -16.84 -18.26 20.14
CA PRO G 331 -15.47 -17.92 20.51
C PRO G 331 -15.40 -16.72 21.44
N GLU G 332 -14.21 -16.54 22.03
CA GLU G 332 -13.86 -15.34 22.77
C GLU G 332 -12.48 -14.82 22.37
N GLY G 333 -11.99 -15.24 21.20
CA GLY G 333 -10.79 -14.65 20.63
C GLY G 333 -10.87 -14.71 19.12
N ILE G 334 -9.92 -14.02 18.48
CA ILE G 334 -9.89 -13.93 17.03
C ILE G 334 -8.60 -14.58 16.49
N GLU G 335 -8.59 -14.80 15.17
CA GLU G 335 -7.47 -15.38 14.44
C GLU G 335 -6.86 -14.29 13.59
N GLY G 336 -5.56 -14.04 13.79
CA GLY G 336 -4.92 -12.96 13.08
C GLY G 336 -3.48 -13.26 12.75
N ARG G 337 -2.79 -12.23 12.24
CA ARG G 337 -1.38 -12.32 11.96
C ARG G 337 -0.67 -11.10 12.53
N VAL G 338 0.59 -11.27 12.89
CA VAL G 338 1.45 -10.17 13.31
C VAL G 338 2.69 -10.14 12.41
N PRO G 339 3.31 -8.96 12.26
CA PRO G 339 4.54 -8.86 11.46
C PRO G 339 5.66 -9.71 12.00
N TYR G 340 6.52 -10.17 11.09
CA TYR G 340 7.77 -10.81 11.47
C TYR G 340 8.73 -9.75 12.03
N VAL G 341 9.27 -10.02 13.22
CA VAL G 341 10.13 -9.05 13.89
C VAL G 341 11.55 -9.52 14.08
N GLY G 342 11.87 -10.77 13.73
CA GLY G 342 13.22 -11.30 13.93
C GLY G 342 13.36 -12.17 15.16
N SER G 343 14.56 -12.19 15.74
CA SER G 343 14.84 -12.98 16.93
C SER G 343 14.14 -12.52 18.22
N ILE G 344 13.81 -13.47 19.07
CA ILE G 344 13.17 -13.15 20.33
C ILE G 344 14.15 -12.34 21.15
N ARG G 345 15.41 -12.70 21.08
CA ARG G 345 16.43 -12.05 21.87
C ARG G 345 16.48 -10.56 21.68
N SER G 346 16.35 -10.10 20.44
CA SER G 346 16.37 -8.67 20.22
C SER G 346 15.09 -7.99 20.72
N VAL G 347 13.95 -8.69 20.67
CA VAL G 347 12.72 -8.11 21.23
C VAL G 347 12.86 -7.99 22.75
N VAL G 348 13.25 -9.07 23.40
CA VAL G 348 13.43 -9.06 24.85
C VAL G 348 14.43 -7.99 25.28
N HIS G 349 15.53 -7.81 24.53
CA HIS G 349 16.52 -6.81 24.93
C HIS G 349 15.89 -5.44 24.98
N GLN G 350 15.18 -5.07 23.92
CA GLN G 350 14.41 -3.84 23.90
C GLN G 350 13.43 -3.76 25.06
N LEU G 351 12.75 -4.85 25.38
CA LEU G 351 11.72 -4.76 26.42
C LEU G 351 12.37 -4.45 27.77
N LEU G 352 13.38 -5.24 28.15
CA LEU G 352 14.06 -4.95 29.41
C LEU G 352 14.78 -3.63 29.37
N GLY G 353 15.27 -3.22 28.20
CA GLY G 353 15.87 -1.90 28.08
C GLY G 353 14.92 -0.81 28.54
N GLY G 354 13.64 -0.93 28.16
CA GLY G 354 12.66 0.05 28.60
C GLY G 354 12.36 -0.08 30.07
N LEU G 355 12.35 -1.31 30.59
CA LEU G 355 12.15 -1.51 32.02
C LEU G 355 13.31 -0.90 32.81
N ARG G 356 14.54 -1.13 32.36
CA ARG G 356 15.66 -0.53 33.08
C ARG G 356 15.56 0.99 33.00
N SER G 357 15.25 1.51 31.81
CA SER G 357 15.15 2.95 31.64
C SER G 357 14.07 3.56 32.53
N SER G 358 12.97 2.86 32.74
CA SER G 358 11.95 3.36 33.67
C SER G 358 12.47 3.37 35.10
N MET G 359 13.15 2.31 35.51
CA MET G 359 13.68 2.28 36.87
C MET G 359 14.75 3.34 37.07
N GLY G 360 15.43 3.73 36.01
CA GLY G 360 16.34 4.86 36.10
C GLY G 360 15.61 6.13 36.49
N TYR G 361 14.46 6.38 35.87
CA TYR G 361 13.73 7.60 36.13
C TYR G 361 13.14 7.59 37.54
N VAL G 362 12.56 6.46 37.96
CA VAL G 362 12.03 6.35 39.31
C VAL G 362 13.17 6.33 40.33
N GLY G 363 14.35 5.88 39.93
CA GLY G 363 15.47 5.83 40.86
C GLY G 363 15.39 4.63 41.78
N ALA G 364 15.39 3.43 41.20
CA ALA G 364 15.13 2.19 41.91
C ALA G 364 16.28 1.22 41.71
N LYS G 365 16.68 0.54 42.78
CA LYS G 365 17.80 -0.42 42.71
C LYS G 365 17.36 -1.81 42.22
N ASP G 366 16.15 -2.24 42.58
CA ASP G 366 15.63 -3.59 42.37
C ASP G 366 14.18 -3.42 41.93
N ILE G 367 13.39 -4.51 41.91
CA ILE G 367 11.97 -4.35 41.57
C ILE G 367 11.13 -4.03 42.81
N GLU G 368 11.55 -4.50 43.99
CA GLU G 368 10.77 -4.29 45.21
C GLU G 368 10.77 -2.81 45.60
N ASP G 369 11.91 -2.14 45.42
CA ASP G 369 12.04 -0.71 45.69
C ASP G 369 11.38 0.10 44.58
N PHE G 370 11.41 -0.40 43.34
CA PHE G 370 10.57 0.15 42.28
C PHE G 370 9.12 0.28 42.74
N GLN G 371 8.51 -0.82 43.17
CA GLN G 371 7.14 -0.82 43.63
C GLN G 371 6.92 0.08 44.85
N LYS G 372 7.94 0.32 45.67
CA LYS G 372 7.81 1.20 46.82
C LYS G 372 8.03 2.67 46.50
N ARG G 373 8.64 2.98 45.35
CA ARG G 373 8.91 4.35 44.95
C ARG G 373 7.89 4.89 43.96
N ALA G 374 7.06 4.03 43.39
CA ALA G 374 6.23 4.41 42.25
C ALA G 374 5.13 5.36 42.69
N GLU G 375 5.09 6.51 42.04
CA GLU G 375 3.97 7.44 42.11
C GLU G 375 3.47 7.66 40.69
N PHE G 376 2.16 7.50 40.50
CA PHE G 376 1.49 7.63 39.20
C PHE G 376 0.75 8.96 39.11
N VAL G 377 0.51 9.38 37.86
CA VAL G 377 -0.49 10.40 37.53
C VAL G 377 -1.53 9.79 36.59
N GLU G 378 -2.75 10.30 36.67
CA GLU G 378 -3.78 9.95 35.70
C GLU G 378 -3.75 10.96 34.57
N ILE G 379 -3.86 10.50 33.32
CA ILE G 379 -3.79 11.41 32.19
C ILE G 379 -5.09 11.37 31.39
N THR G 380 -5.32 12.42 30.61
CA THR G 380 -6.44 12.51 29.68
C THR G 380 -6.02 12.06 28.28
N THR G 381 -7.03 11.79 27.43
CA THR G 381 -6.78 11.43 26.04
C THR G 381 -5.78 12.34 25.38
N ALA G 382 -5.92 13.65 25.58
CA ALA G 382 -4.97 14.61 25.03
C ALA G 382 -3.56 14.38 25.59
N GLY G 383 -3.47 13.90 26.83
CA GLY G 383 -2.18 13.61 27.41
C GLY G 383 -1.56 12.33 26.88
N LEU G 384 -2.40 11.36 26.51
CA LEU G 384 -1.86 10.17 25.84
C LEU G 384 -1.36 10.55 24.45
N LYS G 385 -2.09 11.42 23.75
CA LYS G 385 -1.68 11.83 22.41
C LYS G 385 -0.33 12.53 22.44
N GLU G 386 -0.06 13.28 23.51
CA GLU G 386 1.22 13.97 23.64
C GLU G 386 2.33 13.02 24.05
N SER G 387 2.01 12.02 24.90
CA SER G 387 2.97 10.97 25.21
C SER G 387 3.43 10.23 23.95
N HIS G 388 2.50 9.89 23.05
CA HIS G 388 2.92 9.23 21.82
C HIS G 388 3.68 10.22 20.93
N VAL G 389 4.18 9.72 19.80
CA VAL G 389 4.74 10.59 18.76
C VAL G 389 3.61 11.31 18.04
N HIS G 390 3.77 12.63 17.84
CA HIS G 390 2.71 13.45 17.26
C HIS G 390 3.28 14.52 16.34
N ASP G 391 2.59 14.78 15.24
CA ASP G 391 2.81 15.90 14.31
C ASP G 391 4.12 15.79 13.52
N VAL G 392 4.79 14.65 13.53
CA VAL G 392 5.91 14.37 12.63
C VAL G 392 5.74 12.97 12.06
N THR G 393 6.13 12.80 10.80
CA THR G 393 6.03 11.50 10.13
C THR G 393 7.25 10.67 10.47
N ILE G 394 7.04 9.49 11.05
CA ILE G 394 8.13 8.54 11.31
C ILE G 394 8.65 8.02 9.98
N THR G 395 9.96 8.13 9.76
CA THR G 395 10.56 7.66 8.51
C THR G 395 11.40 6.39 8.64
N HIS G 396 12.15 6.21 9.73
CA HIS G 396 12.94 5.01 9.96
C HIS G 396 12.31 4.17 11.05
N GLU G 397 12.58 2.87 11.00
CA GLU G 397 12.05 1.95 12.01
C GLU G 397 12.71 2.20 13.37
N ALA G 398 11.92 2.11 14.44
CA ALA G 398 12.42 2.23 15.81
C ALA G 398 12.25 0.89 16.52
N PRO G 399 13.28 0.37 17.18
CA PRO G 399 13.19 -1.01 17.71
C PRO G 399 12.11 -1.21 18.76
N ASN G 400 11.75 -0.18 19.50
CA ASN G 400 10.77 -0.33 20.57
C ASN G 400 9.58 0.58 20.38
N TYR G 401 9.39 1.15 19.18
CA TYR G 401 8.23 1.99 18.91
C TYR G 401 7.71 1.76 17.50
N LYS G 402 6.50 1.21 17.41
CA LYS G 402 5.71 1.06 16.18
C LYS G 402 4.32 1.62 16.44
N VAL G 403 3.53 1.76 15.37
CA VAL G 403 2.13 2.18 15.54
C VAL G 403 1.18 1.24 14.79
N ALA H 24 -26.72 28.90 36.49
CA ALA H 24 -26.36 27.65 35.82
C ALA H 24 -27.60 26.87 35.33
N MET H 25 -27.36 25.97 34.38
CA MET H 25 -28.34 25.10 33.77
C MET H 25 -28.52 23.82 34.58
N LYS H 26 -29.58 23.09 34.27
CA LYS H 26 -29.96 21.90 35.02
C LYS H 26 -29.37 20.66 34.33
N ILE H 27 -28.26 20.18 34.87
CA ILE H 27 -27.65 18.92 34.47
C ILE H 27 -27.99 17.91 35.55
N VAL H 28 -28.85 16.94 35.19
CA VAL H 28 -29.46 16.02 36.15
C VAL H 28 -28.44 15.00 36.64
N LYS H 29 -27.71 14.38 35.72
CA LYS H 29 -26.72 13.34 36.00
C LYS H 29 -25.77 13.24 34.82
N ARG H 30 -24.71 12.48 35.01
CA ARG H 30 -23.82 12.08 33.91
C ARG H 30 -24.25 10.67 33.51
N ALA H 31 -24.63 10.49 32.26
CA ALA H 31 -25.27 9.26 31.82
C ALA H 31 -24.26 8.36 31.10
N LEU H 32 -24.37 7.06 31.37
CA LEU H 32 -23.49 6.06 30.81
C LEU H 32 -24.17 5.26 29.70
N THR H 33 -23.40 4.88 28.70
CA THR H 33 -23.89 3.94 27.71
C THR H 33 -23.06 2.65 27.76
N PHE H 34 -23.39 1.74 26.85
CA PHE H 34 -22.87 0.37 26.89
C PHE H 34 -21.35 0.35 26.98
N GLU H 35 -20.69 1.14 26.13
CA GLU H 35 -19.24 1.10 26.11
C GLU H 35 -18.58 1.72 27.34
N ASP H 36 -19.35 2.41 28.19
CA ASP H 36 -18.79 2.99 29.40
C ASP H 36 -18.65 2.00 30.53
N VAL H 37 -19.22 0.79 30.43
CA VAL H 37 -19.24 -0.14 31.54
C VAL H 37 -18.81 -1.54 31.11
N LEU H 38 -18.36 -2.31 32.10
CA LEU H 38 -18.06 -3.72 31.97
C LEU H 38 -18.49 -4.42 33.25
N LEU H 39 -18.97 -5.64 33.10
CA LEU H 39 -19.29 -6.48 34.25
C LEU H 39 -18.03 -7.04 34.90
N ARG H 40 -18.08 -7.21 36.22
CA ARG H 40 -16.99 -7.81 36.98
C ARG H 40 -17.23 -9.29 37.13
N PRO H 41 -16.20 -10.12 37.13
CA PRO H 41 -16.41 -11.53 37.42
C PRO H 41 -16.68 -11.74 38.90
N GLY H 42 -17.38 -12.83 39.19
CA GLY H 42 -17.63 -13.23 40.55
C GLY H 42 -17.54 -14.74 40.66
N TYR H 43 -17.52 -15.23 41.89
CA TYR H 43 -17.36 -16.66 42.05
C TYR H 43 -18.49 -17.39 41.35
N SER H 44 -18.15 -18.44 40.60
CA SER H 44 -19.10 -19.15 39.73
C SER H 44 -19.07 -20.65 39.98
N GLU H 45 -20.26 -21.24 40.12
CA GLU H 45 -20.41 -22.69 40.20
C GLU H 45 -21.14 -23.25 38.99
N VAL H 46 -21.36 -22.43 37.96
CA VAL H 46 -22.29 -22.72 36.86
C VAL H 46 -21.54 -22.63 35.54
N LEU H 47 -21.95 -23.46 34.58
CA LEU H 47 -21.38 -23.39 33.25
C LEU H 47 -22.36 -22.74 32.28
N PRO H 48 -21.87 -22.12 31.22
CA PRO H 48 -22.78 -21.46 30.30
C PRO H 48 -23.83 -22.42 29.76
N LYS H 49 -23.46 -23.65 29.47
CA LYS H 49 -24.43 -24.61 28.98
C LYS H 49 -25.51 -24.86 30.02
N GLU H 50 -25.09 -24.91 31.28
CA GLU H 50 -25.98 -25.16 32.42
C GLU H 50 -27.07 -24.13 32.75
N VAL H 51 -26.78 -22.85 32.55
CA VAL H 51 -27.73 -21.78 32.88
C VAL H 51 -29.02 -21.68 32.03
N LYS H 52 -30.06 -21.06 32.62
CA LYS H 52 -31.37 -20.85 31.99
C LYS H 52 -31.50 -19.39 31.59
N ILE H 53 -31.97 -19.13 30.36
CA ILE H 53 -32.02 -17.77 29.83
C ILE H 53 -33.45 -17.33 29.54
N HIS H 54 -34.41 -17.85 30.30
CA HIS H 54 -35.79 -17.46 30.12
C HIS H 54 -36.10 -16.19 30.91
N THR H 55 -37.17 -15.51 30.50
CA THR H 55 -37.52 -14.24 31.12
C THR H 55 -38.98 -13.90 30.77
N LYS H 56 -39.41 -12.72 31.23
CA LYS H 56 -40.76 -12.23 31.01
C LYS H 56 -40.73 -11.10 29.97
N LEU H 57 -41.52 -11.26 28.90
CA LEU H 57 -41.75 -10.18 27.95
C LEU H 57 -42.69 -9.15 28.52
N THR H 58 -43.68 -9.61 29.27
CA THR H 58 -44.63 -8.74 29.93
C THR H 58 -45.13 -9.41 31.19
N LYS H 59 -45.97 -8.68 31.93
CA LYS H 59 -46.46 -9.19 33.21
C LYS H 59 -46.99 -10.61 33.09
N ASN H 60 -47.47 -10.99 31.89
CA ASN H 60 -48.21 -12.23 31.70
C ASN H 60 -47.65 -13.15 30.62
N ILE H 61 -46.69 -12.71 29.82
CA ILE H 61 -46.13 -13.55 28.75
C ILE H 61 -44.65 -13.77 29.01
N THR H 62 -44.23 -15.04 29.05
CA THR H 62 -42.83 -15.42 29.19
C THR H 62 -42.22 -15.65 27.81
N LEU H 63 -40.89 -15.51 27.73
CA LEU H 63 -40.10 -15.95 26.59
C LEU H 63 -39.11 -17.01 27.06
N ASN H 64 -38.61 -17.81 26.12
CA ASN H 64 -37.59 -18.81 26.46
C ASN H 64 -36.17 -18.29 26.30
N MET H 65 -36.00 -17.21 25.55
CA MET H 65 -34.77 -16.43 25.44
C MET H 65 -35.18 -14.97 25.35
N PRO H 66 -34.32 -14.06 25.78
CA PRO H 66 -34.80 -12.68 25.98
C PRO H 66 -34.64 -11.75 24.77
N LEU H 67 -34.82 -12.26 23.54
CA LEU H 67 -34.55 -11.48 22.33
C LEU H 67 -35.81 -11.25 21.49
N ILE H 68 -36.08 -9.99 21.17
CA ILE H 68 -37.17 -9.56 20.30
C ILE H 68 -36.59 -8.87 19.07
N SER H 69 -37.10 -9.23 17.90
CA SER H 69 -36.68 -8.61 16.66
C SER H 69 -37.41 -7.27 16.58
N ALA H 70 -36.78 -6.27 15.98
CA ALA H 70 -37.39 -4.95 15.88
C ALA H 70 -38.61 -4.85 14.96
N ALA H 71 -39.53 -3.95 15.30
CA ALA H 71 -40.73 -3.72 14.52
C ALA H 71 -40.40 -2.73 13.43
N MET H 72 -39.64 -3.19 12.45
CA MET H 72 -39.17 -2.39 11.33
C MET H 72 -39.31 -3.15 10.03
N ASP H 73 -39.65 -2.43 8.95
CA ASP H 73 -39.99 -3.03 7.67
C ASP H 73 -38.80 -3.67 6.98
N THR H 74 -37.59 -3.49 7.48
CA THR H 74 -36.43 -4.23 7.00
C THR H 74 -35.99 -5.30 7.97
N VAL H 75 -36.76 -5.52 9.03
CA VAL H 75 -36.36 -6.51 10.02
C VAL H 75 -37.36 -7.62 10.29
N THR H 76 -38.54 -7.25 10.75
CA THR H 76 -39.53 -8.24 11.11
C THR H 76 -40.79 -8.30 10.26
N GLU H 77 -41.07 -9.52 9.81
CA GLU H 77 -42.22 -9.84 9.01
C GLU H 77 -42.51 -11.27 9.44
N HIS H 78 -43.47 -11.93 8.81
CA HIS H 78 -43.83 -13.27 9.24
C HIS H 78 -42.68 -14.27 9.21
N ARG H 79 -41.83 -14.25 8.20
CA ARG H 79 -40.75 -15.23 8.18
C ARG H 79 -39.76 -14.98 9.31
N ALA H 80 -39.45 -13.72 9.61
CA ALA H 80 -38.57 -13.42 10.74
C ALA H 80 -39.27 -13.63 12.08
N ALA H 81 -40.56 -13.30 12.15
CA ALA H 81 -41.30 -13.50 13.40
C ALA H 81 -41.42 -14.98 13.73
N ILE H 82 -41.63 -15.83 12.72
CA ILE H 82 -41.77 -17.26 12.97
C ILE H 82 -40.46 -17.84 13.51
N MET H 83 -39.33 -17.52 12.87
CA MET H 83 -38.06 -18.10 13.32
C MET H 83 -37.69 -17.64 14.73
N MET H 84 -38.01 -16.38 15.07
CA MET H 84 -37.76 -15.87 16.40
C MET H 84 -38.55 -16.64 17.45
N ALA H 85 -39.86 -16.82 17.23
CA ALA H 85 -40.69 -17.50 18.21
C ALA H 85 -40.26 -18.96 18.35
N ARG H 86 -39.76 -19.55 17.27
CA ARG H 86 -39.30 -20.93 17.32
C ARG H 86 -38.06 -21.07 18.18
N LEU H 87 -37.23 -20.04 18.22
CA LEU H 87 -36.01 -20.03 19.01
C LEU H 87 -36.25 -19.56 20.44
N GLY H 88 -37.50 -19.32 20.83
CA GLY H 88 -37.85 -19.00 22.19
C GLY H 88 -38.10 -17.53 22.46
N GLY H 89 -37.97 -16.68 21.45
CA GLY H 89 -38.21 -15.26 21.63
C GLY H 89 -39.48 -14.78 20.98
N LEU H 90 -39.43 -13.60 20.39
CA LEU H 90 -40.61 -12.98 19.83
C LEU H 90 -40.21 -12.08 18.67
N GLY H 91 -41.12 -11.93 17.72
CA GLY H 91 -40.98 -10.92 16.68
C GLY H 91 -42.17 -9.99 16.74
N VAL H 92 -41.94 -8.71 16.43
CA VAL H 92 -43.03 -7.74 16.37
C VAL H 92 -43.15 -7.30 14.92
N ILE H 93 -44.32 -7.56 14.33
CA ILE H 93 -44.60 -7.17 12.96
C ILE H 93 -44.72 -5.65 12.92
N HIS H 94 -44.01 -5.02 11.97
CA HIS H 94 -44.05 -3.57 11.92
C HIS H 94 -45.42 -3.09 11.44
N LYS H 95 -45.68 -1.80 11.64
CA LYS H 95 -46.96 -1.18 11.32
C LYS H 95 -46.93 -0.40 10.00
N ASN H 96 -45.87 -0.55 9.20
CA ASN H 96 -45.74 0.19 7.94
C ASN H 96 -46.36 -0.62 6.79
N MET H 97 -47.63 -0.95 6.97
CA MET H 97 -48.45 -1.57 5.94
C MET H 97 -49.91 -1.32 6.31
N ASP H 98 -50.80 -1.56 5.36
CA ASP H 98 -52.21 -1.42 5.69
C ASP H 98 -52.65 -2.53 6.66
N ILE H 99 -53.79 -2.30 7.30
CA ILE H 99 -54.26 -3.21 8.34
C ILE H 99 -54.37 -4.63 7.81
N ALA H 100 -54.99 -4.81 6.64
CA ALA H 100 -55.22 -6.16 6.12
C ALA H 100 -53.92 -6.91 5.89
N SER H 101 -52.87 -6.22 5.41
CA SER H 101 -51.60 -6.89 5.18
C SER H 101 -50.90 -7.21 6.49
N GLN H 102 -51.16 -6.42 7.55
CA GLN H 102 -50.60 -6.73 8.85
C GLN H 102 -51.30 -7.92 9.49
N VAL H 103 -52.61 -8.02 9.27
CA VAL H 103 -53.38 -9.19 9.72
C VAL H 103 -52.86 -10.45 9.05
N ARG H 104 -52.65 -10.37 7.73
CA ARG H 104 -52.14 -11.50 6.95
C ARG H 104 -50.78 -11.96 7.46
N GLU H 105 -49.93 -11.02 7.93
CA GLU H 105 -48.63 -11.41 8.47
C GLU H 105 -48.77 -12.08 9.85
N VAL H 106 -49.69 -11.59 10.68
CA VAL H 106 -49.91 -12.20 11.99
C VAL H 106 -50.43 -13.63 11.83
N LYS H 107 -51.41 -13.83 10.94
CA LYS H 107 -51.99 -15.15 10.75
C LYS H 107 -50.93 -16.15 10.27
N ARG H 108 -50.04 -15.74 9.37
CA ARG H 108 -49.01 -16.66 8.88
C ARG H 108 -48.15 -17.19 10.02
N VAL H 109 -47.95 -16.41 11.08
CA VAL H 109 -47.15 -16.88 12.20
C VAL H 109 -47.98 -17.80 13.10
N LYS H 110 -49.19 -17.36 13.48
CA LYS H 110 -50.03 -18.20 14.33
C LYS H 110 -50.46 -19.50 13.65
N LYS H 111 -50.35 -19.59 12.32
CA LYS H 111 -50.73 -20.79 11.60
C LYS H 111 -49.56 -21.72 11.34
N SER H 112 -48.33 -21.23 11.39
CA SER H 112 -47.18 -22.08 11.12
C SER H 112 -46.90 -23.02 12.28
N GLU H 113 -46.56 -24.26 11.94
CA GLU H 113 -46.12 -25.24 12.94
C GLU H 113 -45.12 -26.21 12.32
N GLU H 125 -37.10 -30.45 16.60
CA GLU H 125 -36.18 -29.55 15.89
C GLU H 125 -36.03 -28.17 16.56
N TYR H 126 -37.15 -27.62 17.06
CA TYR H 126 -37.17 -26.36 17.81
C TYR H 126 -37.80 -26.64 19.18
N PRO H 127 -37.05 -27.26 20.09
CA PRO H 127 -37.64 -27.60 21.40
C PRO H 127 -37.96 -26.39 22.23
N ASP H 128 -37.22 -25.31 22.06
CA ASP H 128 -37.43 -24.09 22.84
C ASP H 128 -38.48 -23.17 22.21
N ALA H 129 -39.46 -23.71 21.52
CA ALA H 129 -40.43 -22.84 20.83
C ALA H 129 -41.34 -22.17 21.84
N ASN H 130 -41.62 -20.89 21.60
CA ASN H 130 -42.38 -20.06 22.54
C ASN H 130 -43.83 -19.97 22.06
N LYS H 131 -44.71 -20.76 22.68
CA LYS H 131 -46.07 -20.95 22.20
C LYS H 131 -47.09 -20.44 23.22
N ASP H 132 -48.33 -20.24 22.74
CA ASP H 132 -49.46 -19.86 23.57
C ASP H 132 -50.11 -21.12 24.15
N ASN H 133 -51.28 -20.96 24.80
CA ASN H 133 -51.95 -22.13 25.37
C ASN H 133 -52.49 -23.05 24.27
N PHE H 134 -52.83 -22.49 23.11
CA PHE H 134 -53.34 -23.28 22.00
C PHE H 134 -52.23 -23.95 21.18
N GLY H 135 -50.96 -23.74 21.52
CA GLY H 135 -49.89 -24.39 20.80
C GLY H 135 -49.38 -23.64 19.58
N ARG H 136 -49.86 -22.42 19.33
CA ARG H 136 -49.38 -21.63 18.19
C ARG H 136 -48.28 -20.69 18.67
N LEU H 137 -47.38 -20.33 17.74
CA LEU H 137 -46.27 -19.46 18.10
C LEU H 137 -46.77 -18.08 18.52
N ARG H 138 -46.04 -17.46 19.44
CA ARG H 138 -46.36 -16.10 19.88
C ARG H 138 -45.84 -15.09 18.87
N VAL H 139 -46.53 -13.94 18.81
CA VAL H 139 -46.20 -12.92 17.82
C VAL H 139 -46.68 -11.57 18.33
N GLY H 140 -46.08 -10.50 17.82
CA GLY H 140 -46.42 -9.16 18.23
C GLY H 140 -46.60 -8.23 17.04
N ALA H 141 -47.30 -7.13 17.29
CA ALA H 141 -47.72 -6.22 16.23
C ALA H 141 -47.58 -4.79 16.69
N ALA H 142 -46.97 -3.95 15.85
CA ALA H 142 -46.79 -2.54 16.16
C ALA H 142 -48.03 -1.74 15.80
N ILE H 143 -48.35 -0.75 16.64
CA ILE H 143 -49.47 0.17 16.41
C ILE H 143 -49.03 1.57 16.82
N GLY H 144 -49.82 2.56 16.43
CA GLY H 144 -49.55 3.96 16.75
C GLY H 144 -50.74 4.62 17.45
N VAL H 145 -50.79 5.93 17.47
CA VAL H 145 -51.90 6.58 18.17
C VAL H 145 -53.09 6.70 17.23
N GLY H 146 -54.29 6.65 17.80
CA GLY H 146 -55.48 6.78 16.99
C GLY H 146 -55.61 5.74 15.90
N GLN H 147 -55.21 4.50 16.18
CA GLN H 147 -55.39 3.42 15.20
C GLN H 147 -56.19 2.27 15.80
N MET H 148 -57.34 2.57 16.40
CA MET H 148 -58.09 1.54 17.12
C MET H 148 -58.63 0.47 16.17
N ASP H 149 -58.93 0.84 14.92
CA ASP H 149 -59.35 -0.16 13.93
C ASP H 149 -58.24 -1.18 13.66
N ARG H 150 -56.98 -0.76 13.73
CA ARG H 150 -55.88 -1.70 13.59
C ARG H 150 -55.82 -2.63 14.79
N VAL H 151 -56.01 -2.10 16.00
CA VAL H 151 -55.96 -2.95 17.19
C VAL H 151 -57.09 -3.97 17.17
N ASP H 152 -58.31 -3.54 16.81
CA ASP H 152 -59.41 -4.45 16.59
C ASP H 152 -58.99 -5.65 15.73
N ALA H 153 -58.58 -5.36 14.49
CA ALA H 153 -58.26 -6.42 13.54
C ALA H 153 -57.13 -7.33 14.03
N LEU H 154 -56.20 -6.80 14.82
CA LEU H 154 -55.11 -7.63 15.31
C LEU H 154 -55.57 -8.59 16.41
N VAL H 155 -56.54 -8.18 17.23
CA VAL H 155 -57.04 -9.11 18.24
C VAL H 155 -57.77 -10.26 17.58
N GLU H 156 -58.57 -9.97 16.55
CA GLU H 156 -59.31 -11.03 15.87
C GLU H 156 -58.38 -11.99 15.13
N ALA H 157 -57.19 -11.55 14.74
CA ALA H 157 -56.27 -12.43 14.04
C ALA H 157 -55.52 -13.37 14.95
N GLY H 158 -55.54 -13.12 16.26
CA GLY H 158 -54.80 -13.92 17.21
C GLY H 158 -53.50 -13.31 17.75
N VAL H 159 -53.34 -11.98 17.69
CA VAL H 159 -52.13 -11.35 18.17
C VAL H 159 -51.94 -11.69 19.65
N ASP H 160 -50.67 -11.86 20.04
CA ASP H 160 -50.33 -12.16 21.43
C ASP H 160 -50.01 -10.93 22.24
N VAL H 161 -49.46 -9.91 21.59
CA VAL H 161 -49.11 -8.66 22.26
C VAL H 161 -49.16 -7.54 21.22
N VAL H 162 -49.78 -6.42 21.61
CA VAL H 162 -49.79 -5.20 20.83
C VAL H 162 -48.70 -4.27 21.39
N VAL H 163 -47.84 -3.77 20.50
CA VAL H 163 -46.74 -2.87 20.88
C VAL H 163 -47.05 -1.48 20.33
N LEU H 164 -47.44 -0.59 21.24
CA LEU H 164 -47.68 0.81 20.93
C LEU H 164 -46.33 1.51 20.95
N ASP H 165 -45.76 1.74 19.78
CA ASP H 165 -44.47 2.40 19.70
C ASP H 165 -44.65 3.84 19.27
N SER H 166 -43.67 4.66 19.62
CA SER H 166 -43.74 6.10 19.40
C SER H 166 -42.34 6.66 19.51
N ALA H 167 -42.13 7.78 18.84
CA ALA H 167 -40.89 8.52 19.06
C ALA H 167 -40.77 8.97 20.50
N HIS H 168 -41.91 9.16 21.18
CA HIS H 168 -41.95 9.82 22.48
C HIS H 168 -43.09 9.20 23.29
N GLY H 169 -42.83 8.02 23.85
CA GLY H 169 -43.85 7.31 24.60
C GLY H 169 -44.40 8.08 25.80
N HIS H 170 -43.69 9.13 26.23
CA HIS H 170 -44.09 9.89 27.41
C HIS H 170 -44.92 11.12 27.03
N SER H 171 -46.11 10.87 26.48
CA SER H 171 -46.90 11.93 25.90
C SER H 171 -48.37 11.63 26.10
N LYS H 172 -49.20 12.69 26.05
CA LYS H 172 -50.62 12.49 26.35
C LYS H 172 -51.28 11.63 25.28
N GLY H 173 -50.85 11.75 24.03
CA GLY H 173 -51.41 10.90 22.99
C GLY H 173 -51.31 9.42 23.31
N ILE H 174 -50.07 8.94 23.52
CA ILE H 174 -49.81 7.54 23.87
C ILE H 174 -50.49 7.17 25.19
N ILE H 175 -50.35 8.02 26.21
CA ILE H 175 -50.90 7.72 27.52
C ILE H 175 -52.40 7.43 27.40
N ASP H 176 -53.13 8.31 26.72
CA ASP H 176 -54.56 8.10 26.51
C ASP H 176 -54.82 6.85 25.66
N THR H 177 -53.99 6.64 24.62
CA THR H 177 -54.15 5.42 23.80
C THR H 177 -53.91 4.17 24.63
N VAL H 178 -53.03 4.24 25.63
CA VAL H 178 -52.89 3.11 26.55
C VAL H 178 -54.19 2.88 27.32
N LYS H 179 -54.73 3.94 27.94
CA LYS H 179 -55.95 3.78 28.74
C LYS H 179 -57.11 3.28 27.89
N ALA H 180 -57.19 3.74 26.64
CA ALA H 180 -58.26 3.36 25.73
C ALA H 180 -58.19 1.90 25.31
N ILE H 181 -56.98 1.36 25.13
CA ILE H 181 -56.87 -0.06 24.78
C ILE H 181 -57.14 -0.94 25.99
N LYS H 182 -56.60 -0.57 27.16
CA LYS H 182 -56.80 -1.36 28.36
C LYS H 182 -58.24 -1.31 28.85
N ALA H 183 -59.00 -0.30 28.47
CA ALA H 183 -60.43 -0.29 28.78
C ALA H 183 -61.22 -1.23 27.87
N LYS H 184 -60.88 -1.26 26.57
CA LYS H 184 -61.66 -2.03 25.61
C LYS H 184 -61.21 -3.49 25.52
N TYR H 185 -59.90 -3.77 25.66
CA TYR H 185 -59.36 -5.13 25.63
C TYR H 185 -58.61 -5.33 26.94
N PRO H 186 -59.32 -5.61 28.03
CA PRO H 186 -58.68 -5.60 29.36
C PRO H 186 -57.61 -6.66 29.55
N ASN H 187 -57.72 -7.80 28.88
CA ASN H 187 -56.74 -8.87 29.06
C ASN H 187 -55.93 -9.12 27.78
N LEU H 188 -55.72 -8.08 26.98
CA LEU H 188 -54.75 -8.12 25.90
C LEU H 188 -53.50 -7.39 26.36
N ASP H 189 -52.36 -8.08 26.29
CA ASP H 189 -51.10 -7.54 26.77
C ASP H 189 -50.57 -6.44 25.86
N LEU H 190 -50.23 -5.30 26.47
CA LEU H 190 -49.85 -4.09 25.75
C LEU H 190 -48.44 -3.67 26.13
N ILE H 191 -47.63 -3.38 25.13
CA ILE H 191 -46.32 -2.79 25.32
C ILE H 191 -46.40 -1.35 24.84
N ALA H 192 -45.72 -0.43 25.54
CA ALA H 192 -45.71 0.97 25.15
C ALA H 192 -44.31 1.56 25.33
N GLY H 193 -43.89 2.35 24.34
CA GLY H 193 -42.63 3.04 24.39
C GLY H 193 -42.60 4.11 23.33
N ASN H 194 -41.42 4.68 23.10
CA ASN H 194 -40.24 4.44 23.90
C ASN H 194 -40.08 5.53 24.95
N ILE H 195 -39.47 5.16 26.07
CA ILE H 195 -39.25 6.10 27.16
C ILE H 195 -37.81 6.03 27.63
N ALA H 196 -37.31 7.15 28.14
CA ALA H 196 -35.95 7.20 28.66
C ALA H 196 -35.83 7.73 30.08
N THR H 197 -36.94 7.97 30.77
CA THR H 197 -36.89 8.51 32.12
C THR H 197 -37.77 7.83 33.14
N ALA H 198 -37.45 8.02 34.41
CA ALA H 198 -38.22 7.44 35.51
C ALA H 198 -39.65 7.96 35.53
N ALA H 199 -39.83 9.25 35.31
CA ALA H 199 -41.17 9.82 35.29
C ALA H 199 -42.00 9.22 34.16
N ALA H 200 -41.38 8.98 33.01
CA ALA H 200 -42.08 8.29 31.94
C ALA H 200 -42.51 6.89 32.37
N ALA H 201 -41.59 6.11 32.94
CA ALA H 201 -41.93 4.76 33.41
C ALA H 201 -43.06 4.80 34.42
N LYS H 202 -43.07 5.78 35.33
CA LYS H 202 -44.20 5.92 36.24
C LYS H 202 -45.47 6.24 35.47
N ALA H 203 -45.36 7.09 34.46
CA ALA H 203 -46.55 7.49 33.69
C ALA H 203 -47.16 6.29 32.99
N LEU H 204 -46.36 5.53 32.23
CA LEU H 204 -46.92 4.41 31.48
C LEU H 204 -47.41 3.30 32.43
N CYS H 205 -46.63 2.98 33.45
CA CYS H 205 -47.04 1.92 34.38
C CYS H 205 -48.39 2.22 34.98
N GLU H 206 -48.61 3.48 35.39
CA GLU H 206 -49.87 3.88 36.01
C GLU H 206 -51.02 3.89 35.01
N ALA H 207 -50.72 4.15 33.74
CA ALA H 207 -51.72 4.05 32.68
C ALA H 207 -52.21 2.62 32.47
N GLY H 208 -51.41 1.61 32.78
CA GLY H 208 -51.86 0.23 32.72
C GLY H 208 -51.06 -0.67 31.81
N VAL H 209 -49.88 -0.21 31.36
CA VAL H 209 -49.08 -0.98 30.42
C VAL H 209 -48.65 -2.28 31.08
N ASP H 210 -48.41 -3.29 30.26
CA ASP H 210 -47.92 -4.57 30.75
C ASP H 210 -46.41 -4.71 30.57
N ALA H 211 -45.75 -3.75 29.93
CA ALA H 211 -44.30 -3.66 29.79
C ALA H 211 -43.97 -2.29 29.20
N VAL H 212 -42.82 -1.74 29.58
CA VAL H 212 -42.32 -0.48 29.02
C VAL H 212 -41.09 -0.75 28.16
N LYS H 213 -41.00 -0.04 27.04
CA LYS H 213 -39.90 -0.13 26.08
C LYS H 213 -39.07 1.11 26.32
N VAL H 214 -37.76 0.93 26.47
CA VAL H 214 -36.86 2.00 26.85
C VAL H 214 -35.84 2.22 25.74
N GLY H 215 -35.73 3.46 25.27
CA GLY H 215 -34.69 3.82 24.33
C GLY H 215 -35.05 5.03 23.50
N ILE H 216 -34.51 6.20 23.84
CA ILE H 216 -34.65 7.41 23.05
C ILE H 216 -33.25 7.76 22.57
N GLY H 217 -32.98 7.53 21.28
CA GLY H 217 -31.69 7.88 20.71
C GLY H 217 -30.71 6.76 20.36
N PRO H 218 -30.70 5.62 21.06
CA PRO H 218 -29.55 4.71 20.94
C PRO H 218 -29.53 3.86 19.68
N GLY H 219 -30.51 3.94 18.79
CA GLY H 219 -30.58 2.99 17.70
C GLY H 219 -29.57 3.32 16.61
N SER H 220 -29.02 2.26 16.01
CA SER H 220 -27.97 2.39 15.00
C SER H 220 -28.34 3.38 13.89
N ILE H 221 -29.60 3.38 13.47
CA ILE H 221 -30.07 4.22 12.38
C ILE H 221 -30.79 5.48 12.86
N CYS H 222 -30.87 5.66 14.19
CA CYS H 222 -31.54 6.78 14.80
C CYS H 222 -30.70 8.05 14.69
N THR H 223 -31.36 9.18 14.37
CA THR H 223 -30.70 10.47 14.38
C THR H 223 -31.35 11.44 15.34
N THR H 224 -32.30 10.97 16.17
CA THR H 224 -32.98 11.85 17.12
C THR H 224 -31.98 12.71 17.91
N ARG H 225 -30.95 12.09 18.45
CA ARG H 225 -30.00 12.85 19.23
C ARG H 225 -29.34 13.95 18.42
N ILE H 226 -29.22 13.76 17.12
CA ILE H 226 -28.52 14.73 16.30
C ILE H 226 -29.45 15.82 15.75
N VAL H 227 -30.71 15.48 15.47
CA VAL H 227 -31.62 16.46 14.85
C VAL H 227 -32.40 17.24 15.90
N SER H 228 -32.69 16.63 17.05
CA SER H 228 -33.50 17.25 18.06
C SER H 228 -32.73 17.54 19.33
N GLY H 229 -31.50 17.04 19.47
CA GLY H 229 -30.74 17.23 20.70
C GLY H 229 -31.22 16.43 21.89
N VAL H 230 -32.06 15.41 21.69
CA VAL H 230 -32.73 14.67 22.76
C VAL H 230 -32.19 13.25 22.82
N GLY H 231 -32.17 12.69 24.01
CA GLY H 231 -31.77 11.31 24.18
C GLY H 231 -31.18 11.10 25.56
N VAL H 232 -31.21 9.86 26.01
CA VAL H 232 -30.54 9.46 27.24
C VAL H 232 -29.78 8.17 26.99
N PRO H 233 -28.42 8.17 27.12
CA PRO H 233 -27.62 6.95 26.92
C PRO H 233 -28.21 5.72 27.57
N GLN H 234 -28.13 4.59 26.87
CA GLN H 234 -29.04 3.49 27.13
C GLN H 234 -28.85 2.86 28.51
N ILE H 235 -27.61 2.73 28.99
CA ILE H 235 -27.39 2.05 30.28
C ILE H 235 -28.01 2.85 31.42
N SER H 236 -27.76 4.17 31.45
CA SER H 236 -28.40 5.01 32.46
C SER H 236 -29.91 5.02 32.27
N ALA H 237 -30.35 5.09 31.01
CA ALA H 237 -31.77 5.03 30.70
C ALA H 237 -32.42 3.76 31.24
N ILE H 238 -31.80 2.59 31.01
CA ILE H 238 -32.37 1.34 31.52
C ILE H 238 -32.40 1.37 33.04
N ASP H 239 -31.36 1.90 33.66
CA ASP H 239 -31.26 1.83 35.11
C ASP H 239 -32.32 2.68 35.77
N GLU H 240 -32.55 3.88 35.24
CA GLU H 240 -33.55 4.77 35.80
C GLU H 240 -34.95 4.19 35.62
N CYS H 241 -35.22 3.56 34.48
CA CYS H 241 -36.54 3.05 34.15
C CYS H 241 -36.82 1.71 34.84
N VAL H 242 -35.82 0.83 34.99
CA VAL H 242 -36.06 -0.44 35.70
C VAL H 242 -36.35 -0.18 37.17
N GLU H 243 -35.62 0.75 37.79
CA GLU H 243 -35.86 1.05 39.20
C GLU H 243 -37.28 1.56 39.44
N GLU H 244 -37.86 2.28 38.48
CA GLU H 244 -39.23 2.73 38.69
C GLU H 244 -40.23 1.65 38.31
N ALA H 245 -40.06 1.04 37.13
CA ALA H 245 -41.00 0.03 36.67
C ALA H 245 -41.07 -1.17 37.61
N ASN H 246 -39.96 -1.52 38.27
CA ASN H 246 -40.01 -2.63 39.22
C ASN H 246 -41.01 -2.38 40.34
N LYS H 247 -41.27 -1.11 40.68
CA LYS H 247 -42.25 -0.80 41.72
C LYS H 247 -43.66 -1.19 41.33
N PHE H 248 -43.90 -1.43 40.03
CA PHE H 248 -45.20 -1.86 39.55
C PHE H 248 -45.17 -3.29 39.01
N GLY H 249 -44.04 -4.00 39.17
CA GLY H 249 -43.94 -5.34 38.61
C GLY H 249 -43.97 -5.39 37.10
N VAL H 250 -43.51 -4.34 36.43
CA VAL H 250 -43.65 -4.18 34.99
C VAL H 250 -42.27 -4.39 34.35
N PRO H 251 -42.11 -5.37 33.48
CA PRO H 251 -40.80 -5.59 32.84
C PRO H 251 -40.40 -4.48 31.88
N VAL H 252 -39.11 -4.43 31.59
CA VAL H 252 -38.51 -3.38 30.77
C VAL H 252 -37.80 -4.01 29.58
N ILE H 253 -38.09 -3.51 28.38
CA ILE H 253 -37.44 -3.96 27.16
C ILE H 253 -36.39 -2.91 26.78
N ALA H 254 -35.14 -3.35 26.66
CA ALA H 254 -34.08 -2.48 26.20
C ALA H 254 -34.10 -2.49 24.68
N ASP H 255 -34.49 -1.37 24.08
CA ASP H 255 -34.68 -1.28 22.63
C ASP H 255 -33.61 -0.37 22.08
N GLY H 256 -32.72 -0.93 21.27
CA GLY H 256 -31.74 -0.14 20.55
C GLY H 256 -30.36 -0.18 21.18
N GLY H 257 -29.35 0.01 20.33
CA GLY H 257 -28.00 0.14 20.80
C GLY H 257 -27.19 -1.14 20.85
N ILE H 258 -27.81 -2.31 20.70
CA ILE H 258 -27.09 -3.57 20.77
C ILE H 258 -26.19 -3.69 19.53
N LYS H 259 -24.87 -3.70 19.76
CA LYS H 259 -23.86 -3.93 18.72
C LYS H 259 -23.20 -5.31 18.81
N TYR H 260 -23.13 -5.89 19.99
CA TYR H 260 -22.38 -7.12 20.20
C TYR H 260 -23.11 -7.96 21.22
N SER H 261 -22.85 -9.28 21.24
CA SER H 261 -23.55 -10.11 22.21
C SER H 261 -23.39 -9.56 23.62
N GLY H 262 -22.27 -8.88 23.90
CA GLY H 262 -22.04 -8.41 25.25
C GLY H 262 -23.01 -7.32 25.68
N ASP H 263 -23.48 -6.50 24.76
CA ASP H 263 -24.42 -5.45 25.12
C ASP H 263 -25.74 -6.04 25.59
N ILE H 264 -26.14 -7.18 25.05
CA ILE H 264 -27.34 -7.86 25.55
C ILE H 264 -27.12 -8.29 26.99
N ALA H 265 -25.91 -8.74 27.32
CA ALA H 265 -25.64 -9.17 28.68
C ALA H 265 -25.67 -7.99 29.63
N LYS H 266 -25.02 -6.88 29.25
CA LYS H 266 -25.01 -5.71 30.12
C LYS H 266 -26.41 -5.15 30.31
N ALA H 267 -27.26 -5.21 29.28
CA ALA H 267 -28.62 -4.67 29.40
C ALA H 267 -29.45 -5.49 30.39
N LEU H 268 -29.46 -6.81 30.21
CA LEU H 268 -30.16 -7.67 31.15
C LEU H 268 -29.61 -7.53 32.56
N ALA H 269 -28.27 -7.41 32.67
CA ALA H 269 -27.63 -7.35 33.99
C ALA H 269 -28.11 -6.15 34.78
N VAL H 270 -28.24 -4.99 34.13
CA VAL H 270 -28.70 -3.78 34.81
C VAL H 270 -30.16 -3.90 35.24
N GLY H 271 -30.96 -4.72 34.59
CA GLY H 271 -32.33 -4.87 35.03
C GLY H 271 -33.34 -5.08 33.93
N ALA H 272 -32.95 -4.82 32.69
CA ALA H 272 -33.86 -5.10 31.58
C ALA H 272 -34.24 -6.57 31.57
N SER H 273 -35.52 -6.81 31.28
CA SER H 273 -36.07 -8.15 31.24
C SER H 273 -35.94 -8.80 29.87
N SER H 274 -35.75 -8.01 28.81
CA SER H 274 -35.63 -8.53 27.45
C SER H 274 -34.97 -7.44 26.62
N VAL H 275 -34.48 -7.84 25.43
CA VAL H 275 -33.71 -6.96 24.58
C VAL H 275 -34.30 -7.01 23.17
N MET H 276 -34.47 -5.85 22.54
CA MET H 276 -34.98 -5.76 21.18
C MET H 276 -33.85 -5.35 20.25
N ILE H 277 -33.78 -6.03 19.10
CA ILE H 277 -32.65 -5.89 18.18
C ILE H 277 -33.16 -5.56 16.80
N GLY H 278 -32.50 -4.61 16.13
CA GLY H 278 -32.78 -4.27 14.74
C GLY H 278 -31.61 -4.55 13.81
N SER H 279 -30.50 -3.83 14.00
CA SER H 279 -29.39 -3.88 13.04
C SER H 279 -28.73 -5.25 12.97
N LEU H 280 -28.72 -6.01 14.08
CA LEU H 280 -28.03 -7.29 14.04
C LEU H 280 -28.83 -8.35 13.30
N LEU H 281 -30.15 -8.22 13.21
CA LEU H 281 -30.99 -9.19 12.52
C LEU H 281 -31.43 -8.72 11.15
N ALA H 282 -31.13 -7.49 10.77
CA ALA H 282 -31.61 -6.96 9.50
C ALA H 282 -30.97 -7.65 8.30
N GLY H 283 -29.78 -8.22 8.47
CA GLY H 283 -29.06 -8.74 7.33
C GLY H 283 -29.26 -10.21 7.16
N THR H 284 -30.35 -10.75 7.70
CA THR H 284 -30.54 -12.18 7.74
C THR H 284 -31.40 -12.63 6.57
N ASP H 285 -31.45 -13.95 6.40
CA ASP H 285 -32.30 -14.54 5.37
C ASP H 285 -33.77 -14.23 5.63
N GLU H 286 -34.16 -14.24 6.90
CA GLU H 286 -35.58 -14.19 7.26
C GLU H 286 -36.15 -12.80 7.09
N SER H 287 -35.32 -11.79 7.27
CA SER H 287 -35.76 -10.41 7.19
C SER H 287 -36.34 -10.09 5.84
N PRO H 288 -37.44 -9.25 5.87
CA PRO H 288 -38.00 -8.93 4.55
C PRO H 288 -37.01 -8.13 3.75
N GLY H 289 -37.05 -8.26 2.44
CA GLY H 289 -36.15 -7.53 1.59
C GLY H 289 -35.30 -8.48 0.78
N GLU H 290 -34.58 -7.95 -0.20
CA GLU H 290 -33.76 -8.78 -1.06
C GLU H 290 -32.30 -8.37 -1.03
N LEU H 291 -31.43 -9.36 -1.14
CA LEU H 291 -29.99 -9.14 -1.14
C LEU H 291 -29.59 -8.42 -2.41
N PHE H 292 -28.54 -7.62 -2.31
CA PHE H 292 -28.02 -6.90 -3.45
C PHE H 292 -26.50 -6.85 -3.34
N THR H 293 -25.80 -6.70 -4.47
CA THR H 293 -24.35 -6.66 -4.43
C THR H 293 -23.87 -5.23 -4.66
N TYR H 294 -22.90 -4.83 -3.85
CA TYR H 294 -22.26 -3.52 -3.97
C TYR H 294 -20.80 -3.68 -3.56
N GLN H 295 -19.89 -3.39 -4.49
CA GLN H 295 -18.44 -3.49 -4.27
C GLN H 295 -18.02 -4.92 -3.94
N GLY H 296 -18.70 -5.90 -4.52
CA GLY H 296 -18.28 -7.27 -4.40
C GLY H 296 -18.85 -8.05 -3.21
N ARG H 297 -19.49 -7.38 -2.26
CA ARG H 297 -20.09 -8.04 -1.11
C ARG H 297 -21.61 -7.99 -1.21
N GLN H 298 -22.26 -8.74 -0.32
CA GLN H 298 -23.71 -8.85 -0.32
C GLN H 298 -24.31 -8.11 0.87
N TYR H 299 -25.34 -7.30 0.61
CA TYR H 299 -25.99 -6.52 1.63
C TYR H 299 -27.51 -6.63 1.50
N LYS H 300 -28.18 -6.39 2.63
CA LYS H 300 -29.60 -6.10 2.69
C LYS H 300 -29.79 -4.65 3.13
N SER H 301 -30.90 -4.06 2.70
CA SER H 301 -31.24 -2.71 3.11
C SER H 301 -31.64 -2.68 4.59
N TYR H 302 -31.28 -1.60 5.28
CA TYR H 302 -31.67 -1.44 6.68
C TYR H 302 -31.83 0.04 6.97
N ARG H 303 -32.99 0.40 7.53
CA ARG H 303 -33.33 1.81 7.62
C ARG H 303 -34.22 2.04 8.82
N GLY H 304 -34.07 3.20 9.45
CA GLY H 304 -34.98 3.60 10.50
C GLY H 304 -36.37 3.87 9.98
N MET H 305 -37.36 3.70 10.85
CA MET H 305 -38.76 3.94 10.48
C MET H 305 -39.07 5.43 10.37
N GLY H 306 -38.33 6.28 11.10
CA GLY H 306 -38.33 7.71 10.94
C GLY H 306 -37.56 8.24 9.75
N SER H 307 -37.13 7.37 8.84
CA SER H 307 -36.33 7.80 7.71
C SER H 307 -37.22 8.28 6.58
N LEU H 308 -36.65 9.15 5.73
CA LEU H 308 -37.38 9.71 4.62
C LEU H 308 -38.06 8.62 3.78
N GLY H 309 -37.32 7.54 3.48
CA GLY H 309 -37.87 6.49 2.62
C GLY H 309 -38.88 5.58 3.28
N ALA H 310 -38.73 5.32 4.59
CA ALA H 310 -39.75 4.57 5.31
C ALA H 310 -41.05 5.36 5.35
N MET H 311 -40.96 6.64 5.68
CA MET H 311 -42.15 7.47 5.76
C MET H 311 -42.77 7.71 4.38
N GLN H 312 -42.01 7.58 3.30
CA GLN H 312 -42.57 7.78 1.97
C GLN H 312 -43.47 6.62 1.57
N LYS H 313 -44.49 6.35 2.38
CA LYS H 313 -45.54 5.38 2.07
C LYS H 313 -46.92 6.02 2.09
N GLY H 314 -47.28 6.71 3.16
CA GLY H 314 -48.52 7.45 3.22
C GLY H 314 -48.45 8.83 2.58
N LYS H 328 -42.72 17.31 3.21
CA LYS H 328 -41.35 17.70 3.54
C LYS H 328 -41.10 17.80 5.05
N LEU H 329 -41.54 16.79 5.81
CA LEU H 329 -41.30 16.75 7.25
C LEU H 329 -39.91 16.17 7.52
N VAL H 330 -39.53 16.15 8.80
CA VAL H 330 -38.12 16.13 9.20
C VAL H 330 -37.78 14.72 9.68
N PRO H 331 -36.97 13.96 8.94
CA PRO H 331 -36.61 12.59 9.36
C PRO H 331 -35.88 12.57 10.69
N GLU H 332 -35.94 11.40 11.35
CA GLU H 332 -35.16 11.09 12.54
C GLU H 332 -34.47 9.74 12.38
N GLY H 333 -34.17 9.37 11.14
CA GLY H 333 -33.55 8.10 10.84
C GLY H 333 -32.91 8.14 9.48
N ILE H 334 -31.98 7.21 9.26
CA ILE H 334 -31.24 7.12 8.02
C ILE H 334 -31.61 5.84 7.30
N GLU H 335 -31.35 5.83 5.99
CA GLU H 335 -31.46 4.62 5.17
C GLU H 335 -30.07 4.10 4.85
N GLY H 336 -29.85 2.81 5.11
CA GLY H 336 -28.57 2.23 4.81
C GLY H 336 -28.60 0.74 4.52
N ARG H 337 -27.43 0.12 4.50
CA ARG H 337 -27.30 -1.30 4.25
C ARG H 337 -26.50 -1.94 5.38
N VAL H 338 -26.82 -3.19 5.69
CA VAL H 338 -25.95 -3.98 6.57
C VAL H 338 -25.45 -5.19 5.79
N PRO H 339 -24.28 -5.73 6.14
CA PRO H 339 -23.81 -6.96 5.49
C PRO H 339 -24.78 -8.12 5.69
N TYR H 340 -24.78 -9.02 4.68
CA TYR H 340 -25.50 -10.30 4.76
C TYR H 340 -24.79 -11.24 5.72
N VAL H 341 -25.51 -11.73 6.74
CA VAL H 341 -24.89 -12.54 7.78
C VAL H 341 -25.49 -13.94 7.86
N GLY H 342 -26.14 -14.40 6.80
CA GLY H 342 -26.75 -15.73 6.82
C GLY H 342 -28.13 -15.79 7.45
N SER H 343 -28.41 -16.86 8.19
CA SER H 343 -29.73 -17.07 8.75
C SER H 343 -29.86 -16.47 10.16
N ILE H 344 -31.10 -16.17 10.54
CA ILE H 344 -31.39 -15.71 11.90
C ILE H 344 -30.93 -16.73 12.93
N ARG H 345 -31.16 -18.02 12.66
CA ARG H 345 -30.82 -19.06 13.62
C ARG H 345 -29.37 -18.93 14.09
N SER H 346 -28.42 -18.84 13.15
CA SER H 346 -27.01 -18.84 13.55
C SER H 346 -26.62 -17.53 14.22
N VAL H 347 -27.29 -16.42 13.89
CA VAL H 347 -27.02 -15.16 14.57
C VAL H 347 -27.51 -15.20 16.01
N VAL H 348 -28.74 -15.69 16.21
CA VAL H 348 -29.28 -15.84 17.55
C VAL H 348 -28.41 -16.79 18.37
N HIS H 349 -27.80 -17.79 17.72
CA HIS H 349 -27.00 -18.77 18.45
C HIS H 349 -25.84 -18.11 19.19
N GLN H 350 -25.09 -17.26 18.50
CA GLN H 350 -23.92 -16.66 19.11
C GLN H 350 -24.27 -15.49 20.01
N LEU H 351 -25.39 -14.83 19.77
CA LEU H 351 -25.86 -13.84 20.74
C LEU H 351 -26.16 -14.53 22.07
N LEU H 352 -27.06 -15.51 22.06
CA LEU H 352 -27.38 -16.19 23.30
C LEU H 352 -26.17 -16.89 23.88
N GLY H 353 -25.20 -17.25 23.04
CA GLY H 353 -24.01 -17.91 23.56
C GLY H 353 -23.06 -16.98 24.27
N GLY H 354 -23.12 -15.69 23.97
CA GLY H 354 -22.36 -14.72 24.73
C GLY H 354 -23.10 -14.27 25.98
N LEU H 355 -24.43 -14.32 25.94
CA LEU H 355 -25.20 -14.16 27.16
C LEU H 355 -24.85 -15.26 28.15
N ARG H 356 -24.88 -16.51 27.70
CA ARG H 356 -24.61 -17.64 28.57
C ARG H 356 -23.20 -17.54 29.14
N SER H 357 -22.24 -17.17 28.31
CA SER H 357 -20.87 -17.04 28.78
C SER H 357 -20.74 -15.97 29.85
N SER H 358 -21.39 -14.82 29.65
CA SER H 358 -21.40 -13.76 30.65
C SER H 358 -21.98 -14.24 31.97
N MET H 359 -23.08 -14.96 31.91
CA MET H 359 -23.73 -15.45 33.10
C MET H 359 -22.76 -16.36 33.85
N GLY H 360 -22.01 -17.16 33.10
CA GLY H 360 -21.02 -18.02 33.72
C GLY H 360 -19.91 -17.26 34.40
N TYR H 361 -19.62 -16.04 33.95
CA TYR H 361 -18.56 -15.26 34.58
C TYR H 361 -18.98 -14.74 35.95
N VAL H 362 -20.26 -14.35 36.11
CA VAL H 362 -20.73 -13.80 37.38
C VAL H 362 -21.35 -14.85 38.29
N GLY H 363 -21.58 -16.06 37.79
CA GLY H 363 -22.08 -17.15 38.60
C GLY H 363 -23.59 -17.21 38.77
N ALA H 364 -24.34 -16.82 37.75
CA ALA H 364 -25.80 -16.71 37.85
C ALA H 364 -26.45 -17.98 37.34
N LYS H 365 -27.46 -18.45 38.06
CA LYS H 365 -28.18 -19.63 37.62
C LYS H 365 -29.26 -19.30 36.59
N ASP H 366 -29.86 -18.14 36.77
CA ASP H 366 -30.92 -17.60 35.96
C ASP H 366 -30.77 -16.09 35.98
N ILE H 367 -31.57 -15.39 35.20
CA ILE H 367 -31.47 -13.94 35.14
C ILE H 367 -31.73 -13.19 36.45
N GLU H 368 -32.68 -13.64 37.26
CA GLU H 368 -32.93 -12.95 38.52
C GLU H 368 -31.63 -12.90 39.30
N ASP H 369 -30.88 -14.00 39.28
CA ASP H 369 -29.58 -14.10 39.95
C ASP H 369 -28.57 -13.18 39.28
N PHE H 370 -28.54 -13.19 37.94
CA PHE H 370 -27.67 -12.32 37.16
C PHE H 370 -27.80 -10.86 37.58
N GLN H 371 -29.03 -10.35 37.61
CA GLN H 371 -29.23 -8.98 38.06
C GLN H 371 -28.85 -8.82 39.53
N LYS H 372 -29.12 -9.85 40.34
CA LYS H 372 -28.74 -9.83 41.75
C LYS H 372 -27.23 -9.62 41.93
N ARG H 373 -26.42 -10.56 41.42
CA ARG H 373 -25.01 -10.53 41.74
C ARG H 373 -24.19 -9.64 40.80
N ALA H 374 -24.83 -8.94 39.87
CA ALA H 374 -24.08 -8.12 38.92
C ALA H 374 -23.42 -6.93 39.61
N GLU H 375 -22.17 -6.69 39.26
CA GLU H 375 -21.43 -5.52 39.71
C GLU H 375 -20.62 -5.01 38.54
N PHE H 376 -20.62 -3.69 38.35
CA PHE H 376 -20.01 -3.10 37.16
C PHE H 376 -18.76 -2.30 37.49
N VAL H 377 -17.96 -2.03 36.45
CA VAL H 377 -16.90 -1.03 36.51
C VAL H 377 -17.20 0.03 35.46
N GLU H 378 -16.87 1.28 35.76
CA GLU H 378 -16.84 2.33 34.76
C GLU H 378 -15.44 2.40 34.18
N ILE H 379 -15.35 2.43 32.84
CA ILE H 379 -14.07 2.35 32.15
C ILE H 379 -13.88 3.59 31.30
N THR H 380 -12.68 3.76 30.78
CA THR H 380 -12.33 4.96 30.02
C THR H 380 -12.22 4.63 28.54
N THR H 381 -11.97 5.68 27.74
CA THR H 381 -11.75 5.51 26.30
C THR H 381 -10.65 4.49 26.02
N ALA H 382 -9.51 4.62 26.70
CA ALA H 382 -8.42 3.68 26.50
C ALA H 382 -8.77 2.30 27.00
N GLY H 383 -9.58 2.21 28.07
CA GLY H 383 -10.02 0.92 28.55
C GLY H 383 -10.93 0.22 27.57
N LEU H 384 -11.60 1.00 26.71
CA LEU H 384 -12.41 0.42 25.66
C LEU H 384 -11.54 -0.07 24.52
N LYS H 385 -10.47 0.66 24.18
CA LYS H 385 -9.59 0.17 23.12
C LYS H 385 -8.87 -1.12 23.54
N GLU H 386 -8.67 -1.31 24.84
CA GLU H 386 -8.13 -2.57 25.33
C GLU H 386 -9.15 -3.70 25.25
N SER H 387 -10.44 -3.39 25.44
CA SER H 387 -11.48 -4.42 25.45
C SER H 387 -11.66 -5.05 24.07
N HIS H 388 -11.62 -4.24 23.01
CA HIS H 388 -11.68 -4.73 21.65
C HIS H 388 -10.35 -5.40 21.27
N VAL H 389 -10.34 -6.05 20.11
CA VAL H 389 -9.09 -6.49 19.51
C VAL H 389 -8.24 -5.25 19.19
N HIS H 390 -6.91 -5.37 19.41
CA HIS H 390 -5.98 -4.27 19.14
C HIS H 390 -4.63 -4.81 18.69
N ASP H 391 -3.93 -4.00 17.89
CA ASP H 391 -2.54 -4.23 17.50
C ASP H 391 -2.32 -5.53 16.76
N VAL H 392 -3.39 -6.20 16.32
CA VAL H 392 -3.29 -7.49 15.63
C VAL H 392 -4.26 -7.48 14.46
N THR H 393 -3.71 -7.58 13.25
CA THR H 393 -4.54 -7.66 12.06
C THR H 393 -5.28 -8.98 12.00
N ILE H 394 -6.61 -8.91 11.84
CA ILE H 394 -7.50 -10.07 11.93
C ILE H 394 -7.64 -10.71 10.55
N THR H 395 -7.12 -11.94 10.41
CA THR H 395 -7.14 -12.63 9.13
C THR H 395 -8.45 -13.39 8.91
N HIS H 396 -8.90 -14.15 9.91
CA HIS H 396 -10.13 -14.91 9.82
C HIS H 396 -11.24 -14.21 10.60
N GLU H 397 -12.42 -14.12 10.00
CA GLU H 397 -13.52 -13.39 10.62
C GLU H 397 -14.28 -14.29 11.60
N ALA H 398 -14.53 -13.76 12.80
CA ALA H 398 -15.25 -14.46 13.86
C ALA H 398 -16.75 -14.29 13.67
N PRO H 399 -17.55 -15.23 14.19
CA PRO H 399 -19.01 -15.13 13.99
C PRO H 399 -19.73 -14.18 14.94
N ASN H 400 -19.15 -13.85 16.09
CA ASN H 400 -19.74 -12.92 17.04
C ASN H 400 -18.99 -11.59 17.14
N TYR H 401 -17.95 -11.38 16.32
CA TYR H 401 -17.09 -10.20 16.40
C TYR H 401 -16.72 -9.74 14.99
N LYS H 402 -17.40 -8.71 14.51
CA LYS H 402 -17.15 -8.15 13.19
C LYS H 402 -16.65 -6.70 13.26
#